data_9GU9
#
_entry.id   9GU9
#
_cell.length_a   1.00
_cell.length_b   1.00
_cell.length_c   1.00
_cell.angle_alpha   90.00
_cell.angle_beta   90.00
_cell.angle_gamma   90.00
#
_symmetry.space_group_name_H-M   'P 1'
#
loop_
_entity.id
_entity.type
_entity.pdbx_description
1 polymer 'Mitochondrial chaperone BCS1'
2 non-polymer 'PHOSPHOTHIOPHOSPHORIC ACID-ADENYLATE ESTER'
#
_entity_poly.entity_id   1
_entity_poly.type   'polypeptide(L)'
_entity_poly.pdbx_seq_one_letter_code
;MGKHHHHHHGGGDYKDDDDKGSGHMSDKPIDIQYDKQATPNLSGVITPPTNETGNDSVREKLSKLVGDAMSNNPYFAAGG
GLMILGTGLAVARSGIIKASRVLYRQMIVDLEIQSKDKSYAWFLTWMAKHPQRVSRHLSVRTNYIQHDNGSVSTKFSLVP
GPGNHWIRYKGAFILIKRERSAKMIDIANGSPFETVTLTTLYRDKHLFDDILNEAKDIALKTTEGKTVIYTSFGPEWRKF
GQPKAKRMLPSVILDSGIKEGILDDVYDFMKNGKWYSDRGIPYRRGYLLYGPPGSGKTSFIQALAGELDYNICILNLSEN
NLTDDRLNHLMNNMPERSILLLEDIDAAFNKRSQTGEQGFHSSVTFSGLLNALDGVTSSEETITFMTTNHPEKLDAAIMR
PGRIDYKVFVGNATPYQVEKMFMKFYPGETDICKKFVNSVKELDITVSTAQLQGLFVMNKDAPHDALKMVSSLRNANHIF
;
_entity_poly.pdbx_strand_id   A,B,C,D,E,F,G
#
loop_
_chem_comp.id
_chem_comp.type
_chem_comp.name
_chem_comp.formula
AGS non-polymer 'PHOSPHOTHIOPHOSPHORIC ACID-ADENYLATE ESTER' 'C10 H16 N5 O12 P3 S'
#
# COMPACT_ATOMS: atom_id res chain seq x y z
N ASN A 73 -4.65 -70.21 43.99
CA ASN A 73 -4.07 -69.17 44.81
C ASN A 73 -5.13 -68.10 45.13
N PRO A 74 -4.94 -67.36 46.23
CA PRO A 74 -5.89 -66.28 46.53
C PRO A 74 -5.91 -65.17 45.48
N TYR A 75 -4.86 -65.06 44.67
CA TYR A 75 -4.83 -64.04 43.62
C TYR A 75 -5.85 -64.34 42.53
N PHE A 76 -6.26 -65.60 42.40
CA PHE A 76 -7.25 -65.96 41.38
C PHE A 76 -8.60 -65.30 41.66
N ALA A 77 -8.87 -64.94 42.93
CA ALA A 77 -10.12 -64.27 43.25
C ALA A 77 -10.25 -62.94 42.51
N ALA A 78 -9.15 -62.18 42.43
CA ALA A 78 -9.19 -60.92 41.70
C ALA A 78 -9.41 -61.16 40.21
N GLY A 79 -8.48 -61.87 39.57
CA GLY A 79 -8.61 -62.18 38.15
C GLY A 79 -8.71 -60.95 37.28
N GLY A 80 -7.76 -60.03 37.41
CA GLY A 80 -7.76 -58.78 36.67
C GLY A 80 -7.05 -58.81 35.33
N GLY A 81 -6.64 -59.99 34.85
CA GLY A 81 -5.94 -60.05 33.57
C GLY A 81 -6.81 -59.70 32.38
N LEU A 82 -8.13 -59.87 32.51
CA LEU A 82 -9.03 -59.51 31.41
C LEU A 82 -8.95 -58.03 31.10
N MET A 83 -8.70 -57.18 32.11
CA MET A 83 -8.48 -55.76 31.86
C MET A 83 -7.25 -55.57 30.98
N ILE A 84 -6.18 -56.32 31.25
CA ILE A 84 -4.96 -56.23 30.46
C ILE A 84 -5.25 -56.65 29.01
N LEU A 85 -5.98 -57.77 28.84
CA LEU A 85 -6.31 -58.22 27.50
C LEU A 85 -7.18 -57.21 26.77
N GLY A 86 -8.14 -56.60 27.48
CA GLY A 86 -8.99 -55.60 26.85
C GLY A 86 -8.21 -54.40 26.39
N THR A 87 -7.30 -53.90 27.23
CA THR A 87 -6.46 -52.79 26.80
C THR A 87 -5.57 -53.17 25.63
N GLY A 88 -5.01 -54.38 25.66
CA GLY A 88 -4.16 -54.81 24.57
C GLY A 88 -4.91 -54.89 23.24
N LEU A 89 -6.09 -55.49 23.26
CA LEU A 89 -6.86 -55.62 22.02
C LEU A 89 -7.41 -54.28 21.56
N ALA A 90 -7.74 -53.38 22.48
CA ALA A 90 -8.17 -52.05 22.07
C ALA A 90 -7.04 -51.30 21.38
N VAL A 91 -5.84 -51.35 21.96
CA VAL A 91 -4.69 -50.70 21.35
C VAL A 91 -4.39 -51.33 19.99
N ALA A 92 -4.49 -52.66 19.91
CA ALA A 92 -4.25 -53.33 18.64
C ALA A 92 -5.29 -52.91 17.59
N ARG A 93 -6.55 -52.79 18.00
CA ARG A 93 -7.60 -52.35 17.08
C ARG A 93 -7.32 -50.95 16.57
N SER A 94 -6.93 -50.03 17.48
CA SER A 94 -6.63 -48.67 17.05
C SER A 94 -5.44 -48.65 16.09
N GLY A 95 -4.38 -49.40 16.41
CA GLY A 95 -3.22 -49.44 15.55
C GLY A 95 -3.52 -50.02 14.19
N ILE A 96 -4.33 -51.09 14.15
CA ILE A 96 -4.68 -51.72 12.89
C ILE A 96 -5.56 -50.80 12.06
N ILE A 97 -6.47 -50.06 12.72
CA ILE A 97 -7.30 -49.11 12.01
C ILE A 97 -6.45 -48.03 11.39
N LYS A 98 -5.49 -47.49 12.14
CA LYS A 98 -4.61 -46.48 11.58
C LYS A 98 -3.78 -47.03 10.43
N ALA A 99 -3.28 -48.26 10.58
CA ALA A 99 -2.51 -48.87 9.51
C ALA A 99 -3.34 -49.00 8.23
N SER A 100 -4.54 -49.57 8.36
CA SER A 100 -5.43 -49.69 7.20
C SER A 100 -5.78 -48.32 6.64
N ARG A 101 -5.88 -47.30 7.49
CA ARG A 101 -6.09 -45.94 7.03
C ARG A 101 -4.91 -45.46 6.21
N VAL A 102 -3.72 -46.00 6.48
CA VAL A 102 -2.54 -45.67 5.68
C VAL A 102 -2.36 -46.67 4.54
N LEU A 103 -2.68 -47.94 4.76
CA LEU A 103 -2.45 -48.96 3.75
C LEU A 103 -3.24 -48.70 2.48
N TYR A 104 -4.51 -48.32 2.60
CA TYR A 104 -5.30 -48.06 1.42
C TYR A 104 -4.72 -46.91 0.61
N ARG A 105 -4.27 -45.85 1.28
CA ARG A 105 -3.79 -44.65 0.59
C ARG A 105 -2.29 -44.73 0.32
N GLN A 106 -1.64 -45.86 0.61
CA GLN A 106 -0.22 -46.01 0.34
C GLN A 106 -0.01 -46.84 -0.92
N MET A 107 -0.82 -47.88 -1.13
CA MET A 107 -0.73 -48.70 -2.33
C MET A 107 -2.07 -48.90 -3.03
N ILE A 108 -3.16 -49.08 -2.27
CA ILE A 108 -4.36 -49.69 -2.82
C ILE A 108 -5.08 -48.75 -3.78
N VAL A 109 -4.81 -47.45 -3.67
CA VAL A 109 -5.39 -46.48 -4.59
C VAL A 109 -4.31 -45.47 -4.99
N ASP A 110 -4.54 -44.82 -6.14
CA ASP A 110 -3.62 -43.84 -6.69
C ASP A 110 -4.40 -42.57 -7.02
N LEU A 111 -3.68 -41.45 -7.11
CA LEU A 111 -4.30 -40.14 -7.25
C LEU A 111 -3.48 -39.24 -8.16
N GLU A 112 -4.04 -38.07 -8.43
CA GLU A 112 -3.41 -37.05 -9.27
C GLU A 112 -4.04 -35.69 -8.99
N ILE A 113 -3.24 -34.64 -9.19
CA ILE A 113 -3.67 -33.25 -9.01
C ILE A 113 -3.37 -32.50 -10.30
N GLN A 114 -4.23 -31.53 -10.62
CA GLN A 114 -3.86 -30.51 -11.59
C GLN A 114 -4.66 -29.24 -11.34
N SER A 115 -4.04 -28.10 -11.58
CA SER A 115 -4.68 -26.80 -11.39
C SER A 115 -4.10 -25.81 -12.40
N LYS A 116 -4.97 -24.97 -12.94
CA LYS A 116 -4.58 -23.86 -13.82
C LYS A 116 -3.67 -24.35 -14.95
N ASP A 117 -4.24 -25.17 -15.84
CA ASP A 117 -3.45 -25.79 -16.89
C ASP A 117 -4.32 -25.99 -18.13
N LYS A 118 -3.65 -26.15 -19.27
CA LYS A 118 -4.32 -26.36 -20.55
C LYS A 118 -5.34 -27.49 -20.48
N SER A 119 -4.99 -28.57 -19.79
CA SER A 119 -5.89 -29.71 -19.65
C SER A 119 -6.99 -29.48 -18.63
N TYR A 120 -6.86 -28.43 -17.81
CA TYR A 120 -7.83 -28.18 -16.75
C TYR A 120 -9.23 -27.93 -17.32
N ALA A 121 -9.34 -26.97 -18.23
CA ALA A 121 -10.63 -26.67 -18.85
C ALA A 121 -11.07 -27.83 -19.74
N TRP A 122 -10.12 -28.43 -20.45
CA TRP A 122 -10.43 -29.60 -21.26
C TRP A 122 -10.99 -30.70 -20.38
N PHE A 123 -10.38 -30.91 -19.23
CA PHE A 123 -10.88 -31.92 -18.30
C PHE A 123 -12.28 -31.56 -17.84
N LEU A 124 -12.51 -30.29 -17.47
CA LEU A 124 -13.82 -29.90 -16.98
C LEU A 124 -14.90 -30.14 -18.03
N THR A 125 -14.60 -29.81 -19.29
CA THR A 125 -15.55 -30.06 -20.36
C THR A 125 -15.80 -31.57 -20.53
N TRP A 126 -14.76 -32.38 -20.42
CA TRP A 126 -14.95 -33.83 -20.57
C TRP A 126 -15.82 -34.38 -19.45
N MET A 127 -15.58 -33.97 -18.20
CA MET A 127 -16.47 -34.37 -17.12
C MET A 127 -17.90 -33.92 -17.37
N ALA A 128 -18.08 -32.70 -17.88
CA ALA A 128 -19.43 -32.15 -18.02
C ALA A 128 -20.28 -32.98 -18.98
N LYS A 129 -19.70 -33.39 -20.11
CA LYS A 129 -20.48 -34.07 -21.13
C LYS A 129 -20.81 -35.51 -20.73
N HIS A 130 -20.00 -36.09 -19.85
CA HIS A 130 -20.04 -37.53 -19.64
C HIS A 130 -21.38 -37.94 -19.03
N PRO A 131 -21.98 -39.06 -19.47
CA PRO A 131 -23.33 -39.39 -19.01
C PRO A 131 -23.36 -40.14 -17.69
N GLN A 132 -22.26 -40.79 -17.31
CA GLN A 132 -22.21 -41.53 -16.05
C GLN A 132 -21.91 -40.62 -14.86
N ARG A 133 -22.00 -39.31 -15.03
CA ARG A 133 -21.78 -38.38 -13.93
C ARG A 133 -22.81 -38.65 -12.83
N VAL A 134 -22.31 -38.73 -11.59
CA VAL A 134 -23.12 -38.93 -10.41
C VAL A 134 -23.00 -37.71 -9.52
N SER A 135 -22.90 -36.54 -10.14
CA SER A 135 -22.56 -35.30 -9.46
C SER A 135 -23.45 -35.05 -8.26
N ARG A 136 -22.85 -35.07 -7.08
CA ARG A 136 -23.56 -34.83 -5.83
C ARG A 136 -23.67 -33.34 -5.52
N HIS A 137 -22.87 -32.51 -6.20
CA HIS A 137 -22.95 -31.07 -6.10
C HIS A 137 -23.09 -30.47 -7.49
N LEU A 138 -23.99 -29.51 -7.63
CA LEU A 138 -24.32 -28.92 -8.92
C LEU A 138 -24.15 -27.41 -8.87
N SER A 139 -24.13 -26.81 -10.05
CA SER A 139 -24.18 -25.37 -10.21
C SER A 139 -25.15 -25.06 -11.35
N VAL A 140 -25.25 -23.79 -11.71
CA VAL A 140 -26.10 -23.35 -12.82
C VAL A 140 -25.33 -22.35 -13.67
N ARG A 141 -25.36 -22.55 -14.98
CA ARG A 141 -24.76 -21.63 -15.94
C ARG A 141 -25.86 -21.15 -16.88
N THR A 142 -26.24 -19.88 -16.73
CA THR A 142 -27.27 -19.28 -17.57
C THR A 142 -26.65 -18.73 -18.85
N ASN A 143 -27.32 -18.96 -19.97
CA ASN A 143 -26.86 -18.48 -21.26
C ASN A 143 -28.07 -18.21 -22.14
N TYR A 144 -27.90 -17.32 -23.11
CA TYR A 144 -28.95 -16.96 -24.04
C TYR A 144 -28.82 -17.80 -25.31
N ILE A 145 -29.92 -18.42 -25.71
CA ILE A 145 -29.96 -19.24 -26.92
C ILE A 145 -30.61 -18.41 -28.02
N GLN A 146 -29.95 -18.34 -29.17
CA GLN A 146 -30.43 -17.58 -30.31
C GLN A 146 -30.91 -18.57 -31.37
N HIS A 147 -32.19 -18.49 -31.72
CA HIS A 147 -32.77 -19.34 -32.75
C HIS A 147 -32.64 -18.68 -34.12
N ASP A 148 -31.40 -18.34 -34.45
CA ASP A 148 -31.09 -17.53 -35.63
C ASP A 148 -31.86 -16.22 -35.49
N ASN A 149 -32.35 -15.65 -36.60
CA ASN A 149 -33.18 -14.45 -36.52
C ASN A 149 -34.64 -14.76 -36.21
N GLY A 150 -35.01 -16.03 -36.13
CA GLY A 150 -36.40 -16.36 -35.86
C GLY A 150 -36.87 -15.88 -34.50
N SER A 151 -36.06 -16.12 -33.48
CA SER A 151 -36.40 -15.72 -32.12
C SER A 151 -35.16 -15.88 -31.24
N VAL A 152 -35.24 -15.36 -30.03
CA VAL A 152 -34.18 -15.50 -29.03
C VAL A 152 -34.82 -15.78 -27.69
N SER A 153 -34.23 -16.70 -26.94
CA SER A 153 -34.71 -17.04 -25.60
C SER A 153 -33.51 -17.34 -24.72
N THR A 154 -33.76 -17.38 -23.41
CA THR A 154 -32.73 -17.62 -22.42
C THR A 154 -32.90 -19.02 -21.83
N LYS A 155 -31.77 -19.71 -21.67
CA LYS A 155 -31.77 -21.06 -21.12
C LYS A 155 -30.56 -21.20 -20.18
N PHE A 156 -30.23 -22.43 -19.83
CA PHE A 156 -29.27 -22.66 -18.76
C PHE A 156 -28.71 -24.08 -18.90
N SER A 157 -27.68 -24.35 -18.12
CA SER A 157 -27.09 -25.68 -18.05
C SER A 157 -26.58 -25.89 -16.63
N LEU A 158 -26.95 -27.03 -16.03
CA LEU A 158 -26.56 -27.33 -14.66
C LEU A 158 -25.15 -27.91 -14.66
N VAL A 159 -24.15 -27.03 -14.68
CA VAL A 159 -22.77 -27.47 -14.61
C VAL A 159 -22.54 -28.10 -13.24
N PRO A 160 -21.75 -29.17 -13.12
CA PRO A 160 -21.46 -29.73 -11.80
C PRO A 160 -20.78 -28.72 -10.89
N GLY A 161 -21.10 -28.80 -9.60
CA GLY A 161 -20.57 -27.91 -8.61
C GLY A 161 -19.36 -28.49 -7.91
N PRO A 162 -18.87 -27.79 -6.89
CA PRO A 162 -17.71 -28.29 -6.14
C PRO A 162 -18.12 -29.35 -5.14
N GLY A 163 -17.33 -30.43 -5.08
CA GLY A 163 -17.58 -31.51 -4.15
C GLY A 163 -17.14 -32.85 -4.72
N ASN A 164 -17.70 -33.93 -4.17
CA ASN A 164 -17.35 -35.29 -4.57
C ASN A 164 -18.30 -35.78 -5.64
N HIS A 165 -17.74 -36.32 -6.72
CA HIS A 165 -18.52 -36.78 -7.86
C HIS A 165 -17.94 -38.11 -8.34
N TRP A 166 -18.83 -39.03 -8.69
CA TRP A 166 -18.45 -40.37 -9.14
C TRP A 166 -18.75 -40.54 -10.62
N ILE A 167 -17.88 -41.29 -11.30
CA ILE A 167 -18.07 -41.63 -12.71
C ILE A 167 -17.65 -43.08 -12.91
N ARG A 168 -18.46 -43.80 -13.69
CA ARG A 168 -18.19 -45.19 -14.04
C ARG A 168 -17.54 -45.27 -15.41
N TYR A 169 -16.31 -44.75 -15.51
CA TYR A 169 -15.67 -44.62 -16.81
C TYR A 169 -15.25 -45.99 -17.33
N LYS A 170 -16.07 -46.55 -18.22
CA LYS A 170 -15.84 -47.85 -18.88
C LYS A 170 -15.24 -48.89 -17.93
N GLY A 171 -15.94 -49.12 -16.80
CA GLY A 171 -15.55 -50.17 -15.88
C GLY A 171 -14.68 -49.72 -14.73
N ALA A 172 -14.55 -48.42 -14.52
CA ALA A 172 -13.75 -47.89 -13.42
C ALA A 172 -14.54 -46.79 -12.70
N PHE A 173 -14.78 -47.01 -11.41
CA PHE A 173 -15.50 -46.06 -10.58
C PHE A 173 -14.55 -44.96 -10.11
N ILE A 174 -14.58 -43.83 -10.81
CA ILE A 174 -13.63 -42.74 -10.61
C ILE A 174 -14.30 -41.68 -9.75
N LEU A 175 -13.59 -41.23 -8.72
CA LEU A 175 -14.02 -40.11 -7.90
C LEU A 175 -13.26 -38.86 -8.32
N ILE A 176 -13.97 -37.74 -8.33
CA ILE A 176 -13.42 -36.45 -8.74
C ILE A 176 -13.78 -35.42 -7.67
N LYS A 177 -12.88 -34.44 -7.50
CA LYS A 177 -13.04 -33.42 -6.48
C LYS A 177 -12.58 -32.09 -7.04
N ARG A 178 -13.53 -31.17 -7.20
CA ARG A 178 -13.24 -29.79 -7.57
C ARG A 178 -13.32 -28.92 -6.33
N GLU A 179 -12.29 -28.11 -6.11
CA GLU A 179 -12.24 -27.20 -4.97
C GLU A 179 -11.48 -25.94 -5.40
N ARG A 180 -11.89 -24.79 -4.88
CA ARG A 180 -11.21 -23.53 -5.11
C ARG A 180 -10.23 -23.26 -3.98
N SER A 181 -9.42 -22.22 -4.16
CA SER A 181 -8.57 -21.73 -3.08
C SER A 181 -9.41 -21.06 -2.01
N ALA A 182 -8.74 -20.49 -1.00
CA ALA A 182 -9.47 -19.81 0.08
C ALA A 182 -10.39 -18.74 -0.46
N LYS A 183 -9.98 -18.04 -1.53
CA LYS A 183 -10.80 -17.04 -2.18
C LYS A 183 -10.67 -17.18 -3.69
N MET A 184 -11.60 -16.55 -4.42
CA MET A 184 -11.50 -16.31 -5.87
C MET A 184 -11.47 -14.82 -6.18
N SER A 191 -13.29 -11.02 -10.68
CA SER A 191 -12.76 -12.36 -10.48
C SER A 191 -11.28 -12.43 -10.84
N PRO A 192 -10.41 -11.88 -9.98
CA PRO A 192 -8.97 -11.98 -10.23
C PRO A 192 -8.52 -13.42 -10.21
N PHE A 193 -7.44 -13.69 -10.95
CA PHE A 193 -6.92 -15.05 -11.05
C PHE A 193 -6.58 -15.60 -9.67
N GLU A 194 -7.01 -16.83 -9.43
CA GLU A 194 -6.66 -17.56 -8.21
C GLU A 194 -6.84 -19.04 -8.47
N THR A 195 -5.98 -19.86 -7.88
CA THR A 195 -5.85 -21.25 -8.27
C THR A 195 -7.10 -22.04 -7.94
N VAL A 196 -7.50 -22.91 -8.87
CA VAL A 196 -8.53 -23.92 -8.66
C VAL A 196 -7.94 -25.24 -9.12
N THR A 197 -8.10 -26.28 -8.31
CA THR A 197 -7.46 -27.57 -8.55
C THR A 197 -8.50 -28.67 -8.69
N LEU A 198 -8.13 -29.71 -9.43
CA LEU A 198 -8.96 -30.87 -9.66
C LEU A 198 -8.15 -32.11 -9.36
N THR A 199 -8.80 -33.11 -8.76
CA THR A 199 -8.16 -34.36 -8.42
C THR A 199 -9.01 -35.53 -8.91
N THR A 200 -8.38 -36.69 -9.01
CA THR A 200 -8.98 -37.87 -9.59
C THR A 200 -8.33 -39.11 -9.01
N LEU A 201 -9.16 -40.07 -8.61
CA LEU A 201 -8.78 -41.15 -7.70
C LEU A 201 -9.15 -42.50 -8.27
N TYR A 202 -8.15 -43.39 -8.36
CA TYR A 202 -8.37 -44.79 -8.70
C TYR A 202 -7.06 -45.57 -8.53
N ARG A 203 -7.17 -46.89 -8.43
CA ARG A 203 -6.00 -47.74 -8.30
C ARG A 203 -5.20 -47.79 -9.60
N ASP A 204 -5.83 -48.25 -10.69
CA ASP A 204 -5.18 -48.37 -11.98
C ASP A 204 -5.23 -47.04 -12.75
N LYS A 205 -4.12 -46.72 -13.40
CA LYS A 205 -3.98 -45.48 -14.16
C LYS A 205 -4.08 -45.68 -15.67
N HIS A 206 -4.37 -46.90 -16.13
CA HIS A 206 -4.38 -47.15 -17.56
C HIS A 206 -5.61 -46.60 -18.26
N LEU A 207 -6.58 -46.08 -17.49
CA LEU A 207 -7.68 -45.29 -18.04
C LEU A 207 -7.44 -43.79 -17.88
N PHE A 208 -6.45 -43.41 -17.07
CA PHE A 208 -6.20 -42.01 -16.74
C PHE A 208 -5.82 -41.22 -17.97
N ASP A 209 -4.75 -41.64 -18.63
CA ASP A 209 -4.32 -41.01 -19.88
C ASP A 209 -5.41 -41.09 -20.94
N ASP A 210 -6.23 -42.14 -20.89
CA ASP A 210 -7.32 -42.25 -21.86
C ASP A 210 -8.32 -41.11 -21.67
N ILE A 211 -8.71 -40.84 -20.43
CA ILE A 211 -9.62 -39.71 -20.16
C ILE A 211 -8.97 -38.42 -20.62
N LEU A 212 -7.68 -38.26 -20.33
CA LEU A 212 -7.01 -37.02 -20.72
C LEU A 212 -6.99 -36.85 -22.23
N ASN A 213 -6.76 -37.94 -22.97
CA ASN A 213 -6.78 -37.89 -24.42
C ASN A 213 -8.17 -37.55 -24.95
N GLU A 214 -9.21 -38.11 -24.34
CA GLU A 214 -10.57 -37.79 -24.78
C GLU A 214 -10.88 -36.31 -24.55
N ALA A 215 -10.41 -35.76 -23.42
CA ALA A 215 -10.57 -34.33 -23.19
C ALA A 215 -9.82 -33.53 -24.25
N LYS A 216 -8.62 -33.98 -24.63
CA LYS A 216 -7.90 -33.34 -25.72
C LYS A 216 -8.72 -33.35 -26.99
N ASP A 217 -9.34 -34.48 -27.31
CA ASP A 217 -10.15 -34.58 -28.52
C ASP A 217 -11.32 -33.61 -28.49
N ILE A 218 -11.98 -33.52 -27.34
CA ILE A 218 -13.07 -32.54 -27.20
C ILE A 218 -12.56 -31.14 -27.45
N ALA A 219 -11.39 -30.82 -26.90
CA ALA A 219 -10.80 -29.50 -27.13
C ALA A 219 -10.52 -29.27 -28.61
N LEU A 220 -9.97 -30.27 -29.28
CA LEU A 220 -9.64 -30.11 -30.70
C LEU A 220 -10.90 -29.92 -31.54
N LYS A 221 -12.01 -30.55 -31.15
CA LYS A 221 -13.23 -30.42 -31.93
C LYS A 221 -13.69 -28.97 -31.98
N THR A 222 -13.67 -28.28 -30.84
CA THR A 222 -14.12 -26.89 -30.83
C THR A 222 -13.22 -26.01 -31.69
N THR A 223 -11.91 -26.20 -31.59
CA THR A 223 -10.93 -25.39 -32.31
C THR A 223 -10.56 -26.06 -33.64
N GLU A 224 -11.58 -26.36 -34.43
CA GLU A 224 -11.39 -27.05 -35.70
C GLU A 224 -11.21 -26.06 -36.85
N GLY A 225 -12.22 -25.23 -37.09
CA GLY A 225 -12.19 -24.27 -38.18
C GLY A 225 -12.02 -22.84 -37.70
N LYS A 226 -11.42 -22.69 -36.51
CA LYS A 226 -11.24 -21.39 -35.88
C LYS A 226 -9.76 -21.07 -35.73
N THR A 227 -9.49 -19.85 -35.29
CA THR A 227 -8.14 -19.38 -34.98
C THR A 227 -8.16 -18.84 -33.56
N VAL A 228 -7.37 -19.44 -32.68
CA VAL A 228 -7.37 -19.03 -31.29
C VAL A 228 -6.55 -17.76 -31.13
N ILE A 229 -6.98 -16.90 -30.21
CA ILE A 229 -6.33 -15.65 -29.91
C ILE A 229 -5.88 -15.68 -28.45
N TYR A 230 -4.62 -15.34 -28.21
CA TYR A 230 -4.05 -15.31 -26.88
C TYR A 230 -3.67 -13.88 -26.52
N THR A 231 -3.79 -13.54 -25.24
CA THR A 231 -3.52 -12.21 -24.74
C THR A 231 -2.55 -12.29 -23.57
N SER A 232 -1.87 -11.17 -23.32
CA SER A 232 -0.85 -11.10 -22.28
C SER A 232 -1.51 -10.73 -20.96
N PHE A 233 -1.40 -11.62 -19.98
CA PHE A 233 -1.86 -11.37 -18.61
C PHE A 233 -0.72 -11.76 -17.69
N GLY A 234 0.09 -10.78 -17.30
CA GLY A 234 1.26 -11.05 -16.52
C GLY A 234 2.31 -11.75 -17.36
N PRO A 235 3.12 -12.63 -16.75
CA PRO A 235 4.19 -13.29 -17.50
C PRO A 235 3.76 -14.47 -18.35
N GLU A 236 2.46 -14.68 -18.55
CA GLU A 236 1.98 -15.82 -19.32
C GLU A 236 0.73 -15.43 -20.10
N TRP A 237 0.42 -16.25 -21.10
CA TRP A 237 -0.70 -16.02 -22.00
C TRP A 237 -1.95 -16.75 -21.52
N ARG A 238 -3.07 -16.41 -22.16
CA ARG A 238 -4.32 -17.16 -21.99
C ARG A 238 -5.20 -16.90 -23.19
N LYS A 239 -6.13 -17.82 -23.45
CA LYS A 239 -7.11 -17.61 -24.49
C LYS A 239 -8.00 -16.41 -24.15
N PHE A 240 -8.30 -15.61 -25.16
CA PHE A 240 -9.19 -14.47 -25.04
C PHE A 240 -10.46 -14.78 -25.80
N GLY A 241 -11.56 -14.94 -25.07
CA GLY A 241 -12.86 -15.15 -25.69
C GLY A 241 -12.94 -16.43 -26.48
N GLN A 242 -14.13 -16.75 -26.98
CA GLN A 242 -14.28 -17.94 -27.80
C GLN A 242 -13.54 -17.76 -29.12
N PRO A 243 -13.10 -18.87 -29.75
CA PRO A 243 -12.41 -18.74 -31.04
C PRO A 243 -13.31 -18.16 -32.11
N LYS A 244 -12.68 -17.52 -33.09
CA LYS A 244 -13.36 -16.92 -34.23
C LYS A 244 -13.04 -17.70 -35.50
N ALA A 245 -13.97 -17.63 -36.45
CA ALA A 245 -13.80 -18.34 -37.70
C ALA A 245 -12.65 -17.76 -38.50
N LYS A 246 -12.05 -18.60 -39.35
CA LYS A 246 -10.91 -18.18 -40.16
C LYS A 246 -11.35 -17.19 -41.23
N ARG A 247 -10.51 -16.17 -41.43
CA ARG A 247 -10.70 -15.19 -42.49
C ARG A 247 -9.92 -15.68 -43.71
N MET A 248 -10.62 -16.29 -44.66
CA MET A 248 -9.92 -16.96 -45.75
C MET A 248 -9.19 -15.94 -46.60
N LEU A 249 -7.98 -16.29 -47.04
CA LEU A 249 -7.12 -15.35 -47.74
C LEU A 249 -7.74 -14.72 -48.97
N PRO A 250 -8.46 -15.44 -49.83
CA PRO A 250 -9.05 -14.78 -51.02
C PRO A 250 -9.97 -13.63 -50.66
N SER A 251 -10.55 -13.64 -49.46
CA SER A 251 -11.33 -12.49 -49.01
C SER A 251 -10.47 -11.24 -48.88
N VAL A 252 -9.20 -11.41 -48.53
CA VAL A 252 -8.29 -10.28 -48.34
C VAL A 252 -7.72 -9.89 -49.70
N ILE A 253 -8.15 -8.75 -50.22
CA ILE A 253 -7.69 -8.25 -51.51
C ILE A 253 -6.55 -7.29 -51.24
N LEU A 254 -5.38 -7.62 -51.78
CA LEU A 254 -4.18 -6.79 -51.70
C LEU A 254 -3.64 -6.55 -53.09
N ASP A 255 -2.62 -5.70 -53.17
CA ASP A 255 -1.99 -5.38 -54.44
C ASP A 255 -1.36 -6.63 -55.03
N SER A 256 -1.03 -6.57 -56.32
CA SER A 256 -0.57 -7.75 -57.03
C SER A 256 0.78 -8.22 -56.50
N GLY A 257 0.86 -9.51 -56.17
CA GLY A 257 2.11 -10.13 -55.78
C GLY A 257 2.45 -10.00 -54.32
N ILE A 258 1.77 -9.11 -53.59
CA ILE A 258 2.09 -8.90 -52.19
C ILE A 258 1.75 -10.14 -51.37
N LYS A 259 0.52 -10.62 -51.52
CA LYS A 259 0.09 -11.81 -50.79
C LYS A 259 0.94 -13.02 -51.17
N GLU A 260 1.19 -13.20 -52.47
CA GLU A 260 1.97 -14.34 -52.92
C GLU A 260 3.39 -14.27 -52.41
N GLY A 261 4.00 -13.08 -52.47
CA GLY A 261 5.37 -12.94 -51.99
C GLY A 261 5.48 -13.22 -50.51
N ILE A 262 4.54 -12.68 -49.72
CA ILE A 262 4.58 -12.91 -48.28
C ILE A 262 4.40 -14.39 -47.98
N LEU A 263 3.45 -15.04 -48.67
CA LEU A 263 3.23 -16.46 -48.43
C LEU A 263 4.45 -17.28 -48.79
N ASP A 264 5.10 -16.96 -49.91
CA ASP A 264 6.31 -17.68 -50.30
C ASP A 264 7.41 -17.49 -49.26
N ASP A 265 7.58 -16.26 -48.79
CA ASP A 265 8.61 -16.01 -47.77
C ASP A 265 8.32 -16.81 -46.51
N VAL A 266 7.06 -16.81 -46.06
CA VAL A 266 6.72 -17.50 -44.83
C VAL A 266 6.94 -19.00 -44.98
N TYR A 267 6.49 -19.57 -46.10
CA TYR A 267 6.66 -21.00 -46.30
C TYR A 267 8.13 -21.38 -46.39
N ASP A 268 8.93 -20.54 -47.05
CA ASP A 268 10.36 -20.78 -47.13
C ASP A 268 10.98 -20.77 -45.74
N PHE A 269 10.57 -19.83 -44.89
CA PHE A 269 11.12 -19.77 -43.54
C PHE A 269 10.71 -20.99 -42.73
N MET A 270 9.43 -21.35 -42.75
CA MET A 270 8.96 -22.47 -41.94
C MET A 270 9.60 -23.78 -42.38
N LYS A 271 9.73 -23.97 -43.69
CA LYS A 271 10.27 -25.23 -44.19
C LYS A 271 11.76 -25.35 -43.90
N ASN A 272 12.52 -24.27 -44.10
CA ASN A 272 13.97 -24.29 -43.94
C ASN A 272 14.33 -24.07 -42.47
N GLY A 273 14.06 -25.11 -41.67
CA GLY A 273 14.37 -25.06 -40.26
C GLY A 273 15.82 -25.36 -39.96
N LYS A 274 16.29 -26.52 -40.41
CA LYS A 274 17.66 -26.92 -40.11
C LYS A 274 18.67 -26.02 -40.80
N TRP A 275 18.29 -25.44 -41.93
CA TRP A 275 19.23 -24.62 -42.70
C TRP A 275 19.72 -23.43 -41.89
N TYR A 276 18.84 -22.85 -41.07
CA TYR A 276 19.26 -21.77 -40.18
C TYR A 276 20.29 -22.26 -39.18
N SER A 277 20.04 -23.42 -38.58
CA SER A 277 20.93 -23.93 -37.54
C SER A 277 22.29 -24.30 -38.10
N ASP A 278 22.33 -24.92 -39.28
CA ASP A 278 23.59 -25.37 -39.84
C ASP A 278 24.53 -24.20 -40.10
N ARG A 279 23.96 -23.03 -40.40
CA ARG A 279 24.74 -21.82 -40.66
C ARG A 279 24.70 -20.84 -39.50
N GLY A 280 24.21 -21.27 -38.33
CA GLY A 280 24.32 -20.47 -37.13
C GLY A 280 23.56 -19.17 -37.15
N ILE A 281 22.30 -19.19 -37.58
CA ILE A 281 21.43 -18.03 -37.55
C ILE A 281 20.27 -18.34 -36.60
N PRO A 282 19.71 -17.37 -35.88
CA PRO A 282 18.52 -17.66 -35.09
C PRO A 282 17.34 -17.96 -35.99
N TYR A 283 16.66 -19.08 -35.72
CA TYR A 283 15.50 -19.47 -36.50
C TYR A 283 14.30 -18.65 -36.04
N ARG A 284 14.30 -17.38 -36.43
CA ARG A 284 13.26 -16.45 -36.06
C ARG A 284 13.17 -15.40 -37.15
N ARG A 285 11.95 -15.04 -37.52
CA ARG A 285 11.71 -14.09 -38.60
C ARG A 285 10.64 -13.10 -38.18
N GLY A 286 10.76 -11.88 -38.70
CA GLY A 286 9.82 -10.81 -38.38
C GLY A 286 9.38 -10.06 -39.62
N TYR A 287 8.09 -9.81 -39.71
CA TYR A 287 7.47 -9.13 -40.85
C TYR A 287 6.86 -7.81 -40.38
N LEU A 288 6.88 -6.83 -41.27
CA LEU A 288 6.30 -5.52 -41.01
C LEU A 288 5.34 -5.16 -42.13
N LEU A 289 4.15 -4.71 -41.76
CA LEU A 289 3.12 -4.26 -42.70
C LEU A 289 2.76 -2.82 -42.34
N TYR A 290 3.35 -1.88 -43.07
CA TYR A 290 3.14 -0.45 -42.82
C TYR A 290 2.30 0.14 -43.94
N GLY A 291 1.32 0.93 -43.57
CA GLY A 291 0.48 1.59 -44.54
C GLY A 291 -0.64 2.40 -43.91
N PRO A 292 -1.44 3.06 -44.74
CA PRO A 292 -2.51 3.89 -44.21
C PRO A 292 -3.55 3.05 -43.49
N PRO A 293 -4.42 3.67 -42.70
CA PRO A 293 -5.46 2.89 -42.01
C PRO A 293 -6.47 2.32 -42.99
N GLY A 294 -7.09 1.22 -42.58
CA GLY A 294 -8.07 0.55 -43.41
C GLY A 294 -7.51 0.05 -44.72
N SER A 295 -6.28 -0.47 -44.71
CA SER A 295 -5.64 -1.00 -45.90
C SER A 295 -5.60 -2.53 -45.90
N GLY A 296 -6.15 -3.18 -44.89
CA GLY A 296 -6.20 -4.63 -44.84
C GLY A 296 -5.06 -5.29 -44.13
N LYS A 297 -4.27 -4.54 -43.35
CA LYS A 297 -3.11 -5.11 -42.67
C LYS A 297 -3.53 -6.20 -41.69
N THR A 298 -4.24 -5.82 -40.64
CA THR A 298 -4.62 -6.78 -39.61
C THR A 298 -5.51 -7.86 -40.17
N SER A 299 -6.33 -7.54 -41.17
CA SER A 299 -7.13 -8.56 -41.84
C SER A 299 -6.23 -9.60 -42.49
N PHE A 300 -5.16 -9.14 -43.15
CA PHE A 300 -4.22 -10.09 -43.74
C PHE A 300 -3.51 -10.90 -42.68
N ILE A 301 -3.20 -10.30 -41.54
CA ILE A 301 -2.58 -11.05 -40.44
C ILE A 301 -3.51 -12.18 -40.01
N GLN A 302 -4.79 -11.85 -39.81
CA GLN A 302 -5.77 -12.85 -39.43
C GLN A 302 -5.84 -13.96 -40.47
N ALA A 303 -5.87 -13.58 -41.75
CA ALA A 303 -6.02 -14.57 -42.81
C ALA A 303 -4.81 -15.48 -42.90
N LEU A 304 -3.61 -14.92 -42.78
CA LEU A 304 -2.41 -15.74 -42.84
C LEU A 304 -2.35 -16.68 -41.65
N ALA A 305 -2.72 -16.20 -40.46
CA ALA A 305 -2.74 -17.07 -39.30
C ALA A 305 -3.73 -18.21 -39.49
N GLY A 306 -4.90 -17.92 -40.06
CA GLY A 306 -5.86 -18.97 -40.33
C GLY A 306 -5.34 -19.96 -41.37
N GLU A 307 -4.67 -19.45 -42.40
CA GLU A 307 -4.16 -20.31 -43.45
C GLU A 307 -3.11 -21.28 -42.90
N LEU A 308 -2.21 -20.77 -42.07
CA LEU A 308 -1.21 -21.64 -41.44
C LEU A 308 -1.77 -22.43 -40.27
N ASP A 309 -3.01 -22.16 -39.85
CA ASP A 309 -3.63 -22.80 -38.70
C ASP A 309 -2.95 -22.41 -37.39
N TYR A 310 -2.21 -21.29 -37.38
CA TYR A 310 -1.54 -20.82 -36.18
C TYR A 310 -2.50 -19.97 -35.35
N ASN A 311 -2.10 -19.71 -34.11
CA ASN A 311 -2.88 -18.92 -33.17
C ASN A 311 -2.16 -17.60 -32.92
N ILE A 312 -2.88 -16.50 -33.07
CA ILE A 312 -2.31 -15.17 -32.87
C ILE A 312 -2.16 -14.92 -31.37
N CYS A 313 -1.01 -14.39 -30.99
CA CYS A 313 -0.73 -13.97 -29.62
C CYS A 313 -0.53 -12.46 -29.64
N ILE A 314 -1.64 -11.72 -29.53
CA ILE A 314 -1.57 -10.27 -29.59
C ILE A 314 -0.90 -9.75 -28.33
N LEU A 315 -0.11 -8.69 -28.48
CA LEU A 315 0.63 -8.09 -27.38
C LEU A 315 0.59 -6.58 -27.52
N ASN A 316 0.27 -5.90 -26.41
CA ASN A 316 0.20 -4.44 -26.36
C ASN A 316 1.34 -3.94 -25.50
N LEU A 317 2.32 -3.30 -26.13
CA LEU A 317 3.48 -2.80 -25.40
C LEU A 317 3.17 -1.52 -24.64
N SER A 318 2.19 -0.74 -25.08
CA SER A 318 1.80 0.46 -24.37
C SER A 318 1.22 0.16 -23.00
N GLU A 319 0.86 -1.10 -22.74
CA GLU A 319 0.43 -1.53 -21.41
C GLU A 319 1.46 -1.13 -20.37
N ASN A 320 1.02 -0.35 -19.39
CA ASN A 320 1.96 0.22 -18.42
C ASN A 320 2.52 -0.83 -17.49
N ASN A 321 1.69 -1.78 -17.04
CA ASN A 321 2.17 -2.82 -16.13
C ASN A 321 3.20 -3.73 -16.76
N LEU A 322 3.31 -3.72 -18.09
CA LEU A 322 4.29 -4.54 -18.77
C LEU A 322 5.71 -4.14 -18.39
N THR A 323 6.59 -5.13 -18.27
CA THR A 323 7.99 -4.91 -17.94
C THR A 323 8.86 -5.72 -18.88
N ASP A 324 10.15 -5.38 -18.89
CA ASP A 324 11.08 -6.05 -19.79
C ASP A 324 11.18 -7.54 -19.49
N ASP A 325 11.28 -7.90 -18.20
CA ASP A 325 11.33 -9.30 -17.83
C ASP A 325 10.03 -10.02 -18.21
N ARG A 326 8.90 -9.37 -17.94
CA ARG A 326 7.61 -9.94 -18.32
C ARG A 326 7.53 -10.09 -19.83
N LEU A 327 8.04 -9.10 -20.57
CA LEU A 327 8.05 -9.19 -22.02
C LEU A 327 8.86 -10.38 -22.50
N ASN A 328 10.06 -10.54 -21.95
CA ASN A 328 10.92 -11.64 -22.38
C ASN A 328 10.29 -12.98 -22.05
N HIS A 329 9.70 -13.11 -20.87
CA HIS A 329 9.04 -14.36 -20.51
C HIS A 329 7.88 -14.65 -21.44
N LEU A 330 7.09 -13.63 -21.77
CA LEU A 330 5.93 -13.83 -22.64
C LEU A 330 6.37 -14.27 -24.02
N MET A 331 7.37 -13.60 -24.60
CA MET A 331 7.83 -13.98 -25.93
C MET A 331 8.61 -15.29 -25.91
N ASN A 332 9.04 -15.77 -24.74
CA ASN A 332 9.71 -17.05 -24.65
C ASN A 332 8.78 -18.20 -24.27
N ASN A 333 7.64 -17.91 -23.67
CA ASN A 333 6.67 -18.93 -23.25
C ASN A 333 5.40 -18.89 -24.08
N MET A 334 5.52 -18.51 -25.35
CA MET A 334 4.35 -18.49 -26.22
C MET A 334 3.87 -19.91 -26.47
N PRO A 335 2.56 -20.13 -26.63
CA PRO A 335 2.09 -21.45 -27.04
C PRO A 335 2.60 -21.79 -28.43
N GLU A 336 2.79 -23.08 -28.67
CA GLU A 336 3.35 -23.53 -29.94
C GLU A 336 2.34 -23.34 -31.06
N ARG A 337 2.85 -23.30 -32.29
CA ARG A 337 2.04 -23.07 -33.48
C ARG A 337 1.27 -21.75 -33.36
N SER A 338 2.01 -20.68 -33.08
CA SER A 338 1.43 -19.37 -32.84
C SER A 338 2.24 -18.30 -33.54
N ILE A 339 1.58 -17.17 -33.78
CA ILE A 339 2.18 -16.01 -34.42
C ILE A 339 2.08 -14.84 -33.46
N LEU A 340 3.20 -14.17 -33.24
CA LEU A 340 3.21 -12.96 -32.43
C LEU A 340 2.76 -11.78 -33.26
N LEU A 341 1.96 -10.90 -32.67
CA LEU A 341 1.42 -9.73 -33.35
C LEU A 341 1.63 -8.51 -32.47
N LEU A 342 2.23 -7.48 -33.05
CA LEU A 342 2.50 -6.21 -32.36
C LEU A 342 1.83 -5.11 -33.18
N GLU A 343 0.57 -4.83 -32.88
CA GLU A 343 -0.16 -3.79 -33.58
C GLU A 343 0.33 -2.42 -33.15
N ASP A 344 0.63 -1.58 -34.12
CA ASP A 344 1.10 -0.21 -33.88
C ASP A 344 2.33 -0.21 -32.99
N ILE A 345 3.40 -0.81 -33.51
CA ILE A 345 4.68 -0.84 -32.81
C ILE A 345 5.27 0.56 -32.66
N ASP A 346 4.77 1.54 -33.39
CA ASP A 346 5.26 2.90 -33.28
C ASP A 346 4.76 3.61 -32.02
N ALA A 347 3.92 2.96 -31.21
CA ALA A 347 3.36 3.61 -30.03
C ALA A 347 4.46 4.06 -29.08
N ALA A 348 5.47 3.22 -28.88
CA ALA A 348 6.59 3.55 -28.00
C ALA A 348 7.32 4.79 -28.50
N SER A 363 5.97 0.59 -19.24
CA SER A 363 7.22 0.54 -18.49
C SER A 363 8.35 -0.13 -19.28
N VAL A 364 8.02 -0.67 -20.45
CA VAL A 364 9.03 -1.35 -21.26
C VAL A 364 10.08 -0.35 -21.71
N THR A 365 11.30 -0.84 -21.90
CA THR A 365 12.42 -0.02 -22.33
C THR A 365 12.75 -0.32 -23.79
N PHE A 366 13.27 0.70 -24.47
CA PHE A 366 13.63 0.56 -25.88
C PHE A 366 14.71 -0.50 -26.06
N SER A 367 15.75 -0.44 -25.22
CA SER A 367 16.82 -1.42 -25.31
C SER A 367 16.32 -2.81 -24.96
N GLY A 368 15.45 -2.92 -23.96
CA GLY A 368 14.90 -4.21 -23.62
C GLY A 368 14.10 -4.82 -24.75
N LEU A 369 13.28 -4.00 -25.41
CA LEU A 369 12.53 -4.47 -26.56
C LEU A 369 13.47 -4.91 -27.68
N LEU A 370 14.50 -4.12 -27.96
CA LEU A 370 15.43 -4.45 -29.04
C LEU A 370 16.12 -5.78 -28.76
N ASN A 371 16.56 -5.98 -27.53
CA ASN A 371 17.22 -7.23 -27.17
C ASN A 371 16.23 -8.40 -27.23
N ALA A 372 14.99 -8.17 -26.81
CA ALA A 372 14.01 -9.24 -26.84
C ALA A 372 13.73 -9.70 -28.27
N LEU A 373 13.57 -8.75 -29.20
CA LEU A 373 13.28 -9.12 -30.58
C LEU A 373 14.47 -9.84 -31.20
N ASP A 374 15.66 -9.25 -31.08
CA ASP A 374 16.89 -9.84 -31.61
C ASP A 374 17.97 -9.67 -30.55
N GLY A 375 18.28 -10.75 -29.85
CA GLY A 375 19.27 -10.68 -28.80
C GLY A 375 19.46 -12.05 -28.17
N VAL A 376 20.25 -12.05 -27.09
CA VAL A 376 20.57 -13.30 -26.42
C VAL A 376 19.31 -13.91 -25.82
N THR A 377 18.47 -13.11 -25.18
CA THR A 377 17.26 -13.59 -24.56
C THR A 377 16.14 -13.88 -25.55
N SER A 378 16.32 -13.53 -26.82
CA SER A 378 15.28 -13.75 -27.81
C SER A 378 15.00 -15.24 -27.98
N SER A 379 13.75 -15.57 -28.22
CA SER A 379 13.32 -16.96 -28.34
C SER A 379 13.70 -17.50 -29.72
N GLU A 380 13.21 -18.70 -30.02
CA GLU A 380 13.53 -19.40 -31.26
C GLU A 380 12.27 -20.00 -31.85
N GLU A 381 12.26 -20.14 -33.17
CA GLU A 381 11.15 -20.77 -33.88
C GLU A 381 9.87 -19.98 -33.69
N THR A 382 9.96 -18.66 -33.89
CA THR A 382 8.84 -17.76 -33.70
C THR A 382 8.72 -16.83 -34.90
N ILE A 383 7.49 -16.48 -35.24
CA ILE A 383 7.18 -15.54 -36.31
C ILE A 383 6.42 -14.38 -35.68
N THR A 384 6.87 -13.15 -35.96
CA THR A 384 6.29 -11.95 -35.40
C THR A 384 5.87 -11.02 -36.53
N PHE A 385 4.71 -10.37 -36.36
CA PHE A 385 4.16 -9.45 -37.32
C PHE A 385 3.93 -8.10 -36.65
N MET A 386 4.40 -7.04 -37.31
CA MET A 386 4.27 -5.68 -36.81
C MET A 386 3.52 -4.84 -37.83
N THR A 387 2.76 -3.87 -37.33
CA THR A 387 1.97 -2.98 -38.17
C THR A 387 2.14 -1.55 -37.70
N THR A 388 2.12 -0.62 -38.66
CA THR A 388 2.16 0.81 -38.35
C THR A 388 1.41 1.58 -39.42
N ASN A 389 1.00 2.79 -39.04
CA ASN A 389 0.62 3.82 -39.98
C ASN A 389 1.65 4.94 -40.05
N HIS A 390 2.66 4.92 -39.18
CA HIS A 390 3.69 5.95 -39.12
C HIS A 390 5.05 5.26 -39.02
N PRO A 391 5.48 4.59 -40.09
CA PRO A 391 6.79 3.91 -40.04
C PRO A 391 7.96 4.85 -39.82
N GLU A 392 7.80 6.12 -40.17
CA GLU A 392 8.89 7.08 -40.01
C GLU A 392 9.31 7.21 -38.55
N LYS A 393 8.39 6.99 -37.61
CA LYS A 393 8.73 7.10 -36.20
C LYS A 393 9.77 6.07 -35.79
N LEU A 394 9.70 4.89 -36.40
CA LEU A 394 10.60 3.81 -36.02
C LEU A 394 12.04 4.17 -36.36
N ASP A 395 12.96 3.83 -35.46
CA ASP A 395 14.37 4.13 -35.65
C ASP A 395 15.02 3.09 -36.56
N ALA A 396 16.33 3.21 -36.71
CA ALA A 396 17.05 2.29 -37.59
C ALA A 396 17.27 0.94 -36.92
N ALA A 397 17.53 0.93 -35.62
CA ALA A 397 17.86 -0.31 -34.94
C ALA A 397 16.69 -1.28 -34.96
N ILE A 398 15.48 -0.78 -34.72
CA ILE A 398 14.31 -1.64 -34.74
C ILE A 398 14.06 -2.16 -36.15
N MET A 399 14.32 -1.33 -37.15
CA MET A 399 14.19 -1.72 -38.55
C MET A 399 15.38 -2.50 -39.07
N ARG A 400 16.24 -2.99 -38.19
CA ARG A 400 17.35 -3.81 -38.60
C ARG A 400 16.82 -5.08 -39.28
N PRO A 401 17.49 -5.60 -40.31
CA PRO A 401 16.99 -6.83 -40.94
C PRO A 401 16.86 -8.00 -39.98
N GLY A 402 17.74 -8.10 -38.98
CA GLY A 402 17.64 -9.19 -38.03
C GLY A 402 16.36 -9.18 -37.24
N ARG A 403 15.78 -8.01 -37.02
CA ARG A 403 14.51 -7.87 -36.28
C ARG A 403 13.32 -7.79 -37.22
N ILE A 404 13.40 -6.93 -38.23
CA ILE A 404 12.37 -6.82 -39.27
C ILE A 404 13.02 -7.30 -40.57
N ASP A 405 12.85 -8.58 -40.87
CA ASP A 405 13.45 -9.15 -42.06
C ASP A 405 12.71 -8.72 -43.33
N TYR A 406 11.39 -8.61 -43.25
CA TYR A 406 10.54 -8.32 -44.40
C TYR A 406 9.66 -7.12 -44.06
N LYS A 407 9.62 -6.15 -44.97
CA LYS A 407 8.80 -4.96 -44.82
C LYS A 407 7.96 -4.77 -46.06
N VAL A 408 6.67 -4.54 -45.87
CA VAL A 408 5.71 -4.46 -46.96
C VAL A 408 4.87 -3.21 -46.79
N PHE A 409 4.58 -2.55 -47.91
CA PHE A 409 3.75 -1.34 -47.93
C PHE A 409 2.33 -1.73 -48.31
N VAL A 410 1.46 -1.82 -47.31
CA VAL A 410 0.03 -2.11 -47.55
C VAL A 410 -0.63 -0.75 -47.77
N GLY A 411 -0.53 -0.28 -49.01
CA GLY A 411 -0.96 1.07 -49.33
C GLY A 411 -2.45 1.16 -49.61
N ASN A 412 -2.85 2.34 -50.05
CA ASN A 412 -4.25 2.59 -50.38
C ASN A 412 -4.68 1.75 -51.58
N ALA A 413 -5.97 1.81 -51.87
CA ALA A 413 -6.52 0.98 -52.93
C ALA A 413 -5.95 1.38 -54.29
N THR A 414 -5.77 0.38 -55.14
CA THR A 414 -5.31 0.51 -56.52
C THR A 414 -6.34 -0.13 -57.44
N PRO A 415 -6.33 0.21 -58.73
CA PRO A 415 -7.39 -0.28 -59.63
C PRO A 415 -7.55 -1.79 -59.63
N TYR A 416 -6.44 -2.52 -59.52
CA TYR A 416 -6.51 -3.97 -59.37
C TYR A 416 -7.29 -4.33 -58.11
N GLN A 417 -6.96 -3.69 -56.99
CA GLN A 417 -7.64 -3.98 -55.74
C GLN A 417 -9.11 -3.63 -55.83
N VAL A 418 -9.43 -2.49 -56.46
CA VAL A 418 -10.82 -2.07 -56.60
C VAL A 418 -11.60 -3.11 -57.39
N GLU A 419 -11.03 -3.53 -58.52
CA GLU A 419 -11.70 -4.51 -59.37
C GLU A 419 -11.94 -5.81 -58.62
N LYS A 420 -10.90 -6.34 -57.96
CA LYS A 420 -11.04 -7.63 -57.29
C LYS A 420 -12.01 -7.54 -56.12
N MET A 421 -12.01 -6.40 -55.40
CA MET A 421 -13.00 -6.22 -54.34
C MET A 421 -14.41 -6.23 -54.91
N PHE A 422 -14.61 -5.57 -56.05
CA PHE A 422 -15.93 -5.54 -56.66
C PHE A 422 -16.38 -6.95 -57.04
N MET A 423 -15.48 -7.75 -57.64
CA MET A 423 -15.85 -9.13 -57.93
C MET A 423 -16.15 -9.91 -56.66
N LYS A 424 -15.39 -9.66 -55.59
CA LYS A 424 -15.65 -10.37 -54.34
C LYS A 424 -17.04 -10.05 -53.82
N PHE A 425 -17.44 -8.78 -53.86
CA PHE A 425 -18.73 -8.39 -53.31
C PHE A 425 -19.85 -8.54 -54.33
N TYR A 426 -19.54 -8.36 -55.61
CA TYR A 426 -20.52 -8.49 -56.70
C TYR A 426 -19.97 -9.45 -57.74
N PRO A 427 -19.91 -10.74 -57.43
CA PRO A 427 -19.37 -11.71 -58.40
C PRO A 427 -20.21 -11.78 -59.66
N GLY A 428 -19.53 -11.97 -60.79
CA GLY A 428 -20.19 -12.11 -62.07
C GLY A 428 -20.41 -10.80 -62.79
N GLU A 429 -20.44 -9.69 -62.05
CA GLU A 429 -20.70 -8.37 -62.64
C GLU A 429 -19.40 -7.80 -63.18
N THR A 430 -19.12 -8.10 -64.45
CA THR A 430 -17.87 -7.71 -65.07
C THR A 430 -17.93 -6.32 -65.68
N ASP A 431 -18.91 -6.10 -66.57
CA ASP A 431 -19.04 -4.77 -67.19
C ASP A 431 -19.33 -3.71 -66.15
N ILE A 432 -20.16 -4.04 -65.15
CA ILE A 432 -20.44 -3.10 -64.07
C ILE A 432 -19.16 -2.81 -63.30
N CYS A 433 -18.34 -3.84 -63.08
CA CYS A 433 -17.01 -3.60 -62.53
C CYS A 433 -16.18 -2.65 -63.37
N LYS A 434 -16.18 -2.85 -64.68
CA LYS A 434 -15.37 -2.01 -65.55
C LYS A 434 -15.80 -0.54 -65.43
N LYS A 435 -17.10 -0.31 -65.48
CA LYS A 435 -17.60 1.05 -65.33
C LYS A 435 -17.29 1.60 -63.94
N PHE A 436 -17.37 0.76 -62.91
CA PHE A 436 -17.11 1.21 -61.55
C PHE A 436 -15.65 1.64 -61.39
N VAL A 437 -14.72 0.83 -61.91
CA VAL A 437 -13.31 1.17 -61.78
C VAL A 437 -12.99 2.40 -62.62
N ASN A 438 -13.62 2.53 -63.79
CA ASN A 438 -13.41 3.74 -64.58
C ASN A 438 -13.89 4.98 -63.83
N SER A 439 -15.06 4.89 -63.20
CA SER A 439 -15.58 6.01 -62.43
C SER A 439 -14.67 6.33 -61.25
N VAL A 440 -14.16 5.31 -60.57
CA VAL A 440 -13.27 5.52 -59.44
C VAL A 440 -11.99 6.23 -59.90
N LYS A 441 -11.45 5.79 -61.03
CA LYS A 441 -10.27 6.46 -61.58
C LYS A 441 -10.59 7.91 -61.92
N GLU A 442 -11.75 8.16 -62.53
CA GLU A 442 -12.12 9.50 -62.92
C GLU A 442 -12.33 10.40 -61.70
N LEU A 443 -12.71 9.82 -60.57
CA LEU A 443 -12.92 10.61 -59.36
C LEU A 443 -11.60 11.19 -58.85
N ASP A 444 -10.49 10.50 -59.08
CA ASP A 444 -9.16 10.96 -58.65
C ASP A 444 -9.11 11.18 -57.15
N ILE A 445 -9.29 10.09 -56.40
CA ILE A 445 -9.33 10.12 -54.94
C ILE A 445 -8.42 9.02 -54.41
N THR A 446 -7.86 9.26 -53.22
CA THR A 446 -7.04 8.26 -52.53
C THR A 446 -7.93 7.38 -51.67
N VAL A 447 -8.86 6.70 -52.34
CA VAL A 447 -9.81 5.86 -51.64
C VAL A 447 -9.10 4.69 -50.98
N SER A 448 -9.50 4.39 -49.74
CA SER A 448 -8.99 3.24 -49.03
C SER A 448 -9.85 2.01 -49.33
N THR A 449 -9.29 0.84 -49.02
CA THR A 449 -10.02 -0.41 -49.21
C THR A 449 -11.23 -0.50 -48.30
N ALA A 450 -11.10 -0.05 -47.05
CA ALA A 450 -12.22 -0.10 -46.13
C ALA A 450 -13.36 0.80 -46.59
N GLN A 451 -13.02 1.91 -47.25
CA GLN A 451 -14.06 2.76 -47.82
C GLN A 451 -14.85 2.01 -48.87
N LEU A 452 -14.15 1.24 -49.73
CA LEU A 452 -14.83 0.45 -50.74
C LEU A 452 -15.72 -0.61 -50.08
N GLN A 453 -15.21 -1.26 -49.02
CA GLN A 453 -16.02 -2.24 -48.32
C GLN A 453 -17.29 -1.61 -47.76
N GLY A 454 -17.16 -0.43 -47.14
CA GLY A 454 -18.32 0.23 -46.60
C GLY A 454 -19.32 0.61 -47.67
N LEU A 455 -18.82 1.11 -48.81
CA LEU A 455 -19.72 1.47 -49.91
C LEU A 455 -20.47 0.25 -50.41
N PHE A 456 -19.77 -0.87 -50.59
CA PHE A 456 -20.44 -2.07 -51.07
C PHE A 456 -21.43 -2.60 -50.03
N VAL A 457 -21.12 -2.42 -48.74
CA VAL A 457 -22.04 -2.88 -47.70
C VAL A 457 -23.30 -2.04 -47.70
N MET A 458 -23.17 -0.73 -47.93
CA MET A 458 -24.35 0.12 -48.08
C MET A 458 -25.25 -0.40 -49.20
N ASN A 459 -24.66 -0.64 -50.36
CA ASN A 459 -25.39 -1.11 -51.54
C ASN A 459 -25.27 -2.63 -51.65
N LYS A 460 -25.76 -3.29 -50.61
CA LYS A 460 -25.69 -4.75 -50.55
C LYS A 460 -26.44 -5.37 -51.73
N ASP A 461 -25.80 -6.34 -52.38
CA ASP A 461 -26.29 -7.00 -53.58
C ASP A 461 -27.01 -6.03 -54.51
N ALA A 462 -26.34 -4.90 -54.75
CA ALA A 462 -26.88 -3.83 -55.60
C ALA A 462 -25.72 -3.15 -56.31
N PRO A 463 -25.13 -3.82 -57.30
CA PRO A 463 -23.99 -3.22 -58.02
C PRO A 463 -24.32 -1.88 -58.65
N HIS A 464 -25.53 -1.73 -59.19
CA HIS A 464 -25.91 -0.45 -59.79
C HIS A 464 -25.95 0.64 -58.74
N ASP A 465 -26.50 0.34 -57.56
CA ASP A 465 -26.55 1.33 -56.49
C ASP A 465 -25.15 1.71 -56.04
N ALA A 466 -24.24 0.74 -55.98
CA ALA A 466 -22.85 1.04 -55.66
C ALA A 466 -22.24 1.95 -56.70
N LEU A 467 -22.53 1.69 -57.97
CA LEU A 467 -22.03 2.56 -59.04
C LEU A 467 -22.56 3.98 -58.86
N LYS A 468 -23.83 4.11 -58.48
CA LYS A 468 -24.41 5.43 -58.28
C LYS A 468 -23.75 6.15 -57.10
N MET A 469 -23.54 5.43 -56.00
CA MET A 469 -22.98 6.03 -54.79
C MET A 469 -21.47 6.14 -54.80
N VAL A 470 -20.81 5.68 -55.86
CA VAL A 470 -19.35 5.78 -56.01
C VAL A 470 -18.85 7.17 -55.67
N SER A 471 -19.63 8.20 -55.98
CA SER A 471 -19.21 9.56 -55.69
C SER A 471 -19.10 9.81 -54.18
N SER A 472 -19.79 9.00 -53.37
CA SER A 472 -19.75 9.19 -51.93
C SER A 472 -18.35 9.00 -51.36
N LEU A 473 -17.52 8.19 -52.03
CA LEU A 473 -16.17 7.93 -51.54
C LEU A 473 -15.34 9.20 -51.44
N ARG A 474 -15.63 10.18 -52.30
CA ARG A 474 -14.84 11.40 -52.32
C ARG A 474 -14.93 12.14 -50.99
N ASN A 475 -16.12 12.21 -50.41
CA ASN A 475 -16.30 12.88 -49.14
C ASN A 475 -15.71 12.06 -48.01
N ALA A 476 -15.21 12.76 -46.98
CA ALA A 476 -14.68 12.12 -45.78
C ALA A 476 -15.20 12.75 -44.50
N ASN A 477 -15.89 13.89 -44.57
CA ASN A 477 -16.46 14.52 -43.39
C ASN A 477 -17.48 15.58 -43.79
N ASN B 73 -6.12 -60.91 56.18
CA ASN B 73 -6.68 -59.68 56.73
C ASN B 73 -7.97 -59.32 55.99
N PRO B 74 -8.86 -58.55 56.64
CA PRO B 74 -10.08 -58.11 55.94
C PRO B 74 -9.79 -57.23 54.73
N TYR B 75 -8.62 -56.59 54.67
CA TYR B 75 -8.29 -55.75 53.52
C TYR B 75 -8.12 -56.58 52.26
N PHE B 76 -7.82 -57.87 52.40
CA PHE B 76 -7.66 -58.73 51.23
C PHE B 76 -8.96 -58.86 50.45
N ALA B 77 -10.11 -58.65 51.11
CA ALA B 77 -11.39 -58.72 50.41
C ALA B 77 -11.47 -57.68 49.30
N ALA B 78 -11.00 -56.47 49.56
CA ALA B 78 -11.00 -55.44 48.53
C ALA B 78 -10.07 -55.80 47.39
N GLY B 79 -8.77 -55.94 47.68
CA GLY B 79 -7.80 -56.32 46.66
C GLY B 79 -7.73 -55.35 45.50
N GLY B 80 -7.55 -54.07 45.80
CA GLY B 80 -7.53 -53.04 44.78
C GLY B 80 -6.17 -52.73 44.18
N GLY B 81 -5.15 -53.53 44.49
CA GLY B 81 -3.83 -53.27 43.95
C GLY B 81 -3.73 -53.45 42.44
N LEU B 82 -4.60 -54.28 41.87
CA LEU B 82 -4.58 -54.49 40.43
C LEU B 82 -4.88 -53.19 39.68
N MET B 83 -5.70 -52.31 40.26
CA MET B 83 -5.92 -51.00 39.68
C MET B 83 -4.62 -50.21 39.63
N ILE B 84 -3.83 -50.29 40.71
CA ILE B 84 -2.54 -49.60 40.74
C ILE B 84 -1.61 -50.16 39.67
N LEU B 85 -1.55 -51.48 39.55
CA LEU B 85 -0.70 -52.10 38.53
C LEU B 85 -1.16 -51.71 37.13
N GLY B 86 -2.47 -51.67 36.91
CA GLY B 86 -2.99 -51.29 35.60
C GLY B 86 -2.61 -49.86 35.23
N THR B 87 -2.77 -48.94 36.19
CA THR B 87 -2.37 -47.56 35.93
C THR B 87 -0.87 -47.47 35.68
N GLY B 88 -0.07 -48.20 36.46
CA GLY B 88 1.37 -48.16 36.27
C GLY B 88 1.79 -48.66 34.91
N LEU B 89 1.24 -49.80 34.49
CA LEU B 89 1.62 -50.34 33.18
C LEU B 89 1.07 -49.52 32.04
N ALA B 90 -0.10 -48.89 32.20
CA ALA B 90 -0.60 -47.99 31.17
C ALA B 90 0.31 -46.78 31.01
N VAL B 91 0.72 -46.17 32.13
CA VAL B 91 1.63 -45.04 32.06
C VAL B 91 2.96 -45.46 31.46
N ALA B 92 3.46 -46.64 31.82
CA ALA B 92 4.69 -47.15 31.25
C ALA B 92 4.57 -47.36 29.75
N ARG B 93 3.42 -47.90 29.31
CA ARG B 93 3.20 -48.10 27.88
C ARG B 93 3.20 -46.77 27.14
N SER B 94 2.51 -45.77 27.69
CA SER B 94 2.47 -44.46 27.04
C SER B 94 3.87 -43.86 26.97
N GLY B 95 4.62 -43.93 28.07
CA GLY B 95 5.96 -43.38 28.09
C GLY B 95 6.89 -44.09 27.11
N ILE B 96 6.79 -45.41 27.04
CA ILE B 96 7.65 -46.17 26.13
C ILE B 96 7.27 -45.87 24.69
N ILE B 97 5.97 -45.71 24.41
CA ILE B 97 5.55 -45.37 23.07
C ILE B 97 6.11 -44.00 22.66
N LYS B 98 6.03 -43.03 23.57
CA LYS B 98 6.60 -41.71 23.26
C LYS B 98 8.11 -41.79 23.06
N ALA B 99 8.79 -42.57 23.91
CA ALA B 99 10.24 -42.73 23.76
C ALA B 99 10.59 -43.32 22.40
N SER B 100 9.94 -44.42 22.03
CA SER B 100 10.17 -45.02 20.72
C SER B 100 9.82 -44.06 19.60
N ARG B 101 8.80 -43.22 19.81
CA ARG B 101 8.46 -42.18 18.85
C ARG B 101 9.59 -41.18 18.71
N VAL B 102 10.39 -41.01 19.76
CA VAL B 102 11.56 -40.14 19.70
C VAL B 102 12.80 -40.93 19.32
N LEU B 103 12.92 -42.18 19.78
CA LEU B 103 14.13 -42.96 19.53
C LEU B 103 14.37 -43.19 18.04
N TYR B 104 13.32 -43.53 17.30
CA TYR B 104 13.49 -43.75 15.86
C TYR B 104 13.98 -42.50 15.16
N ARG B 105 13.43 -41.34 15.52
CA ARG B 105 13.76 -40.10 14.84
C ARG B 105 14.94 -39.39 15.49
N GLN B 106 15.59 -40.00 16.48
CA GLN B 106 16.74 -39.39 17.14
C GLN B 106 18.02 -40.02 16.61
N MET B 107 18.03 -41.34 16.38
CA MET B 107 19.19 -42.03 15.84
C MET B 107 18.86 -42.92 14.65
N ILE B 108 17.72 -43.62 14.69
CA ILE B 108 17.53 -44.79 13.84
C ILE B 108 17.35 -44.40 12.37
N VAL B 109 16.96 -43.15 12.12
CA VAL B 109 16.83 -42.65 10.75
C VAL B 109 17.43 -41.25 10.68
N ASP B 110 17.80 -40.84 9.46
CA ASP B 110 18.40 -39.55 9.20
C ASP B 110 17.65 -38.88 8.05
N LEU B 111 17.76 -37.55 7.98
CA LEU B 111 16.96 -36.77 7.03
C LEU B 111 17.75 -35.60 6.48
N GLU B 112 17.13 -34.91 5.54
CA GLU B 112 17.72 -33.74 4.89
C GLU B 112 16.62 -32.90 4.24
N ILE B 113 16.87 -31.60 4.15
CA ILE B 113 15.97 -30.64 3.53
C ILE B 113 16.73 -29.89 2.45
N GLN B 114 16.03 -29.50 1.40
CA GLN B 114 16.54 -28.47 0.50
C GLN B 114 15.38 -27.82 -0.24
N SER B 115 15.51 -26.51 -0.49
CA SER B 115 14.49 -25.74 -1.18
C SER B 115 15.17 -24.62 -1.98
N LYS B 116 14.65 -24.39 -3.19
CA LYS B 116 15.08 -23.27 -4.02
C LYS B 116 16.59 -23.24 -4.19
N ASP B 117 17.13 -24.26 -4.86
CA ASP B 117 18.56 -24.42 -4.99
C ASP B 117 18.90 -25.08 -6.32
N LYS B 118 20.15 -24.91 -6.73
CA LYS B 118 20.64 -25.47 -7.98
C LYS B 118 20.36 -26.97 -8.08
N SER B 119 20.53 -27.68 -6.97
CA SER B 119 20.29 -29.13 -6.95
C SER B 119 18.80 -29.47 -6.89
N TYR B 120 17.95 -28.48 -6.58
CA TYR B 120 16.52 -28.74 -6.42
C TYR B 120 15.90 -29.28 -7.70
N ALA B 121 16.08 -28.55 -8.80
CA ALA B 121 15.54 -29.00 -10.09
C ALA B 121 16.28 -30.23 -10.58
N TRP B 122 17.59 -30.27 -10.36
CA TRP B 122 18.37 -31.45 -10.70
C TRP B 122 17.83 -32.67 -9.96
N PHE B 123 17.54 -32.48 -8.68
CA PHE B 123 16.97 -33.57 -7.89
C PHE B 123 15.62 -33.98 -8.46
N LEU B 124 14.76 -33.02 -8.77
CA LEU B 124 13.44 -33.35 -9.28
C LEU B 124 13.53 -34.15 -10.56
N THR B 125 14.42 -33.75 -11.46
CA THR B 125 14.62 -34.51 -12.70
C THR B 125 15.13 -35.91 -12.41
N TRP B 126 16.05 -36.06 -11.44
CA TRP B 126 16.55 -37.40 -11.13
C TRP B 126 15.45 -38.29 -10.57
N MET B 127 14.63 -37.77 -9.66
CA MET B 127 13.48 -38.55 -9.20
C MET B 127 12.55 -38.92 -10.35
N ALA B 128 12.33 -37.99 -11.28
CA ALA B 128 11.34 -38.23 -12.32
C ALA B 128 11.74 -39.41 -13.21
N LYS B 129 13.01 -39.50 -13.58
CA LYS B 129 13.44 -40.52 -14.53
C LYS B 129 13.50 -41.90 -13.88
N HIS B 130 13.65 -41.95 -12.56
CA HIS B 130 14.02 -43.18 -11.89
C HIS B 130 12.91 -44.22 -12.02
N PRO B 131 13.22 -45.50 -12.28
CA PRO B 131 12.16 -46.47 -12.56
C PRO B 131 11.54 -47.09 -11.31
N GLN B 132 12.25 -47.05 -10.18
CA GLN B 132 11.72 -47.60 -8.93
C GLN B 132 10.79 -46.64 -8.22
N ARG B 133 10.36 -45.57 -8.88
CA ARG B 133 9.42 -44.64 -8.28
C ARG B 133 8.12 -45.37 -7.93
N VAL B 134 7.65 -45.13 -6.71
CA VAL B 134 6.41 -45.70 -6.19
C VAL B 134 5.45 -44.55 -5.91
N SER B 135 5.50 -43.53 -6.75
CA SER B 135 4.80 -42.26 -6.51
C SER B 135 3.33 -42.49 -6.20
N ARG B 136 2.93 -42.15 -4.98
CA ARG B 136 1.56 -42.28 -4.54
C ARG B 136 0.73 -41.06 -4.91
N HIS B 137 1.39 -39.96 -5.28
CA HIS B 137 0.73 -38.77 -5.78
C HIS B 137 1.34 -38.38 -7.11
N LEU B 138 0.49 -38.03 -8.08
CA LEU B 138 0.92 -37.74 -9.43
C LEU B 138 0.43 -36.37 -9.86
N SER B 139 1.01 -35.88 -10.95
CA SER B 139 0.54 -34.69 -11.64
C SER B 139 0.56 -34.97 -13.14
N VAL B 140 0.26 -33.95 -13.93
CA VAL B 140 0.28 -34.06 -15.39
C VAL B 140 0.97 -32.83 -15.95
N ARG B 141 1.90 -33.06 -16.88
CA ARG B 141 2.58 -32.00 -17.61
C ARG B 141 2.31 -32.20 -19.10
N THR B 142 1.51 -31.31 -19.66
CA THR B 142 1.17 -31.36 -21.08
C THR B 142 2.21 -30.61 -21.90
N ASN B 143 2.60 -31.20 -23.02
CA ASN B 143 3.58 -30.58 -23.91
C ASN B 143 3.29 -31.02 -25.33
N TYR B 144 3.71 -30.20 -26.28
CA TYR B 144 3.51 -30.47 -27.70
C TYR B 144 4.74 -31.15 -28.26
N ILE B 145 4.53 -32.28 -28.95
CA ILE B 145 5.62 -33.04 -29.56
C ILE B 145 5.61 -32.72 -31.06
N GLN B 146 6.79 -32.33 -31.57
CA GLN B 146 6.95 -31.98 -32.98
C GLN B 146 7.72 -33.10 -33.67
N HIS B 147 7.08 -33.72 -34.66
CA HIS B 147 7.72 -34.79 -35.43
C HIS B 147 8.46 -34.19 -36.63
N ASP B 148 9.36 -33.27 -36.32
CA ASP B 148 10.04 -32.46 -37.32
C ASP B 148 8.96 -31.74 -38.13
N ASN B 149 9.16 -31.54 -39.44
CA ASN B 149 8.13 -30.96 -40.28
C ASN B 149 7.10 -31.96 -40.74
N GLY B 150 7.27 -33.25 -40.42
CA GLY B 150 6.32 -34.25 -40.87
C GLY B 150 4.94 -34.04 -40.29
N SER B 151 4.86 -33.79 -38.99
CA SER B 151 3.59 -33.57 -38.31
C SER B 151 3.88 -33.04 -36.91
N VAL B 152 2.82 -32.60 -36.24
CA VAL B 152 2.90 -32.13 -34.85
C VAL B 152 1.69 -32.67 -34.10
N SER B 153 1.91 -33.11 -32.87
CA SER B 153 0.85 -33.60 -32.03
C SER B 153 1.15 -33.21 -30.59
N THR B 154 0.14 -33.33 -29.74
CA THR B 154 0.23 -32.96 -28.34
C THR B 154 0.25 -34.22 -27.47
N LYS B 155 1.14 -34.22 -26.48
CA LYS B 155 1.28 -35.35 -25.57
C LYS B 155 1.48 -34.80 -24.16
N PHE B 156 1.92 -35.67 -23.25
CA PHE B 156 1.92 -35.33 -21.83
C PHE B 156 2.91 -36.24 -21.11
N SER B 157 3.16 -35.91 -19.84
CA SER B 157 3.99 -36.74 -18.98
C SER B 157 3.45 -36.60 -17.56
N LEU B 158 3.24 -37.73 -16.90
CA LEU B 158 2.69 -37.75 -15.54
C LEU B 158 3.82 -37.50 -14.55
N VAL B 159 4.15 -36.24 -14.34
CA VAL B 159 5.16 -35.89 -13.36
C VAL B 159 4.63 -36.26 -11.97
N PRO B 160 5.47 -36.76 -11.07
CA PRO B 160 4.99 -37.03 -9.70
C PRO B 160 4.44 -35.78 -9.02
N GLY B 161 3.41 -35.99 -8.21
CA GLY B 161 2.76 -34.91 -7.50
C GLY B 161 3.30 -34.76 -6.09
N PRO B 162 2.68 -33.87 -5.31
CA PRO B 162 3.12 -33.67 -3.93
C PRO B 162 2.58 -34.75 -3.02
N GLY B 163 3.45 -35.25 -2.14
CA GLY B 163 3.08 -36.28 -1.18
C GLY B 163 4.24 -37.20 -0.88
N ASN B 164 3.91 -38.39 -0.37
CA ASN B 164 4.91 -39.38 0.02
C ASN B 164 5.18 -40.34 -1.12
N HIS B 165 6.48 -40.53 -1.42
CA HIS B 165 6.90 -41.37 -2.53
C HIS B 165 8.09 -42.21 -2.09
N TRP B 166 8.09 -43.48 -2.50
CA TRP B 166 9.13 -44.43 -2.12
C TRP B 166 9.98 -44.79 -3.33
N ILE B 167 11.28 -44.98 -3.09
CA ILE B 167 12.22 -45.41 -4.11
C ILE B 167 13.17 -46.44 -3.51
N ARG B 168 13.43 -47.50 -4.27
CA ARG B 168 14.36 -48.56 -3.86
C ARG B 168 15.72 -48.32 -4.49
N TYR B 169 16.38 -47.24 -4.08
CA TYR B 169 17.62 -46.85 -4.74
C TYR B 169 18.74 -47.81 -4.39
N LYS B 170 19.01 -48.75 -5.30
CA LYS B 170 20.09 -49.74 -5.19
C LYS B 170 20.22 -50.29 -3.77
N GLY B 171 19.12 -50.81 -3.23
CA GLY B 171 19.15 -51.47 -1.94
C GLY B 171 18.78 -50.60 -0.76
N ALA B 172 18.24 -49.41 -1.01
CA ALA B 172 17.82 -48.52 0.06
C ALA B 172 16.43 -47.97 -0.24
N PHE B 173 15.50 -48.24 0.66
CA PHE B 173 14.12 -47.78 0.53
C PHE B 173 14.03 -46.33 1.00
N ILE B 174 14.04 -45.41 0.04
CA ILE B 174 14.11 -43.98 0.31
C ILE B 174 12.71 -43.40 0.20
N LEU B 175 12.32 -42.60 1.20
CA LEU B 175 11.08 -41.85 1.16
C LEU B 175 11.39 -40.41 0.80
N ILE B 176 10.51 -39.82 -0.01
CA ILE B 176 10.66 -38.45 -0.48
C ILE B 176 9.34 -37.72 -0.27
N LYS B 177 9.44 -36.42 -0.01
CA LYS B 177 8.27 -35.60 0.30
C LYS B 177 8.45 -34.24 -0.36
N ARG B 178 7.60 -33.96 -1.35
CA ARG B 178 7.52 -32.65 -1.97
C ARG B 178 6.31 -31.90 -1.41
N GLU B 179 6.54 -30.66 -0.97
CA GLU B 179 5.48 -29.82 -0.43
C GLU B 179 5.79 -28.38 -0.79
N ARG B 180 4.73 -27.59 -1.06
CA ARG B 180 4.87 -26.18 -1.32
C ARG B 180 4.65 -25.40 -0.03
N SER B 181 4.90 -24.08 -0.10
CA SER B 181 4.56 -23.18 0.99
C SER B 181 3.04 -23.03 1.08
N ALA B 182 2.59 -22.16 1.99
CA ALA B 182 1.16 -21.92 2.15
C ALA B 182 0.52 -21.51 0.83
N LYS B 183 1.24 -20.75 0.02
CA LYS B 183 0.76 -20.33 -1.30
C LYS B 183 1.91 -20.44 -2.30
N MET B 184 1.55 -20.41 -3.59
CA MET B 184 2.49 -20.19 -4.70
C MET B 184 2.15 -18.92 -5.47
N SER B 191 2.57 -16.79 -11.24
CA SER B 191 3.27 -17.65 -10.30
C SER B 191 4.49 -16.94 -9.72
N PRO B 192 4.27 -15.99 -8.81
CA PRO B 192 5.42 -15.33 -8.17
C PRO B 192 6.24 -16.32 -7.36
N PHE B 193 7.52 -16.01 -7.21
CA PHE B 193 8.43 -16.90 -6.50
C PHE B 193 7.94 -17.15 -5.08
N GLU B 194 7.96 -18.41 -4.69
CA GLU B 194 7.64 -18.80 -3.32
C GLU B 194 8.26 -20.17 -3.06
N THR B 195 8.73 -20.39 -1.84
CA THR B 195 9.59 -21.53 -1.54
C THR B 195 8.86 -22.85 -1.70
N VAL B 196 9.54 -23.82 -2.30
CA VAL B 196 9.10 -25.22 -2.34
C VAL B 196 10.29 -26.05 -1.88
N THR B 197 10.03 -26.99 -0.97
CA THR B 197 11.08 -27.76 -0.32
C THR B 197 10.91 -29.25 -0.60
N LEU B 198 12.03 -29.95 -0.56
CA LEU B 198 12.09 -31.39 -0.76
C LEU B 198 12.87 -32.02 0.37
N THR B 199 12.42 -33.19 0.82
CA THR B 199 13.07 -33.91 1.90
C THR B 199 13.29 -35.36 1.49
N THR B 200 14.19 -36.02 2.20
CA THR B 200 14.63 -37.37 1.86
C THR B 200 15.12 -38.06 3.12
N LEU B 201 14.69 -39.31 3.30
CA LEU B 201 14.73 -39.98 4.59
C LEU B 201 15.38 -41.35 4.47
N TYR B 202 16.40 -41.58 5.28
CA TYR B 202 17.02 -42.90 5.42
C TYR B 202 18.04 -42.88 6.56
N ARG B 203 18.39 -44.06 7.05
CA ARG B 203 19.38 -44.17 8.12
C ARG B 203 20.78 -43.82 7.60
N ASP B 204 21.27 -44.58 6.61
CA ASP B 204 22.60 -44.40 6.05
C ASP B 204 22.57 -43.32 4.97
N LYS B 205 23.61 -42.47 4.97
CA LYS B 205 23.74 -41.37 4.03
C LYS B 205 24.76 -41.65 2.92
N HIS B 206 25.33 -42.86 2.86
CA HIS B 206 26.38 -43.11 1.88
C HIS B 206 25.82 -43.31 0.47
N LEU B 207 24.49 -43.35 0.32
CA LEU B 207 23.85 -43.27 -0.99
C LEU B 207 23.34 -41.86 -1.29
N PHE B 208 23.30 -41.01 -0.27
CA PHE B 208 22.72 -39.67 -0.40
C PHE B 208 23.50 -38.84 -1.42
N ASP B 209 24.79 -38.65 -1.15
CA ASP B 209 25.65 -37.94 -2.08
C ASP B 209 25.68 -38.60 -3.44
N ASP B 210 25.53 -39.92 -3.48
CA ASP B 210 25.48 -40.62 -4.76
C ASP B 210 24.30 -40.17 -5.60
N ILE B 211 23.11 -40.10 -4.99
CA ILE B 211 21.94 -39.62 -5.71
C ILE B 211 22.17 -38.18 -6.17
N LEU B 212 22.76 -37.36 -5.30
CA LEU B 212 22.99 -35.96 -5.67
C LEU B 212 23.94 -35.86 -6.85
N ASN B 213 24.99 -36.69 -6.86
CA ASN B 213 25.93 -36.70 -7.99
C ASN B 213 25.25 -37.16 -9.27
N GLU B 214 24.38 -38.16 -9.18
CA GLU B 214 23.67 -38.61 -10.38
C GLU B 214 22.77 -37.52 -10.93
N ALA B 215 22.12 -36.77 -10.04
CA ALA B 215 21.33 -35.62 -10.48
C ALA B 215 22.22 -34.58 -11.15
N LYS B 216 23.40 -34.35 -10.60
CA LYS B 216 24.36 -33.46 -11.25
C LYS B 216 24.69 -33.93 -12.65
N ASP B 217 24.91 -35.24 -12.81
CA ASP B 217 25.24 -35.78 -14.13
C ASP B 217 24.10 -35.57 -15.11
N ILE B 218 22.86 -35.80 -14.66
CA ILE B 218 21.70 -35.54 -15.51
C ILE B 218 21.68 -34.09 -15.93
N ALA B 219 21.95 -33.17 -15.00
CA ALA B 219 21.98 -31.76 -15.33
C ALA B 219 23.07 -31.46 -16.36
N LEU B 220 24.25 -32.05 -16.19
CA LEU B 220 25.34 -31.79 -17.12
C LEU B 220 25.01 -32.30 -18.51
N LYS B 221 24.27 -33.41 -18.61
CA LYS B 221 23.95 -33.97 -19.92
C LYS B 221 23.15 -32.98 -20.75
N THR B 222 22.14 -32.34 -20.14
CA THR B 222 21.32 -31.39 -20.89
C THR B 222 22.15 -30.20 -21.35
N THR B 223 23.01 -29.67 -20.48
CA THR B 223 23.82 -28.49 -20.79
C THR B 223 25.19 -28.91 -21.32
N GLU B 224 25.17 -29.73 -22.37
CA GLU B 224 26.39 -30.26 -22.96
C GLU B 224 26.91 -29.36 -24.08
N GLY B 225 26.10 -29.18 -25.13
CA GLY B 225 26.49 -28.38 -26.27
C GLY B 225 25.75 -27.06 -26.34
N LYS B 226 25.29 -26.58 -25.19
CA LYS B 226 24.50 -25.36 -25.09
C LYS B 226 25.24 -24.31 -24.28
N THR B 227 24.66 -23.12 -24.25
CA THR B 227 25.16 -22.01 -23.44
C THR B 227 24.01 -21.50 -22.60
N VAL B 228 24.15 -21.58 -21.28
CA VAL B 228 23.08 -21.17 -20.38
C VAL B 228 23.03 -19.66 -20.30
N ILE B 229 21.81 -19.13 -20.16
CA ILE B 229 21.57 -17.70 -20.03
C ILE B 229 20.91 -17.47 -18.69
N TYR B 230 21.44 -16.50 -17.93
CA TYR B 230 20.90 -16.13 -16.64
C TYR B 230 20.38 -14.70 -16.68
N THR B 231 19.32 -14.44 -15.92
CA THR B 231 18.67 -13.14 -15.88
C THR B 231 18.55 -12.66 -14.45
N SER B 232 18.42 -11.35 -14.29
CA SER B 232 18.35 -10.73 -12.98
C SER B 232 16.90 -10.70 -12.49
N PHE B 233 16.66 -11.37 -11.37
CA PHE B 233 15.36 -11.36 -10.70
C PHE B 233 15.64 -11.06 -9.23
N GLY B 234 15.53 -9.80 -8.87
CA GLY B 234 15.88 -9.39 -7.52
C GLY B 234 17.37 -9.47 -7.31
N PRO B 235 17.82 -9.77 -6.09
CA PRO B 235 19.26 -9.79 -5.81
C PRO B 235 19.98 -11.06 -6.25
N GLU B 236 19.36 -11.92 -7.06
CA GLU B 236 19.98 -13.17 -7.47
C GLU B 236 19.55 -13.51 -8.88
N TRP B 237 20.30 -14.41 -9.50
CA TRP B 237 20.10 -14.83 -10.87
C TRP B 237 19.25 -16.08 -10.94
N ARG B 238 18.81 -16.40 -12.16
CA ARG B 238 18.18 -17.69 -12.45
C ARG B 238 18.31 -17.97 -13.94
N LYS B 239 18.21 -19.24 -14.29
CA LYS B 239 18.19 -19.61 -15.70
C LYS B 239 16.95 -19.05 -16.37
N PHE B 240 17.13 -18.55 -17.60
CA PHE B 240 16.04 -18.05 -18.42
C PHE B 240 15.84 -19.00 -19.58
N GLY B 241 14.70 -19.68 -19.59
CA GLY B 241 14.35 -20.57 -20.69
C GLY B 241 15.30 -21.73 -20.84
N GLN B 242 14.99 -22.63 -21.76
CA GLN B 242 15.87 -23.75 -22.02
C GLN B 242 17.17 -23.26 -22.65
N PRO B 243 18.28 -23.98 -22.48
CA PRO B 243 19.54 -23.56 -23.10
C PRO B 243 19.45 -23.57 -24.62
N LYS B 244 20.27 -22.73 -25.24
CA LYS B 244 20.36 -22.61 -26.68
C LYS B 244 21.70 -23.15 -27.17
N ALA B 245 21.71 -23.60 -28.42
CA ALA B 245 22.92 -24.16 -29.00
C ALA B 245 23.98 -23.09 -29.17
N LYS B 246 25.24 -23.52 -29.16
CA LYS B 246 26.35 -22.60 -29.29
C LYS B 246 26.41 -22.01 -30.70
N ARG B 247 26.72 -20.72 -30.76
CA ARG B 247 26.93 -20.02 -32.02
C ARG B 247 28.43 -20.06 -32.32
N MET B 248 28.84 -20.98 -33.18
CA MET B 248 30.26 -21.22 -33.36
C MET B 248 30.92 -19.99 -33.98
N LEU B 249 32.13 -19.68 -33.50
CA LEU B 249 32.80 -18.44 -33.89
C LEU B 249 32.98 -18.27 -35.39
N PRO B 250 33.37 -19.29 -36.17
CA PRO B 250 33.51 -19.08 -37.61
C PRO B 250 32.25 -18.56 -38.29
N SER B 251 31.08 -18.84 -37.71
CA SER B 251 29.85 -18.25 -38.23
C SER B 251 29.86 -16.75 -38.12
N VAL B 252 30.52 -16.21 -37.08
CA VAL B 252 30.55 -14.77 -36.86
C VAL B 252 31.68 -14.18 -37.69
N ILE B 253 31.32 -13.46 -38.74
CA ILE B 253 32.28 -12.83 -39.64
C ILE B 253 32.50 -11.39 -39.15
N LEU B 254 33.73 -11.09 -38.79
CA LEU B 254 34.14 -9.75 -38.38
C LEU B 254 35.33 -9.30 -39.20
N ASP B 255 35.73 -8.05 -39.01
CA ASP B 255 36.86 -7.50 -39.73
C ASP B 255 38.13 -8.24 -39.36
N SER B 256 39.17 -8.06 -40.17
CA SER B 256 40.39 -8.85 -40.01
C SER B 256 41.07 -8.52 -38.68
N GLY B 257 41.39 -9.57 -37.92
CA GLY B 257 42.18 -9.43 -36.71
C GLY B 257 41.37 -9.10 -35.46
N ILE B 258 40.12 -8.67 -35.63
CA ILE B 258 39.31 -8.28 -34.49
C ILE B 258 39.02 -9.48 -33.61
N LYS B 259 38.50 -10.55 -34.23
CA LYS B 259 38.18 -11.76 -33.48
C LYS B 259 39.43 -12.35 -32.85
N GLU B 260 40.52 -12.41 -33.61
CA GLU B 260 41.75 -13.00 -33.10
C GLU B 260 42.31 -12.17 -31.95
N GLY B 261 42.30 -10.84 -32.10
CA GLY B 261 42.82 -10.00 -31.04
C GLY B 261 42.01 -10.13 -29.76
N ILE B 262 40.68 -10.14 -29.89
CA ILE B 262 39.83 -10.26 -28.72
C ILE B 262 40.05 -11.61 -28.04
N LEU B 263 40.15 -12.68 -28.83
CA LEU B 263 40.36 -14.00 -28.26
C LEU B 263 41.71 -14.07 -27.54
N ASP B 264 42.76 -13.49 -28.15
CA ASP B 264 44.06 -13.49 -27.50
C ASP B 264 44.01 -12.72 -26.19
N ASP B 265 43.36 -11.57 -26.18
CA ASP B 265 43.24 -10.78 -24.96
C ASP B 265 42.52 -11.57 -23.88
N VAL B 266 41.42 -12.21 -24.24
CA VAL B 266 40.62 -12.94 -23.26
C VAL B 266 41.42 -14.11 -22.70
N TYR B 267 42.09 -14.86 -23.57
CA TYR B 267 42.87 -16.00 -23.09
C TYR B 267 44.02 -15.55 -22.21
N ASP B 268 44.67 -14.44 -22.58
CA ASP B 268 45.74 -13.90 -21.75
C ASP B 268 45.21 -13.53 -20.37
N PHE B 269 44.03 -12.91 -20.32
CA PHE B 269 43.47 -12.53 -19.02
C PHE B 269 43.12 -13.76 -18.19
N MET B 270 42.44 -14.74 -18.79
CA MET B 270 42.01 -15.91 -18.03
C MET B 270 43.21 -16.69 -17.52
N LYS B 271 44.24 -16.85 -18.36
CA LYS B 271 45.39 -17.65 -17.96
C LYS B 271 46.20 -16.96 -16.87
N ASN B 272 46.43 -15.65 -17.01
CA ASN B 272 47.26 -14.90 -16.08
C ASN B 272 46.44 -14.48 -14.86
N GLY B 273 46.11 -15.47 -14.04
CA GLY B 273 45.36 -15.23 -12.82
C GLY B 273 46.22 -14.71 -11.68
N LYS B 274 47.26 -15.48 -11.32
CA LYS B 274 48.09 -15.08 -10.21
C LYS B 274 48.87 -13.80 -10.49
N TRP B 275 49.16 -13.55 -11.77
CA TRP B 275 49.96 -12.39 -12.12
C TRP B 275 49.30 -11.10 -11.67
N TYR B 276 47.97 -11.03 -11.77
CA TYR B 276 47.24 -9.86 -11.28
C TYR B 276 47.43 -9.71 -9.77
N SER B 277 47.31 -10.82 -9.03
CA SER B 277 47.38 -10.74 -7.58
C SER B 277 48.77 -10.36 -7.10
N ASP B 278 49.81 -10.92 -7.74
CA ASP B 278 51.18 -10.65 -7.30
C ASP B 278 51.51 -9.17 -7.39
N ARG B 279 50.92 -8.48 -8.36
CA ARG B 279 51.14 -7.06 -8.58
C ARG B 279 49.97 -6.21 -8.10
N GLY B 280 49.05 -6.78 -7.34
CA GLY B 280 48.02 -6.02 -6.67
C GLY B 280 47.05 -5.30 -7.59
N ILE B 281 46.53 -6.00 -8.59
CA ILE B 281 45.51 -5.46 -9.48
C ILE B 281 44.25 -6.30 -9.31
N PRO B 282 43.05 -5.74 -9.43
CA PRO B 282 41.85 -6.59 -9.39
C PRO B 282 41.80 -7.50 -10.61
N TYR B 283 41.61 -8.79 -10.37
CA TYR B 283 41.51 -9.76 -11.46
C TYR B 283 40.13 -9.68 -12.08
N ARG B 284 39.92 -8.60 -12.83
CA ARG B 284 38.64 -8.35 -13.48
C ARG B 284 38.92 -7.53 -14.73
N ARG B 285 38.24 -7.87 -15.82
CA ARG B 285 38.45 -7.22 -17.10
C ARG B 285 37.10 -6.93 -17.75
N GLY B 286 37.07 -5.84 -18.52
CA GLY B 286 35.86 -5.41 -19.19
C GLY B 286 36.11 -5.04 -20.63
N TYR B 287 35.24 -5.50 -21.51
CA TYR B 287 35.35 -5.29 -22.95
C TYR B 287 34.16 -4.48 -23.43
N LEU B 288 34.39 -3.65 -24.45
CA LEU B 288 33.35 -2.84 -25.06
C LEU B 288 33.35 -3.07 -26.56
N LEU B 289 32.16 -3.29 -27.11
CA LEU B 289 31.94 -3.47 -28.54
C LEU B 289 30.94 -2.43 -29.01
N TYR B 290 31.45 -1.34 -29.56
CA TYR B 290 30.63 -0.23 -30.02
C TYR B 290 30.61 -0.20 -31.54
N GLY B 291 29.42 -0.03 -32.12
CA GLY B 291 29.28 0.05 -33.55
C GLY B 291 27.84 0.18 -33.99
N PRO B 292 27.62 0.31 -35.29
CA PRO B 292 26.26 0.46 -35.80
C PRO B 292 25.42 -0.78 -35.53
N PRO B 293 24.10 -0.67 -35.65
CA PRO B 293 23.26 -1.86 -35.42
C PRO B 293 23.48 -2.91 -36.50
N GLY B 294 23.21 -4.16 -36.12
CA GLY B 294 23.38 -5.27 -37.05
C GLY B 294 24.80 -5.45 -37.54
N SER B 295 25.77 -5.24 -36.66
CA SER B 295 27.19 -5.40 -36.99
C SER B 295 27.78 -6.68 -36.42
N GLY B 296 27.00 -7.48 -35.71
CA GLY B 296 27.47 -8.75 -35.17
C GLY B 296 27.98 -8.68 -33.76
N LYS B 297 27.70 -7.61 -33.02
CA LYS B 297 28.21 -7.46 -31.67
C LYS B 297 27.70 -8.58 -30.76
N THR B 298 26.39 -8.59 -30.51
CA THR B 298 25.82 -9.57 -29.60
C THR B 298 26.02 -10.99 -30.11
N SER B 299 26.03 -11.17 -31.43
CA SER B 299 26.33 -12.48 -31.99
C SER B 299 27.74 -12.91 -31.59
N PHE B 300 28.70 -11.99 -31.65
CA PHE B 300 30.06 -12.32 -31.25
C PHE B 300 30.12 -12.61 -29.75
N ILE B 301 29.33 -11.89 -28.96
CA ILE B 301 29.29 -12.17 -27.52
C ILE B 301 28.82 -13.60 -27.29
N GLN B 302 27.73 -13.99 -27.98
CA GLN B 302 27.23 -15.34 -27.87
C GLN B 302 28.28 -16.36 -28.28
N ALA B 303 28.97 -16.09 -29.38
CA ALA B 303 29.94 -17.05 -29.90
C ALA B 303 31.12 -17.19 -28.95
N LEU B 304 31.62 -16.08 -28.41
CA LEU B 304 32.73 -16.16 -27.48
C LEU B 304 32.33 -16.89 -26.21
N ALA B 305 31.13 -16.63 -25.71
CA ALA B 305 30.66 -17.34 -24.53
C ALA B 305 30.58 -18.84 -24.80
N GLY B 306 30.08 -19.22 -25.97
CA GLY B 306 30.04 -20.63 -26.32
C GLY B 306 31.42 -21.24 -26.45
N GLU B 307 32.36 -20.48 -27.04
CA GLU B 307 33.72 -20.99 -27.22
C GLU B 307 34.38 -21.24 -25.87
N LEU B 308 34.23 -20.31 -24.94
CA LEU B 308 34.78 -20.50 -23.60
C LEU B 308 33.93 -21.43 -22.74
N ASP B 309 32.76 -21.84 -23.21
CA ASP B 309 31.82 -22.66 -22.45
C ASP B 309 31.24 -21.94 -21.25
N TYR B 310 31.31 -20.60 -21.25
CA TYR B 310 30.76 -19.81 -20.16
C TYR B 310 29.28 -19.56 -20.38
N ASN B 311 28.62 -19.10 -19.33
CA ASN B 311 27.20 -18.79 -19.35
C ASN B 311 27.00 -17.28 -19.26
N ILE B 312 26.22 -16.73 -20.18
CA ILE B 312 25.96 -15.30 -20.19
C ILE B 312 24.97 -14.95 -19.09
N CYS B 313 25.27 -13.89 -18.36
CA CYS B 313 24.38 -13.35 -17.33
C CYS B 313 23.96 -11.95 -17.80
N ILE B 314 22.90 -11.90 -18.60
CA ILE B 314 22.44 -10.63 -19.14
C ILE B 314 21.84 -9.79 -18.02
N LEU B 315 22.06 -8.49 -18.09
CA LEU B 315 21.58 -7.55 -17.08
C LEU B 315 21.07 -6.29 -17.76
N ASN B 316 19.89 -5.85 -17.37
CA ASN B 316 19.26 -4.64 -17.90
C ASN B 316 19.24 -3.59 -16.80
N LEU B 317 20.05 -2.54 -16.98
CA LEU B 317 20.14 -1.49 -15.97
C LEU B 317 18.96 -0.54 -16.05
N SER B 318 18.32 -0.41 -17.22
CA SER B 318 17.15 0.44 -17.34
C SER B 318 15.98 -0.08 -16.52
N GLU B 319 16.04 -1.33 -16.07
CA GLU B 319 15.05 -1.88 -15.16
C GLU B 319 14.87 -0.96 -13.95
N ASN B 320 13.63 -0.50 -13.75
CA ASN B 320 13.38 0.51 -12.72
C ASN B 320 13.53 -0.06 -11.31
N ASN B 321 13.04 -1.29 -11.10
CA ASN B 321 13.13 -1.89 -9.77
C ASN B 321 14.57 -2.14 -9.34
N LEU B 322 15.52 -2.12 -10.28
CA LEU B 322 16.91 -2.33 -9.93
C LEU B 322 17.41 -1.23 -9.01
N THR B 323 18.27 -1.62 -8.07
CA THR B 323 18.88 -0.69 -7.12
C THR B 323 20.37 -0.95 -7.04
N ASP B 324 21.09 0.01 -6.46
CA ASP B 324 22.54 -0.10 -6.38
C ASP B 324 22.96 -1.30 -5.54
N ASP B 325 22.31 -1.52 -4.41
CA ASP B 325 22.62 -2.68 -3.58
C ASP B 325 22.29 -3.97 -4.31
N ARG B 326 21.13 -4.01 -4.97
CA ARG B 326 20.77 -5.17 -5.77
C ARG B 326 21.78 -5.41 -6.88
N LEU B 327 22.23 -4.32 -7.52
CA LEU B 327 23.24 -4.43 -8.57
C LEU B 327 24.52 -5.03 -8.03
N ASN B 328 24.99 -4.53 -6.89
CA ASN B 328 26.24 -5.02 -6.32
C ASN B 328 26.12 -6.48 -5.95
N HIS B 329 25.00 -6.86 -5.34
CA HIS B 329 24.79 -8.26 -4.98
C HIS B 329 24.76 -9.15 -6.21
N LEU B 330 24.09 -8.70 -7.27
CA LEU B 330 24.00 -9.51 -8.48
C LEU B 330 25.37 -9.71 -9.12
N MET B 331 26.14 -8.62 -9.24
CA MET B 331 27.47 -8.75 -9.83
C MET B 331 28.46 -9.45 -8.91
N ASN B 332 28.13 -9.60 -7.62
CA ASN B 332 28.98 -10.34 -6.70
C ASN B 332 28.57 -11.79 -6.51
N ASN B 333 27.30 -12.13 -6.81
CA ASN B 333 26.78 -13.48 -6.65
C ASN B 333 26.50 -14.14 -8.00
N MET B 334 27.28 -13.80 -9.01
CA MET B 334 27.09 -14.42 -10.31
C MET B 334 27.48 -15.90 -10.24
N PRO B 335 26.81 -16.77 -11.01
CA PRO B 335 27.28 -18.15 -11.08
C PRO B 335 28.66 -18.23 -11.72
N GLU B 336 29.43 -19.23 -11.32
CA GLU B 336 30.79 -19.35 -11.79
C GLU B 336 30.82 -19.76 -13.25
N ARG B 337 31.95 -19.49 -13.90
CA ARG B 337 32.13 -19.77 -15.33
C ARG B 337 31.06 -19.04 -16.14
N SER B 338 30.96 -17.73 -15.93
CA SER B 338 29.93 -16.92 -16.55
C SER B 338 30.52 -15.60 -17.02
N ILE B 339 29.83 -14.99 -17.98
CA ILE B 339 30.21 -13.72 -18.56
C ILE B 339 29.07 -12.74 -18.33
N LEU B 340 29.40 -11.57 -17.79
CA LEU B 340 28.42 -10.52 -17.62
C LEU B 340 28.25 -9.77 -18.94
N LEU B 341 27.00 -9.43 -19.25
CA LEU B 341 26.67 -8.72 -20.48
C LEU B 341 25.77 -7.55 -20.17
N LEU B 342 26.16 -6.37 -20.65
CA LEU B 342 25.40 -5.13 -20.46
C LEU B 342 25.11 -4.57 -21.84
N GLU B 343 23.98 -4.98 -22.41
CA GLU B 343 23.59 -4.51 -23.73
C GLU B 343 23.11 -3.07 -23.64
N ASP B 344 23.64 -2.21 -24.51
CA ASP B 344 23.27 -0.81 -24.57
C ASP B 344 23.47 -0.14 -23.22
N ILE B 345 24.74 -0.10 -22.80
CA ILE B 345 25.11 0.57 -21.56
C ILE B 345 24.88 2.08 -21.63
N ASP B 346 24.66 2.62 -22.83
CA ASP B 346 24.40 4.05 -22.97
C ASP B 346 22.97 4.43 -22.58
N ALA B 347 22.14 3.46 -22.18
CA ALA B 347 20.76 3.77 -21.86
C ALA B 347 20.66 4.74 -20.70
N ALA B 348 21.50 4.56 -19.68
CA ALA B 348 21.52 5.46 -18.53
C ALA B 348 21.85 6.89 -18.96
N SER B 363 16.40 2.90 -11.25
CA SER B 363 16.72 3.54 -9.97
C SER B 363 18.22 3.53 -9.69
N VAL B 364 19.00 2.86 -10.54
CA VAL B 364 20.44 2.78 -10.34
C VAL B 364 21.05 4.17 -10.47
N THR B 365 22.14 4.39 -9.75
CA THR B 365 22.85 5.65 -9.76
C THR B 365 24.15 5.53 -10.55
N PHE B 366 24.55 6.64 -11.15
CA PHE B 366 25.77 6.67 -11.94
C PHE B 366 26.99 6.33 -11.09
N SER B 367 27.09 6.95 -9.91
CA SER B 367 28.20 6.67 -9.02
C SER B 367 28.17 5.23 -8.53
N GLY B 368 26.98 4.72 -8.23
CA GLY B 368 26.87 3.34 -7.80
C GLY B 368 27.34 2.37 -8.86
N LEU B 369 26.94 2.62 -10.11
CA LEU B 369 27.40 1.79 -11.21
C LEU B 369 28.92 1.86 -11.36
N LEU B 370 29.47 3.07 -11.29
CA LEU B 370 30.91 3.23 -11.46
C LEU B 370 31.67 2.48 -10.38
N ASN B 371 31.21 2.58 -9.14
CA ASN B 371 31.86 1.87 -8.05
C ASN B 371 31.70 0.36 -8.21
N ALA B 372 30.53 -0.08 -8.67
CA ALA B 372 30.31 -1.51 -8.84
C ALA B 372 31.25 -2.09 -9.89
N LEU B 373 31.41 -1.41 -11.02
CA LEU B 373 32.29 -1.91 -12.07
C LEU B 373 33.73 -1.91 -11.61
N ASP B 374 34.21 -0.79 -11.08
CA ASP B 374 35.57 -0.67 -10.58
C ASP B 374 35.51 0.07 -9.25
N GLY B 375 35.65 -0.66 -8.16
CA GLY B 375 35.57 -0.05 -6.85
C GLY B 375 35.77 -1.09 -5.77
N VAL B 376 35.57 -0.65 -4.53
CA VAL B 376 35.79 -1.52 -3.40
C VAL B 376 34.81 -2.69 -3.42
N THR B 377 33.54 -2.40 -3.71
CA THR B 377 32.52 -3.45 -3.73
C THR B 377 32.57 -4.30 -4.99
N SER B 378 33.40 -3.95 -5.97
CA SER B 378 33.46 -4.72 -7.20
C SER B 378 33.95 -6.14 -6.92
N SER B 379 33.42 -7.09 -7.69
CA SER B 379 33.75 -8.49 -7.49
C SER B 379 35.10 -8.80 -8.12
N GLU B 380 35.44 -10.09 -8.17
CA GLU B 380 36.73 -10.56 -8.65
C GLU B 380 36.52 -11.76 -9.57
N GLU B 381 37.45 -11.92 -10.51
CA GLU B 381 37.44 -13.06 -11.43
C GLU B 381 36.18 -13.04 -12.28
N THR B 382 35.88 -11.89 -12.86
CA THR B 382 34.70 -11.69 -13.68
C THR B 382 35.08 -11.00 -14.99
N ILE B 383 34.37 -11.36 -16.05
CA ILE B 383 34.53 -10.75 -17.37
C ILE B 383 33.19 -10.15 -17.76
N THR B 384 33.22 -8.88 -18.16
CA THR B 384 32.01 -8.13 -18.51
C THR B 384 32.14 -7.61 -19.93
N PHE B 385 31.04 -7.65 -20.67
CA PHE B 385 30.98 -7.18 -22.05
C PHE B 385 29.89 -6.13 -22.17
N MET B 386 30.23 -5.01 -22.78
CA MET B 386 29.30 -3.90 -22.98
C MET B 386 29.19 -3.61 -24.47
N THR B 387 27.99 -3.16 -24.89
CA THR B 387 27.71 -2.84 -26.28
C THR B 387 26.98 -1.52 -26.36
N THR B 388 27.26 -0.77 -27.43
CA THR B 388 26.55 0.47 -27.70
C THR B 388 26.48 0.71 -29.19
N ASN B 389 25.51 1.53 -29.58
CA ASN B 389 25.51 2.18 -30.88
C ASN B 389 25.80 3.67 -30.77
N HIS B 390 25.89 4.21 -29.56
CA HIS B 390 26.14 5.63 -29.32
C HIS B 390 27.21 5.75 -28.24
N PRO B 391 28.44 5.38 -28.55
CA PRO B 391 29.50 5.47 -27.54
C PRO B 391 29.77 6.89 -27.08
N GLU B 392 29.43 7.89 -27.89
CA GLU B 392 29.67 9.28 -27.53
C GLU B 392 28.92 9.66 -26.25
N LYS B 393 27.78 9.02 -25.99
CA LYS B 393 27.02 9.34 -24.78
C LYS B 393 27.81 9.02 -23.53
N LEU B 394 28.61 7.95 -23.56
CA LEU B 394 29.34 7.52 -22.38
C LEU B 394 30.37 8.58 -21.98
N ASP B 395 30.50 8.78 -20.68
CA ASP B 395 31.42 9.78 -20.15
C ASP B 395 32.83 9.21 -20.09
N ALA B 396 33.74 9.98 -19.51
CA ALA B 396 35.13 9.56 -19.43
C ALA B 396 35.34 8.54 -18.31
N ALA B 397 34.64 8.71 -17.19
CA ALA B 397 34.85 7.84 -16.04
C ALA B 397 34.47 6.41 -16.35
N ILE B 398 33.34 6.21 -17.02
CA ILE B 398 32.93 4.86 -17.37
C ILE B 398 33.90 4.24 -18.38
N MET B 399 34.42 5.05 -19.28
CA MET B 399 35.41 4.60 -20.25
C MET B 399 36.82 4.56 -19.70
N ARG B 400 36.97 4.62 -18.38
CA ARG B 400 38.28 4.48 -17.77
C ARG B 400 38.85 3.10 -18.10
N PRO B 401 40.16 2.98 -18.31
CA PRO B 401 40.72 1.64 -18.60
C PRO B 401 40.43 0.61 -17.53
N GLY B 402 40.37 1.02 -16.27
CA GLY B 402 40.09 0.08 -15.20
C GLY B 402 38.72 -0.57 -15.33
N ARG B 403 37.75 0.13 -15.91
CA ARG B 403 36.41 -0.39 -16.11
C ARG B 403 36.23 -0.97 -17.51
N ILE B 404 36.63 -0.23 -18.53
CA ILE B 404 36.62 -0.70 -19.92
C ILE B 404 38.07 -0.82 -20.36
N ASP B 405 38.64 -2.02 -20.21
CA ASP B 405 40.04 -2.21 -20.55
C ASP B 405 40.24 -2.28 -22.06
N TYR B 406 39.30 -2.88 -22.77
CA TYR B 406 39.39 -3.11 -24.21
C TYR B 406 38.16 -2.55 -24.89
N LYS B 407 38.37 -1.77 -25.94
CA LYS B 407 37.29 -1.17 -26.72
C LYS B 407 37.51 -1.49 -28.19
N VAL B 408 36.45 -1.96 -28.85
CA VAL B 408 36.53 -2.43 -30.22
C VAL B 408 35.40 -1.80 -31.02
N PHE B 409 35.71 -1.43 -32.26
CA PHE B 409 34.74 -0.83 -33.18
C PHE B 409 34.22 -1.91 -34.10
N VAL B 410 33.03 -2.42 -33.81
CA VAL B 410 32.38 -3.42 -34.67
C VAL B 410 31.58 -2.63 -35.71
N GLY B 411 32.29 -2.20 -36.74
CA GLY B 411 31.72 -1.30 -37.73
C GLY B 411 30.91 -2.00 -38.78
N ASN B 412 30.51 -1.22 -39.79
CA ASN B 412 29.73 -1.75 -40.89
C ASN B 412 30.56 -2.73 -41.71
N ALA B 413 29.90 -3.37 -42.66
CA ALA B 413 30.56 -4.40 -43.46
C ALA B 413 31.68 -3.80 -44.31
N THR B 414 32.74 -4.59 -44.46
CA THR B 414 33.89 -4.28 -45.29
C THR B 414 34.07 -5.39 -46.31
N PRO B 415 34.82 -5.14 -47.39
CA PRO B 415 34.92 -6.13 -48.48
C PRO B 415 35.36 -7.50 -48.00
N TYR B 416 36.28 -7.54 -47.04
CA TYR B 416 36.68 -8.81 -46.43
C TYR B 416 35.48 -9.49 -45.79
N GLN B 417 34.71 -8.73 -44.99
CA GLN B 417 33.54 -9.30 -44.34
C GLN B 417 32.52 -9.77 -45.36
N VAL B 418 32.30 -8.99 -46.41
CA VAL B 418 31.34 -9.37 -47.45
C VAL B 418 31.75 -10.68 -48.09
N GLU B 419 33.03 -10.78 -48.47
CA GLU B 419 33.53 -11.99 -49.11
C GLU B 419 33.35 -13.20 -48.19
N LYS B 420 33.78 -13.08 -46.94
CA LYS B 420 33.73 -14.23 -46.04
C LYS B 420 32.29 -14.62 -45.73
N MET B 421 31.39 -13.64 -45.62
CA MET B 421 29.98 -13.97 -45.45
C MET B 421 29.44 -14.73 -46.65
N PHE B 422 29.82 -14.30 -47.86
CA PHE B 422 29.37 -15.00 -49.05
C PHE B 422 29.86 -16.44 -49.06
N MET B 423 31.13 -16.67 -48.72
CA MET B 423 31.61 -18.05 -48.62
C MET B 423 30.85 -18.83 -47.55
N LYS B 424 30.54 -18.18 -46.43
CA LYS B 424 29.80 -18.88 -45.38
C LYS B 424 28.43 -19.32 -45.87
N PHE B 425 27.74 -18.45 -46.59
CA PHE B 425 26.39 -18.76 -47.05
C PHE B 425 26.40 -19.52 -48.37
N TYR B 426 27.38 -19.25 -49.23
CA TYR B 426 27.52 -19.91 -50.53
C TYR B 426 28.93 -20.47 -50.65
N PRO B 427 29.25 -21.54 -49.91
CA PRO B 427 30.59 -22.10 -49.98
C PRO B 427 30.92 -22.64 -51.37
N GLY B 428 32.17 -22.49 -51.75
CA GLY B 428 32.65 -22.99 -53.03
C GLY B 428 32.50 -22.01 -54.17
N GLU B 429 31.57 -21.06 -54.04
CA GLU B 429 31.30 -20.10 -55.10
C GLU B 429 32.30 -18.94 -55.01
N THR B 430 33.43 -19.10 -55.69
CA THR B 430 34.52 -18.12 -55.59
C THR B 430 34.35 -16.99 -56.61
N ASP B 431 34.23 -17.34 -57.90
CA ASP B 431 34.06 -16.31 -58.92
C ASP B 431 32.78 -15.52 -58.68
N ILE B 432 31.71 -16.20 -58.29
CA ILE B 432 30.46 -15.52 -57.98
C ILE B 432 30.67 -14.57 -56.80
N CYS B 433 31.45 -15.01 -55.81
CA CYS B 433 31.85 -14.10 -54.73
C CYS B 433 32.58 -12.88 -55.27
N LYS B 434 33.54 -13.10 -56.17
CA LYS B 434 34.33 -11.98 -56.68
C LYS B 434 33.42 -10.96 -57.36
N LYS B 435 32.51 -11.44 -58.20
CA LYS B 435 31.59 -10.53 -58.88
C LYS B 435 30.66 -9.86 -57.88
N PHE B 436 30.23 -10.58 -56.84
CA PHE B 436 29.34 -10.01 -55.84
C PHE B 436 30.02 -8.89 -55.07
N VAL B 437 31.26 -9.11 -54.65
CA VAL B 437 31.96 -8.07 -53.89
C VAL B 437 32.26 -6.89 -54.79
N ASN B 438 32.60 -7.13 -56.07
CA ASN B 438 32.81 -6.03 -56.98
C ASN B 438 31.54 -5.20 -57.15
N SER B 439 30.39 -5.87 -57.29
CA SER B 439 29.12 -5.16 -57.42
C SER B 439 28.81 -4.37 -56.16
N VAL B 440 29.07 -4.96 -54.99
CA VAL B 440 28.81 -4.27 -53.73
C VAL B 440 29.68 -3.02 -53.62
N LYS B 441 30.95 -3.14 -54.01
CA LYS B 441 31.83 -1.97 -54.01
C LYS B 441 31.31 -0.92 -54.97
N GLU B 442 30.88 -1.34 -56.16
CA GLU B 442 30.38 -0.40 -57.16
C GLU B 442 29.11 0.30 -56.70
N LEU B 443 28.33 -0.36 -55.84
CA LEU B 443 27.09 0.26 -55.35
C LEU B 443 27.38 1.45 -54.45
N ASP B 444 28.52 1.44 -53.75
CA ASP B 444 28.92 2.53 -52.87
C ASP B 444 27.87 2.80 -51.80
N ILE B 445 27.67 1.80 -50.94
CA ILE B 445 26.66 1.85 -49.88
C ILE B 445 27.31 1.41 -48.57
N THR B 446 26.79 1.94 -47.47
CA THR B 446 27.23 1.55 -46.13
C THR B 446 26.40 0.36 -45.65
N VAL B 447 26.51 -0.74 -46.42
CA VAL B 447 25.74 -1.93 -46.11
C VAL B 447 26.20 -2.52 -44.79
N SER B 448 25.23 -2.95 -43.99
CA SER B 448 25.51 -3.64 -42.74
C SER B 448 25.62 -5.15 -42.98
N THR B 449 26.21 -5.83 -42.02
CA THR B 449 26.33 -7.28 -42.10
C THR B 449 24.97 -7.96 -42.07
N ALA B 450 24.07 -7.48 -41.22
CA ALA B 450 22.74 -8.08 -41.13
C ALA B 450 21.98 -7.92 -42.44
N GLN B 451 22.22 -6.82 -43.16
CA GLN B 451 21.62 -6.65 -44.47
C GLN B 451 22.08 -7.75 -45.42
N LEU B 452 23.37 -8.06 -45.39
CA LEU B 452 23.91 -9.13 -46.22
C LEU B 452 23.29 -10.46 -45.83
N GLN B 453 23.15 -10.72 -44.53
CA GLN B 453 22.54 -11.96 -44.10
C GLN B 453 21.11 -12.07 -44.61
N GLY B 454 20.35 -10.98 -44.50
CA GLY B 454 18.98 -11.00 -44.99
C GLY B 454 18.91 -11.24 -46.48
N LEU B 455 19.79 -10.59 -47.24
CA LEU B 455 19.81 -10.79 -48.69
C LEU B 455 20.12 -12.23 -49.04
N PHE B 456 21.10 -12.83 -48.36
CA PHE B 456 21.43 -14.22 -48.65
C PHE B 456 20.30 -15.15 -48.23
N VAL B 457 19.58 -14.80 -47.16
CA VAL B 457 18.47 -15.63 -46.72
C VAL B 457 17.33 -15.59 -47.74
N MET B 458 17.08 -14.40 -48.32
CA MET B 458 16.10 -14.31 -49.39
C MET B 458 16.46 -15.25 -50.53
N ASN B 459 17.70 -15.18 -50.99
CA ASN B 459 18.19 -16.00 -52.09
C ASN B 459 18.90 -17.24 -51.55
N LYS B 460 18.14 -18.03 -50.80
CA LYS B 460 18.69 -19.24 -50.19
C LYS B 460 19.21 -20.20 -51.24
N ASP B 461 20.42 -20.70 -51.02
CA ASP B 461 21.15 -21.57 -51.95
C ASP B 461 20.95 -21.13 -53.40
N ALA B 462 21.11 -19.84 -53.63
CA ALA B 462 20.93 -19.23 -54.95
C ALA B 462 21.90 -18.08 -55.09
N PRO B 463 23.20 -18.36 -55.26
CA PRO B 463 24.18 -17.28 -55.38
C PRO B 463 23.90 -16.32 -56.53
N HIS B 464 23.42 -16.85 -57.66
CA HIS B 464 23.09 -15.98 -58.78
C HIS B 464 21.95 -15.04 -58.43
N ASP B 465 20.92 -15.55 -57.75
CA ASP B 465 19.82 -14.70 -57.34
C ASP B 465 20.28 -13.62 -56.37
N ALA B 466 21.20 -13.98 -55.46
CA ALA B 466 21.76 -12.98 -54.56
C ALA B 466 22.52 -11.92 -55.33
N LEU B 467 23.27 -12.33 -56.35
CA LEU B 467 23.97 -11.37 -57.18
C LEU B 467 22.98 -10.43 -57.87
N LYS B 468 21.86 -10.97 -58.34
CA LYS B 468 20.86 -10.14 -58.99
C LYS B 468 20.24 -9.14 -58.02
N MET B 469 19.91 -9.61 -56.81
CA MET B 469 19.25 -8.78 -55.81
C MET B 469 20.20 -7.89 -55.03
N VAL B 470 21.50 -7.97 -55.29
CA VAL B 470 22.50 -7.13 -54.64
C VAL B 470 22.09 -5.66 -54.61
N SER B 471 21.40 -5.20 -55.66
CA SER B 471 20.96 -3.81 -55.71
C SER B 471 19.95 -3.50 -54.62
N SER B 472 19.27 -4.52 -54.09
CA SER B 472 18.26 -4.29 -53.06
C SER B 472 18.86 -3.71 -51.80
N LEU B 473 20.14 -3.98 -51.54
CA LEU B 473 20.78 -3.48 -50.32
C LEU B 473 20.79 -1.97 -50.27
N ARG B 474 20.80 -1.31 -51.42
CA ARG B 474 20.87 0.15 -51.46
C ARG B 474 19.65 0.77 -50.78
N ASN B 475 18.47 0.23 -51.03
CA ASN B 475 17.26 0.75 -50.43
C ASN B 475 17.20 0.39 -48.95
N ALA B 476 16.58 1.28 -48.18
CA ALA B 476 16.36 1.05 -46.75
C ALA B 476 14.94 1.35 -46.31
N ASN B 477 14.12 1.95 -47.17
CA ASN B 477 12.73 2.23 -46.83
C ASN B 477 11.93 2.59 -48.08
N ASN C 73 -18.73 -53.10 61.11
CA ASN C 73 -19.91 -52.33 60.75
C ASN C 73 -20.39 -52.73 59.36
N PRO C 74 -21.68 -52.52 59.06
CA PRO C 74 -22.17 -52.81 57.70
C PRO C 74 -21.52 -51.94 56.64
N TYR C 75 -20.95 -50.79 57.00
CA TYR C 75 -20.29 -49.95 56.02
C TYR C 75 -19.03 -50.59 55.48
N PHE C 76 -18.45 -51.54 56.22
CA PHE C 76 -17.25 -52.23 55.75
C PHE C 76 -17.53 -53.05 54.50
N ALA C 77 -18.78 -53.44 54.28
CA ALA C 77 -19.12 -54.21 53.08
C ALA C 77 -18.82 -53.41 51.82
N ALA C 78 -19.13 -52.10 51.83
CA ALA C 78 -18.84 -51.26 50.68
C ALA C 78 -17.33 -51.13 50.47
N GLY C 79 -16.64 -50.56 51.45
CA GLY C 79 -15.20 -50.41 51.37
C GLY C 79 -14.74 -49.60 50.19
N GLY C 80 -15.30 -48.39 50.03
CA GLY C 80 -14.99 -47.54 48.90
C GLY C 80 -13.82 -46.59 49.10
N GLY C 81 -13.06 -46.73 50.19
CA GLY C 81 -11.94 -45.82 50.42
C GLY C 81 -10.81 -45.99 49.43
N LEU C 82 -10.68 -47.16 48.81
CA LEU C 82 -9.65 -47.38 47.82
C LEU C 82 -9.82 -46.47 46.61
N MET C 83 -11.07 -46.13 46.28
CA MET C 83 -11.31 -45.14 45.23
C MET C 83 -10.72 -43.79 45.63
N ILE C 84 -10.90 -43.41 46.89
CA ILE C 84 -10.33 -42.14 47.38
C ILE C 84 -8.82 -42.17 47.30
N LEU C 85 -8.21 -43.28 47.73
CA LEU C 85 -6.76 -43.39 47.67
C LEU C 85 -6.26 -43.35 46.23
N GLY C 86 -6.98 -44.01 45.32
CA GLY C 86 -6.59 -44.00 43.92
C GLY C 86 -6.62 -42.60 43.33
N THR C 87 -7.71 -41.86 43.61
CA THR C 87 -7.79 -40.48 43.13
C THR C 87 -6.68 -39.63 43.73
N GLY C 88 -6.41 -39.80 45.03
CA GLY C 88 -5.36 -39.03 45.67
C GLY C 88 -4.00 -39.28 45.07
N LEU C 89 -3.66 -40.55 44.87
CA LEU C 89 -2.34 -40.87 44.31
C LEU C 89 -2.25 -40.49 42.84
N ALA C 90 -3.35 -40.56 42.10
CA ALA C 90 -3.32 -40.10 40.70
C ALA C 90 -3.07 -38.59 40.64
N VAL C 91 -3.76 -37.82 41.48
CA VAL C 91 -3.55 -36.38 41.52
C VAL C 91 -2.13 -36.07 41.96
N ALA C 92 -1.62 -36.81 42.94
CA ALA C 92 -0.25 -36.60 43.39
C ALA C 92 0.75 -36.91 42.27
N ARG C 93 0.50 -37.98 41.52
CA ARG C 93 1.37 -38.32 40.41
C ARG C 93 1.38 -37.22 39.35
N SER C 94 0.19 -36.71 39.01
CA SER C 94 0.12 -35.63 38.02
C SER C 94 0.84 -34.38 38.53
N GLY C 95 0.63 -34.01 39.78
CA GLY C 95 1.29 -32.85 40.33
C GLY C 95 2.79 -32.99 40.37
N ILE C 96 3.27 -34.18 40.76
CA ILE C 96 4.71 -34.41 40.83
C ILE C 96 5.32 -34.41 39.44
N ILE C 97 4.59 -34.95 38.46
CA ILE C 97 5.09 -34.93 37.09
C ILE C 97 5.21 -33.50 36.60
N LYS C 98 4.20 -32.67 36.87
CA LYS C 98 4.28 -31.26 36.47
C LYS C 98 5.42 -30.55 37.18
N ALA C 99 5.60 -30.82 38.47
CA ALA C 99 6.69 -30.21 39.23
C ALA C 99 8.04 -30.57 38.62
N SER C 100 8.28 -31.87 38.39
CA SER C 100 9.52 -32.30 37.78
C SER C 100 9.68 -31.70 36.38
N ARG C 101 8.57 -31.52 35.67
CA ARG C 101 8.60 -30.85 34.37
C ARG C 101 9.06 -29.40 34.53
N VAL C 102 8.81 -28.81 35.70
CA VAL C 102 9.29 -27.45 35.98
C VAL C 102 10.64 -27.48 36.67
N LEU C 103 10.87 -28.48 37.54
CA LEU C 103 12.11 -28.52 38.31
C LEU C 103 13.33 -28.63 37.41
N TYR C 104 13.28 -29.51 36.40
CA TYR C 104 14.43 -29.66 35.52
C TYR C 104 14.74 -28.36 34.80
N ARG C 105 13.72 -27.65 34.33
CA ARG C 105 13.93 -26.43 33.54
C ARG C 105 13.99 -25.19 34.41
N GLN C 106 13.98 -25.34 35.74
CA GLN C 106 14.08 -24.19 36.63
C GLN C 106 15.49 -24.08 37.19
N MET C 107 16.13 -25.21 37.51
CA MET C 107 17.50 -25.21 38.00
C MET C 107 18.41 -26.19 37.27
N ILE C 108 17.90 -27.37 36.92
CA ILE C 108 18.78 -28.49 36.61
C ILE C 108 19.48 -28.31 35.28
N VAL C 109 18.94 -27.46 34.41
CA VAL C 109 19.59 -27.14 33.14
C VAL C 109 19.50 -25.64 32.89
N ASP C 110 20.40 -25.14 32.04
CA ASP C 110 20.48 -23.73 31.69
C ASP C 110 20.50 -23.61 30.18
N LEU C 111 20.14 -22.42 29.68
CA LEU C 111 19.96 -22.21 28.26
C LEU C 111 20.40 -20.82 27.85
N GLU C 112 20.37 -20.57 26.54
CA GLU C 112 20.75 -19.31 25.95
C GLU C 112 20.16 -19.19 24.56
N ILE C 113 19.90 -17.94 24.14
CA ILE C 113 19.36 -17.62 22.82
C ILE C 113 20.30 -16.61 22.16
N GLN C 114 20.41 -16.70 20.84
CA GLN C 114 20.95 -15.59 20.07
C GLN C 114 20.44 -15.66 18.64
N SER C 115 20.22 -14.49 18.04
CA SER C 115 19.73 -14.38 16.67
C SER C 115 20.28 -13.11 16.04
N LYS C 116 20.66 -13.22 14.76
CA LYS C 116 21.07 -12.08 13.96
C LYS C 116 22.16 -11.28 14.67
N ASP C 117 23.33 -11.88 14.83
CA ASP C 117 24.40 -11.27 15.60
C ASP C 117 25.74 -11.71 15.04
N LYS C 118 26.78 -10.91 15.35
CA LYS C 118 28.13 -11.18 14.91
C LYS C 118 28.57 -12.61 15.23
N SER C 119 28.21 -13.10 16.42
CA SER C 119 28.58 -14.45 16.83
C SER C 119 27.70 -15.51 16.18
N TYR C 120 26.57 -15.10 15.58
CA TYR C 120 25.64 -16.07 15.00
C TYR C 120 26.29 -16.89 13.89
N ALA C 121 26.87 -16.22 12.90
CA ALA C 121 27.53 -16.92 11.81
C ALA C 121 28.80 -17.61 12.31
N TRP C 122 29.52 -16.95 13.22
CA TRP C 122 30.69 -17.56 13.83
C TRP C 122 30.29 -18.85 14.53
N PHE C 123 29.18 -18.80 15.27
CA PHE C 123 28.69 -19.99 15.94
C PHE C 123 28.36 -21.07 14.92
N LEU C 124 27.65 -20.71 13.86
CA LEU C 124 27.24 -21.70 12.87
C LEU C 124 28.46 -22.38 12.25
N THR C 125 29.49 -21.61 11.94
CA THR C 125 30.72 -22.19 11.40
C THR C 125 31.37 -23.11 12.42
N TRP C 126 31.38 -22.72 13.70
CA TRP C 126 31.99 -23.59 14.70
C TRP C 126 31.25 -24.91 14.84
N MET C 127 29.92 -24.86 14.88
CA MET C 127 29.15 -26.11 14.88
C MET C 127 29.45 -26.95 13.64
N ALA C 128 29.57 -26.31 12.47
CA ALA C 128 29.72 -27.07 11.24
C ALA C 128 31.00 -27.89 11.23
N LYS C 129 32.10 -27.31 11.70
CA LYS C 129 33.39 -28.00 11.61
C LYS C 129 33.51 -29.11 12.63
N HIS C 130 32.76 -29.03 13.72
CA HIS C 130 33.00 -29.87 14.89
C HIS C 130 32.76 -31.33 14.55
N PRO C 131 33.60 -32.27 15.01
CA PRO C 131 33.46 -33.66 14.57
C PRO C 131 32.46 -34.47 15.39
N GLN C 132 32.16 -34.02 16.61
CA GLN C 132 31.19 -34.73 17.44
C GLN C 132 29.74 -34.38 17.11
N ARG C 133 29.51 -33.71 15.98
CA ARG C 133 28.16 -33.39 15.57
C ARG C 133 27.35 -34.68 15.38
N VAL C 134 26.14 -34.68 15.94
CA VAL C 134 25.21 -35.79 15.86
C VAL C 134 23.98 -35.31 15.11
N SER C 135 24.19 -34.43 14.13
CA SER C 135 23.11 -33.72 13.45
C SER C 135 22.03 -34.67 12.95
N ARG C 136 20.84 -34.54 13.53
CA ARG C 136 19.69 -35.36 13.14
C ARG C 136 18.95 -34.76 11.95
N HIS C 137 19.22 -33.49 11.64
CA HIS C 137 18.68 -32.84 10.45
C HIS C 137 19.82 -32.24 9.65
N LEU C 138 19.78 -32.41 8.34
CA LEU C 138 20.86 -32.00 7.45
C LEU C 138 20.31 -31.10 6.36
N SER C 139 21.23 -30.42 5.67
CA SER C 139 20.94 -29.67 4.47
C SER C 139 22.05 -29.96 3.47
N VAL C 140 22.01 -29.27 2.32
CA VAL C 140 23.02 -29.40 1.29
C VAL C 140 23.40 -28.01 0.79
N ARG C 141 24.71 -27.76 0.70
CA ARG C 141 25.25 -26.52 0.14
C ARG C 141 26.12 -26.89 -1.05
N THR C 142 25.65 -26.57 -2.24
CA THR C 142 26.39 -26.85 -3.46
C THR C 142 27.33 -25.68 -3.78
N ASN C 143 28.54 -26.01 -4.18
CA ASN C 143 29.54 -25.01 -4.52
C ASN C 143 30.47 -25.59 -5.59
N TYR C 144 31.07 -24.70 -6.37
CA TYR C 144 31.98 -25.10 -7.44
C TYR C 144 33.41 -25.05 -6.92
N ILE C 145 34.14 -26.14 -7.13
CA ILE C 145 35.54 -26.24 -6.72
C ILE C 145 36.42 -26.01 -7.95
N GLN C 146 37.37 -25.10 -7.83
CA GLN C 146 38.28 -24.76 -8.91
C GLN C 146 39.65 -25.34 -8.59
N HIS C 147 40.13 -26.23 -9.45
CA HIS C 147 41.46 -26.84 -9.28
C HIS C 147 42.50 -25.98 -9.99
N ASP C 148 42.54 -24.71 -9.60
CA ASP C 148 43.35 -23.70 -10.28
C ASP C 148 42.92 -23.69 -11.75
N ASN C 149 43.85 -23.46 -12.67
CA ASN C 149 43.52 -23.52 -14.09
C ASN C 149 43.53 -24.94 -14.64
N GLY C 150 43.91 -25.94 -13.82
CA GLY C 150 43.96 -27.30 -14.32
C GLY C 150 42.59 -27.82 -14.72
N SER C 151 41.59 -27.61 -13.88
CA SER C 151 40.23 -28.07 -14.17
C SER C 151 39.30 -27.42 -13.16
N VAL C 152 37.99 -27.57 -13.41
CA VAL C 152 36.96 -27.07 -12.51
C VAL C 152 35.87 -28.14 -12.42
N SER C 153 35.36 -28.35 -11.21
CA SER C 153 34.29 -29.30 -10.98
C SER C 153 33.38 -28.76 -9.89
N THR C 154 32.21 -29.36 -9.77
CA THR C 154 31.20 -28.95 -8.81
C THR C 154 31.10 -29.98 -7.69
N LYS C 155 31.02 -29.48 -6.46
CA LYS C 155 30.92 -30.33 -5.28
C LYS C 155 29.92 -29.71 -4.31
N PHE C 156 29.92 -30.19 -3.07
CA PHE C 156 28.85 -29.86 -2.14
C PHE C 156 29.34 -30.09 -0.71
N SER C 157 28.55 -29.63 0.24
CA SER C 157 28.82 -29.87 1.66
C SER C 157 27.48 -29.98 2.37
N LEU C 158 27.32 -31.04 3.16
CA LEU C 158 26.07 -31.29 3.87
C LEU C 158 26.05 -30.46 5.14
N VAL C 159 25.66 -29.19 5.01
CA VAL C 159 25.53 -28.34 6.19
C VAL C 159 24.41 -28.89 7.06
N PRO C 160 24.53 -28.83 8.39
CA PRO C 160 23.41 -29.27 9.24
C PRO C 160 22.14 -28.47 8.99
N GLY C 161 21.00 -29.15 9.10
CA GLY C 161 19.71 -28.56 8.87
C GLY C 161 19.07 -28.10 10.16
N PRO C 162 17.82 -27.63 10.06
CA PRO C 162 17.11 -27.17 11.26
C PRO C 162 16.56 -28.36 12.05
N GLY C 163 16.73 -28.29 13.37
CA GLY C 163 16.24 -29.33 14.26
C GLY C 163 17.13 -29.51 15.47
N ASN C 164 17.01 -30.66 16.11
CA ASN C 164 17.76 -30.97 17.33
C ASN C 164 19.06 -31.68 16.98
N HIS C 165 20.16 -31.19 17.54
CA HIS C 165 21.49 -31.72 17.26
C HIS C 165 22.27 -31.80 18.56
N TRP C 166 23.02 -32.89 18.73
CA TRP C 166 23.80 -33.15 19.93
C TRP C 166 25.29 -33.04 19.63
N ILE C 167 26.04 -32.52 20.60
CA ILE C 167 27.50 -32.43 20.51
C ILE C 167 28.09 -32.80 21.87
N ARG C 168 29.15 -33.58 21.85
CA ARG C 168 29.88 -34.00 23.05
C ARG C 168 31.09 -33.10 23.24
N TYR C 169 30.86 -31.82 23.51
CA TYR C 169 31.95 -30.85 23.56
C TYR C 169 32.80 -31.07 24.80
N LYS C 170 33.92 -31.76 24.62
CA LYS C 170 34.92 -32.06 25.67
C LYS C 170 34.26 -32.40 27.01
N GLY C 171 33.38 -33.40 26.98
CA GLY C 171 32.80 -33.91 28.21
C GLY C 171 31.45 -33.31 28.56
N ALA C 172 30.83 -32.59 27.64
CA ALA C 172 29.50 -32.01 27.87
C ALA C 172 28.60 -32.28 26.68
N PHE C 173 27.49 -32.97 26.93
CA PHE C 173 26.52 -33.29 25.90
C PHE C 173 25.61 -32.09 25.67
N ILE C 174 25.92 -31.34 24.62
CA ILE C 174 25.25 -30.07 24.33
C ILE C 174 24.20 -30.31 23.26
N LEU C 175 22.99 -29.80 23.49
CA LEU C 175 21.94 -29.82 22.49
C LEU C 175 21.82 -28.43 21.86
N ILE C 176 21.59 -28.42 20.56
CA ILE C 176 21.49 -27.20 19.77
C ILE C 176 20.22 -27.26 18.94
N LYS C 177 19.63 -26.09 18.72
CA LYS C 177 18.36 -25.98 17.99
C LYS C 177 18.41 -24.76 17.09
N ARG C 178 18.41 -25.00 15.78
CA ARG C 178 18.29 -23.94 14.78
C ARG C 178 16.86 -23.92 14.27
N GLU C 179 16.25 -22.73 14.25
CA GLU C 179 14.90 -22.55 13.76
C GLU C 179 14.79 -21.17 13.13
N ARG C 180 14.01 -21.06 12.06
CA ARG C 180 13.73 -19.79 11.41
C ARG C 180 12.45 -19.20 11.96
N SER C 181 12.17 -17.95 11.57
CA SER C 181 10.89 -17.33 11.86
C SER C 181 9.79 -17.99 11.03
N ALA C 182 8.57 -17.45 11.14
CA ALA C 182 7.45 -17.99 10.38
C ALA C 182 7.76 -18.02 8.88
N LYS C 183 8.48 -17.02 8.38
CA LYS C 183 8.89 -16.96 6.99
C LYS C 183 10.34 -16.48 6.91
N MET C 184 10.96 -16.69 5.75
CA MET C 184 12.22 -16.06 5.36
C MET C 184 12.05 -15.18 4.12
N SER C 191 15.36 -13.35 -0.75
CA SER C 191 15.50 -13.68 0.67
C SER C 191 15.65 -12.43 1.52
N PRO C 192 14.55 -11.69 1.73
CA PRO C 192 14.62 -10.51 2.58
C PRO C 192 14.99 -10.90 4.01
N PHE C 193 15.61 -9.95 4.72
CA PHE C 193 16.05 -10.21 6.08
C PHE C 193 14.89 -10.63 6.96
N GLU C 194 15.11 -11.68 7.74
CA GLU C 194 14.13 -12.13 8.73
C GLU C 194 14.86 -12.97 9.76
N THR C 195 14.43 -12.87 11.02
CA THR C 195 15.22 -13.38 12.13
C THR C 195 15.35 -14.89 12.09
N VAL C 196 16.54 -15.38 12.40
CA VAL C 196 16.81 -16.80 12.64
C VAL C 196 17.57 -16.87 13.95
N THR C 197 17.15 -17.78 14.83
CA THR C 197 17.69 -17.86 16.18
C THR C 197 18.31 -19.23 16.43
N LEU C 198 19.28 -19.24 17.34
CA LEU C 198 19.98 -20.44 17.75
C LEU C 198 19.97 -20.53 19.26
N THR C 199 19.81 -21.74 19.78
CA THR C 199 19.79 -21.98 21.21
C THR C 199 20.73 -23.12 21.56
N THR C 200 21.10 -23.18 22.84
CA THR C 200 22.10 -24.12 23.33
C THR C 200 21.85 -24.40 24.79
N LEU C 201 21.90 -25.68 25.15
CA LEU C 201 21.32 -26.20 26.39
C LEU C 201 22.34 -27.03 27.15
N TYR C 202 22.54 -26.66 28.42
CA TYR C 202 23.34 -27.45 29.35
C TYR C 202 23.23 -26.86 30.75
N ARG C 203 23.58 -27.66 31.76
CA ARG C 203 23.55 -27.20 33.14
C ARG C 203 24.67 -26.20 33.41
N ASP C 204 25.92 -26.62 33.22
CA ASP C 204 27.09 -25.78 33.46
C ASP C 204 27.39 -24.92 32.24
N LYS C 205 27.75 -23.65 32.51
CA LYS C 205 28.06 -22.69 31.47
C LYS C 205 29.56 -22.43 31.31
N HIS C 206 30.41 -23.15 32.02
CA HIS C 206 31.83 -22.87 31.97
C HIS C 206 32.49 -23.37 30.69
N LEU C 207 31.74 -24.10 29.85
CA LEU C 207 32.17 -24.41 28.48
C LEU C 207 31.51 -23.50 27.46
N PHE C 208 30.50 -22.75 27.88
CA PHE C 208 29.71 -21.92 26.97
C PHE C 208 30.58 -20.84 26.33
N ASP C 209 31.18 -20.00 27.17
CA ASP C 209 32.09 -18.96 26.69
C ASP C 209 33.26 -19.58 25.93
N ASP C 210 33.67 -20.79 26.31
CA ASP C 210 34.76 -21.43 25.59
C ASP C 210 34.37 -21.71 24.14
N ILE C 211 33.17 -22.25 23.92
CA ILE C 211 32.71 -22.47 22.55
C ILE C 211 32.64 -21.14 21.80
N LEU C 212 32.14 -20.11 22.48
CA LEU C 212 32.00 -18.81 21.81
C LEU C 212 33.38 -18.27 21.41
N ASN C 213 34.38 -18.42 22.29
CA ASN C 213 35.73 -17.99 21.98
C ASN C 213 36.32 -18.78 20.81
N GLU C 214 36.07 -20.08 20.77
CA GLU C 214 36.57 -20.88 19.65
C GLU C 214 35.94 -20.43 18.34
N ALA C 215 34.64 -20.10 18.36
CA ALA C 215 34.00 -19.55 17.18
C ALA C 215 34.64 -18.23 16.78
N LYS C 216 34.96 -17.40 17.77
CA LYS C 216 35.68 -16.15 17.49
C LYS C 216 36.99 -16.44 16.78
N ASP C 217 37.74 -17.44 17.27
CA ASP C 217 39.02 -17.78 16.68
C ASP C 217 38.85 -18.23 15.23
N ILE C 218 37.84 -19.06 14.97
CA ILE C 218 37.56 -19.47 13.59
C ILE C 218 37.29 -18.25 12.73
N ALA C 219 36.50 -17.31 13.24
CA ALA C 219 36.22 -16.09 12.49
C ALA C 219 37.49 -15.31 12.20
N LEU C 220 38.37 -15.18 13.20
CA LEU C 220 39.60 -14.43 13.01
C LEU C 220 40.51 -15.09 11.98
N LYS C 221 40.50 -16.42 11.92
CA LYS C 221 41.36 -17.12 10.97
C LYS C 221 41.03 -16.72 9.54
N THR C 222 39.74 -16.68 9.20
CA THR C 222 39.35 -16.31 7.84
C THR C 222 39.75 -14.89 7.51
N THR C 223 39.53 -13.97 8.43
CA THR C 223 39.82 -12.54 8.22
C THR C 223 41.22 -12.20 8.74
N GLU C 224 42.21 -12.95 8.24
CA GLU C 224 43.59 -12.78 8.68
C GLU C 224 44.33 -11.78 7.79
N GLY C 225 44.45 -12.09 6.50
CA GLY C 225 45.17 -11.24 5.56
C GLY C 225 44.23 -10.52 4.61
N LYS C 226 42.99 -10.30 5.04
CA LYS C 226 41.97 -9.68 4.22
C LYS C 226 41.52 -8.37 4.86
N THR C 227 40.68 -7.64 4.11
CA THR C 227 40.05 -6.41 4.58
C THR C 227 38.56 -6.55 4.38
N VAL C 228 37.81 -6.50 5.47
CA VAL C 228 36.37 -6.69 5.41
C VAL C 228 35.71 -5.42 4.88
N ILE C 229 34.64 -5.60 4.12
CA ILE C 229 33.87 -4.50 3.55
C ILE C 229 32.45 -4.59 4.09
N TYR C 230 31.94 -3.47 4.60
CA TYR C 230 30.59 -3.39 5.13
C TYR C 230 29.76 -2.45 4.28
N THR C 231 28.47 -2.75 4.17
CA THR C 231 27.54 -1.99 3.35
C THR C 231 26.33 -1.59 4.18
N SER C 232 25.65 -0.53 3.73
CA SER C 232 24.51 0.01 4.44
C SER C 232 23.24 -0.72 3.99
N PHE C 233 22.58 -1.37 4.95
CA PHE C 233 21.28 -2.02 4.73
C PHE C 233 20.37 -1.58 5.86
N GLY C 234 19.60 -0.53 5.61
CA GLY C 234 18.78 0.03 6.65
C GLY C 234 19.63 0.76 7.67
N PRO C 235 19.22 0.78 8.94
CA PRO C 235 19.98 1.52 9.95
C PRO C 235 21.21 0.81 10.49
N GLU C 236 21.66 -0.27 9.87
CA GLU C 236 22.80 -1.03 10.37
C GLU C 236 23.59 -1.60 9.20
N TRP C 237 24.82 -1.99 9.49
CA TRP C 237 25.75 -2.50 8.50
C TRP C 237 25.72 -4.03 8.44
N ARG C 238 26.37 -4.57 7.42
CA ARG C 238 26.62 -5.99 7.33
C ARG C 238 27.79 -6.22 6.39
N LYS C 239 28.44 -7.37 6.54
CA LYS C 239 29.51 -7.74 5.62
C LYS C 239 28.94 -7.93 4.22
N PHE C 240 29.68 -7.46 3.22
CA PHE C 240 29.34 -7.62 1.82
C PHE C 240 30.33 -8.59 1.19
N GLY C 241 29.85 -9.77 0.81
CA GLY C 241 30.68 -10.74 0.13
C GLY C 241 31.83 -11.24 0.97
N GLN C 242 32.58 -12.21 0.44
CA GLN C 242 33.74 -12.70 1.15
C GLN C 242 34.81 -11.63 1.22
N PRO C 243 35.68 -11.66 2.22
CA PRO C 243 36.76 -10.66 2.29
C PRO C 243 37.71 -10.77 1.12
N LYS C 244 38.34 -9.65 0.81
CA LYS C 244 39.31 -9.55 -0.27
C LYS C 244 40.71 -9.32 0.31
N ALA C 245 41.71 -9.75 -0.45
CA ALA C 245 43.09 -9.62 0.00
C ALA C 245 43.51 -8.15 0.05
N LYS C 246 44.46 -7.86 0.92
CA LYS C 246 44.93 -6.49 1.09
C LYS C 246 45.69 -6.01 -0.14
N ARG C 247 45.45 -4.77 -0.50
CA ARG C 247 46.17 -4.09 -1.58
C ARG C 247 47.35 -3.36 -0.96
N MET C 248 48.53 -3.96 -1.04
CA MET C 248 49.66 -3.42 -0.30
C MET C 248 50.05 -2.05 -0.85
N LEU C 249 50.40 -1.14 0.06
CA LEU C 249 50.63 0.25 -0.31
C LEU C 249 51.69 0.44 -1.40
N PRO C 250 52.82 -0.25 -1.40
CA PRO C 250 53.81 -0.05 -2.47
C PRO C 250 53.24 -0.30 -3.85
N SER C 251 52.21 -1.12 -3.97
CA SER C 251 51.53 -1.29 -5.25
C SER C 251 50.90 0.02 -5.73
N VAL C 252 50.45 0.85 -4.79
CA VAL C 252 49.79 2.10 -5.14
C VAL C 252 50.85 3.17 -5.35
N ILE C 253 51.05 3.56 -6.60
CA ILE C 253 52.04 4.56 -6.98
C ILE C 253 51.33 5.91 -7.02
N LEU C 254 51.77 6.84 -6.18
CA LEU C 254 51.26 8.19 -6.14
C LEU C 254 52.41 9.18 -6.27
N ASP C 255 52.08 10.46 -6.36
CA ASP C 255 53.09 11.49 -6.48
C ASP C 255 53.95 11.54 -5.22
N SER C 256 55.09 12.20 -5.32
CA SER C 256 56.07 12.18 -4.23
C SER C 256 55.51 12.85 -2.98
N GLY C 257 55.60 12.16 -1.85
CA GLY C 257 55.24 12.73 -0.58
C GLY C 257 53.78 12.63 -0.21
N ILE C 258 52.92 12.34 -1.18
CA ILE C 258 51.49 12.30 -0.92
C ILE C 258 51.16 11.14 0.02
N LYS C 259 51.63 9.95 -0.33
CA LYS C 259 51.38 8.77 0.50
C LYS C 259 51.99 8.95 1.88
N GLU C 260 53.22 9.43 1.93
CA GLU C 260 53.89 9.59 3.21
C GLU C 260 53.19 10.63 4.08
N GLY C 261 52.79 11.75 3.47
CA GLY C 261 52.10 12.78 4.22
C GLY C 261 50.78 12.30 4.78
N ILE C 262 50.01 11.59 3.95
CA ILE C 262 48.72 11.08 4.40
C ILE C 262 48.92 10.08 5.53
N LEU C 263 49.91 9.18 5.38
CA LEU C 263 50.16 8.19 6.43
C LEU C 263 50.58 8.86 7.73
N ASP C 264 51.44 9.87 7.65
CA ASP C 264 51.86 10.59 8.85
C ASP C 264 50.67 11.26 9.52
N ASP C 265 49.82 11.90 8.73
CA ASP C 265 48.64 12.55 9.28
C ASP C 265 47.74 11.54 10.00
N VAL C 266 47.50 10.40 9.34
CA VAL C 266 46.61 9.40 9.91
C VAL C 266 47.19 8.85 11.21
N TYR C 267 48.48 8.52 11.21
CA TYR C 267 49.09 7.98 12.41
C TYR C 267 49.08 9.00 13.54
N ASP C 268 49.33 10.26 13.21
CA ASP C 268 49.28 11.31 14.22
C ASP C 268 47.88 11.40 14.83
N PHE C 269 46.85 11.31 13.99
CA PHE C 269 45.48 11.39 14.49
C PHE C 269 45.16 10.19 15.38
N MET C 270 45.47 8.98 14.91
CA MET C 270 45.13 7.79 15.68
C MET C 270 45.86 7.76 17.01
N LYS C 271 47.14 8.14 17.02
CA LYS C 271 47.92 8.07 18.25
C LYS C 271 47.47 9.12 19.24
N ASN C 272 47.22 10.35 18.79
CA ASN C 272 46.87 11.46 19.67
C ASN C 272 45.36 11.43 19.97
N GLY C 273 44.97 10.44 20.77
CA GLY C 273 43.59 10.29 21.17
C GLY C 273 43.20 11.22 22.30
N LYS C 274 43.92 11.13 23.43
CA LYS C 274 43.57 11.94 24.58
C LYS C 274 43.78 13.42 24.33
N TRP C 275 44.72 13.75 23.43
CA TRP C 275 45.06 15.15 23.19
C TRP C 275 43.84 15.92 22.67
N TYR C 276 43.02 15.27 21.85
CA TYR C 276 41.80 15.90 21.38
C TYR C 276 40.86 16.18 22.55
N SER C 277 40.69 15.21 23.44
CA SER C 277 39.75 15.35 24.54
C SER C 277 40.20 16.42 25.53
N ASP C 278 41.50 16.47 25.83
CA ASP C 278 41.99 17.42 26.81
C ASP C 278 41.73 18.86 26.37
N ARG C 279 41.73 19.10 25.07
CA ARG C 279 41.49 20.42 24.50
C ARG C 279 40.10 20.55 23.91
N GLY C 280 39.20 19.61 24.18
CA GLY C 280 37.81 19.74 23.82
C GLY C 280 37.52 19.81 22.33
N ILE C 281 38.12 18.91 21.55
CA ILE C 281 37.84 18.81 20.13
C ILE C 281 37.22 17.44 19.87
N PRO C 282 36.31 17.29 18.91
CA PRO C 282 35.83 15.94 18.59
C PRO C 282 36.94 15.10 17.98
N TYR C 283 37.14 13.90 18.53
CA TYR C 283 38.16 12.99 18.04
C TYR C 283 37.64 12.32 16.77
N ARG C 284 37.61 13.09 15.69
CA ARG C 284 37.11 12.62 14.41
C ARG C 284 37.82 13.41 13.33
N ARG C 285 38.24 12.73 12.27
CA ARG C 285 38.98 13.35 11.18
C ARG C 285 38.43 12.88 9.85
N GLY C 286 38.52 13.75 8.86
CA GLY C 286 38.02 13.46 7.52
C GLY C 286 39.01 13.86 6.46
N TYR C 287 39.19 12.98 5.48
CA TYR C 287 40.14 13.17 4.39
C TYR C 287 39.39 13.22 3.07
N LEU C 288 39.90 14.01 2.13
CA LEU C 288 39.33 14.15 0.80
C LEU C 288 40.41 13.88 -0.23
N LEU C 289 40.10 13.05 -1.21
CA LEU C 289 40.98 12.75 -2.33
C LEU C 289 40.24 13.09 -3.61
N TYR C 290 40.54 14.26 -4.17
CA TYR C 290 39.90 14.76 -5.38
C TYR C 290 40.89 14.72 -6.53
N GLY C 291 40.43 14.23 -7.67
CA GLY C 291 41.26 14.18 -8.85
C GLY C 291 40.57 13.52 -10.02
N PRO C 292 41.26 13.45 -11.16
CA PRO C 292 40.65 12.87 -12.36
C PRO C 292 40.39 11.38 -12.16
N PRO C 293 39.58 10.77 -13.00
CA PRO C 293 39.32 9.34 -12.87
C PRO C 293 40.56 8.52 -13.16
N GLY C 294 40.61 7.33 -12.57
CA GLY C 294 41.74 6.43 -12.76
C GLY C 294 43.04 7.01 -12.27
N SER C 295 43.02 7.73 -11.15
CA SER C 295 44.21 8.31 -10.56
C SER C 295 44.70 7.56 -9.33
N GLY C 296 44.01 6.49 -8.95
CA GLY C 296 44.42 5.68 -7.81
C GLY C 296 43.80 6.06 -6.49
N LYS C 297 42.73 6.84 -6.50
CA LYS C 297 42.11 7.29 -5.25
C LYS C 297 41.59 6.11 -4.45
N THR C 298 40.58 5.42 -4.98
CA THR C 298 39.96 4.30 -4.25
C THR C 298 40.95 3.19 -4.00
N SER C 299 41.91 3.00 -4.92
CA SER C 299 42.97 2.01 -4.68
C SER C 299 43.78 2.40 -3.45
N PHE C 300 44.10 3.69 -3.31
CA PHE C 300 44.83 4.13 -2.12
C PHE C 300 43.98 3.96 -0.87
N ILE C 301 42.67 4.20 -0.97
CA ILE C 301 41.80 3.97 0.18
C ILE C 301 41.87 2.52 0.62
N GLN C 302 41.76 1.61 -0.35
CA GLN C 302 41.86 0.19 -0.05
C GLN C 302 43.20 -0.14 0.61
N ALA C 303 44.28 0.42 0.07
CA ALA C 303 45.60 0.08 0.58
C ALA C 303 45.81 0.61 1.98
N LEU C 304 45.35 1.83 2.25
CA LEU C 304 45.48 2.39 3.59
C LEU C 304 44.66 1.59 4.59
N ALA C 305 43.44 1.20 4.19
CA ALA C 305 42.62 0.39 5.08
C ALA C 305 43.29 -0.94 5.39
N GLY C 306 43.91 -1.55 4.38
CA GLY C 306 44.62 -2.79 4.63
C GLY C 306 45.84 -2.59 5.51
N GLU C 307 46.55 -1.48 5.31
CA GLU C 307 47.74 -1.21 6.11
C GLU C 307 47.37 -1.02 7.58
N LEU C 308 46.30 -0.28 7.86
CA LEU C 308 45.85 -0.10 9.22
C LEU C 308 45.06 -1.31 9.74
N ASP C 309 44.77 -2.28 8.89
CA ASP C 309 43.97 -3.45 9.25
C ASP C 309 42.52 -3.09 9.55
N TYR C 310 42.07 -1.93 9.10
CA TYR C 310 40.70 -1.50 9.32
C TYR C 310 39.79 -2.07 8.24
N ASN C 311 38.48 -1.98 8.49
CA ASN C 311 37.47 -2.46 7.57
C ASN C 311 36.71 -1.28 6.97
N ILE C 312 36.61 -1.25 5.65
CA ILE C 312 35.94 -0.16 4.97
C ILE C 312 34.43 -0.35 5.12
N CYS C 313 33.73 0.74 5.42
CA CYS C 313 32.28 0.77 5.50
C CYS C 313 31.80 1.72 4.41
N ILE C 314 31.62 1.18 3.20
CA ILE C 314 31.21 2.01 2.07
C ILE C 314 29.77 2.45 2.27
N LEU C 315 29.47 3.68 1.86
CA LEU C 315 28.14 4.25 2.00
C LEU C 315 27.81 5.04 0.75
N ASN C 316 26.60 4.81 0.21
CA ASN C 316 26.12 5.50 -0.98
C ASN C 316 24.98 6.42 -0.56
N LEU C 317 25.24 7.73 -0.62
CA LEU C 317 24.23 8.70 -0.22
C LEU C 317 23.16 8.89 -1.27
N SER C 318 23.48 8.64 -2.54
CA SER C 318 22.48 8.74 -3.61
C SER C 318 21.37 7.70 -3.45
N GLU C 319 21.57 6.69 -2.61
CA GLU C 319 20.53 5.74 -2.28
C GLU C 319 19.27 6.47 -1.82
N ASN C 320 18.16 6.22 -2.53
CA ASN C 320 16.94 6.99 -2.28
C ASN C 320 16.32 6.62 -0.93
N ASN C 321 16.30 5.34 -0.59
CA ASN C 321 15.71 4.91 0.68
C ASN C 321 16.45 5.46 1.89
N LEU C 322 17.67 5.94 1.71
CA LEU C 322 18.43 6.50 2.82
C LEU C 322 17.74 7.73 3.38
N THR C 323 17.81 7.90 4.69
CA THR C 323 17.24 9.04 5.39
C THR C 323 18.25 9.59 6.37
N ASP C 324 17.97 10.81 6.84
CA ASP C 324 18.90 11.48 7.76
C ASP C 324 19.06 10.70 9.06
N ASP C 325 17.95 10.22 9.62
CA ASP C 325 18.04 9.42 10.85
C ASP C 325 18.79 8.12 10.60
N ARG C 326 18.49 7.47 9.47
CA ARG C 326 19.22 6.25 9.12
C ARG C 326 20.70 6.54 8.92
N LEU C 327 21.01 7.68 8.30
CA LEU C 327 22.40 8.07 8.10
C LEU C 327 23.10 8.26 9.45
N ASN C 328 22.46 8.97 10.36
CA ASN C 328 23.08 9.22 11.66
C ASN C 328 23.30 7.92 12.42
N HIS C 329 22.31 7.03 12.39
CA HIS C 329 22.45 5.75 13.07
C HIS C 329 23.59 4.93 12.46
N LEU C 330 23.69 4.93 11.13
CA LEU C 330 24.73 4.15 10.48
C LEU C 330 26.11 4.68 10.84
N MET C 331 26.29 6.00 10.77
CA MET C 331 27.59 6.56 11.11
C MET C 331 27.88 6.51 12.60
N ASN C 332 26.87 6.27 13.44
CA ASN C 332 27.09 6.11 14.87
C ASN C 332 27.23 4.67 15.31
N ASN C 333 26.73 3.71 14.52
CA ASN C 333 26.79 2.29 14.86
C ASN C 333 27.73 1.53 13.93
N MET C 334 28.80 2.19 13.49
CA MET C 334 29.77 1.52 12.65
C MET C 334 30.52 0.47 13.45
N PRO C 335 30.92 -0.65 12.84
CA PRO C 335 31.79 -1.58 13.55
C PRO C 335 33.14 -0.95 13.86
N GLU C 336 33.73 -1.39 14.96
CA GLU C 336 34.98 -0.80 15.41
C GLU C 336 36.12 -1.19 14.48
N ARG C 337 37.18 -0.38 14.53
CA ARG C 337 38.35 -0.57 13.66
C ARG C 337 37.93 -0.54 12.19
N SER C 338 37.23 0.53 11.82
CA SER C 338 36.68 0.66 10.48
C SER C 338 36.89 2.07 9.97
N ILE C 339 36.86 2.20 8.64
CA ILE C 339 37.02 3.47 7.94
C ILE C 339 35.76 3.71 7.12
N LEU C 340 35.19 4.89 7.28
CA LEU C 340 34.04 5.28 6.47
C LEU C 340 34.52 5.79 5.12
N LEU C 341 33.81 5.41 4.07
CA LEU C 341 34.14 5.79 2.70
C LEU C 341 32.91 6.34 2.01
N LEU C 342 33.04 7.52 1.43
CA LEU C 342 31.97 8.19 0.69
C LEU C 342 32.50 8.47 -0.71
N GLU C 343 32.30 7.51 -1.61
CA GLU C 343 32.75 7.67 -2.98
C GLU C 343 31.84 8.64 -3.71
N ASP C 344 32.44 9.61 -4.39
CA ASP C 344 31.72 10.61 -5.16
C ASP C 344 30.71 11.34 -4.28
N ILE C 345 31.23 12.05 -3.28
CA ILE C 345 30.41 12.85 -2.41
C ILE C 345 29.74 14.01 -3.14
N ASP C 346 30.20 14.33 -4.36
CA ASP C 346 29.58 15.40 -5.13
C ASP C 346 28.27 14.99 -5.78
N ALA C 347 27.82 13.75 -5.59
CA ALA C 347 26.59 13.29 -6.22
C ALA C 347 25.39 14.12 -5.77
N ALA C 348 25.33 14.44 -4.48
CA ALA C 348 24.25 15.25 -3.95
C ALA C 348 24.23 16.63 -4.60
N SER C 363 17.03 10.65 -0.38
CA SER C 363 16.16 11.41 0.50
C SER C 363 16.95 12.19 1.55
N VAL C 364 18.27 12.00 1.59
CA VAL C 364 19.10 12.69 2.57
C VAL C 364 19.07 14.19 2.29
N THR C 365 19.21 14.97 3.35
CA THR C 365 19.20 16.43 3.28
C THR C 365 20.62 16.96 3.45
N PHE C 366 20.87 18.11 2.82
CA PHE C 366 22.18 18.74 2.89
C PHE C 366 22.53 19.11 4.32
N SER C 367 21.58 19.74 5.02
CA SER C 367 21.82 20.11 6.41
C SER C 367 22.00 18.89 7.29
N GLY C 368 21.21 17.84 7.05
CA GLY C 368 21.37 16.62 7.83
C GLY C 368 22.74 16.00 7.64
N LEU C 369 23.22 15.97 6.40
CA LEU C 369 24.57 15.46 6.14
C LEU C 369 25.61 16.30 6.83
N LEU C 370 25.48 17.64 6.75
CA LEU C 370 26.47 18.51 7.35
C LEU C 370 26.52 18.30 8.86
N ASN C 371 25.35 18.19 9.50
CA ASN C 371 25.32 17.97 10.94
C ASN C 371 25.88 16.59 11.29
N ALA C 372 25.60 15.59 10.46
CA ALA C 372 26.10 14.25 10.74
C ALA C 372 27.61 14.21 10.69
N LEU C 373 28.22 14.84 9.67
CA LEU C 373 29.67 14.83 9.57
C LEU C 373 30.31 15.60 10.72
N ASP C 374 29.85 16.82 10.95
CA ASP C 374 30.35 17.66 12.04
C ASP C 374 29.16 18.30 12.71
N GLY C 375 28.79 17.79 13.88
CA GLY C 375 27.64 18.31 14.58
C GLY C 375 27.44 17.57 15.89
N VAL C 376 26.33 17.88 16.54
CA VAL C 376 26.04 17.30 17.84
C VAL C 376 25.86 15.79 17.71
N THR C 377 25.11 15.36 16.70
CA THR C 377 24.85 13.93 16.50
C THR C 377 26.03 13.19 15.90
N SER C 378 27.09 13.88 15.49
CA SER C 378 28.23 13.22 14.89
C SER C 378 28.89 12.28 15.89
N SER C 379 29.41 11.17 15.39
CA SER C 379 30.01 10.14 16.23
C SER C 379 31.42 10.57 16.63
N GLU C 380 32.15 9.64 17.26
CA GLU C 380 33.48 9.91 17.78
C GLU C 380 34.41 8.75 17.43
N GLU C 381 35.69 9.06 17.29
CA GLU C 381 36.72 8.06 17.02
C GLU C 381 36.47 7.37 15.68
N THR C 382 36.23 8.19 14.66
CA THR C 382 35.93 7.71 13.31
C THR C 382 36.79 8.45 12.30
N ILE C 383 37.17 7.73 11.24
CA ILE C 383 37.92 8.29 10.13
C ILE C 383 37.08 8.10 8.87
N THR C 384 36.91 9.17 8.11
CA THR C 384 36.08 9.16 6.92
C THR C 384 36.91 9.63 5.73
N PHE C 385 36.71 8.98 4.59
CA PHE C 385 37.40 9.31 3.35
C PHE C 385 36.39 9.62 2.27
N MET C 386 36.60 10.74 1.58
CA MET C 386 35.73 11.20 0.51
C MET C 386 36.53 11.33 -0.78
N THR C 387 35.87 11.07 -1.90
CA THR C 387 36.49 11.14 -3.22
C THR C 387 35.58 11.89 -4.18
N THR C 388 36.19 12.63 -5.10
CA THR C 388 35.46 13.31 -6.15
C THR C 388 36.32 13.42 -7.39
N ASN C 389 35.64 13.61 -8.52
CA ASN C 389 36.26 14.11 -9.74
C ASN C 389 35.83 15.54 -10.04
N HIS C 390 34.87 16.09 -9.29
CA HIS C 390 34.35 17.43 -9.50
C HIS C 390 34.28 18.14 -8.15
N PRO C 391 35.43 18.45 -7.55
CA PRO C 391 35.41 19.13 -6.25
C PRO C 391 34.75 20.49 -6.29
N GLU C 392 34.70 21.14 -7.45
CA GLU C 392 34.09 22.46 -7.55
C GLU C 392 32.62 22.43 -7.17
N LYS C 393 31.94 21.29 -7.35
CA LYS C 393 30.53 21.21 -7.00
C LYS C 393 30.33 21.40 -5.50
N LEU C 394 31.26 20.90 -4.70
CA LEU C 394 31.12 20.96 -3.25
C LEU C 394 31.12 22.41 -2.77
N ASP C 395 30.26 22.70 -1.80
CA ASP C 395 30.14 24.04 -1.27
C ASP C 395 31.23 24.30 -0.23
N ALA C 396 31.15 25.46 0.41
CA ALA C 396 32.16 25.83 1.41
C ALA C 396 31.92 25.10 2.73
N ALA C 397 30.65 24.92 3.12
CA ALA C 397 30.36 24.34 4.41
C ALA C 397 30.85 22.91 4.50
N ILE C 398 30.64 22.12 3.45
CA ILE C 398 31.10 20.74 3.46
C ILE C 398 32.62 20.69 3.48
N MET C 399 33.27 21.62 2.79
CA MET C 399 34.72 21.71 2.78
C MET C 399 35.28 22.44 3.99
N ARG C 400 34.48 22.62 5.03
CA ARG C 400 34.98 23.21 6.26
C ARG C 400 36.07 22.32 6.84
N PRO C 401 37.12 22.89 7.45
CA PRO C 401 38.16 22.04 8.05
C PRO C 401 37.64 21.04 9.06
N GLY C 402 36.61 21.41 9.82
CA GLY C 402 36.08 20.48 10.81
C GLY C 402 35.52 19.22 10.20
N ARG C 403 35.02 19.29 8.97
CA ARG C 403 34.47 18.15 8.27
C ARG C 403 35.50 17.50 7.34
N ILE C 404 36.17 18.30 6.53
CA ILE C 404 37.24 17.84 5.66
C ILE C 404 38.52 18.50 6.18
N ASP C 405 39.24 17.78 7.05
CA ASP C 405 40.44 18.32 7.64
C ASP C 405 41.60 18.33 6.65
N TYR C 406 41.69 17.29 5.81
CA TYR C 406 42.79 17.10 4.88
C TYR C 406 42.24 16.90 3.49
N LYS C 407 42.78 17.64 2.53
CA LYS C 407 42.37 17.56 1.13
C LYS C 407 43.62 17.35 0.27
N VAL C 408 43.54 16.38 -0.62
CA VAL C 408 44.68 15.96 -1.44
C VAL C 408 44.25 15.88 -2.89
N PHE C 409 45.14 16.32 -3.79
CA PHE C 409 44.89 16.29 -5.23
C PHE C 409 45.57 15.06 -5.80
N VAL C 410 44.79 14.02 -6.07
CA VAL C 410 45.31 12.80 -6.69
C VAL C 410 45.19 13.02 -8.19
N GLY C 411 46.17 13.72 -8.74
CA GLY C 411 46.13 14.16 -10.12
C GLY C 411 46.56 13.09 -11.10
N ASN C 412 46.68 13.51 -12.36
CA ASN C 412 47.10 12.61 -13.42
C ASN C 412 48.55 12.19 -13.20
N ALA C 413 49.00 11.26 -14.05
CA ALA C 413 50.33 10.70 -13.90
C ALA C 413 51.40 11.78 -14.12
N THR C 414 52.48 11.65 -13.37
CA THR C 414 53.67 12.48 -13.46
C THR C 414 54.87 11.59 -13.71
N PRO C 415 55.99 12.17 -14.21
CA PRO C 415 57.14 11.33 -14.59
C PRO C 415 57.62 10.41 -13.48
N TYR C 416 57.60 10.90 -12.23
CA TYR C 416 57.91 10.04 -11.10
C TYR C 416 56.96 8.86 -11.03
N GLN C 417 55.66 9.12 -11.14
CA GLN C 417 54.67 8.06 -11.09
C GLN C 417 54.86 7.08 -12.24
N VAL C 418 55.13 7.60 -13.44
CA VAL C 418 55.33 6.74 -14.60
C VAL C 418 56.51 5.81 -14.36
N GLU C 419 57.63 6.38 -13.90
CA GLU C 419 58.83 5.60 -13.66
C GLU C 419 58.56 4.51 -12.63
N LYS C 420 57.96 4.87 -11.49
CA LYS C 420 57.75 3.90 -10.43
C LYS C 420 56.76 2.82 -10.85
N MET C 421 55.74 3.19 -11.62
CA MET C 421 54.82 2.19 -12.16
C MET C 421 55.56 1.21 -13.07
N PHE C 422 56.45 1.73 -13.91
CA PHE C 422 57.21 0.86 -14.80
C PHE C 422 58.07 -0.12 -14.00
N MET C 423 58.74 0.36 -12.96
CA MET C 423 59.50 -0.55 -12.11
C MET C 423 58.59 -1.57 -11.44
N LYS C 424 57.40 -1.16 -11.02
CA LYS C 424 56.49 -2.08 -10.38
C LYS C 424 56.10 -3.20 -11.35
N PHE C 425 55.80 -2.85 -12.60
CA PHE C 425 55.34 -3.84 -13.56
C PHE C 425 56.51 -4.53 -14.26
N TYR C 426 57.61 -3.81 -14.46
CA TYR C 426 58.81 -4.34 -15.11
C TYR C 426 60.01 -4.09 -14.22
N PRO C 427 60.12 -4.81 -13.10
CA PRO C 427 61.25 -4.59 -12.19
C PRO C 427 62.58 -4.93 -12.84
N GLY C 428 63.60 -4.15 -12.49
CA GLY C 428 64.94 -4.37 -12.99
C GLY C 428 65.24 -3.65 -14.29
N GLU C 429 64.21 -3.33 -15.07
CA GLU C 429 64.38 -2.69 -16.36
C GLU C 429 64.53 -1.19 -16.17
N THR C 430 65.77 -0.74 -15.99
CA THR C 430 66.05 0.66 -15.69
C THR C 430 66.21 1.49 -16.94
N ASP C 431 67.10 1.10 -17.85
CA ASP C 431 67.30 1.84 -19.09
C ASP C 431 66.02 1.86 -19.91
N ILE C 432 65.32 0.73 -19.95
CA ILE C 432 64.04 0.68 -20.67
C ILE C 432 63.05 1.63 -20.02
N CYS C 433 63.04 1.70 -18.69
CA CYS C 433 62.26 2.72 -18.00
C CYS C 433 62.64 4.12 -18.44
N LYS C 434 63.93 4.42 -18.51
CA LYS C 434 64.37 5.75 -18.87
C LYS C 434 63.86 6.13 -20.26
N LYS C 435 64.01 5.21 -21.21
CA LYS C 435 63.52 5.48 -22.56
C LYS C 435 62.00 5.61 -22.57
N PHE C 436 61.31 4.79 -21.77
CA PHE C 436 59.86 4.85 -21.72
C PHE C 436 59.37 6.18 -21.20
N VAL C 437 59.97 6.68 -20.11
CA VAL C 437 59.54 7.95 -19.54
C VAL C 437 59.90 9.09 -20.49
N ASN C 438 61.04 8.99 -21.17
CA ASN C 438 61.39 10.02 -22.15
C ASN C 438 60.36 10.06 -23.27
N SER C 439 59.96 8.88 -23.76
CA SER C 439 58.96 8.82 -24.83
C SER C 439 57.62 9.37 -24.34
N VAL C 440 57.24 9.05 -23.11
CA VAL C 440 55.98 9.54 -22.57
C VAL C 440 56.01 11.06 -22.48
N LYS C 441 57.13 11.61 -22.01
CA LYS C 441 57.27 13.07 -21.96
C LYS C 441 57.18 13.66 -23.37
N GLU C 442 57.84 13.03 -24.34
CA GLU C 442 57.84 13.55 -25.70
C GLU C 442 56.45 13.49 -26.31
N LEU C 443 55.62 12.55 -25.86
CA LEU C 443 54.26 12.44 -26.41
C LEU C 443 53.41 13.64 -26.01
N ASP C 444 53.68 14.25 -24.85
CA ASP C 444 52.96 15.42 -24.38
C ASP C 444 51.46 15.14 -24.26
N ILE C 445 51.13 14.21 -23.37
CA ILE C 445 49.77 13.77 -23.16
C ILE C 445 49.47 13.78 -21.66
N THR C 446 48.21 14.00 -21.32
CA THR C 446 47.75 13.94 -19.94
C THR C 446 47.33 12.51 -19.59
N VAL C 447 48.32 11.61 -19.69
CA VAL C 447 48.05 10.19 -19.45
C VAL C 447 47.69 9.97 -18.00
N SER C 448 46.69 9.13 -17.77
CA SER C 448 46.30 8.73 -16.43
C SER C 448 47.08 7.50 -16.00
N THR C 449 47.09 7.27 -14.69
CA THR C 449 47.76 6.09 -14.15
C THR C 449 47.11 4.79 -14.62
N ALA C 450 45.78 4.76 -14.67
CA ALA C 450 45.08 3.57 -15.13
C ALA C 450 45.40 3.25 -16.58
N GLN C 451 45.62 4.30 -17.39
CA GLN C 451 46.04 4.07 -18.76
C GLN C 451 47.38 3.35 -18.81
N LEU C 452 48.31 3.76 -17.95
CA LEU C 452 49.60 3.10 -17.88
C LEU C 452 49.45 1.66 -17.44
N GLN C 453 48.58 1.41 -16.45
CA GLN C 453 48.35 0.05 -16.00
C GLN C 453 47.81 -0.81 -17.13
N GLY C 454 46.84 -0.27 -17.89
CA GLY C 454 46.29 -1.02 -19.00
C GLY C 454 47.32 -1.32 -20.06
N LEU C 455 48.16 -0.33 -20.37
CA LEU C 455 49.21 -0.54 -21.38
C LEU C 455 50.17 -1.62 -20.93
N PHE C 456 50.58 -1.59 -19.66
CA PHE C 456 51.51 -2.62 -19.18
C PHE C 456 50.84 -3.99 -19.15
N VAL C 457 49.53 -4.02 -18.88
CA VAL C 457 48.82 -5.30 -18.86
C VAL C 457 48.74 -5.88 -20.26
N MET C 458 48.53 -5.03 -21.27
CA MET C 458 48.57 -5.50 -22.65
C MET C 458 49.90 -6.16 -22.95
N ASN C 459 50.99 -5.47 -22.62
CA ASN C 459 52.35 -5.95 -22.88
C ASN C 459 52.91 -6.61 -21.63
N LYS C 460 52.22 -7.65 -21.20
CA LYS C 460 52.60 -8.37 -19.98
C LYS C 460 54.01 -8.95 -20.14
N ASP C 461 54.83 -8.74 -19.11
CA ASP C 461 56.24 -9.13 -19.07
C ASP C 461 56.91 -8.91 -20.43
N ALA C 462 56.68 -7.73 -20.99
CA ALA C 462 57.23 -7.36 -22.30
C ALA C 462 57.52 -5.87 -22.30
N PRO C 463 58.58 -5.46 -21.60
CA PRO C 463 58.89 -4.01 -21.55
C PRO C 463 59.12 -3.40 -22.92
N HIS C 464 59.75 -4.13 -23.83
CA HIS C 464 59.97 -3.61 -25.18
C HIS C 464 58.64 -3.38 -25.89
N ASP C 465 57.72 -4.32 -25.76
CA ASP C 465 56.40 -4.16 -26.38
C ASP C 465 55.66 -2.98 -25.80
N ALA C 466 55.79 -2.77 -24.48
CA ALA C 466 55.19 -1.59 -23.86
C ALA C 466 55.80 -0.31 -24.42
N LEU C 467 57.11 -0.31 -24.61
CA LEU C 467 57.77 0.85 -25.20
C LEU C 467 57.23 1.11 -26.61
N LYS C 468 57.02 0.04 -27.38
CA LYS C 468 56.49 0.20 -28.73
C LYS C 468 55.08 0.75 -28.71
N MET C 469 54.24 0.24 -27.82
CA MET C 469 52.84 0.62 -27.76
C MET C 469 52.59 1.90 -26.96
N VAL C 470 53.64 2.51 -26.41
CA VAL C 470 53.54 3.78 -25.68
C VAL C 470 52.72 4.81 -26.44
N SER C 471 52.80 4.80 -27.77
CA SER C 471 52.03 5.76 -28.56
C SER C 471 50.53 5.53 -28.43
N SER C 472 50.12 4.33 -28.02
CA SER C 472 48.70 4.02 -27.91
C SER C 472 48.03 4.88 -26.84
N LEU C 473 48.79 5.33 -25.84
CA LEU C 473 48.21 6.13 -24.76
C LEU C 473 47.62 7.43 -25.28
N ARG C 474 48.16 7.95 -26.38
CA ARG C 474 47.68 9.23 -26.90
C ARG C 474 46.21 9.16 -27.30
N ASN C 475 45.81 8.06 -27.94
CA ASN C 475 44.43 7.90 -28.36
C ASN C 475 43.54 7.61 -27.15
N ALA C 476 42.29 8.07 -27.24
CA ALA C 476 41.29 7.81 -26.23
C ALA C 476 39.96 7.34 -26.79
N ASN C 477 39.77 7.40 -28.11
CA ASN C 477 38.54 6.91 -28.73
C ASN C 477 38.73 6.76 -30.24
N ASN D 73 -33.09 -52.87 54.82
CA ASN D 73 -33.91 -52.85 53.61
C ASN D 73 -33.15 -53.48 52.45
N PRO D 74 -33.87 -53.98 51.44
CA PRO D 74 -33.18 -54.53 50.26
C PRO D 74 -32.36 -53.49 49.50
N TYR D 75 -32.67 -52.20 49.67
CA TYR D 75 -31.90 -51.17 48.99
C TYR D 75 -30.47 -51.09 49.52
N PHE D 76 -30.24 -51.55 50.76
CA PHE D 76 -28.89 -51.54 51.32
C PHE D 76 -27.95 -52.43 50.53
N ALA D 77 -28.47 -53.43 49.81
CA ALA D 77 -27.61 -54.29 49.01
C ALA D 77 -26.87 -53.50 47.94
N ALA D 78 -27.56 -52.56 47.30
CA ALA D 78 -26.91 -51.72 46.29
C ALA D 78 -25.85 -50.83 46.92
N GLY D 79 -26.26 -49.94 47.83
CA GLY D 79 -25.34 -49.07 48.52
C GLY D 79 -24.55 -48.18 47.57
N GLY D 80 -25.25 -47.44 46.72
CA GLY D 80 -24.62 -46.59 45.73
C GLY D 80 -24.34 -45.17 46.16
N GLY D 81 -24.52 -44.86 47.45
CA GLY D 81 -24.28 -43.50 47.91
C GLY D 81 -22.82 -43.07 47.85
N LEU D 82 -21.91 -44.04 47.90
CA LEU D 82 -20.49 -43.72 47.82
C LEU D 82 -20.14 -43.07 46.48
N MET D 83 -20.85 -43.44 45.41
CA MET D 83 -20.68 -42.77 44.13
C MET D 83 -21.06 -41.29 44.27
N ILE D 84 -22.16 -41.01 44.97
CA ILE D 84 -22.58 -39.62 45.17
C ILE D 84 -21.53 -38.86 45.96
N LEU D 85 -21.02 -39.47 47.02
CA LEU D 85 -20.00 -38.80 47.83
C LEU D 85 -18.73 -38.57 47.01
N GLY D 86 -18.34 -39.54 46.17
CA GLY D 86 -17.17 -39.36 45.34
C GLY D 86 -17.31 -38.23 44.36
N THR D 87 -18.48 -38.14 43.69
CA THR D 87 -18.72 -37.02 42.79
C THR D 87 -18.72 -35.70 43.54
N GLY D 88 -19.34 -35.67 44.73
CA GLY D 88 -19.37 -34.43 45.49
C GLY D 88 -18.00 -33.96 45.89
N LEU D 89 -17.16 -34.87 46.40
CA LEU D 89 -15.83 -34.48 46.83
C LEU D 89 -14.93 -34.15 45.64
N ALA D 90 -15.13 -34.81 44.50
CA ALA D 90 -14.35 -34.45 43.31
C ALA D 90 -14.71 -33.04 42.84
N VAL D 91 -16.00 -32.72 42.81
CA VAL D 91 -16.42 -31.38 42.42
C VAL D 91 -15.90 -30.35 43.42
N ALA D 92 -15.95 -30.68 44.71
CA ALA D 92 -15.43 -29.78 45.73
C ALA D 92 -13.94 -29.55 45.55
N ARG D 93 -13.19 -30.62 45.25
CA ARG D 93 -11.76 -30.49 45.03
C ARG D 93 -11.47 -29.60 43.84
N SER D 94 -12.20 -29.78 42.74
CA SER D 94 -11.99 -28.93 41.56
C SER D 94 -12.32 -27.48 41.87
N GLY D 95 -13.43 -27.24 42.56
CA GLY D 95 -13.81 -25.88 42.91
C GLY D 95 -12.80 -25.22 43.83
N ILE D 96 -12.31 -25.96 44.81
CA ILE D 96 -11.33 -25.41 45.76
C ILE D 96 -10.01 -25.13 45.05
N ILE D 97 -9.63 -26.01 44.12
CA ILE D 97 -8.40 -25.78 43.35
C ILE D 97 -8.53 -24.51 42.53
N LYS D 98 -9.67 -24.33 41.87
CA LYS D 98 -9.87 -23.11 41.10
C LYS D 98 -9.88 -21.87 42.00
N ALA D 99 -10.51 -21.97 43.16
CA ALA D 99 -10.54 -20.86 44.10
C ALA D 99 -9.12 -20.48 44.53
N SER D 100 -8.34 -21.46 44.96
CA SER D 100 -6.96 -21.21 45.35
C SER D 100 -6.15 -20.67 44.17
N ARG D 101 -6.47 -21.11 42.96
CA ARG D 101 -5.84 -20.57 41.76
C ARG D 101 -6.18 -19.10 41.60
N VAL D 102 -7.34 -18.67 42.11
CA VAL D 102 -7.71 -17.26 42.09
C VAL D 102 -7.27 -16.55 43.37
N LEU D 103 -7.34 -17.25 44.51
CA LEU D 103 -7.03 -16.61 45.79
C LEU D 103 -5.60 -16.11 45.83
N TYR D 104 -4.64 -16.92 45.37
CA TYR D 104 -3.25 -16.48 45.41
C TYR D 104 -3.05 -15.22 44.57
N ARG D 105 -3.66 -15.16 43.38
CA ARG D 105 -3.45 -14.06 42.47
C ARG D 105 -4.46 -12.93 42.69
N GLN D 106 -5.29 -13.02 43.74
CA GLN D 106 -6.25 -11.97 44.03
C GLN D 106 -5.74 -11.11 45.19
N MET D 107 -5.12 -11.73 46.19
CA MET D 107 -4.55 -10.99 47.32
C MET D 107 -3.11 -11.37 47.64
N ILE D 108 -2.77 -12.66 47.54
CA ILE D 108 -1.58 -13.18 48.20
C ILE D 108 -0.31 -12.69 47.53
N VAL D 109 -0.40 -12.27 46.26
CA VAL D 109 0.74 -11.73 45.56
C VAL D 109 0.30 -10.50 44.77
N ASP D 110 1.26 -9.63 44.45
CA ASP D 110 1.03 -8.40 43.71
C ASP D 110 2.00 -8.32 42.55
N LEU D 111 1.65 -7.53 41.55
CA LEU D 111 2.40 -7.49 40.29
C LEU D 111 2.44 -6.08 39.73
N GLU D 112 3.21 -5.94 38.64
CA GLU D 112 3.38 -4.68 37.94
C GLU D 112 3.87 -4.94 36.52
N ILE D 113 3.51 -4.03 35.62
CA ILE D 113 3.93 -4.08 34.21
C ILE D 113 4.60 -2.76 33.86
N GLN D 114 5.59 -2.82 32.97
CA GLN D 114 6.03 -1.61 32.28
C GLN D 114 6.68 -1.99 30.96
N SER D 115 6.50 -1.13 29.96
CA SER D 115 7.04 -1.34 28.62
C SER D 115 7.35 0.00 27.99
N LYS D 116 8.49 0.07 27.29
CA LYS D 116 8.86 1.24 26.50
C LYS D 116 8.80 2.51 27.33
N ASP D 117 9.68 2.61 28.33
CA ASP D 117 9.65 3.72 29.27
C ASP D 117 11.05 4.03 29.76
N LYS D 118 11.22 5.25 30.27
CA LYS D 118 12.50 5.71 30.78
C LYS D 118 13.09 4.74 31.79
N SER D 119 12.25 4.18 32.66
CA SER D 119 12.71 3.22 33.66
C SER D 119 12.96 1.84 33.09
N TYR D 120 12.49 1.58 31.86
CA TYR D 120 12.63 0.25 31.27
C TYR D 120 14.08 -0.15 31.11
N ALA D 121 14.87 0.69 30.44
CA ALA D 121 16.28 0.40 30.26
C ALA D 121 17.02 0.50 31.58
N TRP D 122 16.65 1.46 32.41
CA TRP D 122 17.23 1.57 33.75
C TRP D 122 16.98 0.29 34.53
N PHE D 123 15.76 -0.22 34.44
CA PHE D 123 15.43 -1.47 35.12
C PHE D 123 16.28 -2.61 34.56
N LEU D 124 16.40 -2.70 33.24
CA LEU D 124 17.17 -3.79 32.64
C LEU D 124 18.62 -3.76 33.11
N THR D 125 19.21 -2.57 33.16
CA THR D 125 20.58 -2.44 33.65
C THR D 125 20.67 -2.85 35.11
N TRP D 126 19.68 -2.48 35.93
CA TRP D 126 19.74 -2.85 37.34
C TRP D 126 19.64 -4.36 37.52
N MET D 127 18.74 -5.02 36.78
CA MET D 127 18.70 -6.48 36.83
C MET D 127 20.02 -7.09 36.38
N ALA D 128 20.65 -6.51 35.34
CA ALA D 128 21.84 -7.13 34.78
C ALA D 128 22.98 -7.17 35.79
N LYS D 129 23.18 -6.07 36.53
CA LYS D 129 24.34 -5.99 37.43
C LYS D 129 24.14 -6.85 38.67
N HIS D 130 22.89 -7.13 39.04
CA HIS D 130 22.59 -7.68 40.35
C HIS D 130 23.19 -9.07 40.50
N PRO D 131 23.79 -9.41 41.66
CA PRO D 131 24.50 -10.68 41.78
C PRO D 131 23.61 -11.86 42.12
N GLN D 132 22.44 -11.60 42.70
CA GLN D 132 21.51 -12.68 43.06
C GLN D 132 20.66 -13.13 41.88
N ARG D 133 21.02 -12.73 40.66
CA ARG D 133 20.30 -13.18 39.47
C ARG D 133 20.37 -14.70 39.37
N VAL D 134 19.22 -15.31 39.13
CA VAL D 134 19.08 -16.75 38.96
C VAL D 134 18.59 -17.01 37.54
N SER D 135 19.06 -16.20 36.59
CA SER D 135 18.54 -16.17 35.23
C SER D 135 18.53 -17.56 34.61
N ARG D 136 17.33 -18.06 34.33
CA ARG D 136 17.15 -19.36 33.72
C ARG D 136 17.23 -19.27 32.19
N HIS D 137 17.15 -18.07 31.64
CA HIS D 137 17.33 -17.84 30.21
C HIS D 137 18.39 -16.75 30.03
N LEU D 138 19.29 -16.97 29.08
CA LEU D 138 20.43 -16.09 28.87
C LEU D 138 20.46 -15.64 27.41
N SER D 139 21.26 -14.60 27.16
CA SER D 139 21.60 -14.16 25.83
C SER D 139 23.09 -13.86 25.79
N VAL D 140 23.57 -13.34 24.67
CA VAL D 140 24.97 -12.95 24.51
C VAL D 140 25.03 -11.59 23.84
N ARG D 141 25.85 -10.70 24.38
CA ARG D 141 26.10 -9.38 23.81
C ARG D 141 27.59 -9.27 23.54
N THR D 142 27.97 -9.29 22.27
CA THR D 142 29.36 -9.17 21.88
C THR D 142 29.75 -7.71 21.73
N ASN D 143 30.93 -7.38 22.23
CA ASN D 143 31.44 -6.01 22.15
C ASN D 143 32.96 -6.06 22.08
N TYR D 144 33.55 -5.01 21.50
CA TYR D 144 34.99 -4.91 21.36
C TYR D 144 35.55 -4.11 22.52
N ILE D 145 36.57 -4.66 23.16
CA ILE D 145 37.25 -4.01 24.28
C ILE D 145 38.55 -3.41 23.77
N GLN D 146 38.74 -2.12 24.04
CA GLN D 146 39.93 -1.39 23.62
C GLN D 146 40.82 -1.17 24.83
N HIS D 147 42.04 -1.70 24.78
CA HIS D 147 43.01 -1.52 25.86
C HIS D 147 43.85 -0.27 25.59
N ASP D 148 43.14 0.85 25.45
CA ASP D 148 43.74 2.10 25.02
C ASP D 148 44.43 1.85 23.68
N ASN D 149 45.56 2.50 23.40
CA ASN D 149 46.32 2.22 22.18
C ASN D 149 47.21 0.99 22.31
N GLY D 150 47.28 0.38 23.49
CA GLY D 150 48.15 -0.79 23.66
C GLY D 150 47.73 -1.95 22.79
N SER D 151 46.44 -2.26 22.78
CA SER D 151 45.92 -3.37 22.00
C SER D 151 44.39 -3.26 21.98
N VAL D 152 43.77 -4.08 21.14
CA VAL D 152 42.32 -4.18 21.05
C VAL D 152 41.94 -5.65 20.91
N SER D 153 40.89 -6.05 21.62
CA SER D 153 40.39 -7.41 21.55
C SER D 153 38.88 -7.38 21.65
N THR D 154 38.26 -8.51 21.32
CA THR D 154 36.82 -8.65 21.32
C THR D 154 36.40 -9.54 22.49
N LYS D 155 35.34 -9.12 23.18
CA LYS D 155 34.80 -9.86 24.31
C LYS D 155 33.28 -9.82 24.25
N PHE D 156 32.63 -10.18 25.35
CA PHE D 156 31.19 -10.42 25.34
C PHE D 156 30.66 -10.31 26.75
N SER D 157 29.33 -10.29 26.87
CA SER D 157 28.66 -10.32 28.16
C SER D 157 27.36 -11.09 27.99
N LEU D 158 27.13 -12.05 28.88
CA LEU D 158 25.93 -12.89 28.82
C LEU D 158 24.76 -12.15 29.45
N VAL D 159 24.13 -11.28 28.67
CA VAL D 159 22.94 -10.57 29.15
C VAL D 159 21.84 -11.59 29.39
N PRO D 160 21.02 -11.45 30.43
CA PRO D 160 19.89 -12.37 30.61
C PRO D 160 18.94 -12.35 29.43
N GLY D 161 18.39 -13.53 29.13
CA GLY D 161 17.47 -13.70 28.02
C GLY D 161 16.02 -13.59 28.46
N PRO D 162 15.11 -13.86 27.52
CA PRO D 162 13.68 -13.81 27.86
C PRO D 162 13.24 -15.07 28.58
N GLY D 163 12.44 -14.88 29.64
CA GLY D 163 11.92 -15.98 30.41
C GLY D 163 11.76 -15.62 31.87
N ASN D 164 11.70 -16.65 32.72
CA ASN D 164 11.49 -16.48 34.15
C ASN D 164 12.83 -16.42 34.87
N HIS D 165 12.98 -15.41 35.72
CA HIS D 165 14.23 -15.17 36.44
C HIS D 165 13.90 -14.79 37.88
N TRP D 166 14.68 -15.32 38.82
CA TRP D 166 14.48 -15.10 40.23
C TRP D 166 15.61 -14.23 40.79
N ILE D 167 15.26 -13.37 41.75
CA ILE D 167 16.22 -12.54 42.46
C ILE D 167 15.84 -12.49 43.93
N ARG D 168 16.85 -12.61 44.79
CA ARG D 168 16.66 -12.54 46.24
C ARG D 168 17.00 -11.14 46.73
N TYR D 169 16.19 -10.16 46.33
CA TYR D 169 16.51 -8.77 46.61
C TYR D 169 16.31 -8.47 48.09
N LYS D 170 17.44 -8.47 48.83
CA LYS D 170 17.49 -8.16 50.27
C LYS D 170 16.30 -8.75 51.04
N GLY D 171 16.11 -10.07 50.90
CA GLY D 171 15.10 -10.77 51.67
C GLY D 171 13.77 -10.95 50.98
N ALA D 172 13.71 -10.69 49.67
CA ALA D 172 12.49 -10.87 48.91
C ALA D 172 12.80 -11.61 47.61
N PHE D 173 12.16 -12.77 47.44
CA PHE D 173 12.33 -13.60 46.25
C PHE D 173 11.45 -13.05 45.13
N ILE D 174 12.06 -12.29 44.25
CA ILE D 174 11.36 -11.56 43.19
C ILE D 174 11.48 -12.35 41.90
N LEU D 175 10.35 -12.54 41.22
CA LEU D 175 10.33 -13.14 39.89
C LEU D 175 10.17 -12.04 38.85
N ILE D 176 10.88 -12.20 37.74
CA ILE D 176 10.87 -11.23 36.65
C ILE D 176 10.63 -11.98 35.35
N LYS D 177 9.97 -11.30 34.41
CA LYS D 177 9.58 -11.90 33.14
C LYS D 177 9.76 -10.86 32.04
N ARG D 178 10.71 -11.10 31.15
CA ARG D 178 10.90 -10.30 29.95
C ARG D 178 10.32 -11.05 28.77
N GLU D 179 9.49 -10.35 27.98
CA GLU D 179 8.87 -10.92 26.79
C GLU D 179 8.71 -9.83 25.75
N ARG D 180 8.88 -10.18 24.48
CA ARG D 180 8.65 -9.25 23.38
C ARG D 180 7.24 -9.41 22.85
N SER D 181 6.85 -8.51 21.95
CA SER D 181 5.59 -8.63 21.23
C SER D 181 5.67 -9.79 20.25
N ALA D 182 4.61 -9.96 19.45
CA ALA D 182 4.59 -11.04 18.47
C ALA D 182 5.79 -10.96 17.53
N LYS D 183 6.22 -9.74 17.19
CA LYS D 183 7.39 -9.53 16.35
C LYS D 183 8.22 -8.37 16.92
N MET D 184 9.46 -8.26 16.47
CA MET D 184 10.31 -7.08 16.65
C MET D 184 10.69 -6.47 15.30
N SER D 191 15.39 -3.35 12.82
CA SER D 191 14.68 -3.51 14.09
C SER D 191 13.74 -2.32 14.33
N PRO D 192 12.62 -2.26 13.61
CA PRO D 192 11.65 -1.19 13.86
C PRO D 192 11.09 -1.28 15.27
N PHE D 193 10.68 -0.13 15.79
CA PHE D 193 10.15 -0.07 17.15
C PHE D 193 8.96 -1.01 17.31
N GLU D 194 8.98 -1.76 18.41
CA GLU D 194 7.86 -2.61 18.77
C GLU D 194 7.96 -2.91 20.26
N THR D 195 6.81 -3.00 20.92
CA THR D 195 6.77 -2.99 22.37
C THR D 195 7.44 -4.22 22.97
N VAL D 196 8.19 -4.00 24.04
CA VAL D 196 8.72 -5.06 24.89
C VAL D 196 8.38 -4.68 26.32
N THR D 197 7.85 -5.64 27.08
CA THR D 197 7.34 -5.39 28.42
C THR D 197 8.08 -6.21 29.45
N LEU D 198 8.12 -5.69 30.67
CA LEU D 198 8.74 -6.34 31.82
C LEU D 198 7.76 -6.36 32.97
N THR D 199 7.76 -7.46 33.72
CA THR D 199 6.88 -7.62 34.86
C THR D 199 7.69 -8.09 36.06
N THR D 200 7.10 -7.91 37.24
CA THR D 200 7.78 -8.16 38.50
C THR D 200 6.74 -8.49 39.56
N LEU D 201 7.02 -9.55 40.34
CA LEU D 201 6.01 -10.24 41.12
C LEU D 201 6.46 -10.40 42.57
N TYR D 202 5.63 -9.92 43.49
CA TYR D 202 5.81 -10.16 44.92
C TYR D 202 4.60 -9.65 45.69
N ARG D 203 4.45 -10.13 46.93
CA ARG D 203 3.34 -9.71 47.77
C ARG D 203 3.52 -8.25 48.23
N ASP D 204 4.62 -7.97 48.93
CA ASP D 204 4.90 -6.64 49.45
C ASP D 204 5.59 -5.78 48.39
N LYS D 205 5.18 -4.51 48.31
CA LYS D 205 5.71 -3.56 47.35
C LYS D 205 6.69 -2.56 47.96
N HIS D 206 7.04 -2.71 49.24
CA HIS D 206 7.90 -1.72 49.88
C HIS D 206 9.36 -1.86 49.47
N LEU D 207 9.70 -2.91 48.71
CA LEU D 207 11.00 -2.99 48.04
C LEU D 207 10.92 -2.59 46.58
N PHE D 208 9.70 -2.46 46.04
CA PHE D 208 9.49 -2.20 44.62
C PHE D 208 10.07 -0.85 44.22
N ASP D 209 9.59 0.21 44.87
CA ASP D 209 10.11 1.55 44.64
C ASP D 209 11.60 1.61 44.95
N ASP D 210 12.07 0.81 45.90
CA ASP D 210 13.49 0.79 46.21
C ASP D 210 14.31 0.31 45.01
N ILE D 211 13.88 -0.77 44.38
CA ILE D 211 14.57 -1.25 43.18
C ILE D 211 14.52 -0.20 42.10
N LEU D 212 13.37 0.45 41.93
CA LEU D 212 13.25 1.47 40.90
C LEU D 212 14.20 2.64 41.16
N ASN D 213 14.32 3.05 42.42
CA ASN D 213 15.26 4.12 42.77
C ASN D 213 16.70 3.71 42.52
N GLU D 214 17.04 2.46 42.83
CA GLU D 214 18.41 2.01 42.56
C GLU D 214 18.71 2.02 41.07
N ALA D 215 17.73 1.62 40.26
CA ALA D 215 17.90 1.72 38.81
C ALA D 215 18.08 3.17 38.37
N LYS D 216 17.33 4.08 38.99
CA LYS D 216 17.53 5.50 38.72
C LYS D 216 18.95 5.92 39.03
N ASP D 217 19.48 5.47 40.17
CA ASP D 217 20.83 5.84 40.56
C ASP D 217 21.85 5.31 39.55
N ILE D 218 21.67 4.07 39.10
CA ILE D 218 22.55 3.52 38.08
C ILE D 218 22.50 4.39 36.82
N ALA D 219 21.30 4.80 36.43
CA ALA D 219 21.17 5.66 35.26
C ALA D 219 21.89 6.98 35.46
N LEU D 220 21.76 7.58 36.65
CA LEU D 220 22.40 8.87 36.91
C LEU D 220 23.92 8.74 36.88
N LYS D 221 24.44 7.60 37.33
CA LYS D 221 25.89 7.42 37.35
C LYS D 221 26.49 7.53 35.95
N THR D 222 25.85 6.89 34.97
CA THR D 222 26.37 6.94 33.61
C THR D 222 26.32 8.36 33.05
N THR D 223 25.23 9.07 33.28
CA THR D 223 25.03 10.42 32.76
C THR D 223 25.47 11.46 33.79
N GLU D 224 26.72 11.31 34.24
CA GLU D 224 27.26 12.20 35.26
C GLU D 224 27.96 13.41 34.66
N GLY D 225 29.00 13.16 33.87
CA GLY D 225 29.78 14.22 33.25
C GLY D 225 29.54 14.33 31.75
N LYS D 226 28.37 13.88 31.31
CA LYS D 226 28.01 13.85 29.90
C LYS D 226 26.81 14.75 29.64
N THR D 227 26.50 14.91 28.36
CA THR D 227 25.33 15.64 27.90
C THR D 227 24.54 14.73 26.98
N VAL D 228 23.31 14.42 27.36
CA VAL D 228 22.48 13.51 26.58
C VAL D 228 21.94 14.24 25.36
N ILE D 229 21.81 13.49 24.27
CA ILE D 229 21.28 14.01 23.00
C ILE D 229 20.04 13.21 22.67
N TYR D 230 18.96 13.91 22.34
CA TYR D 230 17.70 13.30 21.96
C TYR D 230 17.38 13.64 20.52
N THR D 231 16.72 12.70 19.83
CA THR D 231 16.37 12.84 18.43
C THR D 231 14.89 12.57 18.24
N SER D 232 14.36 13.10 17.14
CA SER D 232 12.94 12.99 16.83
C SER D 232 12.69 11.71 16.06
N PHE D 233 11.87 10.83 16.64
CA PHE D 233 11.41 9.60 16.01
C PHE D 233 9.91 9.54 16.19
N GLY D 234 9.17 10.02 15.19
CA GLY D 234 7.74 10.10 15.30
C GLY D 234 7.35 11.22 16.26
N PRO D 235 6.24 11.06 16.98
CA PRO D 235 5.78 12.12 17.88
C PRO D 235 6.48 12.17 19.23
N GLU D 236 7.60 11.45 19.41
CA GLU D 236 8.29 11.42 20.69
C GLU D 236 9.78 11.31 20.47
N TRP D 237 10.53 11.64 21.51
CA TRP D 237 11.98 11.65 21.47
C TRP D 237 12.56 10.34 21.98
N ARG D 238 13.87 10.17 21.76
CA ARG D 238 14.62 9.08 22.37
C ARG D 238 16.09 9.47 22.41
N LYS D 239 16.84 8.84 23.30
CA LYS D 239 18.28 9.04 23.34
C LYS D 239 18.91 8.54 22.05
N PHE D 240 19.88 9.29 21.54
CA PHE D 240 20.65 8.92 20.36
C PHE D 240 22.06 8.59 20.80
N GLY D 241 22.44 7.32 20.68
CA GLY D 241 23.80 6.91 20.98
C GLY D 241 24.17 7.12 22.44
N GLN D 242 25.36 6.66 22.80
CA GLN D 242 25.84 6.86 24.16
C GLN D 242 26.09 8.35 24.42
N PRO D 243 25.99 8.80 25.66
CA PRO D 243 26.27 10.21 25.94
C PRO D 243 27.72 10.58 25.63
N LYS D 244 27.92 11.86 25.33
CA LYS D 244 29.23 12.42 25.04
C LYS D 244 29.67 13.36 26.15
N ALA D 245 30.98 13.49 26.30
CA ALA D 245 31.53 14.34 27.34
C ALA D 245 31.22 15.80 27.07
N LYS D 246 31.16 16.58 28.15
CA LYS D 246 30.84 17.99 28.03
C LYS D 246 31.97 18.76 27.36
N ARG D 247 31.59 19.69 26.49
CA ARG D 247 32.53 20.60 25.83
C ARG D 247 32.61 21.86 26.68
N MET D 248 33.65 21.96 27.50
CA MET D 248 33.69 23.04 28.48
C MET D 248 33.80 24.38 27.78
N LEU D 249 33.09 25.38 28.31
CA LEU D 249 32.97 26.67 27.65
C LEU D 249 34.31 27.34 27.35
N PRO D 250 35.30 27.35 28.24
CA PRO D 250 36.58 28.00 27.90
C PRO D 250 37.23 27.44 26.64
N SER D 251 36.94 26.19 26.29
CA SER D 251 37.41 25.65 25.02
C SER D 251 36.83 26.43 23.85
N VAL D 252 35.61 26.93 23.98
CA VAL D 252 34.95 27.64 22.90
C VAL D 252 35.39 29.09 22.93
N ILE D 253 36.20 29.49 21.95
CA ILE D 253 36.71 30.85 21.86
C ILE D 253 35.78 31.63 20.92
N LEU D 254 35.17 32.68 21.46
CA LEU D 254 34.31 33.57 20.71
C LEU D 254 34.78 35.00 20.90
N ASP D 255 34.15 35.91 20.16
CA ASP D 255 34.51 37.32 20.25
C ASP D 255 34.21 37.85 21.65
N SER D 256 34.76 39.01 21.97
CA SER D 256 34.68 39.54 23.32
C SER D 256 33.24 39.87 23.70
N GLY D 257 32.80 39.35 24.85
CA GLY D 257 31.52 39.70 25.41
C GLY D 257 30.36 38.87 24.90
N ILE D 258 30.56 38.14 23.80
CA ILE D 258 29.47 37.36 23.22
C ILE D 258 29.07 36.24 24.17
N LYS D 259 30.04 35.45 24.61
CA LYS D 259 29.77 34.35 25.52
C LYS D 259 29.18 34.86 26.82
N GLU D 260 29.77 35.92 27.37
CA GLU D 260 29.29 36.46 28.64
C GLU D 260 27.88 37.01 28.50
N GLY D 261 27.61 37.73 27.42
CA GLY D 261 26.27 38.28 27.22
C GLY D 261 25.23 37.18 27.08
N ILE D 262 25.54 36.16 26.30
CA ILE D 262 24.59 35.06 26.12
C ILE D 262 24.35 34.35 27.44
N LEU D 263 25.41 34.10 28.21
CA LEU D 263 25.25 33.42 29.49
C LEU D 263 24.41 34.26 30.45
N ASP D 264 24.65 35.57 30.48
CA ASP D 264 23.86 36.43 31.36
C ASP D 264 22.39 36.42 30.95
N ASP D 265 22.12 36.49 29.65
CA ASP D 265 20.75 36.45 29.17
C ASP D 265 20.06 35.14 29.57
N VAL D 266 20.77 34.02 29.38
CA VAL D 266 20.18 32.72 29.68
C VAL D 266 19.90 32.60 31.18
N TYR D 267 20.86 33.00 32.00
CA TYR D 267 20.67 32.89 33.45
C TYR D 267 19.53 33.79 33.90
N ASP D 268 19.44 34.99 33.34
CA ASP D 268 18.34 35.89 33.67
C ASP D 268 17.01 35.27 33.31
N PHE D 269 16.93 34.62 32.15
CA PHE D 269 15.67 33.99 31.75
C PHE D 269 15.32 32.83 32.67
N MET D 270 16.28 31.95 32.94
CA MET D 270 15.99 30.77 33.76
C MET D 270 15.59 31.18 35.17
N LYS D 271 16.28 32.17 35.74
CA LYS D 271 16.00 32.57 37.12
C LYS D 271 14.65 33.26 37.22
N ASN D 272 14.33 34.15 36.29
CA ASN D 272 13.11 34.95 36.35
C ASN D 272 11.94 34.15 35.76
N GLY D 273 11.52 33.13 36.50
CA GLY D 273 10.41 32.30 36.09
C GLY D 273 9.06 32.92 36.37
N LYS D 274 8.82 33.26 37.64
CA LYS D 274 7.53 33.81 38.02
C LYS D 274 7.30 35.18 37.40
N TRP D 275 8.36 35.92 37.13
CA TRP D 275 8.23 37.27 36.62
C TRP D 275 7.49 37.28 35.28
N TYR D 276 7.75 36.27 34.44
CA TYR D 276 7.03 36.16 33.18
C TYR D 276 5.54 35.94 33.43
N SER D 277 5.20 35.06 34.37
CA SER D 277 3.80 34.72 34.61
C SER D 277 3.05 35.90 35.20
N ASP D 278 3.68 36.64 36.13
CA ASP D 278 2.99 37.74 36.79
C ASP D 278 2.58 38.81 35.78
N ARG D 279 3.35 38.97 34.71
CA ARG D 279 3.08 39.96 33.68
C ARG D 279 2.53 39.32 32.41
N GLY D 280 2.12 38.05 32.47
CA GLY D 280 1.40 37.43 31.37
C GLY D 280 2.18 37.29 30.09
N ILE D 281 3.41 36.81 30.16
CA ILE D 281 4.22 36.52 28.98
C ILE D 281 4.49 35.02 28.96
N PRO D 282 4.60 34.38 27.79
CA PRO D 282 5.00 32.97 27.78
C PRO D 282 6.43 32.82 28.25
N TYR D 283 6.63 31.92 29.22
CA TYR D 283 7.97 31.65 29.75
C TYR D 283 8.71 30.77 28.77
N ARG D 284 9.13 31.37 27.65
CA ARG D 284 9.84 30.67 26.60
C ARG D 284 10.72 31.68 25.89
N ARG D 285 11.95 31.28 25.58
CA ARG D 285 12.91 32.15 24.95
C ARG D 285 13.63 31.42 23.82
N GLY D 286 14.02 32.18 22.81
CA GLY D 286 14.69 31.62 21.65
C GLY D 286 15.89 32.44 21.25
N TYR D 287 16.98 31.75 20.94
CA TYR D 287 18.24 32.37 20.58
C TYR D 287 18.62 31.98 19.17
N LEU D 288 19.28 32.89 18.46
CA LEU D 288 19.75 32.67 17.10
C LEU D 288 21.23 32.97 17.02
N LEU D 289 21.99 32.05 16.42
CA LEU D 289 23.42 32.21 16.18
C LEU D 289 23.67 32.09 14.69
N TYR D 290 23.80 33.22 14.02
CA TYR D 290 23.99 33.26 12.57
C TYR D 290 25.42 33.71 12.27
N GLY D 291 26.06 33.01 11.35
CA GLY D 291 27.40 33.37 10.95
C GLY D 291 27.98 32.40 9.93
N PRO D 292 29.20 32.67 9.48
CA PRO D 292 29.82 31.80 8.48
C PRO D 292 30.07 30.42 9.03
N PRO D 293 30.33 29.43 8.16
CA PRO D 293 30.60 28.08 8.65
C PRO D 293 31.91 28.03 9.43
N GLY D 294 31.98 27.05 10.34
CA GLY D 294 33.17 26.87 11.15
C GLY D 294 33.49 28.06 12.02
N SER D 295 32.45 28.70 12.58
CA SER D 295 32.62 29.84 13.47
C SER D 295 32.39 29.49 14.93
N GLY D 296 32.10 28.24 15.24
CA GLY D 296 31.92 27.80 16.61
C GLY D 296 30.50 27.83 17.12
N LYS D 297 29.51 27.95 16.23
CA LYS D 297 28.13 28.05 16.64
C LYS D 297 27.68 26.80 17.39
N THR D 298 27.63 25.66 16.69
CA THR D 298 27.16 24.43 17.31
C THR D 298 28.06 23.99 18.45
N SER D 299 29.35 24.29 18.37
CA SER D 299 30.24 24.03 19.49
C SER D 299 29.81 24.81 20.72
N PHE D 300 29.44 26.08 20.52
CA PHE D 300 28.97 26.88 21.65
C PHE D 300 27.65 26.35 22.18
N ILE D 301 26.79 25.86 21.29
CA ILE D 301 25.53 25.25 21.74
C ILE D 301 25.83 24.07 22.65
N GLN D 302 26.73 23.20 22.21
CA GLN D 302 27.13 22.05 23.01
C GLN D 302 27.68 22.50 24.36
N ALA D 303 28.54 23.52 24.35
CA ALA D 303 29.18 23.94 25.59
C ALA D 303 28.18 24.54 26.56
N LEU D 304 27.25 25.36 26.05
CA LEU D 304 26.24 25.94 26.92
C LEU D 304 25.34 24.87 27.50
N ALA D 305 24.95 23.89 26.68
CA ALA D 305 24.13 22.80 27.18
C ALA D 305 24.86 22.03 28.28
N GLY D 306 26.16 21.78 28.09
CA GLY D 306 26.92 21.12 29.12
C GLY D 306 27.05 21.95 30.38
N GLU D 307 27.23 23.26 30.23
CA GLU D 307 27.36 24.15 31.38
C GLU D 307 26.09 24.16 32.21
N LEU D 308 24.93 24.24 31.55
CA LEU D 308 23.66 24.20 32.25
C LEU D 308 23.26 22.79 32.65
N ASP D 309 24.00 21.76 32.21
CA ASP D 309 23.67 20.37 32.47
C ASP D 309 22.40 19.93 31.76
N TYR D 310 21.98 20.67 30.74
CA TYR D 310 20.78 20.33 29.99
C TYR D 310 21.12 19.33 28.88
N ASN D 311 20.07 18.74 28.32
CA ASN D 311 20.19 17.76 27.24
C ASN D 311 19.67 18.35 25.95
N ILE D 312 20.47 18.29 24.89
CA ILE D 312 20.08 18.83 23.60
C ILE D 312 19.07 17.89 22.96
N CYS D 313 18.01 18.47 22.40
CA CYS D 313 17.00 17.74 21.63
C CYS D 313 17.07 18.26 20.20
N ILE D 314 17.95 17.67 19.41
CA ILE D 314 18.13 18.11 18.03
C ILE D 314 16.90 17.75 17.22
N LEU D 315 16.52 18.62 16.29
CA LEU D 315 15.35 18.43 15.45
C LEU D 315 15.68 18.88 14.04
N ASN D 316 15.34 18.04 13.06
CA ASN D 316 15.55 18.32 11.65
C ASN D 316 14.19 18.54 10.99
N LEU D 317 13.91 19.78 10.60
CA LEU D 317 12.64 20.10 9.98
C LEU D 317 12.57 19.66 8.53
N SER D 318 13.72 19.57 7.86
CA SER D 318 13.73 19.10 6.48
C SER D 318 13.29 17.65 6.36
N GLU D 319 13.24 16.92 7.48
CA GLU D 319 12.70 15.57 7.49
C GLU D 319 11.30 15.55 6.88
N ASN D 320 11.15 14.74 5.82
CA ASN D 320 9.90 14.77 5.05
C ASN D 320 8.74 14.18 5.84
N ASN D 321 8.98 13.08 6.57
CA ASN D 321 7.91 12.46 7.34
C ASN D 321 7.38 13.36 8.45
N LEU D 322 8.12 14.40 8.82
CA LEU D 322 7.67 15.31 9.86
C LEU D 322 6.39 16.02 9.44
N THR D 323 5.50 16.24 10.41
CA THR D 323 4.24 16.93 10.19
C THR D 323 4.04 17.97 11.28
N ASP D 324 3.10 18.89 11.03
CA ASP D 324 2.84 19.96 11.97
C ASP D 324 2.38 19.42 13.32
N ASP D 325 1.46 18.47 13.31
CA ASP D 325 1.00 17.87 14.56
C ASP D 325 2.14 17.15 15.27
N ARG D 326 2.94 16.39 14.51
CA ARG D 326 4.10 15.72 15.09
C ARG D 326 5.07 16.74 15.66
N LEU D 327 5.27 17.84 14.94
CA LEU D 327 6.15 18.90 15.43
C LEU D 327 5.66 19.47 16.75
N ASN D 328 4.36 19.78 16.82
CA ASN D 328 3.81 20.36 18.04
C ASN D 328 3.93 19.39 19.20
N HIS D 329 3.63 18.11 18.96
CA HIS D 329 3.75 17.12 20.02
C HIS D 329 5.19 16.99 20.49
N LEU D 330 6.15 16.99 19.56
CA LEU D 330 7.54 16.85 19.94
C LEU D 330 8.01 18.04 20.76
N MET D 331 7.68 19.26 20.33
CA MET D 331 8.08 20.43 21.10
C MET D 331 7.31 20.59 22.39
N ASN D 332 6.18 19.87 22.55
CA ASN D 332 5.43 19.91 23.80
C ASN D 332 5.76 18.76 24.73
N ASN D 333 6.32 17.66 24.23
CA ASN D 333 6.67 16.50 25.03
C ASN D 333 8.17 16.31 25.15
N MET D 334 8.92 17.42 25.16
CA MET D 334 10.36 17.32 25.30
C MET D 334 10.70 16.84 26.72
N PRO D 335 11.78 16.08 26.89
CA PRO D 335 12.21 15.75 28.24
C PRO D 335 12.64 17.01 28.99
N GLU D 336 12.46 16.98 30.31
CA GLU D 336 12.76 18.16 31.11
C GLU D 336 14.26 18.39 31.19
N ARG D 337 14.63 19.63 31.51
CA ARG D 337 16.02 20.04 31.58
C ARG D 337 16.72 19.80 30.25
N SER D 338 16.12 20.33 29.19
CA SER D 338 16.59 20.11 27.83
C SER D 338 16.55 21.41 27.04
N ILE D 339 17.37 21.46 25.99
CA ILE D 339 17.45 22.59 25.09
C ILE D 339 17.09 22.12 23.70
N LEU D 340 16.18 22.83 23.05
CA LEU D 340 15.83 22.53 21.67
C LEU D 340 16.86 23.17 20.75
N LEU D 341 17.23 22.44 19.69
CA LEU D 341 18.22 22.90 18.73
C LEU D 341 17.67 22.69 17.33
N LEU D 342 17.70 23.75 16.53
CA LEU D 342 17.25 23.75 15.14
C LEU D 342 18.42 24.20 14.27
N GLU D 343 19.24 23.25 13.85
CA GLU D 343 20.39 23.57 13.02
C GLU D 343 19.92 23.89 11.60
N ASP D 344 20.40 25.02 11.09
CA ASP D 344 20.08 25.47 9.74
C ASP D 344 18.56 25.60 9.56
N ILE D 345 17.99 26.51 10.34
CA ILE D 345 16.56 26.80 10.24
C ILE D 345 16.18 27.40 8.90
N ASP D 346 17.17 27.87 8.13
CA ASP D 346 16.90 28.43 6.82
C ASP D 346 16.62 27.38 5.75
N ALA D 347 16.66 26.09 6.11
CA ALA D 347 16.45 25.03 5.12
C ALA D 347 15.07 25.14 4.49
N ALA D 348 14.06 25.42 5.30
CA ALA D 348 12.69 25.56 4.80
C ALA D 348 12.61 26.71 3.79
N SER D 363 7.35 18.00 5.16
CA SER D 363 5.92 18.23 5.07
C SER D 363 5.44 19.34 5.99
N VAL D 364 6.34 19.87 6.83
CA VAL D 364 5.98 20.92 7.76
C VAL D 364 5.58 22.16 6.98
N THR D 365 4.68 22.95 7.56
CA THR D 365 4.19 24.18 6.97
C THR D 365 4.80 25.39 7.68
N PHE D 366 4.95 26.47 6.92
CA PHE D 366 5.53 27.69 7.47
C PHE D 366 4.66 28.25 8.60
N SER D 367 3.35 28.31 8.36
CA SER D 367 2.44 28.80 9.39
C SER D 367 2.43 27.88 10.61
N GLY D 368 2.47 26.57 10.37
CA GLY D 368 2.51 25.64 11.49
C GLY D 368 3.74 25.82 12.34
N LEU D 369 4.89 26.00 11.69
CA LEU D 369 6.12 26.25 12.43
C LEU D 369 6.03 27.55 13.21
N LEU D 370 5.52 28.61 12.59
CA LEU D 370 5.43 29.89 13.26
C LEU D 370 4.54 29.80 14.50
N ASN D 371 3.40 29.11 14.37
CA ASN D 371 2.50 28.95 15.51
C ASN D 371 3.14 28.09 16.58
N ALA D 372 3.88 27.05 16.18
CA ALA D 372 4.52 26.19 17.15
C ALA D 372 5.55 26.94 17.97
N LEU D 373 6.38 27.75 17.32
CA LEU D 373 7.40 28.50 18.05
C LEU D 373 6.77 29.53 18.97
N ASP D 374 5.85 30.34 18.45
CA ASP D 374 5.15 31.36 19.23
C ASP D 374 3.69 31.31 18.83
N GLY D 375 2.86 30.71 19.68
CA GLY D 375 1.46 30.58 19.38
C GLY D 375 0.74 29.90 20.52
N VAL D 376 -0.54 29.61 20.27
CA VAL D 376 -1.37 28.99 21.30
C VAL D 376 -0.84 27.61 21.66
N THR D 377 -0.49 26.82 20.65
CA THR D 377 0.00 25.47 20.87
C THR D 377 1.44 25.43 21.37
N SER D 378 2.13 26.56 21.40
CA SER D 378 3.53 26.57 21.82
C SER D 378 3.64 26.14 23.28
N SER D 379 4.72 25.45 23.60
CA SER D 379 4.93 24.92 24.95
C SER D 379 5.43 26.03 25.86
N GLU D 380 5.82 25.65 27.07
CA GLU D 380 6.25 26.58 28.10
C GLU D 380 7.51 26.06 28.77
N GLU D 381 8.32 27.00 29.28
CA GLU D 381 9.54 26.67 30.01
C GLU D 381 10.51 25.91 29.13
N THR D 382 10.74 26.44 27.93
CA THR D 382 11.62 25.83 26.93
C THR D 382 12.57 26.87 26.38
N ILE D 383 13.78 26.42 26.07
CA ILE D 383 14.81 27.25 25.44
C ILE D 383 15.18 26.60 24.12
N THR D 384 15.16 27.40 23.06
CA THR D 384 15.43 26.92 21.70
C THR D 384 16.57 27.72 21.10
N PHE D 385 17.44 27.01 20.37
CA PHE D 385 18.59 27.61 19.72
C PHE D 385 18.54 27.32 18.23
N MET D 386 18.72 28.36 17.42
CA MET D 386 18.70 28.25 15.97
C MET D 386 20.03 28.74 15.41
N THR D 387 20.44 28.13 14.30
CA THR D 387 21.69 28.48 13.63
C THR D 387 21.45 28.60 12.14
N THR D 388 22.18 29.53 11.51
CA THR D 388 22.15 29.68 10.07
C THR D 388 23.50 30.18 9.57
N ASN D 389 23.75 29.95 8.29
CA ASN D 389 24.77 30.66 7.54
C ASN D 389 24.16 31.64 6.55
N HIS D 390 22.85 31.63 6.37
CA HIS D 390 22.14 32.50 5.44
C HIS D 390 20.93 33.11 6.15
N PRO D 391 21.17 34.01 7.11
CA PRO D 391 20.04 34.61 7.83
C PRO D 391 19.13 35.43 6.93
N GLU D 392 19.64 35.91 5.80
CA GLU D 392 18.82 36.72 4.89
C GLU D 392 17.61 35.94 4.38
N LYS D 393 17.72 34.62 4.28
CA LYS D 393 16.60 33.82 3.80
C LYS D 393 15.40 33.92 4.74
N LEU D 394 15.66 34.02 6.04
CA LEU D 394 14.58 34.05 7.01
C LEU D 394 13.74 35.30 6.84
N ASP D 395 12.42 35.13 6.98
CA ASP D 395 11.49 36.23 6.81
C ASP D 395 11.41 37.04 8.09
N ALA D 396 10.50 38.02 8.11
CA ALA D 396 10.36 38.89 9.27
C ALA D 396 9.60 38.20 10.39
N ALA D 397 8.59 37.40 10.05
CA ALA D 397 7.74 36.79 11.07
C ALA D 397 8.53 35.83 11.94
N ILE D 398 9.39 35.02 11.32
CA ILE D 398 10.19 34.07 12.09
C ILE D 398 11.19 34.83 12.96
N MET D 399 11.72 35.94 12.47
CA MET D 399 12.65 36.78 13.23
C MET D 399 11.92 37.73 14.18
N ARG D 400 10.65 37.49 14.45
CA ARG D 400 9.94 38.30 15.43
C ARG D 400 10.60 38.13 16.79
N PRO D 401 10.65 39.19 17.61
CA PRO D 401 11.26 39.03 18.95
C PRO D 401 10.61 37.95 19.79
N GLY D 402 9.30 37.74 19.65
CA GLY D 402 8.64 36.71 20.44
C GLY D 402 9.15 35.31 20.14
N ARG D 403 9.62 35.07 18.91
CA ARG D 403 10.15 33.79 18.51
C ARG D 403 11.67 33.74 18.62
N ILE D 404 12.35 34.75 18.08
CA ILE D 404 13.79 34.89 18.21
C ILE D 404 14.04 36.13 19.06
N ASP D 405 14.19 35.92 20.37
CA ASP D 405 14.38 37.04 21.29
C ASP D 405 15.79 37.60 21.18
N TYR D 406 16.79 36.74 20.98
CA TYR D 406 18.19 37.12 20.98
C TYR D 406 18.83 36.61 19.69
N LYS D 407 19.55 37.50 19.01
CA LYS D 407 20.25 37.17 17.77
C LYS D 407 21.69 37.60 17.90
N VAL D 408 22.61 36.70 17.54
CA VAL D 408 24.04 36.92 17.72
C VAL D 408 24.75 36.58 16.42
N PHE D 409 25.76 37.38 16.08
CA PHE D 409 26.56 37.18 14.88
C PHE D 409 27.85 36.46 15.29
N VAL D 410 27.90 35.16 15.04
CA VAL D 410 29.10 34.37 15.30
C VAL D 410 29.94 34.44 14.04
N GLY D 411 30.70 35.53 13.92
CA GLY D 411 31.41 35.84 12.70
C GLY D 411 32.74 35.12 12.60
N ASN D 412 33.49 35.49 11.57
CA ASN D 412 34.80 34.91 11.34
C ASN D 412 35.77 35.32 12.46
N ALA D 413 36.95 34.73 12.42
CA ALA D 413 37.93 34.96 13.48
C ALA D 413 38.38 36.41 13.51
N THR D 414 38.62 36.89 14.72
CA THR D 414 39.15 38.22 14.99
C THR D 414 40.43 38.09 15.79
N PRO D 415 41.26 39.15 15.84
CA PRO D 415 42.57 39.02 16.50
C PRO D 415 42.49 38.52 17.94
N TYR D 416 41.47 38.97 18.67
CA TYR D 416 41.24 38.44 20.00
C TYR D 416 41.01 36.93 19.97
N GLN D 417 40.14 36.48 19.07
CA GLN D 417 39.86 35.06 18.95
C GLN D 417 41.10 34.28 18.56
N VAL D 418 41.88 34.83 17.62
CA VAL D 418 43.11 34.17 17.17
C VAL D 418 44.06 34.00 18.35
N GLU D 419 44.27 35.08 19.11
CA GLU D 419 45.18 35.04 20.25
C GLU D 419 44.73 34.01 21.26
N LYS D 420 43.44 34.05 21.65
CA LYS D 420 42.96 33.15 22.69
C LYS D 420 43.00 31.69 22.22
N MET D 421 42.71 31.45 20.94
CA MET D 421 42.85 30.10 20.40
C MET D 421 44.28 29.62 20.50
N PHE D 422 45.24 30.49 20.16
CA PHE D 422 46.64 30.12 20.24
C PHE D 422 47.03 29.76 21.68
N MET D 423 46.60 30.57 22.65
CA MET D 423 46.87 30.20 24.04
C MET D 423 46.22 28.89 24.41
N LYS D 424 45.00 28.64 23.92
CA LYS D 424 44.33 27.38 24.23
C LYS D 424 45.13 26.20 23.70
N PHE D 425 45.63 26.30 22.48
CA PHE D 425 46.35 25.18 21.87
C PHE D 425 47.82 25.18 22.25
N TYR D 426 48.40 26.37 22.44
CA TYR D 426 49.81 26.51 22.81
C TYR D 426 49.91 27.39 24.06
N PRO D 427 49.49 26.87 25.21
CA PRO D 427 49.54 27.68 26.44
C PRO D 427 50.97 28.06 26.81
N GLY D 428 51.12 29.27 27.35
CA GLY D 428 52.40 29.76 27.80
C GLY D 428 53.19 30.48 26.72
N GLU D 429 52.91 30.18 25.46
CA GLU D 429 53.64 30.79 24.35
C GLU D 429 53.06 32.15 24.02
N THR D 430 53.59 33.18 24.68
CA THR D 430 53.04 34.52 24.54
C THR D 430 53.67 35.28 23.38
N ASP D 431 55.01 35.38 23.36
CA ASP D 431 55.67 36.07 22.27
C ASP D 431 55.39 35.40 20.94
N ILE D 432 55.37 34.06 20.93
CA ILE D 432 55.05 33.32 19.71
C ILE D 432 53.62 33.64 19.29
N CYS D 433 52.70 33.75 20.26
CA CYS D 433 51.36 34.23 19.96
C CYS D 433 51.38 35.61 19.32
N LYS D 434 52.16 36.53 19.87
CA LYS D 434 52.18 37.88 19.35
C LYS D 434 52.64 37.88 17.90
N LYS D 435 53.71 37.16 17.61
CA LYS D 435 54.18 37.08 16.23
C LYS D 435 53.15 36.40 15.34
N PHE D 436 52.48 35.38 15.86
CA PHE D 436 51.49 34.66 15.06
C PHE D 436 50.31 35.57 14.70
N VAL D 437 49.81 36.33 15.66
CA VAL D 437 48.68 37.21 15.37
C VAL D 437 49.12 38.34 14.45
N ASN D 438 50.35 38.84 14.61
CA ASN D 438 50.84 39.85 13.69
C ASN D 438 50.91 39.31 12.26
N SER D 439 51.41 38.08 12.12
CA SER D 439 51.48 37.47 10.79
C SER D 439 50.09 37.26 10.20
N VAL D 440 49.15 36.82 11.03
CA VAL D 440 47.79 36.61 10.56
C VAL D 440 47.18 37.92 10.08
N LYS D 441 47.40 39.00 10.83
CA LYS D 441 46.92 40.30 10.42
C LYS D 441 47.57 40.73 9.11
N GLU D 442 48.88 40.50 8.98
CA GLU D 442 49.59 40.89 7.77
C GLU D 442 49.11 40.09 6.56
N LEU D 443 48.62 38.86 6.78
CA LEU D 443 48.15 38.06 5.67
C LEU D 443 46.89 38.64 5.05
N ASP D 444 46.07 39.34 5.84
CA ASP D 444 44.85 39.99 5.35
C ASP D 444 43.91 38.96 4.73
N ILE D 445 43.44 38.03 5.55
CA ILE D 445 42.57 36.95 5.12
C ILE D 445 41.39 36.85 6.07
N THR D 446 40.26 36.39 5.54
CA THR D 446 39.06 36.15 6.35
C THR D 446 39.09 34.74 6.91
N VAL D 447 40.13 34.47 7.69
CA VAL D 447 40.33 33.14 8.26
C VAL D 447 39.21 32.82 9.22
N SER D 448 38.71 31.58 9.15
CA SER D 448 37.72 31.09 10.08
C SER D 448 38.40 30.46 11.29
N THR D 449 37.62 30.30 12.36
CA THR D 449 38.13 29.67 13.57
C THR D 449 38.51 28.21 13.32
N ALA D 450 37.68 27.48 12.57
CA ALA D 450 37.98 26.08 12.29
C ALA D 450 39.26 25.94 11.49
N GLN D 451 39.55 26.90 10.63
CA GLN D 451 40.84 26.89 9.91
C GLN D 451 41.99 26.97 10.89
N LEU D 452 41.88 27.85 11.90
CA LEU D 452 42.92 27.95 12.90
C LEU D 452 43.06 26.66 13.68
N GLN D 453 41.94 26.03 14.04
CA GLN D 453 42.00 24.77 14.74
C GLN D 453 42.71 23.72 13.91
N GLY D 454 42.38 23.64 12.62
CA GLY D 454 43.04 22.67 11.76
C GLY D 454 44.52 22.92 11.65
N LEU D 455 44.91 24.19 11.51
CA LEU D 455 46.32 24.52 11.41
C LEU D 455 47.06 24.12 12.68
N PHE D 456 46.48 24.40 13.85
CA PHE D 456 47.13 24.03 15.09
C PHE D 456 47.19 22.52 15.26
N VAL D 457 46.18 21.81 14.75
CA VAL D 457 46.18 20.35 14.84
C VAL D 457 47.27 19.76 13.96
N MET D 458 47.49 20.34 12.78
CA MET D 458 48.60 19.92 11.95
C MET D 458 49.91 20.05 12.71
N ASN D 459 50.14 21.21 13.28
CA ASN D 459 51.37 21.50 14.03
C ASN D 459 51.16 21.27 15.52
N LYS D 460 50.79 20.03 15.85
CA LYS D 460 50.51 19.67 17.22
C LYS D 460 51.73 19.89 18.10
N ASP D 461 51.51 20.54 19.25
CA ASP D 461 52.55 20.95 20.20
C ASP D 461 53.81 21.43 19.48
N ALA D 462 53.60 22.30 18.49
CA ALA D 462 54.68 22.86 17.69
C ALA D 462 54.32 24.29 17.29
N PRO D 463 54.39 25.22 18.25
CA PRO D 463 54.03 26.61 17.93
C PRO D 463 54.85 27.21 16.81
N HIS D 464 56.14 26.88 16.75
CA HIS D 464 56.97 27.39 15.67
C HIS D 464 56.51 26.87 14.31
N ASP D 465 56.16 25.58 14.25
CA ASP D 465 55.68 25.01 13.00
C ASP D 465 54.36 25.66 12.59
N ALA D 466 53.49 25.95 13.56
CA ALA D 466 52.26 26.66 13.25
C ALA D 466 52.55 28.05 12.71
N LEU D 467 53.53 28.73 13.30
CA LEU D 467 53.91 30.04 12.78
C LEU D 467 54.41 29.93 11.35
N LYS D 468 55.18 28.88 11.04
CA LYS D 468 55.68 28.71 9.68
C LYS D 468 54.53 28.44 8.71
N MET D 469 53.58 27.59 9.11
CA MET D 469 52.49 27.19 8.22
C MET D 469 51.34 28.18 8.21
N VAL D 470 51.42 29.26 8.98
CA VAL D 470 50.41 30.31 9.01
C VAL D 470 50.00 30.74 7.61
N SER D 471 50.93 30.73 6.66
CA SER D 471 50.60 31.12 5.29
C SER D 471 49.62 30.15 4.65
N SER D 472 49.54 28.92 5.16
CA SER D 472 48.65 27.93 4.57
C SER D 472 47.19 28.34 4.69
N LEU D 473 46.84 29.16 5.68
CA LEU D 473 45.46 29.57 5.88
C LEU D 473 44.94 30.35 4.68
N ARG D 474 45.82 31.04 3.96
CA ARG D 474 45.39 31.86 2.84
C ARG D 474 44.73 31.02 1.75
N ASN D 475 45.30 29.86 1.46
CA ASN D 475 44.74 28.99 0.45
C ASN D 475 43.47 28.32 0.97
N ALA D 476 42.55 28.05 0.03
CA ALA D 476 41.32 27.35 0.34
C ALA D 476 41.01 26.23 -0.65
N ASN D 477 41.74 26.13 -1.76
CA ASN D 477 41.53 25.06 -2.73
C ASN D 477 42.71 24.98 -3.68
N ASN E 73 -38.33 -60.42 42.20
CA ASN E 73 -38.07 -60.87 40.84
C ASN E 73 -36.57 -61.06 40.64
N PRO E 74 -36.18 -61.89 39.66
CA PRO E 74 -34.74 -62.04 39.38
C PRO E 74 -34.10 -60.76 38.87
N TYR E 75 -34.88 -59.82 38.35
CA TYR E 75 -34.32 -58.55 37.89
C TYR E 75 -33.77 -57.72 39.05
N PHE E 76 -34.27 -57.96 40.26
CA PHE E 76 -33.79 -57.22 41.42
C PHE E 76 -32.31 -57.50 41.69
N ALA E 77 -31.81 -58.65 41.24
CA ALA E 77 -30.39 -58.96 41.44
C ALA E 77 -29.50 -57.95 40.75
N ALA E 78 -29.86 -57.53 39.53
CA ALA E 78 -29.08 -56.52 38.84
C ALA E 78 -29.15 -55.18 39.56
N GLY E 79 -30.34 -54.62 39.69
CA GLY E 79 -30.52 -53.36 40.39
C GLY E 79 -29.72 -52.21 39.79
N GLY E 80 -29.87 -51.99 38.48
CA GLY E 80 -29.12 -50.97 37.78
C GLY E 80 -29.77 -49.60 37.74
N GLY E 81 -30.85 -49.38 38.48
CA GLY E 81 -31.50 -48.07 38.45
C GLY E 81 -30.68 -46.96 39.05
N LEU E 82 -29.75 -47.30 39.96
CA LEU E 82 -28.90 -46.28 40.56
C LEU E 82 -28.03 -45.60 39.52
N MET E 83 -27.63 -46.33 38.47
CA MET E 83 -26.93 -45.70 37.35
C MET E 83 -27.81 -44.64 36.70
N ILE E 84 -29.09 -44.95 36.51
CA ILE E 84 -30.02 -43.99 35.91
C ILE E 84 -30.14 -42.76 36.79
N LEU E 85 -30.29 -42.98 38.11
CA LEU E 85 -30.40 -41.84 39.02
C LEU E 85 -29.12 -41.01 39.03
N GLY E 86 -27.97 -41.66 38.97
CA GLY E 86 -26.72 -40.93 38.94
C GLY E 86 -26.59 -40.06 37.71
N THR E 87 -26.92 -40.63 36.54
CA THR E 87 -26.89 -39.84 35.32
C THR E 87 -27.88 -38.68 35.39
N GLY E 88 -29.08 -38.94 35.91
CA GLY E 88 -30.08 -37.88 36.00
C GLY E 88 -29.62 -36.74 36.89
N LEU E 89 -29.09 -37.06 38.07
CA LEU E 89 -28.65 -36.01 38.98
C LEU E 89 -27.40 -35.31 38.48
N ALA E 90 -26.51 -36.01 37.76
CA ALA E 90 -25.36 -35.34 37.16
C ALA E 90 -25.80 -34.34 36.10
N VAL E 91 -26.73 -34.75 35.24
CA VAL E 91 -27.25 -33.84 34.21
C VAL E 91 -27.96 -32.66 34.87
N ALA E 92 -28.72 -32.93 35.92
CA ALA E 92 -29.40 -31.84 36.64
C ALA E 92 -28.40 -30.89 37.25
N ARG E 93 -27.31 -31.41 37.83
CA ARG E 93 -26.28 -30.55 38.41
C ARG E 93 -25.64 -29.68 37.35
N SER E 94 -25.31 -30.26 36.19
CA SER E 94 -24.71 -29.48 35.12
C SER E 94 -25.67 -28.39 34.64
N GLY E 95 -26.94 -28.75 34.44
CA GLY E 95 -27.91 -27.77 33.99
C GLY E 95 -28.12 -26.65 34.99
N ILE E 96 -28.18 -26.99 36.28
CA ILE E 96 -28.38 -25.98 37.31
C ILE E 96 -27.15 -25.08 37.41
N ILE E 97 -25.96 -25.65 37.25
CA ILE E 97 -24.75 -24.85 37.27
C ILE E 97 -24.75 -23.86 36.12
N LYS E 98 -25.12 -24.32 34.92
CA LYS E 98 -25.19 -23.42 33.78
C LYS E 98 -26.25 -22.34 34.00
N ALA E 99 -27.40 -22.71 34.55
CA ALA E 99 -28.45 -21.74 34.81
C ALA E 99 -27.95 -20.67 35.79
N SER E 100 -27.38 -21.08 36.91
CA SER E 100 -26.83 -20.12 37.86
C SER E 100 -25.73 -19.28 37.24
N ARG E 101 -24.97 -19.86 36.32
CA ARG E 101 -23.96 -19.12 35.57
C ARG E 101 -24.61 -18.05 34.72
N VAL E 102 -25.87 -18.28 34.30
CA VAL E 102 -26.61 -17.28 33.55
C VAL E 102 -27.44 -16.40 34.48
N LEU E 103 -27.99 -16.98 35.56
CA LEU E 103 -28.88 -16.24 36.45
C LEU E 103 -28.17 -15.05 37.09
N TYR E 104 -26.94 -15.26 37.57
CA TYR E 104 -26.22 -14.16 38.20
C TYR E 104 -25.99 -13.01 37.23
N ARG E 105 -25.64 -13.33 35.98
CA ARG E 105 -25.30 -12.30 35.00
C ARG E 105 -26.51 -11.86 34.20
N GLN E 106 -27.71 -12.34 34.55
CA GLN E 106 -28.93 -11.93 33.85
C GLN E 106 -29.68 -10.90 34.68
N MET E 107 -29.72 -11.06 36.00
CA MET E 107 -30.37 -10.10 36.88
C MET E 107 -29.51 -9.67 38.06
N ILE E 108 -28.74 -10.59 38.64
CA ILE E 108 -28.22 -10.37 40.00
C ILE E 108 -27.13 -9.32 40.01
N VAL E 109 -26.50 -9.06 38.86
CA VAL E 109 -25.49 -8.01 38.77
C VAL E 109 -25.71 -7.22 37.48
N ASP E 110 -25.20 -6.00 37.46
CA ASP E 110 -25.32 -5.11 36.32
C ASP E 110 -23.93 -4.56 35.96
N LEU E 111 -23.79 -4.11 34.73
CA LEU E 111 -22.49 -3.73 34.19
C LEU E 111 -22.60 -2.53 33.27
N GLU E 112 -21.44 -2.05 32.83
CA GLU E 112 -21.33 -0.91 31.94
C GLU E 112 -19.98 -0.93 31.25
N ILE E 113 -19.93 -0.36 30.03
CA ILE E 113 -18.71 -0.24 29.24
C ILE E 113 -18.55 1.24 28.86
N GLN E 114 -17.29 1.67 28.75
CA GLN E 114 -16.98 2.90 28.04
C GLN E 114 -15.55 2.86 27.55
N SER E 115 -15.32 3.47 26.39
CA SER E 115 -13.99 3.53 25.78
C SER E 115 -13.87 4.82 24.98
N LYS E 116 -12.70 5.43 25.06
CA LYS E 116 -12.35 6.60 24.24
C LYS E 116 -13.42 7.69 24.35
N ASP E 117 -13.55 8.27 25.55
CA ASP E 117 -14.61 9.22 25.82
C ASP E 117 -14.14 10.24 26.85
N LYS E 118 -14.83 11.38 26.86
CA LYS E 118 -14.51 12.46 27.79
C LYS E 118 -14.43 11.98 29.23
N SER E 119 -15.35 11.09 29.62
CA SER E 119 -15.37 10.56 30.97
C SER E 119 -14.30 9.48 31.20
N TYR E 120 -13.69 8.98 30.12
CA TYR E 120 -12.73 7.89 30.25
C TYR E 120 -11.53 8.31 31.08
N ALA E 121 -10.88 9.42 30.70
CA ALA E 121 -9.74 9.90 31.46
C ALA E 121 -10.17 10.42 32.82
N TRP E 122 -11.32 11.07 32.88
CA TRP E 122 -11.87 11.52 34.15
C TRP E 122 -12.08 10.32 35.07
N PHE E 123 -12.63 9.24 34.52
CA PHE E 123 -12.83 8.04 35.30
C PHE E 123 -11.49 7.50 35.79
N LEU E 124 -10.50 7.43 34.90
CA LEU E 124 -9.19 6.88 35.28
C LEU E 124 -8.58 7.67 36.42
N THR E 125 -8.67 9.01 36.34
CA THR E 125 -8.16 9.84 37.42
C THR E 125 -8.92 9.60 38.71
N TRP E 126 -10.25 9.43 38.64
CA TRP E 126 -11.00 9.19 39.86
C TRP E 126 -10.62 7.86 40.51
N MET E 127 -10.48 6.80 39.71
CA MET E 127 -9.99 5.54 40.25
C MET E 127 -8.60 5.69 40.87
N ALA E 128 -7.73 6.47 40.23
CA ALA E 128 -6.35 6.56 40.71
C ALA E 128 -6.27 7.16 42.10
N LYS E 129 -7.03 8.21 42.36
CA LYS E 129 -6.91 8.92 43.63
C LYS E 129 -7.55 8.13 44.77
N HIS E 130 -8.50 7.25 44.46
CA HIS E 130 -9.36 6.68 45.48
C HIS E 130 -8.56 5.81 46.44
N PRO E 131 -8.82 5.88 47.76
CA PRO E 131 -7.96 5.17 48.71
C PRO E 131 -8.33 3.72 48.91
N GLN E 132 -9.58 3.34 48.60
CA GLN E 132 -10.01 1.95 48.75
C GLN E 132 -9.61 1.07 47.57
N ARG E 133 -8.72 1.56 46.71
CA ARG E 133 -8.24 0.75 45.59
C ARG E 133 -7.55 -0.50 46.12
N VAL E 134 -7.91 -1.63 45.52
CA VAL E 134 -7.35 -2.94 45.85
C VAL E 134 -6.62 -3.46 44.62
N SER E 135 -6.00 -2.55 43.87
CA SER E 135 -5.44 -2.85 42.56
C SER E 135 -4.52 -4.06 42.61
N ARG E 136 -4.93 -5.12 41.92
CA ARG E 136 -4.16 -6.35 41.84
C ARG E 136 -3.12 -6.30 40.72
N HIS E 137 -3.25 -5.33 39.81
CA HIS E 137 -2.27 -5.08 38.77
C HIS E 137 -1.86 -3.62 38.81
N LEU E 138 -0.56 -3.36 38.69
CA LEU E 138 -0.02 -2.02 38.83
C LEU E 138 0.81 -1.68 37.60
N SER E 139 1.11 -0.38 37.47
CA SER E 139 2.06 0.12 36.50
C SER E 139 2.93 1.16 37.19
N VAL E 140 3.80 1.81 36.41
CA VAL E 140 4.67 2.87 36.93
C VAL E 140 4.65 4.04 35.95
N ARG E 141 4.48 5.24 36.48
CA ARG E 141 4.54 6.48 35.72
C ARG E 141 5.65 7.34 36.30
N THR E 142 6.74 7.48 35.56
CA THR E 142 7.87 8.29 36.00
C THR E 142 7.67 9.73 35.56
N ASN E 143 7.98 10.66 36.46
CA ASN E 143 7.86 12.09 36.18
C ASN E 143 8.92 12.83 36.98
N TYR E 144 9.28 14.01 36.49
CA TYR E 144 10.28 14.85 37.13
C TYR E 144 9.57 15.87 38.02
N ILE E 145 10.01 15.96 39.27
CA ILE E 145 9.46 16.90 40.23
C ILE E 145 10.42 18.08 40.34
N GLN E 146 9.89 19.29 40.19
CA GLN E 146 10.68 20.51 40.26
C GLN E 146 10.36 21.21 41.57
N HIS E 147 11.38 21.39 42.41
CA HIS E 147 11.22 22.08 43.68
C HIS E 147 11.48 23.59 43.48
N ASP E 148 10.71 24.16 42.56
CA ASP E 148 10.91 25.53 42.11
C ASP E 148 12.35 25.62 41.59
N ASN E 149 13.02 26.75 41.77
CA ASN E 149 14.42 26.87 41.38
C ASN E 149 15.37 26.30 42.42
N GLY E 150 14.87 25.85 43.57
CA GLY E 150 15.75 25.32 44.61
C GLY E 150 16.49 24.08 44.16
N SER E 151 15.77 23.14 43.55
CA SER E 151 16.37 21.90 43.09
C SER E 151 15.35 21.19 42.20
N VAL E 152 15.81 20.13 41.53
CA VAL E 152 14.96 19.30 40.70
C VAL E 152 15.35 17.85 40.93
N SER E 153 14.35 16.98 41.02
CA SER E 153 14.59 15.55 41.20
C SER E 153 13.52 14.79 40.43
N THR E 154 13.77 13.50 40.25
CA THR E 154 12.88 12.62 39.52
C THR E 154 12.15 11.67 40.48
N LYS E 155 10.85 11.50 40.25
CA LYS E 155 10.02 10.65 41.08
C LYS E 155 9.07 9.87 40.18
N PHE E 156 8.05 9.27 40.77
CA PHE E 156 7.21 8.31 40.05
C PHE E 156 5.89 8.18 40.78
N SER E 157 4.94 7.50 40.12
CA SER E 157 3.66 7.17 40.72
C SER E 157 3.21 5.83 40.16
N LEU E 158 2.81 4.92 41.04
CA LEU E 158 2.40 3.58 40.65
C LEU E 158 0.95 3.63 40.21
N VAL E 159 0.73 4.01 38.94
CA VAL E 159 -0.62 4.01 38.38
C VAL E 159 -1.12 2.57 38.34
N PRO E 160 -2.40 2.29 38.60
CA PRO E 160 -2.89 0.93 38.45
C PRO E 160 -2.74 0.40 37.04
N GLY E 161 -2.46 -0.90 36.94
CA GLY E 161 -2.25 -1.56 35.68
C GLY E 161 -3.52 -2.22 35.17
N PRO E 162 -3.40 -2.95 34.05
CA PRO E 162 -4.56 -3.64 33.49
C PRO E 162 -4.87 -4.92 34.26
N GLY E 163 -6.16 -5.14 34.54
CA GLY E 163 -6.59 -6.33 35.23
C GLY E 163 -7.81 -6.06 36.10
N ASN E 164 -8.03 -6.94 37.08
CA ASN E 164 -9.18 -6.85 37.97
C ASN E 164 -8.81 -6.07 39.22
N HIS E 165 -9.65 -5.09 39.57
CA HIS E 165 -9.41 -4.22 40.70
C HIS E 165 -10.71 -4.01 41.46
N TRP E 166 -10.63 -4.02 42.79
CA TRP E 166 -11.80 -3.88 43.65
C TRP E 166 -11.75 -2.55 44.38
N ILE E 167 -12.94 -1.96 44.57
CA ILE E 167 -13.09 -0.72 45.33
C ILE E 167 -14.33 -0.83 46.19
N ARG E 168 -14.22 -0.38 47.44
CA ARG E 168 -15.32 -0.36 48.39
C ARG E 168 -15.95 1.03 48.42
N TYR E 169 -16.57 1.42 47.31
CA TYR E 169 -17.08 2.78 47.18
C TYR E 169 -18.29 3.00 48.06
N LYS E 170 -18.07 3.60 49.24
CA LYS E 170 -19.09 3.94 50.22
C LYS E 170 -20.15 2.84 50.36
N GLY E 171 -19.70 1.63 50.64
CA GLY E 171 -20.61 0.52 50.92
C GLY E 171 -20.94 -0.35 49.74
N ALA E 172 -20.21 -0.21 48.63
CA ALA E 172 -20.42 -1.02 47.45
C ALA E 172 -19.09 -1.55 46.93
N PHE E 173 -18.96 -2.87 46.88
CA PHE E 173 -17.76 -3.53 46.40
C PHE E 173 -17.77 -3.57 44.87
N ILE E 174 -17.06 -2.62 44.26
CA ILE E 174 -17.09 -2.41 42.82
C ILE E 174 -15.86 -3.07 42.21
N LEU E 175 -16.08 -3.85 41.15
CA LEU E 175 -14.98 -4.41 40.37
C LEU E 175 -14.81 -3.59 39.10
N ILE E 176 -13.55 -3.39 38.72
CA ILE E 176 -13.18 -2.61 37.55
C ILE E 176 -12.20 -3.42 36.72
N LYS E 177 -12.27 -3.22 35.40
CA LYS E 177 -11.44 -3.98 34.46
C LYS E 177 -10.98 -3.03 33.36
N ARG E 178 -9.68 -2.77 33.31
CA ARG E 178 -9.05 -2.03 32.22
C ARG E 178 -8.37 -3.02 31.28
N GLU E 179 -8.64 -2.88 29.99
CA GLU E 179 -8.04 -3.74 28.97
C GLU E 179 -7.86 -2.92 27.71
N ARG E 180 -6.78 -3.18 26.97
CA ARG E 180 -6.53 -2.56 25.69
C ARG E 180 -7.04 -3.45 24.57
N SER E 181 -7.03 -2.91 23.34
CA SER E 181 -7.32 -3.70 22.16
C SER E 181 -6.18 -4.68 21.91
N ALA E 182 -6.28 -5.41 20.79
CA ALA E 182 -5.24 -6.37 20.43
C ALA E 182 -3.86 -5.70 20.37
N LYS E 183 -3.81 -4.46 19.90
CA LYS E 183 -2.58 -3.68 19.85
C LYS E 183 -2.85 -2.25 20.30
N MET E 184 -1.78 -1.53 20.61
CA MET E 184 -1.79 -0.07 20.77
C MET E 184 -0.88 0.60 19.75
N SER E 191 2.67 5.63 19.35
CA SER E 191 1.43 5.17 19.95
C SER E 191 0.22 5.70 19.18
N PRO E 192 -0.05 5.12 18.00
CA PRO E 192 -1.24 5.54 17.25
C PRO E 192 -2.51 5.22 18.02
N PHE E 193 -3.55 6.01 17.76
CA PHE E 193 -4.82 5.83 18.45
C PHE E 193 -5.35 4.43 18.27
N GLU E 194 -5.79 3.83 19.38
CA GLU E 194 -6.44 2.52 19.35
C GLU E 194 -7.26 2.38 20.62
N THR E 195 -8.40 1.72 20.51
CA THR E 195 -9.41 1.77 21.57
C THR E 195 -8.91 1.08 22.84
N VAL E 196 -9.22 1.70 23.98
CA VAL E 196 -9.05 1.11 25.29
C VAL E 196 -10.36 1.30 26.04
N THR E 197 -10.85 0.24 26.67
CA THR E 197 -12.17 0.24 27.28
C THR E 197 -12.07 -0.05 28.77
N LEU E 198 -13.05 0.45 29.51
CA LEU E 198 -13.17 0.27 30.94
C LEU E 198 -14.56 -0.22 31.27
N THR E 199 -14.65 -1.13 32.24
CA THR E 199 -15.91 -1.69 32.67
C THR E 199 -16.02 -1.62 34.18
N THR E 200 -17.25 -1.74 34.67
CA THR E 200 -17.56 -1.55 36.07
C THR E 200 -18.82 -2.33 36.42
N LEU E 201 -18.76 -3.06 37.54
CA LEU E 201 -19.68 -4.15 37.83
C LEU E 201 -20.29 -4.00 39.21
N TYR E 202 -21.62 -4.00 39.26
CA TYR E 202 -22.37 -4.05 40.52
C TYR E 202 -23.85 -4.23 40.23
N ARG E 203 -24.59 -4.67 41.24
CA ARG E 203 -26.03 -4.86 41.11
C ARG E 203 -26.75 -3.51 41.00
N ASP E 204 -26.62 -2.67 42.03
CA ASP E 204 -27.28 -1.37 42.09
C ASP E 204 -26.44 -0.31 41.36
N LYS E 205 -27.13 0.55 40.61
CA LYS E 205 -26.50 1.60 39.83
C LYS E 205 -26.64 2.99 40.46
N HIS E 206 -27.20 3.09 41.66
CA HIS E 206 -27.44 4.39 42.25
C HIS E 206 -26.16 5.03 42.80
N LEU E 207 -25.05 4.29 42.81
CA LEU E 207 -23.74 4.87 43.06
C LEU E 207 -22.96 5.12 41.77
N PHE E 208 -23.44 4.57 40.65
CA PHE E 208 -22.73 4.64 39.38
C PHE E 208 -22.60 6.08 38.91
N ASP E 209 -23.73 6.75 38.73
CA ASP E 209 -23.73 8.16 38.35
C ASP E 209 -22.99 9.00 39.38
N ASP E 210 -23.03 8.59 40.65
CA ASP E 210 -22.30 9.34 41.67
C ASP E 210 -20.80 9.32 41.41
N ILE E 211 -20.26 8.13 41.10
CA ILE E 211 -18.84 8.04 40.77
C ILE E 211 -18.53 8.89 39.55
N LEU E 212 -19.41 8.83 38.54
CA LEU E 212 -19.17 9.60 37.33
C LEU E 212 -19.16 11.10 37.61
N ASN E 213 -20.08 11.56 38.46
CA ASN E 213 -20.11 12.97 38.85
C ASN E 213 -18.85 13.37 39.61
N GLU E 214 -18.37 12.50 40.50
CA GLU E 214 -17.14 12.82 41.23
C GLU E 214 -15.96 12.93 40.27
N ALA E 215 -15.90 12.05 39.27
CA ALA E 215 -14.87 12.16 38.25
C ALA E 215 -14.99 13.48 37.49
N LYS E 216 -16.24 13.89 37.18
CA LYS E 216 -16.45 15.20 36.57
C LYS E 216 -15.88 16.31 37.44
N ASP E 217 -16.14 16.24 38.74
CA ASP E 217 -15.65 17.27 39.65
C ASP E 217 -14.13 17.33 39.66
N ILE E 218 -13.49 16.16 39.68
CA ILE E 218 -12.03 16.12 39.61
C ILE E 218 -11.55 16.77 38.32
N ALA E 219 -12.22 16.50 37.21
CA ALA E 219 -11.85 17.12 35.95
C ALA E 219 -11.99 18.63 36.01
N LEU E 220 -13.09 19.10 36.59
CA LEU E 220 -13.34 20.54 36.67
C LEU E 220 -12.29 21.22 37.54
N LYS E 221 -11.81 20.55 38.58
CA LYS E 221 -10.83 21.15 39.47
C LYS E 221 -9.55 21.52 38.71
N THR E 222 -9.07 20.60 37.87
CA THR E 222 -7.85 20.87 37.11
C THR E 222 -8.04 22.03 36.15
N THR E 223 -9.17 22.06 35.45
CA THR E 223 -9.45 23.10 34.46
C THR E 223 -10.24 24.25 35.08
N GLU E 224 -9.67 24.80 36.16
CA GLU E 224 -10.32 25.87 36.90
C GLU E 224 -9.91 27.24 36.38
N GLY E 225 -8.62 27.55 36.46
CA GLY E 225 -8.10 28.84 36.04
C GLY E 225 -7.31 28.75 34.75
N LYS E 226 -7.59 27.74 33.93
CA LYS E 226 -6.88 27.47 32.70
C LYS E 226 -7.82 27.60 31.51
N THR E 227 -7.22 27.52 30.32
CA THR E 227 -7.96 27.53 29.06
C THR E 227 -7.52 26.31 28.27
N VAL E 228 -8.46 25.42 27.98
CA VAL E 228 -8.13 24.18 27.29
C VAL E 228 -7.94 24.46 25.81
N ILE E 229 -7.03 23.73 25.19
CA ILE E 229 -6.71 23.85 23.78
C ILE E 229 -7.00 22.50 23.13
N TYR E 230 -7.75 22.52 22.03
CA TYR E 230 -8.08 21.33 21.28
C TYR E 230 -7.46 21.40 19.90
N THR E 231 -7.08 20.24 19.37
CA THR E 231 -6.42 20.13 18.07
C THR E 231 -7.15 19.12 17.21
N SER E 232 -6.96 19.25 15.90
CA SER E 232 -7.64 18.41 14.93
C SER E 232 -6.83 17.15 14.69
N PHE E 233 -7.41 16.00 15.00
CA PHE E 233 -6.83 14.69 14.73
C PHE E 233 -7.91 13.86 14.05
N GLY E 234 -7.89 13.84 12.72
CA GLY E 234 -8.92 13.18 11.98
C GLY E 234 -10.22 13.95 12.07
N PRO E 235 -11.37 13.26 12.05
CA PRO E 235 -12.66 13.95 12.07
C PRO E 235 -13.11 14.41 13.44
N GLU E 236 -12.26 14.38 14.47
CA GLU E 236 -12.65 14.77 15.80
C GLU E 236 -11.48 15.44 16.51
N TRP E 237 -11.82 16.16 17.59
CA TRP E 237 -10.86 16.93 18.36
C TRP E 237 -10.33 16.12 19.55
N ARG E 238 -9.28 16.66 20.17
CA ARG E 238 -8.79 16.15 21.44
C ARG E 238 -8.00 17.24 22.13
N LYS E 239 -7.88 17.13 23.45
CA LYS E 239 -7.04 18.06 24.20
C LYS E 239 -5.59 17.91 23.78
N PHE E 240 -4.90 19.04 23.65
CA PHE E 240 -3.48 19.09 23.33
C PHE E 240 -2.73 19.57 24.56
N GLY E 241 -1.94 18.68 25.16
CA GLY E 241 -1.12 19.05 26.29
C GLY E 241 -1.91 19.47 27.50
N GLN E 242 -1.22 19.71 28.61
CA GLN E 242 -1.89 20.18 29.81
C GLN E 242 -2.44 21.59 29.58
N PRO E 243 -3.50 21.98 30.30
CA PRO E 243 -4.02 23.33 30.14
C PRO E 243 -3.03 24.39 30.56
N LYS E 244 -3.17 25.58 29.98
CA LYS E 244 -2.33 26.72 30.27
C LYS E 244 -3.14 27.78 31.00
N ALA E 245 -2.43 28.60 31.79
CA ALA E 245 -3.08 29.64 32.56
C ALA E 245 -3.64 30.72 31.64
N LYS E 246 -4.69 31.39 32.12
CA LYS E 246 -5.34 32.42 31.33
C LYS E 246 -4.44 33.63 31.17
N ARG E 247 -4.46 34.20 29.98
CA ARG E 247 -3.75 35.44 29.66
C ARG E 247 -4.73 36.58 29.88
N MET E 248 -4.64 37.25 31.02
CA MET E 248 -5.66 38.22 31.38
C MET E 248 -5.62 39.40 30.41
N LEU E 249 -6.81 39.89 30.05
CA LEU E 249 -6.92 40.91 29.02
C LEU E 249 -6.10 42.17 29.28
N PRO E 250 -6.06 42.73 30.49
CA PRO E 250 -5.24 43.94 30.71
C PRO E 250 -3.78 43.76 30.34
N SER E 251 -3.27 42.53 30.37
CA SER E 251 -1.93 42.28 29.88
C SER E 251 -1.79 42.59 28.40
N VAL E 252 -2.87 42.38 27.64
CA VAL E 252 -2.84 42.59 26.20
C VAL E 252 -3.12 44.07 25.93
N ILE E 253 -2.08 44.80 25.51
CA ILE E 253 -2.19 46.22 25.21
C ILE E 253 -2.47 46.36 23.72
N LEU E 254 -3.61 46.96 23.38
CA LEU E 254 -3.99 47.24 22.02
C LEU E 254 -4.35 48.72 21.89
N ASP E 255 -4.60 49.13 20.65
CA ASP E 255 -4.96 50.52 20.40
C ASP E 255 -6.27 50.86 21.08
N SER E 256 -6.56 52.15 21.20
CA SER E 256 -7.70 52.60 21.97
C SER E 256 -9.01 52.15 21.32
N GLY E 257 -9.87 51.53 22.13
CA GLY E 257 -11.20 51.17 21.70
C GLY E 257 -11.30 49.84 20.99
N ILE E 258 -10.18 49.29 20.56
CA ILE E 258 -10.21 48.02 19.81
C ILE E 258 -10.69 46.90 20.71
N LYS E 259 -10.05 46.75 21.87
CA LYS E 259 -10.43 45.70 22.80
C LYS E 259 -11.87 45.86 23.26
N GLU E 260 -12.25 47.10 23.60
CA GLU E 260 -13.59 47.36 24.09
C GLU E 260 -14.62 47.08 23.00
N GLY E 261 -14.34 47.51 21.77
CA GLY E 261 -15.29 47.28 20.69
C GLY E 261 -15.47 45.80 20.41
N ILE E 262 -14.36 45.05 20.38
CA ILE E 262 -14.45 43.62 20.12
C ILE E 262 -15.22 42.93 21.24
N LEU E 263 -14.96 43.30 22.49
CA LEU E 263 -15.66 42.69 23.61
C LEU E 263 -17.15 42.99 23.55
N ASP E 264 -17.50 44.24 23.23
CA ASP E 264 -18.91 44.59 23.11
C ASP E 264 -19.59 43.79 22.01
N ASP E 265 -18.92 43.67 20.86
CA ASP E 265 -19.49 42.90 19.76
C ASP E 265 -19.71 41.45 20.17
N VAL E 266 -18.71 40.85 20.83
CA VAL E 266 -18.81 39.45 21.21
C VAL E 266 -19.93 39.25 22.21
N TYR E 267 -20.01 40.11 23.22
CA TYR E 267 -21.06 39.97 24.22
C TYR E 267 -22.44 40.16 23.60
N ASP E 268 -22.56 41.12 22.68
CA ASP E 268 -23.83 41.32 22.00
C ASP E 268 -24.23 40.08 21.21
N PHE E 269 -23.26 39.44 20.55
CA PHE E 269 -23.57 38.24 19.78
C PHE E 269 -23.99 37.10 20.70
N MET E 270 -23.22 36.86 21.77
CA MET E 270 -23.52 35.74 22.65
C MET E 270 -24.86 35.92 23.34
N LYS E 271 -25.16 37.15 23.77
CA LYS E 271 -26.41 37.38 24.50
C LYS E 271 -27.62 37.27 23.57
N ASN E 272 -27.53 37.84 22.38
CA ASN E 272 -28.66 37.87 21.45
C ASN E 272 -28.71 36.57 20.65
N GLY E 273 -29.11 35.51 21.35
CA GLY E 273 -29.24 34.21 20.74
C GLY E 273 -30.54 34.03 19.98
N LYS E 274 -31.67 34.25 20.66
CA LYS E 274 -32.97 34.05 20.02
C LYS E 274 -33.20 35.06 18.93
N TRP E 275 -32.61 36.24 19.04
CA TRP E 275 -32.85 37.32 18.08
C TRP E 275 -32.44 36.89 16.67
N TYR E 276 -31.35 36.13 16.57
CA TYR E 276 -30.93 35.61 15.28
C TYR E 276 -31.99 34.67 14.71
N SER E 277 -32.50 33.77 15.55
CA SER E 277 -33.44 32.76 15.08
C SER E 277 -34.77 33.38 14.67
N ASP E 278 -35.25 34.37 15.43
CA ASP E 278 -36.54 34.97 15.14
C ASP E 278 -36.54 35.63 13.76
N ARG E 279 -35.38 36.14 13.34
CA ARG E 279 -35.24 36.80 12.05
C ARG E 279 -34.51 35.92 11.03
N GLY E 280 -34.35 34.63 11.32
CA GLY E 280 -33.86 33.69 10.33
C GLY E 280 -32.45 33.94 9.85
N ILE E 281 -31.51 34.17 10.78
CA ILE E 281 -30.10 34.32 10.45
C ILE E 281 -29.35 33.18 11.14
N PRO E 282 -28.27 32.65 10.55
CA PRO E 282 -27.48 31.65 11.30
C PRO E 282 -26.81 32.28 12.50
N TYR E 283 -26.98 31.65 13.67
CA TYR E 283 -26.38 32.15 14.89
C TYR E 283 -24.91 31.75 14.90
N ARG E 284 -24.13 32.45 14.08
CA ARG E 284 -22.70 32.18 13.94
C ARG E 284 -22.04 33.48 13.53
N ARG E 285 -20.89 33.76 14.12
CA ARG E 285 -20.17 34.99 13.87
C ARG E 285 -18.68 34.70 13.69
N GLY E 286 -18.04 35.52 12.87
CA GLY E 286 -16.62 35.35 12.58
C GLY E 286 -15.88 36.66 12.65
N TYR E 287 -14.71 36.64 13.28
CA TYR E 287 -13.88 37.82 13.48
C TYR E 287 -12.55 37.62 12.77
N LEU E 288 -11.99 38.73 12.28
CA LEU E 288 -10.70 38.72 11.61
C LEU E 288 -9.80 39.76 12.25
N LEU E 289 -8.56 39.36 12.57
CA LEU E 289 -7.55 40.23 13.12
C LEU E 289 -6.34 40.20 12.20
N TYR E 290 -6.23 41.21 11.33
CA TYR E 290 -5.16 41.30 10.36
C TYR E 290 -4.20 42.41 10.76
N GLY E 291 -2.91 42.12 10.68
CA GLY E 291 -1.90 43.11 10.98
C GLY E 291 -0.50 42.56 10.91
N PRO E 292 0.49 43.40 11.16
CA PRO E 292 1.89 42.96 11.06
C PRO E 292 2.20 41.93 12.13
N PRO E 293 3.30 41.20 11.99
CA PRO E 293 3.65 40.20 13.01
C PRO E 293 4.01 40.87 14.33
N GLY E 294 3.81 40.10 15.41
CA GLY E 294 4.11 40.60 16.74
C GLY E 294 3.29 41.81 17.12
N SER E 295 2.01 41.84 16.73
CA SER E 295 1.11 42.93 17.07
C SER E 295 0.12 42.57 18.16
N GLY E 296 0.18 41.35 18.69
CA GLY E 296 -0.68 40.93 19.78
C GLY E 296 -1.95 40.23 19.35
N LYS E 297 -2.05 39.78 18.10
CA LYS E 297 -3.26 39.16 17.61
C LYS E 297 -3.58 37.89 18.39
N THR E 298 -2.72 36.87 18.26
CA THR E 298 -2.98 35.60 18.91
C THR E 298 -3.00 35.74 20.42
N SER E 299 -2.22 36.67 20.96
CA SER E 299 -2.29 36.95 22.40
C SER E 299 -3.67 37.42 22.78
N PHE E 300 -4.26 38.32 21.98
CA PHE E 300 -5.61 38.78 22.25
C PHE E 300 -6.61 37.66 22.10
N ILE E 301 -6.40 36.75 21.15
CA ILE E 301 -7.30 35.60 21.01
C ILE E 301 -7.27 34.78 22.29
N GLN E 302 -6.06 34.50 22.79
CA GLN E 302 -5.92 33.75 24.03
C GLN E 302 -6.62 34.47 25.18
N ALA E 303 -6.43 35.78 25.27
CA ALA E 303 -6.99 36.52 26.39
C ALA E 303 -8.51 36.55 26.34
N LEU E 304 -9.08 36.74 25.15
CA LEU E 304 -10.52 36.74 25.02
C LEU E 304 -11.10 35.38 25.35
N ALA E 305 -10.44 34.31 24.89
CA ALA E 305 -10.92 32.97 25.21
C ALA E 305 -10.88 32.73 26.71
N GLY E 306 -9.82 33.21 27.38
CA GLY E 306 -9.76 33.07 28.82
C GLY E 306 -10.84 33.88 29.52
N GLU E 307 -11.09 35.09 29.02
CA GLU E 307 -12.10 35.96 29.63
C GLU E 307 -13.48 35.33 29.54
N LEU E 308 -13.82 34.77 28.37
CA LEU E 308 -15.10 34.09 28.21
C LEU E 308 -15.11 32.70 28.81
N ASP E 309 -13.96 32.20 29.27
CA ASP E 309 -13.82 30.85 29.79
C ASP E 309 -14.02 29.78 28.72
N TYR E 310 -13.89 30.16 27.46
CA TYR E 310 -14.03 29.22 26.35
C TYR E 310 -12.71 28.50 26.09
N ASN E 311 -12.79 27.43 25.31
CA ASN E 311 -11.63 26.62 24.94
C ASN E 311 -11.33 26.81 23.46
N ILE E 312 -10.09 27.13 23.16
CA ILE E 312 -9.69 27.34 21.77
C ILE E 312 -9.56 26.00 21.07
N CYS E 313 -10.08 25.92 19.86
CA CYS E 313 -9.96 24.74 19.01
C CYS E 313 -9.16 25.17 17.77
N ILE E 314 -7.85 25.09 17.89
CA ILE E 314 -6.98 25.53 16.80
C ILE E 314 -7.09 24.53 15.64
N LEU E 315 -7.05 25.06 14.42
CA LEU E 315 -7.18 24.25 13.21
C LEU E 315 -6.19 24.75 12.17
N ASN E 316 -5.46 23.82 11.57
CA ASN E 316 -4.48 24.13 10.53
C ASN E 316 -5.00 23.58 9.21
N LEU E 317 -5.38 24.48 8.30
CA LEU E 317 -5.92 24.06 7.02
C LEU E 317 -4.83 23.61 6.06
N SER E 318 -3.61 24.10 6.22
CA SER E 318 -2.51 23.66 5.38
C SER E 318 -2.17 22.19 5.60
N GLU E 319 -2.68 21.57 6.66
CA GLU E 319 -2.54 20.14 6.87
C GLU E 319 -3.03 19.38 5.65
N ASN E 320 -2.14 18.57 5.08
CA ASN E 320 -2.44 17.91 3.80
C ASN E 320 -3.50 16.82 3.97
N ASN E 321 -3.42 16.05 5.05
CA ASN E 321 -4.39 14.99 5.26
C ASN E 321 -5.81 15.51 5.46
N LEU E 322 -5.96 16.80 5.76
CA LEU E 322 -7.28 17.38 5.96
C LEU E 322 -8.09 17.29 4.67
N THR E 323 -9.40 17.06 4.81
CA THR E 323 -10.32 16.98 3.70
C THR E 323 -11.56 17.79 4.01
N ASP E 324 -12.34 18.07 2.97
CA ASP E 324 -13.54 18.89 3.13
C ASP E 324 -14.54 18.24 4.08
N ASP E 325 -14.77 16.93 3.92
CA ASP E 325 -15.68 16.23 4.82
C ASP E 325 -15.14 16.23 6.24
N ARG E 326 -13.84 15.98 6.40
CA ARG E 326 -13.24 16.04 7.72
C ARG E 326 -13.35 17.44 8.31
N LEU E 327 -13.16 18.46 7.48
CA LEU E 327 -13.30 19.84 7.93
C LEU E 327 -14.71 20.11 8.44
N ASN E 328 -15.71 19.69 7.66
CA ASN E 328 -17.09 19.95 8.05
C ASN E 328 -17.43 19.22 9.33
N HIS E 329 -17.00 17.97 9.47
CA HIS E 329 -17.26 17.23 10.69
C HIS E 329 -16.58 17.89 11.88
N LEU E 330 -15.35 18.36 11.72
CA LEU E 330 -14.63 18.98 12.82
C LEU E 330 -15.33 20.26 13.27
N MET E 331 -15.71 21.11 12.30
CA MET E 331 -16.39 22.35 12.67
C MET E 331 -17.81 22.12 13.14
N ASN E 332 -18.37 20.93 12.90
CA ASN E 332 -19.70 20.61 13.40
C ASN E 332 -19.69 19.84 14.72
N ASN E 333 -18.58 19.17 15.05
CA ASN E 333 -18.47 18.39 16.28
C ASN E 333 -17.50 19.04 17.26
N MET E 334 -17.43 20.35 17.27
CA MET E 334 -16.56 21.04 18.21
C MET E 334 -17.10 20.86 19.63
N PRO E 335 -16.23 20.78 20.64
CA PRO E 335 -16.73 20.78 22.02
C PRO E 335 -17.42 22.10 22.34
N GLU E 336 -18.39 22.03 23.23
CA GLU E 336 -19.18 23.21 23.57
C GLU E 336 -18.34 24.20 24.37
N ARG E 337 -18.78 25.45 24.35
CA ARG E 337 -18.07 26.54 25.03
C ARG E 337 -16.64 26.65 24.50
N SER E 338 -16.52 26.76 23.19
CA SER E 338 -15.23 26.77 22.52
C SER E 338 -15.21 27.82 21.43
N ILE E 339 -14.01 28.25 21.07
CA ILE E 339 -13.77 29.23 20.03
C ILE E 339 -12.90 28.59 18.96
N LEU E 340 -13.33 28.69 17.72
CA LEU E 340 -12.53 28.22 16.60
C LEU E 340 -11.49 29.26 16.24
N LEU E 341 -10.28 28.80 15.94
CA LEU E 341 -9.16 29.67 15.59
C LEU E 341 -8.51 29.15 14.32
N LEU E 342 -8.34 30.05 13.35
CA LEU E 342 -7.71 29.75 12.07
C LEU E 342 -6.55 30.73 11.90
N GLU E 343 -5.38 30.33 12.39
CA GLU E 343 -4.21 31.17 12.28
C GLU E 343 -3.68 31.16 10.85
N ASP E 344 -3.44 32.34 10.31
CA ASP E 344 -2.93 32.52 8.96
C ASP E 344 -3.83 31.82 7.94
N ILE E 345 -5.07 32.32 7.87
CA ILE E 345 -6.03 31.81 6.90
C ILE E 345 -5.60 32.10 5.46
N ASP E 346 -4.63 32.98 5.27
CA ASP E 346 -4.13 33.27 3.93
C ASP E 346 -3.22 32.18 3.37
N ALA E 347 -2.95 31.13 4.14
CA ALA E 347 -2.04 30.09 3.67
C ALA E 347 -2.56 29.43 2.40
N ALA E 348 -3.86 29.17 2.33
CA ALA E 348 -4.45 28.56 1.16
C ALA E 348 -4.27 29.44 -0.07
N SER E 363 -5.37 19.33 1.27
CA SER E 363 -6.32 18.77 0.32
C SER E 363 -7.65 19.51 0.34
N VAL E 364 -7.81 20.45 1.27
CA VAL E 364 -9.06 21.19 1.36
C VAL E 364 -9.27 22.02 0.11
N THR E 365 -10.53 22.24 -0.25
CA THR E 365 -10.90 23.01 -1.42
C THR E 365 -11.43 24.38 -0.99
N PHE E 366 -11.23 25.36 -1.88
CA PHE E 366 -11.68 26.72 -1.61
C PHE E 366 -13.18 26.78 -1.44
N SER E 367 -13.91 26.13 -2.37
CA SER E 367 -15.37 26.11 -2.29
C SER E 367 -15.83 25.37 -1.05
N GLY E 368 -15.18 24.25 -0.72
CA GLY E 368 -15.54 23.53 0.49
C GLY E 368 -15.38 24.36 1.73
N LEU E 369 -14.27 25.09 1.83
CA LEU E 369 -14.05 25.98 2.95
C LEU E 369 -15.12 27.06 3.02
N LEU E 370 -15.42 27.67 1.87
CA LEU E 370 -16.41 28.74 1.85
C LEU E 370 -17.77 28.24 2.31
N ASN E 371 -18.17 27.06 1.84
CA ASN E 371 -19.44 26.50 2.25
C ASN E 371 -19.42 26.13 3.72
N ALA E 372 -18.29 25.62 4.22
CA ALA E 372 -18.20 25.24 5.62
C ALA E 372 -18.37 26.46 6.53
N LEU E 373 -17.70 27.56 6.19
CA LEU E 373 -17.79 28.76 7.02
C LEU E 373 -19.20 29.34 6.98
N ASP E 374 -19.74 29.53 5.78
CA ASP E 374 -21.09 30.05 5.60
C ASP E 374 -21.76 29.23 4.51
N GLY E 375 -22.64 28.33 4.92
CA GLY E 375 -23.30 27.47 3.96
C GLY E 375 -24.27 26.55 4.67
N VAL E 376 -24.83 25.62 3.88
CA VAL E 376 -25.82 24.71 4.41
C VAL E 376 -25.21 23.81 5.48
N THR E 377 -24.01 23.30 5.22
CA THR E 377 -23.35 22.41 6.17
C THR E 377 -22.72 23.14 7.34
N SER E 378 -22.70 24.46 7.33
CA SER E 378 -22.10 25.22 8.42
C SER E 378 -22.84 24.97 9.72
N SER E 379 -22.09 24.96 10.82
CA SER E 379 -22.65 24.67 12.13
C SER E 379 -23.35 25.90 12.68
N GLU E 380 -23.76 25.82 13.94
CA GLU E 380 -24.51 26.87 14.60
C GLU E 380 -23.95 27.12 15.99
N GLU E 381 -24.11 28.35 16.47
CA GLU E 381 -23.68 28.73 17.82
C GLU E 381 -22.18 28.56 17.97
N THR E 382 -21.43 29.10 17.00
CA THR E 382 -19.98 29.00 16.98
C THR E 382 -19.38 30.37 16.71
N ILE E 383 -18.22 30.60 17.31
CA ILE E 383 -17.45 31.82 17.10
C ILE E 383 -16.09 31.42 16.56
N THR E 384 -15.69 32.05 15.47
CA THR E 384 -14.44 31.74 14.78
C THR E 384 -13.59 32.99 14.67
N PHE E 385 -12.28 32.83 14.87
CA PHE E 385 -11.32 33.91 14.79
C PHE E 385 -10.26 33.58 13.76
N MET E 386 -9.98 34.53 12.88
CA MET E 386 -9.00 34.38 11.82
C MET E 386 -7.94 35.47 11.95
N THR E 387 -6.71 35.13 11.58
CA THR E 387 -5.59 36.05 11.65
C THR E 387 -4.79 35.99 10.35
N THR E 388 -4.24 37.12 9.95
CA THR E 388 -3.36 37.20 8.79
C THR E 388 -2.34 38.30 8.99
N ASN E 389 -1.25 38.20 8.25
CA ASN E 389 -0.34 39.31 7.99
C ASN E 389 -0.45 39.80 6.55
N HIS E 390 -1.18 39.09 5.69
CA HIS E 390 -1.34 39.43 4.29
C HIS E 390 -2.80 39.35 3.92
N PRO E 391 -3.63 40.26 4.45
CA PRO E 391 -5.07 40.21 4.13
C PRO E 391 -5.37 40.40 2.65
N GLU E 392 -4.45 41.03 1.90
CA GLU E 392 -4.68 41.26 0.48
C GLU E 392 -4.84 39.95 -0.29
N LYS E 393 -4.22 38.88 0.20
CA LYS E 393 -4.33 37.60 -0.49
C LYS E 393 -5.76 37.09 -0.49
N LEU E 394 -6.50 37.36 0.58
CA LEU E 394 -7.86 36.84 0.71
C LEU E 394 -8.75 37.46 -0.36
N ASP E 395 -9.64 36.64 -0.92
CA ASP E 395 -10.53 37.08 -1.96
C ASP E 395 -11.75 37.78 -1.35
N ALA E 396 -12.71 38.14 -2.20
CA ALA E 396 -13.89 38.84 -1.74
C ALA E 396 -14.87 37.90 -1.07
N ALA E 397 -15.01 36.68 -1.59
CA ALA E 397 -16.00 35.75 -1.06
C ALA E 397 -15.71 35.38 0.38
N ILE E 398 -14.45 35.10 0.69
CA ILE E 398 -14.09 34.76 2.06
C ILE E 398 -14.30 35.95 2.99
N MET E 399 -14.04 37.15 2.50
CA MET E 399 -14.26 38.38 3.27
C MET E 399 -15.70 38.85 3.22
N ARG E 400 -16.62 37.98 2.80
CA ARG E 400 -18.03 38.33 2.84
C ARG E 400 -18.45 38.59 4.28
N PRO E 401 -19.35 39.54 4.55
CA PRO E 401 -19.80 39.76 5.93
C PRO E 401 -20.37 38.54 6.59
N GLY E 402 -21.06 37.67 5.84
CA GLY E 402 -21.62 36.48 6.45
C GLY E 402 -20.57 35.55 7.02
N ARG E 403 -19.37 35.55 6.45
CA ARG E 403 -18.27 34.72 6.93
C ARG E 403 -17.34 35.47 7.87
N ILE E 404 -16.92 36.67 7.48
CA ILE E 404 -16.13 37.54 8.32
C ILE E 404 -16.98 38.76 8.63
N ASP E 405 -17.68 38.71 9.77
CA ASP E 405 -18.58 39.79 10.14
C ASP E 405 -17.81 41.01 10.62
N TYR E 406 -16.72 40.78 11.35
CA TYR E 406 -15.94 41.85 11.98
C TYR E 406 -14.49 41.71 11.56
N LYS E 407 -13.89 42.81 11.12
CA LYS E 407 -12.49 42.85 10.71
C LYS E 407 -11.80 43.98 11.44
N VAL E 408 -10.64 43.68 12.02
CA VAL E 408 -9.91 44.62 12.86
C VAL E 408 -8.45 44.65 12.41
N PHE E 409 -7.87 45.85 12.42
CA PHE E 409 -6.48 46.06 12.05
C PHE E 409 -5.65 46.13 13.32
N VAL E 410 -4.98 45.04 13.65
CA VAL E 410 -4.07 45.01 14.82
C VAL E 410 -2.72 45.46 14.30
N GLY E 411 -2.54 46.78 14.22
CA GLY E 411 -1.39 47.37 13.59
C GLY E 411 -0.20 47.45 14.53
N ASN E 412 0.84 48.13 14.04
CA ASN E 412 2.05 48.31 14.81
C ASN E 412 1.78 49.20 16.03
N ALA E 413 2.80 49.32 16.87
CA ALA E 413 2.65 50.06 18.12
C ALA E 413 2.37 51.53 17.84
N THR E 414 1.55 52.12 18.70
CA THR E 414 1.22 53.54 18.70
C THR E 414 1.56 54.12 20.07
N PRO E 415 1.69 55.45 20.17
CA PRO E 415 2.14 56.06 21.43
C PRO E 415 1.32 55.64 22.64
N TYR E 416 0.01 55.50 22.45
CA TYR E 416 -0.84 54.99 23.52
C TYR E 416 -0.41 53.59 23.92
N GLN E 417 -0.20 52.72 22.94
CA GLN E 417 0.22 51.34 23.23
C GLN E 417 1.58 51.33 23.90
N VAL E 418 2.51 52.17 23.44
CA VAL E 418 3.84 52.22 24.03
C VAL E 418 3.73 52.62 25.50
N GLU E 419 2.97 53.68 25.78
CA GLU E 419 2.81 54.16 27.15
C GLU E 419 2.23 53.07 28.03
N LYS E 420 1.12 52.46 27.59
CA LYS E 420 0.46 51.47 28.45
C LYS E 420 1.33 50.24 28.65
N MET E 421 2.09 49.84 27.63
CA MET E 421 3.03 48.74 27.80
C MET E 421 4.08 49.08 28.85
N PHE E 422 4.59 50.32 28.79
CA PHE E 422 5.59 50.73 29.77
C PHE E 422 5.02 50.68 31.19
N MET E 423 3.79 51.18 31.38
CA MET E 423 3.18 51.06 32.70
C MET E 423 2.99 49.61 33.10
N LYS E 424 2.62 48.75 32.15
CA LYS E 424 2.46 47.34 32.48
C LYS E 424 3.76 46.72 32.97
N PHE E 425 4.87 47.03 32.30
CA PHE E 425 6.14 46.43 32.66
C PHE E 425 6.85 47.22 33.75
N TYR E 426 6.67 48.53 33.78
CA TYR E 426 7.27 49.41 34.78
C TYR E 426 6.18 50.25 35.44
N PRO E 427 5.33 49.63 36.27
CA PRO E 427 4.25 50.40 36.90
C PRO E 427 4.79 51.48 37.83
N GLY E 428 4.07 52.60 37.87
CA GLY E 428 4.43 53.70 38.73
C GLY E 428 5.39 54.69 38.10
N GLU E 429 6.16 54.26 37.11
CA GLU E 429 7.15 55.11 36.47
C GLU E 429 6.49 55.95 35.39
N THR E 430 6.00 57.13 35.80
CA THR E 430 5.24 58.00 34.89
C THR E 430 6.15 58.92 34.09
N ASP E 431 6.99 59.69 34.77
CA ASP E 431 7.89 60.60 34.07
C ASP E 431 8.84 59.82 33.17
N ILE E 432 9.33 58.68 33.65
CA ILE E 432 10.20 57.84 32.83
C ILE E 432 9.44 57.35 31.62
N CYS E 433 8.16 57.00 31.79
CA CYS E 433 7.32 56.69 30.64
C CYS E 433 7.23 57.85 29.67
N LYS E 434 7.03 59.07 30.18
CA LYS E 434 6.89 60.21 29.30
C LYS E 434 8.14 60.41 28.46
N LYS E 435 9.32 60.33 29.11
CA LYS E 435 10.57 60.46 28.38
C LYS E 435 10.75 59.32 27.39
N PHE E 436 10.34 58.11 27.78
CA PHE E 436 10.49 56.95 26.90
C PHE E 436 9.64 57.09 25.65
N VAL E 437 8.39 57.52 25.81
CA VAL E 437 7.52 57.67 24.64
C VAL E 437 8.00 58.82 23.77
N ASN E 438 8.51 59.90 24.39
CA ASN E 438 9.06 60.99 23.61
C ASN E 438 10.26 60.51 22.78
N SER E 439 11.14 59.72 23.40
CA SER E 439 12.29 59.20 22.67
C SER E 439 11.86 58.28 21.55
N VAL E 440 10.86 57.43 21.80
CA VAL E 440 10.37 56.52 20.78
C VAL E 440 9.80 57.31 19.60
N LYS E 441 9.04 58.37 19.89
CA LYS E 441 8.52 59.21 18.82
C LYS E 441 9.67 59.86 18.05
N GLU E 442 10.67 60.35 18.76
CA GLU E 442 11.80 61.00 18.11
C GLU E 442 12.59 60.03 17.24
N LEU E 443 12.58 58.74 17.59
CA LEU E 443 13.31 57.77 16.80
C LEU E 443 12.69 57.59 15.41
N ASP E 444 11.37 57.79 15.30
CA ASP E 444 10.67 57.68 14.02
C ASP E 444 10.86 56.30 13.40
N ILE E 445 10.34 55.28 14.11
CA ILE E 445 10.48 53.89 13.71
C ILE E 445 9.12 53.22 13.80
N THR E 446 8.90 52.23 12.95
CA THR E 446 7.68 51.42 12.97
C THR E 446 7.85 50.25 13.93
N VAL E 447 8.10 50.59 15.20
CA VAL E 447 8.35 49.59 16.22
C VAL E 447 7.10 48.75 16.45
N SER E 448 7.28 47.45 16.57
CA SER E 448 6.21 46.54 16.90
C SER E 448 6.07 46.40 18.41
N THR E 449 4.91 45.89 18.83
CA THR E 449 4.68 45.67 20.25
C THR E 449 5.62 44.62 20.82
N ALA E 450 5.87 43.54 20.07
CA ALA E 450 6.75 42.49 20.55
C ALA E 450 8.17 43.01 20.72
N GLN E 451 8.58 43.96 19.87
CA GLN E 451 9.88 44.59 20.05
C GLN E 451 9.96 45.30 21.39
N LEU E 452 8.89 46.02 21.75
CA LEU E 452 8.86 46.69 23.05
C LEU E 452 8.92 45.69 24.18
N GLN E 453 8.17 44.58 24.05
CA GLN E 453 8.22 43.55 25.09
C GLN E 453 9.62 43.00 25.25
N GLY E 454 10.30 42.72 24.12
CA GLY E 454 11.65 42.21 24.21
C GLY E 454 12.61 43.20 24.86
N LEU E 455 12.48 44.48 24.49
CA LEU E 455 13.33 45.50 25.09
C LEU E 455 13.11 45.58 26.59
N PHE E 456 11.86 45.55 27.03
CA PHE E 456 11.59 45.62 28.46
C PHE E 456 12.07 44.36 29.17
N VAL E 457 12.02 43.22 28.49
CA VAL E 457 12.49 41.99 29.10
C VAL E 457 14.01 42.02 29.28
N MET E 458 14.72 42.59 28.30
CA MET E 458 16.16 42.79 28.45
C MET E 458 16.46 43.60 29.69
N ASN E 459 15.79 44.74 29.83
CA ASN E 459 15.99 45.65 30.95
C ASN E 459 14.94 45.40 32.03
N LYS E 460 14.94 44.16 32.53
CA LYS E 460 13.98 43.76 33.54
C LYS E 460 14.10 44.62 34.78
N ASP E 461 12.96 45.09 35.28
CA ASP E 461 12.85 46.02 36.41
C ASP E 461 13.96 47.06 36.39
N ALA E 462 14.15 47.66 35.22
CA ALA E 462 15.19 48.66 35.00
C ALA E 462 14.69 49.68 33.99
N PRO E 463 13.75 50.55 34.39
CA PRO E 463 13.22 51.53 33.43
C PRO E 463 14.28 52.43 32.84
N HIS E 464 15.27 52.83 33.63
CA HIS E 464 16.35 53.66 33.09
C HIS E 464 17.13 52.92 32.02
N ASP E 465 17.43 51.64 32.25
CA ASP E 465 18.15 50.86 31.26
C ASP E 465 17.34 50.71 29.99
N ALA E 466 16.02 50.53 30.13
CA ALA E 466 15.16 50.47 28.95
C ALA E 466 15.20 51.79 28.18
N LEU E 467 15.18 52.91 28.91
CA LEU E 467 15.30 54.21 28.26
C LEU E 467 16.61 54.33 27.50
N LYS E 468 17.70 53.82 28.09
CA LYS E 468 18.99 53.89 27.42
C LYS E 468 19.00 53.02 26.16
N MET E 469 18.44 51.81 26.25
CA MET E 469 18.46 50.87 25.14
C MET E 469 17.35 51.12 24.12
N VAL E 470 16.49 52.11 24.34
CA VAL E 470 15.43 52.48 23.41
C VAL E 470 15.93 52.58 21.97
N SER E 471 17.18 53.02 21.79
CA SER E 471 17.73 53.13 20.44
C SER E 471 17.88 51.77 19.78
N SER E 472 17.94 50.70 20.57
CA SER E 472 18.12 49.36 20.01
C SER E 472 16.95 48.96 19.13
N LEU E 473 15.76 49.51 19.38
CA LEU E 473 14.58 49.14 18.60
C LEU E 473 14.75 49.49 17.13
N ARG E 474 15.54 50.52 16.84
CA ARG E 474 15.70 50.95 15.44
C ARG E 474 16.31 49.85 14.60
N ASN E 475 17.31 49.15 15.12
CA ASN E 475 17.94 48.08 14.37
C ASN E 475 17.02 46.86 14.31
N ALA E 476 17.14 46.12 13.20
CA ALA E 476 16.40 44.89 13.00
C ALA E 476 17.27 43.74 12.51
N ASN E 477 18.51 44.00 12.13
CA ASN E 477 19.42 42.95 11.69
C ASN E 477 20.85 43.45 11.65
N ASN F 73 -30.30 -69.98 32.80
CA ASN F 73 -29.06 -70.27 32.09
C ASN F 73 -27.88 -69.65 32.83
N PRO F 74 -26.66 -70.18 32.64
CA PRO F 74 -25.49 -69.57 33.27
C PRO F 74 -25.21 -68.15 32.77
N TYR F 75 -25.74 -67.78 31.60
CA TYR F 75 -25.53 -66.43 31.10
C TYR F 75 -26.26 -65.39 31.95
N PHE F 76 -27.30 -65.81 32.68
CA PHE F 76 -28.03 -64.89 33.54
C PHE F 76 -27.14 -64.35 34.66
N ALA F 77 -26.09 -65.08 35.03
CA ALA F 77 -25.19 -64.59 36.07
C ALA F 77 -24.53 -63.28 35.68
N ALA F 78 -24.13 -63.17 34.41
CA ALA F 78 -23.52 -61.92 33.94
C ALA F 78 -24.55 -60.79 33.95
N GLY F 79 -25.62 -60.93 33.17
CA GLY F 79 -26.67 -59.93 33.14
C GLY F 79 -26.17 -58.56 32.71
N GLY F 80 -25.49 -58.49 31.57
CA GLY F 80 -24.92 -57.25 31.08
C GLY F 80 -25.82 -56.42 30.18
N GLY F 81 -27.09 -56.78 30.06
CA GLY F 81 -27.98 -56.01 29.19
C GLY F 81 -28.27 -54.61 29.69
N LEU F 82 -28.14 -54.38 30.99
CA LEU F 82 -28.37 -53.05 31.53
C LEU F 82 -27.36 -52.05 30.98
N MET F 83 -26.14 -52.50 30.68
CA MET F 83 -25.18 -51.63 30.01
C MET F 83 -25.70 -51.22 28.65
N ILE F 84 -26.30 -52.17 27.91
CA ILE F 84 -26.85 -51.85 26.59
C ILE F 84 -27.99 -50.84 26.74
N LEU F 85 -28.87 -51.05 27.71
CA LEU F 85 -29.98 -50.12 27.91
C LEU F 85 -29.46 -48.74 28.31
N GLY F 86 -28.43 -48.69 29.15
CA GLY F 86 -27.87 -47.40 29.55
C GLY F 86 -27.28 -46.65 28.37
N THR F 87 -26.52 -47.34 27.53
CA THR F 87 -25.98 -46.70 26.34
C THR F 87 -27.09 -46.24 25.41
N GLY F 88 -28.13 -47.06 25.23
CA GLY F 88 -29.23 -46.69 24.37
C GLY F 88 -29.96 -45.44 24.86
N LEU F 89 -30.27 -45.40 26.15
CA LEU F 89 -30.98 -44.24 26.69
C LEU F 89 -30.10 -43.01 26.73
N ALA F 90 -28.78 -43.17 26.95
CA ALA F 90 -27.89 -42.01 26.90
C ALA F 90 -27.84 -41.43 25.49
N VAL F 91 -27.73 -42.30 24.48
CA VAL F 91 -27.72 -41.82 23.10
C VAL F 91 -29.05 -41.17 22.76
N ALA F 92 -30.15 -41.75 23.22
CA ALA F 92 -31.46 -41.17 22.97
C ALA F 92 -31.58 -39.81 23.63
N ARG F 93 -31.07 -39.67 24.85
CA ARG F 93 -31.10 -38.38 25.55
C ARG F 93 -30.31 -37.34 24.77
N SER F 94 -29.11 -37.71 24.31
CA SER F 94 -28.30 -36.75 23.56
C SER F 94 -29.00 -36.35 22.26
N GLY F 95 -29.57 -37.32 21.55
CA GLY F 95 -30.25 -37.02 20.30
C GLY F 95 -31.48 -36.13 20.52
N ILE F 96 -32.24 -36.41 21.58
CA ILE F 96 -33.44 -35.63 21.86
C ILE F 96 -33.04 -34.22 22.28
N ILE F 97 -31.95 -34.08 23.03
CA ILE F 97 -31.47 -32.76 23.42
C ILE F 97 -31.08 -31.96 22.19
N LYS F 98 -30.35 -32.59 21.26
CA LYS F 98 -29.97 -31.89 20.04
C LYS F 98 -31.21 -31.52 19.21
N ALA F 99 -32.18 -32.43 19.13
CA ALA F 99 -33.40 -32.14 18.39
C ALA F 99 -34.13 -30.94 18.98
N SER F 100 -34.34 -30.95 20.30
CA SER F 100 -34.98 -29.82 20.97
C SER F 100 -34.16 -28.54 20.78
N ARG F 101 -32.84 -28.67 20.74
CA ARG F 101 -31.98 -27.53 20.46
C ARG F 101 -32.23 -26.99 19.06
N VAL F 102 -32.68 -27.86 18.16
CA VAL F 102 -33.03 -27.42 16.81
C VAL F 102 -34.52 -27.08 16.72
N LEU F 103 -35.37 -27.83 17.43
CA LEU F 103 -36.81 -27.63 17.34
C LEU F 103 -37.22 -26.23 17.77
N TYR F 104 -36.67 -25.74 18.88
CA TYR F 104 -37.03 -24.40 19.34
C TYR F 104 -36.67 -23.35 18.31
N ARG F 105 -35.48 -23.47 17.69
CA ARG F 105 -35.00 -22.46 16.77
C ARG F 105 -35.42 -22.75 15.34
N GLN F 106 -36.25 -23.76 15.11
CA GLN F 106 -36.73 -24.08 13.77
C GLN F 106 -38.15 -23.57 13.58
N MET F 107 -38.99 -23.68 14.62
CA MET F 107 -40.36 -23.18 14.55
C MET F 107 -40.73 -22.31 15.75
N ILE F 108 -40.29 -22.67 16.96
CA ILE F 108 -40.93 -22.17 18.17
C ILE F 108 -40.63 -20.69 18.40
N VAL F 109 -39.56 -20.19 17.79
CA VAL F 109 -39.22 -18.77 17.88
C VAL F 109 -38.81 -18.27 16.51
N ASP F 110 -38.91 -16.95 16.32
CA ASP F 110 -38.57 -16.29 15.08
C ASP F 110 -37.63 -15.12 15.37
N LEU F 111 -36.89 -14.70 14.35
CA LEU F 111 -35.84 -13.71 14.53
C LEU F 111 -35.75 -12.79 13.33
N GLU F 112 -34.88 -11.79 13.47
CA GLU F 112 -34.64 -10.79 12.43
C GLU F 112 -33.30 -10.10 12.69
N ILE F 113 -32.67 -9.65 11.59
CA ILE F 113 -31.41 -8.93 11.62
C ILE F 113 -31.59 -7.61 10.89
N GLN F 114 -30.87 -6.60 11.34
CA GLN F 114 -30.66 -5.40 10.52
C GLN F 114 -29.38 -4.70 10.97
N SER F 115 -28.69 -4.10 10.00
CA SER F 115 -27.45 -3.37 10.25
C SER F 115 -27.31 -2.25 9.24
N LYS F 116 -26.84 -1.10 9.72
CA LYS F 116 -26.51 0.04 8.87
C LYS F 116 -27.68 0.41 7.96
N ASP F 117 -28.77 0.87 8.57
CA ASP F 117 -30.00 1.14 7.83
C ASP F 117 -30.75 2.29 8.48
N LYS F 118 -31.64 2.90 7.69
CA LYS F 118 -32.44 4.03 8.15
C LYS F 118 -33.17 3.70 9.46
N SER F 119 -33.70 2.48 9.57
CA SER F 119 -34.41 2.07 10.76
C SER F 119 -33.47 1.71 11.92
N TYR F 120 -32.17 1.56 11.64
CA TYR F 120 -31.23 1.15 12.66
C TYR F 120 -31.16 2.17 13.80
N ALA F 121 -30.89 3.43 13.46
CA ALA F 121 -30.84 4.47 14.48
C ALA F 121 -32.21 4.73 15.07
N TRP F 122 -33.25 4.69 14.22
CA TRP F 122 -34.62 4.82 14.71
C TRP F 122 -34.92 3.73 15.72
N PHE F 123 -34.50 2.51 15.41
CA PHE F 123 -34.70 1.40 16.33
C PHE F 123 -33.95 1.66 17.64
N LEU F 124 -32.69 2.09 17.55
CA LEU F 124 -31.90 2.33 18.75
C LEU F 124 -32.55 3.36 19.65
N THR F 125 -33.05 4.44 19.05
CA THR F 125 -33.75 5.46 19.83
C THR F 125 -35.02 4.90 20.46
N TRP F 126 -35.76 4.06 19.73
CA TRP F 126 -36.98 3.49 20.32
C TRP F 126 -36.65 2.58 21.50
N MET F 127 -35.64 1.74 21.38
CA MET F 127 -35.21 0.93 22.52
C MET F 127 -34.80 1.82 23.69
N ALA F 128 -34.09 2.91 23.41
CA ALA F 128 -33.54 3.73 24.49
C ALA F 128 -34.64 4.33 25.36
N LYS F 129 -35.70 4.83 24.74
CA LYS F 129 -36.73 5.54 25.48
C LYS F 129 -37.61 4.58 26.28
N HIS F 130 -37.68 3.32 25.85
CA HIS F 130 -38.70 2.41 26.34
C HIS F 130 -38.50 2.13 27.83
N PRO F 131 -39.57 2.10 28.64
CA PRO F 131 -39.37 1.98 30.09
C PRO F 131 -39.21 0.55 30.58
N GLN F 132 -39.66 -0.44 29.80
CA GLN F 132 -39.54 -1.83 30.19
C GLN F 132 -38.16 -2.41 29.86
N ARG F 133 -37.20 -1.56 29.52
CA ARG F 133 -35.84 -2.02 29.26
C ARG F 133 -35.27 -2.71 30.49
N VAL F 134 -34.69 -3.89 30.27
CA VAL F 134 -34.06 -4.69 31.31
C VAL F 134 -32.58 -4.81 30.98
N SER F 135 -32.02 -3.74 30.43
CA SER F 135 -30.67 -3.73 29.87
C SER F 135 -29.66 -4.28 30.87
N ARG F 136 -29.07 -5.42 30.52
CA ARG F 136 -28.06 -6.07 31.34
C ARG F 136 -26.67 -5.51 31.06
N HIS F 137 -26.51 -4.79 29.94
CA HIS F 137 -25.26 -4.10 29.62
C HIS F 137 -25.59 -2.64 29.32
N LEU F 138 -24.76 -1.75 29.86
CA LEU F 138 -25.00 -0.31 29.77
C LEU F 138 -23.77 0.38 29.18
N SER F 139 -23.97 1.63 28.77
CA SER F 139 -22.90 2.52 28.37
C SER F 139 -23.18 3.89 28.99
N VAL F 140 -22.34 4.87 28.65
CA VAL F 140 -22.52 6.24 29.12
C VAL F 140 -22.32 7.19 27.95
N ARG F 141 -23.23 8.15 27.81
CA ARG F 141 -23.14 9.20 26.80
C ARG F 141 -23.14 10.53 27.53
N THR F 142 -21.98 11.20 27.54
CA THR F 142 -21.84 12.50 28.18
C THR F 142 -22.21 13.60 27.21
N ASN F 143 -22.96 14.59 27.71
CA ASN F 143 -23.38 15.72 26.90
C ASN F 143 -23.51 16.94 27.81
N TYR F 144 -23.39 18.12 27.21
CA TYR F 144 -23.48 19.38 27.93
C TYR F 144 -24.90 19.91 27.82
N ILE F 145 -25.48 20.26 28.97
CA ILE F 145 -26.83 20.81 29.03
C ILE F 145 -26.72 22.31 29.21
N GLN F 146 -27.41 23.05 28.35
CA GLN F 146 -27.41 24.51 28.38
C GLN F 146 -28.75 24.99 28.93
N HIS F 147 -28.71 25.71 30.05
CA HIS F 147 -29.91 26.26 30.66
C HIS F 147 -30.17 27.66 30.09
N ASP F 148 -30.27 27.71 28.77
CA ASP F 148 -30.35 28.97 28.04
C ASP F 148 -29.11 29.78 28.41
N ASN F 149 -29.22 31.11 28.50
CA ASN F 149 -28.10 31.93 28.93
C ASN F 149 -27.95 31.98 30.45
N GLY F 150 -28.89 31.38 31.19
CA GLY F 150 -28.80 31.42 32.65
C GLY F 150 -27.56 30.73 33.18
N SER F 151 -27.28 29.54 32.68
CA SER F 151 -26.11 28.77 33.13
C SER F 151 -25.92 27.61 32.16
N VAL F 152 -24.78 26.93 32.30
CA VAL F 152 -24.47 25.75 31.53
C VAL F 152 -23.83 24.72 32.45
N SER F 153 -24.21 23.47 32.29
CA SER F 153 -23.64 22.38 33.08
C SER F 153 -23.54 21.14 32.20
N THR F 154 -22.79 20.16 32.68
CA THR F 154 -22.55 18.92 31.98
C THR F 154 -23.31 17.79 32.64
N LYS F 155 -23.92 16.95 31.81
CA LYS F 155 -24.70 15.80 32.29
C LYS F 155 -24.43 14.62 31.38
N PHE F 156 -25.26 13.58 31.49
CA PHE F 156 -24.97 12.31 30.85
C PHE F 156 -26.26 11.52 30.70
N SER F 157 -26.18 10.43 29.94
CA SER F 157 -27.28 9.50 29.80
C SER F 157 -26.71 8.11 29.63
N LEU F 158 -27.22 7.16 30.42
CA LEU F 158 -26.72 5.78 30.39
C LEU F 158 -27.38 5.05 29.23
N VAL F 159 -26.82 5.21 28.04
CA VAL F 159 -27.34 4.48 26.87
C VAL F 159 -27.08 2.99 27.09
N PRO F 160 -27.99 2.11 26.68
CA PRO F 160 -27.71 0.67 26.80
C PRO F 160 -26.46 0.26 26.03
N GLY F 161 -25.74 -0.71 26.59
CA GLY F 161 -24.52 -1.20 26.01
C GLY F 161 -24.75 -2.45 25.17
N PRO F 162 -23.67 -3.05 24.68
CA PRO F 162 -23.79 -4.26 23.88
C PRO F 162 -24.02 -5.48 24.75
N GLY F 163 -24.95 -6.33 24.33
CA GLY F 163 -25.26 -7.55 25.05
C GLY F 163 -26.72 -7.93 24.93
N ASN F 164 -27.19 -8.75 25.86
CA ASN F 164 -28.56 -9.26 25.86
C ASN F 164 -29.44 -8.36 26.71
N HIS F 165 -30.58 -7.95 26.14
CA HIS F 165 -31.51 -7.04 26.80
C HIS F 165 -32.92 -7.53 26.56
N TRP F 166 -33.75 -7.45 27.61
CA TRP F 166 -35.13 -7.91 27.55
C TRP F 166 -36.09 -6.72 27.63
N ILE F 167 -37.20 -6.84 26.90
CA ILE F 167 -38.26 -5.83 26.93
C ILE F 167 -39.60 -6.56 26.93
N ARG F 168 -40.52 -6.06 27.75
CA ARG F 168 -41.88 -6.59 27.84
C ARG F 168 -42.82 -5.74 27.01
N TYR F 169 -42.63 -5.77 25.69
CA TYR F 169 -43.39 -4.88 24.81
C TYR F 169 -44.85 -5.31 24.72
N LYS F 170 -45.69 -4.63 25.50
CA LYS F 170 -47.14 -4.86 25.54
C LYS F 170 -47.51 -6.34 25.46
N GLY F 171 -46.94 -7.13 26.37
CA GLY F 171 -47.32 -8.53 26.49
C GLY F 171 -46.42 -9.48 25.74
N ALA F 172 -45.27 -9.01 25.27
CA ALA F 172 -44.32 -9.87 24.58
C ALA F 172 -42.90 -9.63 25.12
N PHE F 173 -42.30 -10.69 25.64
CA PHE F 173 -40.95 -10.63 26.19
C PHE F 173 -39.94 -10.73 25.04
N ILE F 174 -39.43 -9.57 24.63
CA ILE F 174 -38.57 -9.46 23.46
C ILE F 174 -37.12 -9.40 23.94
N LEU F 175 -36.27 -10.21 23.32
CA LEU F 175 -34.83 -10.14 23.55
C LEU F 175 -34.17 -9.40 22.39
N ILE F 176 -33.17 -8.58 22.73
CA ILE F 176 -32.45 -7.77 21.76
C ILE F 176 -30.96 -7.96 21.98
N LYS F 177 -30.20 -7.87 20.90
CA LYS F 177 -28.76 -8.12 20.93
C LYS F 177 -28.08 -7.11 20.00
N ARG F 178 -27.30 -6.21 20.59
CA ARG F 178 -26.45 -5.29 19.85
C ARG F 178 -25.02 -5.81 19.90
N GLU F 179 -24.38 -5.88 18.73
CA GLU F 179 -23.00 -6.33 18.61
C GLU F 179 -22.34 -5.57 17.46
N ARG F 180 -21.07 -5.27 17.62
CA ARG F 180 -20.28 -4.64 16.56
C ARG F 180 -19.54 -5.71 15.76
N SER F 181 -18.91 -5.28 14.67
CA SER F 181 -18.03 -6.15 13.91
C SER F 181 -16.75 -6.39 14.71
N ALA F 182 -15.80 -7.10 14.09
CA ALA F 182 -14.53 -7.38 14.76
C ALA F 182 -13.85 -6.10 15.23
N LYS F 183 -13.97 -5.03 14.45
CA LYS F 183 -13.42 -3.72 14.81
C LYS F 183 -14.43 -2.65 14.46
N MET F 184 -14.21 -1.45 15.02
CA MET F 184 -14.88 -0.20 14.59
C MET F 184 -13.85 0.81 14.08
N SER F 191 -13.17 6.94 13.87
CA SER F 191 -14.19 5.91 13.80
C SER F 191 -14.66 5.69 12.36
N PRO F 192 -13.85 5.03 11.55
CA PRO F 192 -14.27 4.74 10.17
C PRO F 192 -15.49 3.82 10.17
N PHE F 193 -16.28 3.93 9.11
CA PHE F 193 -17.49 3.15 8.99
C PHE F 193 -17.20 1.66 9.09
N GLU F 194 -17.99 0.96 9.88
CA GLU F 194 -17.91 -0.49 9.98
C GLU F 194 -19.22 -1.00 10.55
N THR F 195 -19.66 -2.17 10.07
CA THR F 195 -21.03 -2.62 10.29
C THR F 195 -21.30 -2.90 11.77
N VAL F 196 -22.47 -2.49 12.22
CA VAL F 196 -23.02 -2.86 13.52
C VAL F 196 -24.44 -3.36 13.27
N THR F 197 -24.78 -4.49 13.87
CA THR F 197 -26.04 -5.17 13.60
C THR F 197 -26.86 -5.30 14.88
N LEU F 198 -28.17 -5.36 14.69
CA LEU F 198 -29.12 -5.53 15.78
C LEU F 198 -30.06 -6.67 15.43
N THR F 199 -30.43 -7.45 16.44
CA THR F 199 -31.32 -8.58 16.27
C THR F 199 -32.42 -8.53 17.32
N THR F 200 -33.50 -9.26 17.04
CA THR F 200 -34.71 -9.21 17.85
C THR F 200 -35.46 -10.53 17.71
N LEU F 201 -35.89 -11.07 18.84
CA LEU F 201 -36.27 -12.47 18.96
C LEU F 201 -37.64 -12.62 19.59
N TYR F 202 -38.54 -13.32 18.90
CA TYR F 202 -39.84 -13.70 19.45
C TYR F 202 -40.54 -14.64 18.48
N ARG F 203 -41.53 -15.38 18.99
CA ARG F 203 -42.31 -16.29 18.16
C ARG F 203 -43.21 -15.52 17.19
N ASP F 204 -44.11 -14.71 17.72
CA ASP F 204 -45.06 -13.94 16.91
C ASP F 204 -44.43 -12.64 16.44
N LYS F 205 -44.70 -12.29 15.18
CA LYS F 205 -44.16 -11.08 14.55
C LYS F 205 -45.18 -9.97 14.43
N HIS F 206 -46.39 -10.13 14.99
CA HIS F 206 -47.42 -9.12 14.80
C HIS F 206 -47.20 -7.90 15.68
N LEU F 207 -46.21 -7.93 16.58
CA LEU F 207 -45.74 -6.75 17.28
C LEU F 207 -44.47 -6.17 16.64
N PHE F 208 -43.84 -6.93 15.75
CA PHE F 208 -42.55 -6.55 15.17
C PHE F 208 -42.69 -5.26 14.36
N ASP F 209 -43.56 -5.30 13.35
CA ASP F 209 -43.84 -4.11 12.54
C ASP F 209 -44.35 -2.97 13.41
N ASP F 210 -45.07 -3.29 14.49
CA ASP F 210 -45.56 -2.24 15.37
C ASP F 210 -44.40 -1.48 16.02
N ILE F 211 -43.40 -2.21 16.53
CA ILE F 211 -42.22 -1.55 17.10
C ILE F 211 -41.53 -0.72 16.03
N LEU F 212 -41.41 -1.27 14.82
CA LEU F 212 -40.74 -0.54 13.76
C LEU F 212 -41.48 0.76 13.42
N ASN F 213 -42.82 0.70 13.39
CA ASN F 213 -43.61 1.90 13.13
C ASN F 213 -43.46 2.92 14.25
N GLU F 214 -43.40 2.47 15.50
CA GLU F 214 -43.21 3.41 16.60
C GLU F 214 -41.85 4.09 16.50
N ALA F 215 -40.82 3.34 16.11
CA ALA F 215 -39.52 3.95 15.88
C ALA F 215 -39.59 4.97 14.75
N LYS F 216 -40.33 4.65 13.69
CA LYS F 216 -40.56 5.63 12.63
C LYS F 216 -41.17 6.90 13.17
N ASP F 217 -42.18 6.76 14.03
CA ASP F 217 -42.85 7.93 14.59
C ASP F 217 -41.90 8.76 15.43
N ILE F 218 -41.06 8.11 16.23
CA ILE F 218 -40.05 8.84 16.99
C ILE F 218 -39.13 9.61 16.05
N ALA F 219 -38.73 8.97 14.96
CA ALA F 219 -37.87 9.66 13.99
C ALA F 219 -38.57 10.86 13.39
N LEU F 220 -39.85 10.72 13.04
CA LEU F 220 -40.60 11.82 12.44
C LEU F 220 -40.75 12.98 13.40
N LYS F 221 -40.88 12.69 14.70
CA LYS F 221 -41.05 13.75 15.68
C LYS F 221 -39.85 14.70 15.68
N THR F 222 -38.64 14.15 15.66
CA THR F 222 -37.46 14.99 15.68
C THR F 222 -37.37 15.85 14.42
N THR F 223 -37.66 15.26 13.26
CA THR F 223 -37.56 15.96 11.99
C THR F 223 -38.91 16.54 11.59
N GLU F 224 -39.47 17.34 12.50
CA GLU F 224 -40.79 17.93 12.30
C GLU F 224 -40.68 19.30 11.62
N GLY F 225 -40.01 20.25 12.28
CA GLY F 225 -39.87 21.60 11.78
C GLY F 225 -38.47 21.89 11.29
N LYS F 226 -37.75 20.85 10.90
CA LYS F 226 -36.36 20.96 10.47
C LYS F 226 -36.23 20.55 9.01
N THR F 227 -35.03 20.74 8.47
CA THR F 227 -34.65 20.32 7.13
C THR F 227 -33.40 19.49 7.24
N VAL F 228 -33.49 18.22 6.83
CA VAL F 228 -32.35 17.32 6.95
C VAL F 228 -31.34 17.61 5.85
N ILE F 229 -30.07 17.45 6.17
CA ILE F 229 -28.97 17.66 5.24
C ILE F 229 -28.23 16.34 5.09
N TYR F 230 -27.99 15.93 3.86
CA TYR F 230 -27.26 14.71 3.55
C TYR F 230 -25.96 15.05 2.83
N THR F 231 -24.93 14.24 3.08
CA THR F 231 -23.61 14.45 2.53
C THR F 231 -23.13 13.18 1.85
N SER F 232 -22.19 13.35 0.92
CA SER F 232 -21.67 12.23 0.14
C SER F 232 -20.51 11.59 0.88
N PHE F 233 -20.67 10.31 1.20
CA PHE F 233 -19.62 9.48 1.82
C PHE F 233 -19.56 8.20 1.03
N GLY F 234 -18.67 8.15 0.04
CA GLY F 234 -18.59 7.01 -0.83
C GLY F 234 -19.79 6.99 -1.77
N PRO F 235 -20.25 5.80 -2.15
CA PRO F 235 -21.36 5.72 -3.12
C PRO F 235 -22.74 5.91 -2.51
N GLU F 236 -22.85 6.39 -1.26
CA GLU F 236 -24.14 6.55 -0.62
C GLU F 236 -24.11 7.76 0.30
N TRP F 237 -25.30 8.22 0.66
CA TRP F 237 -25.48 9.41 1.47
C TRP F 237 -25.62 9.05 2.95
N ARG F 238 -25.56 10.07 3.79
CA ARG F 238 -25.89 9.94 5.21
C ARG F 238 -26.25 11.31 5.75
N LYS F 239 -27.00 11.32 6.84
CA LYS F 239 -27.31 12.57 7.51
C LYS F 239 -26.03 13.19 8.05
N PHE F 240 -25.92 14.51 7.92
CA PHE F 240 -24.81 15.28 8.46
C PHE F 240 -25.32 16.14 9.61
N GLY F 241 -24.87 15.82 10.82
CA GLY F 241 -25.22 16.60 11.99
C GLY F 241 -26.71 16.57 12.30
N GLN F 242 -27.08 17.19 13.42
CA GLN F 242 -28.48 17.28 13.76
C GLN F 242 -29.22 18.19 12.77
N PRO F 243 -30.53 17.98 12.57
CA PRO F 243 -31.26 18.85 11.65
C PRO F 243 -31.29 20.28 12.14
N LYS F 244 -31.44 21.20 11.19
CA LYS F 244 -31.52 22.63 11.44
C LYS F 244 -32.92 23.13 11.15
N ALA F 245 -33.29 24.22 11.83
CA ALA F 245 -34.61 24.80 11.65
C ALA F 245 -34.76 25.38 10.25
N LYS F 246 -36.01 25.43 9.79
CA LYS F 246 -36.29 25.92 8.46
C LYS F 246 -36.05 27.43 8.39
N ARG F 247 -35.48 27.87 7.26
CA ARG F 247 -35.28 29.28 6.96
C ARG F 247 -36.48 29.75 6.16
N MET F 248 -37.43 30.40 6.82
CA MET F 248 -38.69 30.70 6.16
C MET F 248 -38.46 31.70 5.03
N LEU F 249 -39.18 31.47 3.92
CA LEU F 249 -38.94 32.25 2.71
C LEU F 249 -39.06 33.76 2.89
N PRO F 250 -40.04 34.29 3.61
CA PRO F 250 -40.11 35.76 3.78
C PRO F 250 -38.85 36.36 4.37
N SER F 251 -38.09 35.58 5.13
CA SER F 251 -36.79 36.06 5.61
C SER F 251 -35.84 36.33 4.46
N VAL F 252 -35.95 35.57 3.37
CA VAL F 252 -35.06 35.72 2.23
C VAL F 252 -35.61 36.82 1.33
N ILE F 253 -34.93 37.97 1.32
CA ILE F 253 -35.33 39.11 0.51
C ILE F 253 -34.57 39.04 -0.81
N LEU F 254 -35.31 38.93 -1.91
CA LEU F 254 -34.76 38.92 -3.25
C LEU F 254 -35.45 39.98 -4.09
N ASP F 255 -34.95 40.17 -5.31
CA ASP F 255 -35.53 41.15 -6.21
C ASP F 255 -36.96 40.77 -6.56
N SER F 256 -37.71 41.73 -7.10
CA SER F 256 -39.13 41.54 -7.33
C SER F 256 -39.38 40.45 -8.36
N GLY F 257 -40.24 39.49 -8.00
CA GLY F 257 -40.69 38.47 -8.92
C GLY F 257 -39.78 37.26 -9.02
N ILE F 258 -38.55 37.37 -8.51
CA ILE F 258 -37.61 36.25 -8.62
C ILE F 258 -38.10 35.07 -7.80
N LYS F 259 -38.41 35.33 -6.52
CA LYS F 259 -38.88 34.25 -5.65
C LYS F 259 -40.18 33.67 -6.16
N GLU F 260 -41.11 34.53 -6.57
CA GLU F 260 -42.39 34.06 -7.06
C GLU F 260 -42.24 33.24 -8.33
N GLY F 261 -41.41 33.72 -9.25
CA GLY F 261 -41.20 32.98 -10.49
C GLY F 261 -40.59 31.62 -10.25
N ILE F 262 -39.57 31.56 -9.39
CA ILE F 262 -38.93 30.29 -9.10
C ILE F 262 -39.91 29.33 -8.44
N LEU F 263 -40.70 29.84 -7.49
CA LEU F 263 -41.67 28.99 -6.81
C LEU F 263 -42.72 28.46 -7.79
N ASP F 264 -43.20 29.32 -8.70
CA ASP F 264 -44.17 28.88 -9.68
C ASP F 264 -43.57 27.81 -10.59
N ASP F 265 -42.33 28.01 -11.03
CA ASP F 265 -41.68 27.02 -11.88
C ASP F 265 -41.55 25.68 -11.16
N VAL F 266 -41.13 25.72 -9.89
CA VAL F 266 -40.91 24.49 -9.14
C VAL F 266 -42.24 23.76 -8.94
N TYR F 267 -43.29 24.49 -8.56
CA TYR F 267 -44.57 23.86 -8.33
C TYR F 267 -45.13 23.28 -9.63
N ASP F 268 -44.95 24.00 -10.74
CA ASP F 268 -45.39 23.48 -12.03
C ASP F 268 -44.67 22.18 -12.36
N PHE F 269 -43.36 22.14 -12.09
CA PHE F 269 -42.61 20.91 -12.38
C PHE F 269 -43.07 19.76 -11.51
N MET F 270 -43.18 19.99 -10.20
CA MET F 270 -43.55 18.91 -9.29
C MET F 270 -44.94 18.39 -9.59
N LYS F 271 -45.88 19.28 -9.88
CA LYS F 271 -47.26 18.86 -10.11
C LYS F 271 -47.39 18.10 -11.43
N ASN F 272 -46.75 18.59 -12.49
CA ASN F 272 -46.86 18.00 -13.82
C ASN F 272 -45.89 16.82 -13.96
N GLY F 273 -46.22 15.74 -13.26
CA GLY F 273 -45.42 14.54 -13.32
C GLY F 273 -45.68 13.69 -14.53
N LYS F 274 -46.94 13.29 -14.72
CA LYS F 274 -47.29 12.43 -15.83
C LYS F 274 -47.09 13.13 -17.17
N TRP F 275 -47.22 14.46 -17.19
CA TRP F 275 -47.15 15.19 -18.45
C TRP F 275 -45.79 15.01 -19.11
N TYR F 276 -44.73 14.93 -18.30
CA TYR F 276 -43.40 14.66 -18.85
C TYR F 276 -43.36 13.28 -19.49
N SER F 277 -43.92 12.28 -18.81
CA SER F 277 -43.84 10.91 -19.31
C SER F 277 -44.65 10.74 -20.59
N ASP F 278 -45.85 11.35 -20.65
CA ASP F 278 -46.71 11.17 -21.81
C ASP F 278 -46.04 11.69 -23.08
N ARG F 279 -45.20 12.70 -22.95
CA ARG F 279 -44.49 13.30 -24.06
C ARG F 279 -43.02 12.90 -24.10
N GLY F 280 -42.63 11.90 -23.32
CA GLY F 280 -41.30 11.32 -23.44
C GLY F 280 -40.16 12.26 -23.10
N ILE F 281 -40.26 12.98 -21.99
CA ILE F 281 -39.17 13.83 -21.51
C ILE F 281 -38.72 13.27 -20.16
N PRO F 282 -37.44 13.37 -19.80
CA PRO F 282 -37.05 12.96 -18.45
C PRO F 282 -37.66 13.90 -17.41
N TYR F 283 -38.30 13.32 -16.40
CA TYR F 283 -38.91 14.10 -15.33
C TYR F 283 -37.81 14.53 -14.36
N ARG F 284 -37.02 15.50 -14.81
CA ARG F 284 -35.91 16.01 -14.03
C ARG F 284 -35.68 17.45 -14.45
N ARG F 285 -35.45 18.32 -13.47
CA ARG F 285 -35.26 19.74 -13.71
C ARG F 285 -34.08 20.26 -12.93
N GLY F 286 -33.41 21.27 -13.48
CA GLY F 286 -32.25 21.86 -12.86
C GLY F 286 -32.29 23.37 -12.89
N TYR F 287 -31.95 23.98 -11.76
CA TYR F 287 -31.99 25.42 -11.59
C TYR F 287 -30.58 25.93 -11.32
N LEU F 288 -30.30 27.15 -11.78
CA LEU F 288 -29.02 27.79 -11.57
C LEU F 288 -29.25 29.17 -10.97
N LEU F 289 -28.51 29.49 -9.91
CA LEU F 289 -28.54 30.79 -9.25
C LEU F 289 -27.13 31.36 -9.27
N TYR F 290 -26.87 32.24 -10.22
CA TYR F 290 -25.55 32.85 -10.40
C TYR F 290 -25.61 34.31 -9.98
N GLY F 291 -24.62 34.74 -9.22
CA GLY F 291 -24.54 36.12 -8.80
C GLY F 291 -23.37 36.38 -7.88
N PRO F 292 -23.21 37.63 -7.46
CA PRO F 292 -22.08 37.98 -6.60
C PRO F 292 -22.19 37.30 -5.25
N PRO F 293 -21.12 37.26 -4.46
CA PRO F 293 -21.20 36.64 -3.15
C PRO F 293 -22.09 37.43 -2.21
N GLY F 294 -22.65 36.72 -1.23
CA GLY F 294 -23.53 37.35 -0.26
C GLY F 294 -24.77 37.96 -0.88
N SER F 295 -25.35 37.30 -1.88
CA SER F 295 -26.55 37.76 -2.54
C SER F 295 -27.79 36.97 -2.13
N GLY F 296 -27.65 35.99 -1.24
CA GLY F 296 -28.77 35.22 -0.76
C GLY F 296 -29.05 33.94 -1.52
N LYS F 297 -28.12 33.47 -2.34
CA LYS F 297 -28.34 32.28 -3.14
C LYS F 297 -28.59 31.06 -2.26
N THR F 298 -27.57 30.64 -1.51
CA THR F 298 -27.70 29.44 -0.69
C THR F 298 -28.77 29.60 0.37
N SER F 299 -28.96 30.83 0.86
CA SER F 299 -30.07 31.07 1.79
C SER F 299 -31.40 30.77 1.13
N PHE F 300 -31.57 31.19 -0.13
CA PHE F 300 -32.81 30.89 -0.83
C PHE F 300 -32.95 29.39 -1.08
N ILE F 301 -31.83 28.71 -1.34
CA ILE F 301 -31.89 27.26 -1.50
C ILE F 301 -32.42 26.62 -0.22
N GLN F 302 -31.87 27.03 0.91
CA GLN F 302 -32.32 26.51 2.20
C GLN F 302 -33.80 26.79 2.40
N ALA F 303 -34.23 28.01 2.08
CA ALA F 303 -35.62 28.39 2.33
C ALA F 303 -36.57 27.61 1.44
N LEU F 304 -36.22 27.44 0.17
CA LEU F 304 -37.07 26.67 -0.73
C LEU F 304 -37.15 25.22 -0.28
N ALA F 305 -36.02 24.64 0.12
CA ALA F 305 -36.04 23.27 0.61
C ALA F 305 -36.93 23.13 1.83
N GLY F 306 -36.86 24.11 2.74
CA GLY F 306 -37.74 24.07 3.90
C GLY F 306 -39.20 24.24 3.53
N GLU F 307 -39.48 25.11 2.56
CA GLU F 307 -40.86 25.34 2.14
C GLU F 307 -41.46 24.07 1.54
N LEU F 308 -40.70 23.38 0.69
CA LEU F 308 -41.17 22.13 0.12
C LEU F 308 -41.05 20.96 1.08
N ASP F 309 -40.42 21.16 2.24
CA ASP F 309 -40.18 20.10 3.22
C ASP F 309 -39.20 19.05 2.70
N TYR F 310 -38.41 19.39 1.68
CA TYR F 310 -37.43 18.47 1.13
C TYR F 310 -36.13 18.56 1.93
N ASN F 311 -35.27 17.57 1.71
CA ASN F 311 -33.97 17.47 2.37
C ASN F 311 -32.86 17.74 1.35
N ILE F 312 -31.96 18.65 1.68
CA ILE F 312 -30.87 19.01 0.80
C ILE F 312 -29.83 17.90 0.85
N CYS F 313 -29.32 17.51 -0.32
CA CYS F 313 -28.24 16.54 -0.45
C CYS F 313 -27.07 17.28 -1.09
N ILE F 314 -26.26 17.93 -0.25
CA ILE F 314 -25.13 18.70 -0.74
C ILE F 314 -24.08 17.76 -1.30
N LEU F 315 -23.43 18.19 -2.38
CA LEU F 315 -22.41 17.40 -3.05
C LEU F 315 -21.26 18.30 -3.47
N ASN F 316 -20.04 17.87 -3.17
CA ASN F 316 -18.83 18.61 -3.52
C ASN F 316 -18.09 17.82 -4.60
N LEU F 317 -18.07 18.35 -5.82
CA LEU F 317 -17.41 17.68 -6.92
C LEU F 317 -15.90 17.82 -6.87
N SER F 318 -15.40 18.89 -6.25
CA SER F 318 -13.96 19.07 -6.11
C SER F 318 -13.33 18.00 -5.22
N GLU F 319 -14.15 17.25 -4.48
CA GLU F 319 -13.66 16.10 -3.71
C GLU F 319 -12.88 15.16 -4.61
N ASN F 320 -11.62 14.92 -4.25
CA ASN F 320 -10.72 14.16 -5.12
C ASN F 320 -11.11 12.69 -5.17
N ASN F 321 -11.50 12.10 -4.03
CA ASN F 321 -11.87 10.69 -4.01
C ASN F 321 -13.11 10.41 -4.84
N LEU F 322 -13.89 11.43 -5.18
CA LEU F 322 -15.09 11.23 -5.98
C LEU F 322 -14.73 10.70 -7.36
N THR F 323 -15.59 9.82 -7.87
CA THR F 323 -15.42 9.22 -9.20
C THR F 323 -16.73 9.28 -9.95
N ASP F 324 -16.65 9.06 -11.26
CA ASP F 324 -17.84 9.14 -12.11
C ASP F 324 -18.86 8.10 -11.71
N ASP F 325 -18.42 6.86 -11.47
CA ASP F 325 -19.35 5.82 -11.04
C ASP F 325 -19.95 6.15 -9.68
N ARG F 326 -19.13 6.62 -8.76
CA ARG F 326 -19.62 7.04 -7.45
C ARG F 326 -20.62 8.19 -7.60
N LEU F 327 -20.31 9.13 -8.49
CA LEU F 327 -21.22 10.24 -8.74
C LEU F 327 -22.57 9.75 -9.25
N ASN F 328 -22.55 8.85 -10.22
CA ASN F 328 -23.79 8.34 -10.79
C ASN F 328 -24.61 7.59 -9.75
N HIS F 329 -23.94 6.77 -8.94
CA HIS F 329 -24.64 6.04 -7.90
C HIS F 329 -25.25 7.00 -6.87
N LEU F 330 -24.51 8.04 -6.49
CA LEU F 330 -25.02 8.98 -5.51
C LEU F 330 -26.23 9.72 -6.04
N MET F 331 -26.16 10.22 -7.28
CA MET F 331 -27.31 10.92 -7.84
C MET F 331 -28.46 9.99 -8.19
N ASN F 332 -28.22 8.68 -8.24
CA ASN F 332 -29.29 7.73 -8.48
C ASN F 332 -29.87 7.13 -7.21
N ASN F 333 -29.13 7.15 -6.09
CA ASN F 333 -29.57 6.59 -4.83
C ASN F 333 -29.84 7.67 -3.79
N MET F 334 -30.29 8.84 -4.24
CA MET F 334 -30.61 9.91 -3.31
C MET F 334 -31.84 9.52 -2.48
N PRO F 335 -31.91 9.94 -1.22
CA PRO F 335 -33.15 9.74 -0.46
C PRO F 335 -34.30 10.51 -1.09
N GLU F 336 -35.51 9.96 -0.93
CA GLU F 336 -36.67 10.56 -1.55
C GLU F 336 -37.03 11.87 -0.87
N ARG F 337 -37.78 12.71 -1.58
CA ARG F 337 -38.16 14.04 -1.09
C ARG F 337 -36.93 14.86 -0.74
N SER F 338 -36.02 14.97 -1.70
CA SER F 338 -34.74 15.63 -1.49
C SER F 338 -34.40 16.49 -2.68
N ILE F 339 -33.54 17.48 -2.44
CA ILE F 339 -33.07 18.41 -3.44
C ILE F 339 -31.55 18.28 -3.53
N LEU F 340 -31.04 18.10 -4.74
CA LEU F 340 -29.60 18.07 -4.95
C LEU F 340 -29.07 19.50 -5.03
N LEU F 341 -27.92 19.73 -4.42
CA LEU F 341 -27.29 21.03 -4.38
C LEU F 341 -25.83 20.91 -4.78
N LEU F 342 -25.41 21.72 -5.75
CA LEU F 342 -24.04 21.75 -6.25
C LEU F 342 -23.54 23.18 -6.09
N GLU F 343 -22.96 23.47 -4.93
CA GLU F 343 -22.44 24.80 -4.68
C GLU F 343 -21.15 25.02 -5.44
N ASP F 344 -21.08 26.14 -6.16
CA ASP F 344 -19.90 26.51 -6.96
C ASP F 344 -19.56 25.40 -7.95
N ILE F 345 -20.49 25.17 -8.88
CA ILE F 345 -20.28 24.21 -9.94
C ILE F 345 -19.17 24.62 -10.88
N ASP F 346 -18.72 25.88 -10.82
CA ASP F 346 -17.62 26.34 -11.66
C ASP F 346 -16.26 25.87 -11.17
N ALA F 347 -16.21 25.14 -10.06
CA ALA F 347 -14.92 24.72 -9.51
C ALA F 347 -14.16 23.84 -10.49
N ALA F 348 -14.86 22.94 -11.17
CA ALA F 348 -14.24 22.07 -12.16
C ALA F 348 -13.63 22.88 -13.29
N SER F 363 -11.47 13.75 -9.15
CA SER F 363 -11.24 12.73 -10.18
C SER F 363 -12.40 12.66 -11.18
N VAL F 364 -13.47 13.42 -10.92
CA VAL F 364 -14.62 13.40 -11.81
C VAL F 364 -14.23 13.95 -13.17
N THR F 365 -14.89 13.46 -14.21
CA THR F 365 -14.65 13.88 -15.58
C THR F 365 -15.77 14.78 -16.07
N PHE F 366 -15.42 15.69 -16.97
CA PHE F 366 -16.40 16.62 -17.52
C PHE F 366 -17.51 15.87 -18.26
N SER F 367 -17.12 14.92 -19.11
CA SER F 367 -18.11 14.14 -19.84
C SER F 367 -18.96 13.30 -18.90
N GLY F 368 -18.33 12.72 -17.87
CA GLY F 368 -19.10 11.95 -16.91
C GLY F 368 -20.14 12.79 -16.20
N LEU F 369 -19.75 14.00 -15.78
CA LEU F 369 -20.69 14.91 -15.15
C LEU F 369 -21.82 15.26 -16.09
N LEU F 370 -21.48 15.58 -17.35
CA LEU F 370 -22.51 15.97 -18.31
C LEU F 370 -23.51 14.85 -18.52
N ASN F 371 -23.01 13.62 -18.66
CA ASN F 371 -23.91 12.49 -18.85
C ASN F 371 -24.75 12.24 -17.60
N ALA F 372 -24.14 12.41 -16.42
CA ALA F 372 -24.88 12.19 -15.19
C ALA F 372 -26.04 13.16 -15.05
N LEU F 373 -25.79 14.44 -15.34
CA LEU F 373 -26.85 15.44 -15.21
C LEU F 373 -27.95 15.19 -16.23
N ASP F 374 -27.58 15.03 -17.49
CA ASP F 374 -28.53 14.77 -18.57
C ASP F 374 -27.93 13.67 -19.45
N GLY F 375 -28.44 12.46 -19.30
CA GLY F 375 -27.91 11.34 -20.07
C GLY F 375 -28.66 10.08 -19.73
N VAL F 376 -28.17 8.98 -20.28
CA VAL F 376 -28.82 7.69 -20.09
C VAL F 376 -28.79 7.29 -18.62
N THR F 377 -27.65 7.47 -17.96
CA THR F 377 -27.52 7.09 -16.56
C THR F 377 -28.16 8.08 -15.61
N SER F 378 -28.64 9.22 -16.11
CA SER F 378 -29.25 10.22 -15.24
C SER F 378 -30.51 9.66 -14.58
N SER F 379 -30.74 10.08 -13.34
CA SER F 379 -31.87 9.59 -12.56
C SER F 379 -33.14 10.28 -13.00
N GLU F 380 -34.22 10.05 -12.25
CA GLU F 380 -35.54 10.57 -12.57
C GLU F 380 -36.19 11.12 -11.31
N GLU F 381 -37.07 12.11 -11.50
CA GLU F 381 -37.82 12.70 -10.40
C GLU F 381 -36.90 13.35 -9.39
N THR F 382 -35.97 14.17 -9.90
CA THR F 382 -34.97 14.83 -9.07
C THR F 382 -34.91 16.30 -9.45
N ILE F 383 -34.65 17.15 -8.46
CA ILE F 383 -34.47 18.58 -8.63
C ILE F 383 -33.07 18.93 -8.14
N THR F 384 -32.32 19.64 -8.97
CA THR F 384 -30.94 20.01 -8.67
C THR F 384 -30.79 21.51 -8.75
N PHE F 385 -30.00 22.07 -7.83
CA PHE F 385 -29.74 23.50 -7.75
C PHE F 385 -28.24 23.73 -7.80
N MET F 386 -27.83 24.66 -8.67
CA MET F 386 -26.43 25.01 -8.86
C MET F 386 -26.24 26.49 -8.58
N THR F 387 -25.07 26.83 -8.06
CA THR F 387 -24.73 28.21 -7.73
C THR F 387 -23.33 28.53 -8.23
N THR F 388 -23.13 29.78 -8.66
CA THR F 388 -21.82 30.26 -9.05
C THR F 388 -21.70 31.74 -8.76
N ASN F 389 -20.46 32.19 -8.66
CA ASN F 389 -20.12 33.60 -8.77
C ASN F 389 -19.41 33.92 -10.08
N HIS F 390 -19.05 32.90 -10.86
CA HIS F 390 -18.35 33.06 -12.13
C HIS F 390 -19.03 32.20 -13.19
N PRO F 391 -20.25 32.56 -13.59
CA PRO F 391 -20.95 31.76 -14.60
C PRO F 391 -20.23 31.71 -15.93
N GLU F 392 -19.39 32.70 -16.23
CA GLU F 392 -18.68 32.72 -17.49
C GLU F 392 -17.78 31.50 -17.67
N LYS F 393 -17.29 30.93 -16.57
CA LYS F 393 -16.42 29.76 -16.66
C LYS F 393 -17.17 28.58 -17.27
N LEU F 394 -18.46 28.46 -16.97
CA LEU F 394 -19.23 27.32 -17.44
C LEU F 394 -19.34 27.33 -18.95
N ASP F 395 -19.23 26.15 -19.56
CA ASP F 395 -19.29 26.02 -21.00
C ASP F 395 -20.74 26.00 -21.47
N ALA F 396 -20.92 25.78 -22.78
CA ALA F 396 -22.26 25.77 -23.34
C ALA F 396 -23.00 24.47 -23.03
N ALA F 397 -22.28 23.34 -23.04
CA ALA F 397 -22.93 22.04 -22.86
C ALA F 397 -23.56 21.94 -21.47
N ILE F 398 -22.85 22.38 -20.44
CA ILE F 398 -23.40 22.32 -19.09
C ILE F 398 -24.59 23.25 -18.96
N MET F 399 -24.54 24.39 -19.63
CA MET F 399 -25.65 25.34 -19.64
C MET F 399 -26.73 24.99 -20.64
N ARG F 400 -26.73 23.76 -21.14
CA ARG F 400 -27.79 23.31 -22.02
C ARG F 400 -29.12 23.36 -21.26
N PRO F 401 -30.24 23.71 -21.93
CA PRO F 401 -31.52 23.72 -21.22
C PRO F 401 -31.89 22.39 -20.58
N GLY F 402 -31.51 21.27 -21.19
CA GLY F 402 -31.82 19.98 -20.62
C GLY F 402 -31.19 19.76 -19.26
N ARG F 403 -30.03 20.37 -19.03
CA ARG F 403 -29.32 20.26 -17.75
C ARG F 403 -29.63 21.41 -16.82
N ILE F 404 -29.54 22.64 -17.33
CA ILE F 404 -29.91 23.83 -16.59
C ILE F 404 -31.13 24.42 -17.28
N ASP F 405 -32.31 24.06 -16.80
CA ASP F 405 -33.54 24.52 -17.42
C ASP F 405 -33.82 25.98 -17.07
N TYR F 406 -33.51 26.39 -15.85
CA TYR F 406 -33.82 27.71 -15.34
C TYR F 406 -32.55 28.34 -14.80
N LYS F 407 -32.28 29.58 -15.20
CA LYS F 407 -31.11 30.33 -14.76
C LYS F 407 -31.58 31.69 -14.25
N VAL F 408 -31.10 32.07 -13.07
CA VAL F 408 -31.52 33.27 -12.38
C VAL F 408 -30.30 34.05 -11.92
N PHE F 409 -30.39 35.37 -12.04
CA PHE F 409 -29.30 36.26 -11.63
C PHE F 409 -29.65 36.81 -10.25
N VAL F 410 -29.01 36.25 -9.22
CA VAL F 410 -29.20 36.73 -7.84
C VAL F 410 -28.14 37.82 -7.65
N GLY F 411 -28.48 39.02 -8.11
CA GLY F 411 -27.53 40.11 -8.15
C GLY F 411 -27.41 40.84 -6.82
N ASN F 412 -26.66 41.94 -6.88
CA ASN F 412 -26.45 42.76 -5.70
C ASN F 412 -27.76 43.41 -5.26
N ALA F 413 -27.71 44.08 -4.12
CA ALA F 413 -28.91 44.67 -3.54
C ALA F 413 -29.45 45.77 -4.44
N THR F 414 -30.77 45.87 -4.47
CA THR F 414 -31.52 46.90 -5.18
C THR F 414 -32.43 47.62 -4.19
N PRO F 415 -32.91 48.82 -4.54
CA PRO F 415 -33.68 49.61 -3.57
C PRO F 415 -34.86 48.88 -2.97
N TYR F 416 -35.54 48.06 -3.78
CA TYR F 416 -36.60 47.22 -3.27
C TYR F 416 -36.06 46.26 -2.20
N GLN F 417 -34.95 45.60 -2.50
CA GLN F 417 -34.36 44.67 -1.55
C GLN F 417 -33.92 45.39 -0.28
N VAL F 418 -33.33 46.57 -0.43
CA VAL F 418 -32.88 47.34 0.73
C VAL F 418 -34.06 47.68 1.62
N GLU F 419 -35.14 48.18 1.01
CA GLU F 419 -36.33 48.56 1.76
C GLU F 419 -36.90 47.36 2.51
N LYS F 420 -37.08 46.24 1.81
CA LYS F 420 -37.72 45.08 2.43
C LYS F 420 -36.83 44.49 3.53
N MET F 421 -35.51 44.51 3.34
CA MET F 421 -34.61 44.08 4.39
C MET F 421 -34.75 44.97 5.62
N PHE F 422 -34.85 46.28 5.41
CA PHE F 422 -35.00 47.19 6.53
C PHE F 422 -36.28 46.89 7.29
N MET F 423 -37.40 46.68 6.57
CA MET F 423 -38.63 46.31 7.27
C MET F 423 -38.47 44.99 8.01
N LYS F 424 -37.76 44.02 7.42
CA LYS F 424 -37.56 42.75 8.09
C LYS F 424 -36.81 42.93 9.40
N PHE F 425 -35.76 43.74 9.40
CA PHE F 425 -34.95 43.92 10.59
C PHE F 425 -35.51 45.00 11.51
N TYR F 426 -36.15 46.02 10.93
CA TYR F 426 -36.74 47.12 11.70
C TYR F 426 -38.19 47.28 11.27
N PRO F 427 -39.06 46.35 11.65
CA PRO F 427 -40.47 46.45 11.25
C PRO F 427 -41.15 47.68 11.84
N GLY F 428 -42.05 48.26 11.06
CA GLY F 428 -42.81 49.42 11.48
C GLY F 428 -42.14 50.74 11.17
N GLU F 429 -40.82 50.74 11.02
CA GLU F 429 -40.06 51.96 10.78
C GLU F 429 -40.09 52.30 9.28
N THR F 430 -41.12 53.06 8.89
CA THR F 430 -41.33 53.36 7.48
C THR F 430 -40.56 54.60 7.03
N ASP F 431 -40.75 55.72 7.72
CA ASP F 431 -40.04 56.94 7.35
C ASP F 431 -38.54 56.75 7.50
N ILE F 432 -38.12 56.05 8.55
CA ILE F 432 -36.70 55.77 8.73
C ILE F 432 -36.20 54.90 7.59
N CYS F 433 -37.01 53.93 7.14
CA CYS F 433 -36.68 53.20 5.93
C CYS F 433 -36.52 54.11 4.72
N LYS F 434 -37.44 55.05 4.54
CA LYS F 434 -37.38 55.92 3.38
C LYS F 434 -36.08 56.71 3.38
N LYS F 435 -35.72 57.28 4.54
CA LYS F 435 -34.48 58.03 4.63
C LYS F 435 -33.27 57.11 4.42
N PHE F 436 -33.34 55.88 4.93
CA PHE F 436 -32.24 54.95 4.79
C PHE F 436 -32.01 54.59 3.33
N VAL F 437 -33.08 54.29 2.60
CA VAL F 437 -32.93 53.92 1.19
C VAL F 437 -32.46 55.13 0.39
N ASN F 438 -32.95 56.32 0.73
CA ASN F 438 -32.47 57.52 0.04
C ASN F 438 -30.98 57.71 0.26
N SER F 439 -30.52 57.52 1.50
CA SER F 439 -29.09 57.66 1.80
C SER F 439 -28.28 56.61 1.06
N VAL F 440 -28.79 55.37 1.00
CA VAL F 440 -28.08 54.31 0.31
C VAL F 440 -27.96 54.64 -1.18
N LYS F 441 -29.05 55.14 -1.77
CA LYS F 441 -28.99 55.56 -3.16
C LYS F 441 -27.97 56.68 -3.36
N GLU F 442 -27.98 57.66 -2.45
CA GLU F 442 -27.06 58.78 -2.55
C GLU F 442 -25.60 58.35 -2.41
N LEU F 443 -25.36 57.25 -1.68
CA LEU F 443 -24.00 56.78 -1.50
C LEU F 443 -23.42 56.25 -2.81
N ASP F 444 -24.26 55.73 -3.69
CA ASP F 444 -23.83 55.22 -5.00
C ASP F 444 -22.79 54.11 -4.84
N ILE F 445 -23.21 53.02 -4.22
CA ILE F 445 -22.33 51.88 -3.94
C ILE F 445 -23.04 50.60 -4.37
N THR F 446 -22.24 49.62 -4.76
CA THR F 446 -22.75 48.29 -5.11
C THR F 446 -22.83 47.41 -3.86
N VAL F 447 -23.64 47.89 -2.91
CA VAL F 447 -23.78 47.19 -1.64
C VAL F 447 -24.43 45.83 -1.86
N SER F 448 -23.91 44.83 -1.17
CA SER F 448 -24.49 43.50 -1.18
C SER F 448 -25.53 43.36 -0.07
N THR F 449 -26.37 42.34 -0.21
CA THR F 449 -27.38 42.07 0.81
C THR F 449 -26.76 41.69 2.14
N ALA F 450 -25.70 40.88 2.11
CA ALA F 450 -25.04 40.47 3.34
C ALA F 450 -24.43 41.66 4.06
N GLN F 451 -23.96 42.65 3.30
CA GLN F 451 -23.46 43.88 3.92
C GLN F 451 -24.58 44.57 4.70
N LEU F 452 -25.77 44.63 4.12
CA LEU F 452 -26.90 45.23 4.81
C LEU F 452 -27.25 44.45 6.07
N GLN F 453 -27.22 43.11 5.98
CA GLN F 453 -27.51 42.29 7.15
C GLN F 453 -26.49 42.58 8.25
N GLY F 454 -25.22 42.65 7.89
CA GLY F 454 -24.20 42.92 8.89
C GLY F 454 -24.38 44.29 9.53
N LEU F 455 -24.70 45.30 8.72
CA LEU F 455 -24.92 46.63 9.26
C LEU F 455 -26.09 46.64 10.23
N PHE F 456 -27.19 45.98 9.87
CA PHE F 456 -28.34 45.95 10.76
C PHE F 456 -28.03 45.16 12.02
N VAL F 457 -27.18 44.13 11.92
CA VAL F 457 -26.83 43.35 13.09
C VAL F 457 -25.97 44.18 14.04
N MET F 458 -25.07 45.00 13.49
CA MET F 458 -24.31 45.92 14.33
C MET F 458 -25.24 46.82 15.13
N ASN F 459 -26.20 47.45 14.43
CA ASN F 459 -27.15 48.36 15.03
C ASN F 459 -28.45 47.63 15.35
N LYS F 460 -28.32 46.61 16.20
CA LYS F 460 -29.46 45.78 16.57
C LYS F 460 -30.53 46.63 17.25
N ASP F 461 -31.78 46.45 16.80
CA ASP F 461 -32.94 47.22 17.25
C ASP F 461 -32.60 48.69 17.46
N ALA F 462 -31.92 49.26 16.46
CA ALA F 462 -31.47 50.66 16.51
C ALA F 462 -31.51 51.22 15.10
N PRO F 463 -32.71 51.47 14.56
CA PRO F 463 -32.78 51.99 13.18
C PRO F 463 -32.03 53.29 12.98
N HIS F 464 -32.06 54.18 13.98
CA HIS F 464 -31.33 55.44 13.87
C HIS F 464 -29.83 55.18 13.78
N ASP F 465 -29.32 54.26 14.59
CA ASP F 465 -27.89 53.94 14.54
C ASP F 465 -27.53 53.34 13.19
N ALA F 466 -28.41 52.50 12.63
CA ALA F 466 -28.16 51.96 11.30
C ALA F 466 -28.12 53.07 10.26
N LEU F 467 -29.02 54.04 10.38
CA LEU F 467 -29.00 55.18 9.48
C LEU F 467 -27.69 55.95 9.59
N LYS F 468 -27.19 56.11 10.82
CA LYS F 468 -25.92 56.82 11.00
C LYS F 468 -24.77 56.05 10.39
N MET F 469 -24.74 54.73 10.59
CA MET F 469 -23.63 53.90 10.12
C MET F 469 -23.76 53.49 8.66
N VAL F 470 -24.84 53.90 7.98
CA VAL F 470 -25.04 53.61 6.57
C VAL F 470 -23.80 53.91 5.73
N SER F 471 -23.04 54.94 6.13
CA SER F 471 -21.83 55.28 5.38
C SER F 471 -20.78 54.17 5.48
N SER F 472 -20.87 53.31 6.50
CA SER F 472 -19.88 52.27 6.67
C SER F 472 -19.91 51.27 5.51
N LEU F 473 -21.06 51.13 4.84
CA LEU F 473 -21.17 50.18 3.75
C LEU F 473 -20.22 50.51 2.61
N ARG F 474 -19.88 51.79 2.44
CA ARG F 474 -19.02 52.19 1.34
C ARG F 474 -17.64 51.53 1.44
N ASN F 475 -17.08 51.49 2.65
CA ASN F 475 -15.78 50.88 2.84
C ASN F 475 -15.87 49.37 2.74
N ALA F 476 -14.79 48.75 2.25
CA ALA F 476 -14.68 47.31 2.15
C ALA F 476 -13.36 46.77 2.69
N ASN F 477 -12.39 47.63 2.99
CA ASN F 477 -11.13 47.20 3.56
C ASN F 477 -10.36 48.38 4.13
N ASN G 73 -15.53 -74.38 33.54
CA ASN G 73 -14.14 -74.00 33.81
C ASN G 73 -14.09 -72.82 34.79
N PRO G 74 -12.98 -72.66 35.51
CA PRO G 74 -12.86 -71.49 36.40
C PRO G 74 -12.88 -70.17 35.67
N TYR G 75 -12.58 -70.16 34.36
CA TYR G 75 -12.61 -68.91 33.61
C TYR G 75 -14.03 -68.39 33.45
N PHE G 76 -15.04 -69.26 33.59
CA PHE G 76 -16.42 -68.82 33.48
C PHE G 76 -16.80 -67.87 34.60
N ALA G 77 -16.08 -67.92 35.73
CA ALA G 77 -16.36 -67.01 36.83
C ALA G 77 -16.16 -65.56 36.41
N ALA G 78 -15.10 -65.28 35.65
CA ALA G 78 -14.86 -63.93 35.17
C ALA G 78 -15.95 -63.50 34.19
N GLY G 79 -16.08 -64.21 33.08
CA GLY G 79 -17.10 -63.90 32.10
C GLY G 79 -17.01 -62.49 31.55
N GLY G 80 -15.84 -62.11 31.05
CA GLY G 80 -15.60 -60.78 30.54
C GLY G 80 -15.89 -60.57 29.07
N GLY G 81 -16.51 -61.54 28.40
CA GLY G 81 -16.79 -61.39 26.98
C GLY G 81 -17.83 -60.32 26.68
N LEU G 82 -18.70 -60.02 27.64
CA LEU G 82 -19.70 -58.98 27.43
C LEU G 82 -19.05 -57.62 27.20
N MET G 83 -17.89 -57.38 27.82
CA MET G 83 -17.13 -56.16 27.53
C MET G 83 -16.73 -56.13 26.07
N ILE G 84 -16.28 -57.27 25.54
CA ILE G 84 -15.88 -57.34 24.13
C ILE G 84 -17.08 -57.06 23.23
N LEU G 85 -18.22 -57.68 23.55
CA LEU G 85 -19.42 -57.45 22.75
C LEU G 85 -19.86 -55.99 22.82
N GLY G 86 -19.77 -55.38 24.00
CA GLY G 86 -20.15 -53.98 24.13
C GLY G 86 -19.27 -53.07 23.31
N THR G 87 -17.95 -53.29 23.35
CA THR G 87 -17.05 -52.51 22.52
C THR G 87 -17.33 -52.73 21.04
N GLY G 88 -17.58 -53.97 20.64
CA GLY G 88 -17.86 -54.25 19.24
C GLY G 88 -19.11 -53.56 18.76
N LEU G 89 -20.19 -53.64 19.53
CA LEU G 89 -21.44 -53.01 19.10
C LEU G 89 -21.35 -51.48 19.18
N ALA G 90 -20.59 -50.93 20.12
CA ALA G 90 -20.40 -49.49 20.15
C ALA G 90 -19.64 -49.01 18.91
N VAL G 91 -18.58 -49.73 18.53
CA VAL G 91 -17.83 -49.36 17.34
C VAL G 91 -18.71 -49.51 16.11
N ALA G 92 -19.52 -50.57 16.05
CA ALA G 92 -20.43 -50.77 14.94
C ALA G 92 -21.45 -49.63 14.86
N ARG G 93 -21.98 -49.22 16.01
CA ARG G 93 -22.93 -48.11 16.02
C ARG G 93 -22.29 -46.84 15.51
N SER G 94 -21.07 -46.54 15.95
CA SER G 94 -20.40 -45.33 15.48
C SER G 94 -20.14 -45.40 13.98
N GLY G 95 -19.67 -46.55 13.50
CA GLY G 95 -19.41 -46.69 12.07
C GLY G 95 -20.68 -46.57 11.25
N ILE G 96 -21.77 -47.17 11.71
CA ILE G 96 -23.02 -47.11 10.96
C ILE G 96 -23.57 -45.69 10.98
N ILE G 97 -23.40 -44.97 12.10
CA ILE G 97 -23.85 -43.58 12.16
C ILE G 97 -23.07 -42.74 11.17
N LYS G 98 -21.75 -42.93 11.11
CA LYS G 98 -20.96 -42.19 10.14
C LYS G 98 -21.35 -42.54 8.71
N ALA G 99 -21.58 -43.83 8.44
CA ALA G 99 -21.99 -44.24 7.10
C ALA G 99 -23.31 -43.57 6.71
N SER G 100 -24.32 -43.65 7.58
CA SER G 100 -25.59 -43.00 7.30
C SER G 100 -25.41 -41.49 7.15
N ARG G 101 -24.47 -40.91 7.90
CA ARG G 101 -24.15 -39.50 7.74
C ARG G 101 -23.58 -39.21 6.36
N VAL G 102 -22.95 -40.22 5.75
CA VAL G 102 -22.45 -40.09 4.38
C VAL G 102 -23.48 -40.58 3.37
N LEU G 103 -24.24 -41.63 3.71
CA LEU G 103 -25.18 -42.21 2.77
C LEU G 103 -26.25 -41.21 2.34
N TYR G 104 -26.81 -40.47 3.30
CA TYR G 104 -27.84 -39.51 2.95
C TYR G 104 -27.31 -38.44 2.00
N ARG G 105 -26.10 -37.95 2.24
CA ARG G 105 -25.54 -36.88 1.44
C ARG G 105 -24.76 -37.39 0.25
N GLN G 106 -24.77 -38.71 -0.01
CA GLN G 106 -24.07 -39.26 -1.16
C GLN G 106 -25.06 -39.57 -2.28
N MET G 107 -26.25 -40.07 -1.92
CA MET G 107 -27.28 -40.37 -2.91
C MET G 107 -28.65 -39.78 -2.55
N ILE G 108 -29.02 -39.81 -1.27
CA ILE G 108 -30.43 -39.68 -0.90
C ILE G 108 -30.92 -38.26 -1.10
N VAL G 109 -30.02 -37.28 -1.15
CA VAL G 109 -30.39 -35.91 -1.43
C VAL G 109 -29.39 -35.30 -2.41
N ASP G 110 -29.83 -34.24 -3.09
CA ASP G 110 -29.02 -33.54 -4.07
C ASP G 110 -29.03 -32.06 -3.77
N LEU G 111 -28.04 -31.34 -4.28
CA LEU G 111 -27.84 -29.94 -3.92
C LEU G 111 -27.33 -29.14 -5.11
N GLU G 112 -27.23 -27.83 -4.90
CA GLU G 112 -26.76 -26.89 -5.91
C GLU G 112 -26.30 -25.60 -5.23
N ILE G 113 -25.34 -24.93 -5.86
CA ILE G 113 -24.80 -23.66 -5.40
C ILE G 113 -24.92 -22.64 -6.54
N GLN G 114 -25.13 -21.38 -6.18
CA GLN G 114 -24.89 -20.29 -7.11
C GLN G 114 -24.62 -19.01 -6.34
N SER G 115 -23.74 -18.17 -6.90
CA SER G 115 -23.37 -16.90 -6.30
C SER G 115 -23.04 -15.91 -7.40
N LYS G 116 -23.47 -14.66 -7.19
CA LYS G 116 -23.12 -13.54 -8.08
C LYS G 116 -23.41 -13.88 -9.53
N ASP G 117 -24.68 -14.03 -9.86
CA ASP G 117 -25.10 -14.47 -11.18
C ASP G 117 -26.45 -13.86 -11.53
N LYS G 118 -26.72 -13.82 -12.84
CA LYS G 118 -27.96 -13.27 -13.35
C LYS G 118 -29.18 -13.88 -12.67
N SER G 119 -29.15 -15.19 -12.42
CA SER G 119 -30.26 -15.88 -11.76
C SER G 119 -30.28 -15.63 -10.26
N TYR G 120 -29.20 -15.10 -9.70
CA TYR G 120 -29.11 -14.92 -8.25
C TYR G 120 -30.19 -13.98 -7.73
N ALA G 121 -30.27 -12.78 -8.32
CA ALA G 121 -31.29 -11.83 -7.90
C ALA G 121 -32.67 -12.31 -8.32
N TRP G 122 -32.77 -12.91 -9.50
CA TRP G 122 -34.03 -13.50 -9.95
C TRP G 122 -34.49 -14.55 -8.95
N PHE G 123 -33.56 -15.39 -8.50
CA PHE G 123 -33.90 -16.40 -7.52
C PHE G 123 -34.37 -15.75 -6.23
N LEU G 124 -33.65 -14.72 -5.77
CA LEU G 124 -34.02 -14.07 -4.50
C LEU G 124 -35.43 -13.50 -4.59
N THR G 125 -35.76 -12.86 -5.70
CA THR G 125 -37.09 -12.32 -5.89
C THR G 125 -38.13 -13.44 -5.91
N TRP G 126 -37.82 -14.57 -6.55
CA TRP G 126 -38.79 -15.66 -6.58
C TRP G 126 -39.03 -16.23 -5.18
N MET G 127 -37.97 -16.43 -4.40
CA MET G 127 -38.16 -16.85 -3.00
C MET G 127 -38.99 -15.84 -2.23
N ALA G 128 -38.75 -14.54 -2.45
CA ALA G 128 -39.41 -13.52 -1.64
C ALA G 128 -40.92 -13.55 -1.82
N LYS G 129 -41.39 -13.70 -3.06
CA LYS G 129 -42.82 -13.61 -3.33
C LYS G 129 -43.56 -14.86 -2.87
N HIS G 130 -42.86 -15.99 -2.77
CA HIS G 130 -43.52 -17.28 -2.63
C HIS G 130 -44.26 -17.36 -1.31
N PRO G 131 -45.49 -17.91 -1.27
CA PRO G 131 -46.28 -17.86 -0.04
C PRO G 131 -45.96 -18.98 0.94
N GLN G 132 -45.38 -20.08 0.47
CA GLN G 132 -45.03 -21.20 1.35
C GLN G 132 -43.71 -20.98 2.07
N ARG G 133 -43.17 -19.76 2.05
CA ARG G 133 -41.94 -19.46 2.77
C ARG G 133 -42.14 -19.71 4.26
N VAL G 134 -41.17 -20.42 4.84
CA VAL G 134 -41.16 -20.74 6.26
C VAL G 134 -39.94 -20.08 6.88
N SER G 135 -39.60 -18.88 6.39
CA SER G 135 -38.36 -18.20 6.72
C SER G 135 -38.15 -18.10 8.22
N ARG G 136 -37.12 -18.78 8.70
CA ARG G 136 -36.77 -18.77 10.12
C ARG G 136 -35.88 -17.58 10.47
N HIS G 137 -35.31 -16.93 9.46
CA HIS G 137 -34.55 -15.70 9.65
C HIS G 137 -35.10 -14.63 8.72
N LEU G 138 -35.25 -13.42 9.24
CA LEU G 138 -35.87 -12.32 8.51
C LEU G 138 -34.93 -11.12 8.50
N SER G 139 -35.26 -10.18 7.62
CA SER G 139 -34.63 -8.87 7.59
C SER G 139 -35.73 -7.82 7.39
N VAL G 140 -35.32 -6.57 7.23
CA VAL G 140 -36.26 -5.47 6.98
C VAL G 140 -35.70 -4.59 5.87
N ARG G 141 -36.55 -4.27 4.91
CA ARG G 141 -36.22 -3.35 3.82
C ARG G 141 -37.19 -2.19 3.88
N THR G 142 -36.70 -1.02 4.27
CA THR G 142 -37.51 0.18 4.35
C THR G 142 -37.52 0.90 3.01
N ASN G 143 -38.70 1.37 2.60
CA ASN G 143 -38.86 2.09 1.35
C ASN G 143 -40.00 3.08 1.51
N TYR G 144 -39.95 4.14 0.69
CA TYR G 144 -40.96 5.18 0.72
C TYR G 144 -42.01 4.89 -0.34
N ILE G 145 -43.27 4.93 0.06
CA ILE G 145 -44.40 4.69 -0.84
C ILE G 145 -45.00 6.04 -1.20
N GLN G 146 -45.15 6.28 -2.50
CA GLN G 146 -45.71 7.53 -3.01
C GLN G 146 -47.12 7.25 -3.52
N HIS G 147 -48.10 7.93 -2.93
CA HIS G 147 -49.50 7.79 -3.34
C HIS G 147 -49.81 8.83 -4.42
N ASP G 148 -49.02 8.77 -5.49
CA ASP G 148 -49.05 9.78 -6.54
C ASP G 148 -48.79 11.14 -5.88
N ASN G 149 -49.40 12.21 -6.37
CA ASN G 149 -49.27 13.51 -5.72
C ASN G 149 -50.21 13.68 -4.53
N GLY G 150 -51.08 12.70 -4.26
CA GLY G 150 -52.01 12.84 -3.15
C GLY G 150 -51.30 12.92 -1.81
N SER G 151 -50.34 12.04 -1.58
CA SER G 151 -49.60 12.00 -0.33
C SER G 151 -48.40 11.08 -0.51
N VAL G 152 -47.50 11.10 0.47
CA VAL G 152 -46.34 10.22 0.51
C VAL G 152 -46.16 9.72 1.93
N SER G 153 -45.84 8.44 2.06
CA SER G 153 -45.60 7.83 3.37
C SER G 153 -44.49 6.81 3.22
N THR G 154 -43.95 6.38 4.36
CA THR G 154 -42.86 5.43 4.42
C THR G 154 -43.38 4.08 4.92
N LYS G 155 -42.93 3.02 4.26
CA LYS G 155 -43.32 1.67 4.62
C LYS G 155 -42.10 0.76 4.52
N PHE G 156 -42.33 -0.56 4.52
CA PHE G 156 -41.24 -1.51 4.67
C PHE G 156 -41.70 -2.86 4.15
N SER G 157 -40.73 -3.78 4.03
CA SER G 157 -41.01 -5.16 3.65
C SER G 157 -40.01 -6.05 4.37
N LEU G 158 -40.51 -7.09 5.02
CA LEU G 158 -39.66 -8.01 5.78
C LEU G 158 -39.05 -9.03 4.82
N VAL G 159 -37.95 -8.63 4.17
CA VAL G 159 -37.25 -9.56 3.29
C VAL G 159 -36.67 -10.69 4.14
N PRO G 160 -36.66 -11.93 3.67
CA PRO G 160 -36.03 -13.01 4.44
C PRO G 160 -34.55 -12.73 4.70
N GLY G 161 -34.10 -13.17 5.88
CA GLY G 161 -32.74 -12.97 6.29
C GLY G 161 -31.87 -14.18 6.00
N PRO G 162 -30.63 -14.14 6.46
CA PRO G 162 -29.72 -15.27 6.23
C PRO G 162 -29.99 -16.40 7.22
N GLY G 163 -30.00 -17.63 6.70
CA GLY G 163 -30.23 -18.80 7.51
C GLY G 163 -30.96 -19.89 6.75
N ASN G 164 -31.58 -20.81 7.50
CA ASN G 164 -32.27 -21.95 6.92
C ASN G 164 -33.75 -21.61 6.74
N HIS G 165 -34.26 -21.88 5.53
CA HIS G 165 -35.64 -21.57 5.18
C HIS G 165 -36.23 -22.72 4.40
N TRP G 166 -37.48 -23.05 4.69
CA TRP G 166 -38.17 -24.17 4.06
C TRP G 166 -39.28 -23.65 3.15
N ILE G 167 -39.48 -24.36 2.03
CA ILE G 167 -40.56 -24.06 1.09
C ILE G 167 -41.16 -25.37 0.61
N ARG G 168 -42.49 -25.40 0.54
CA ARG G 168 -43.24 -26.56 0.06
C ARG G 168 -43.61 -26.35 -1.41
N TYR G 169 -42.60 -26.32 -2.27
CA TYR G 169 -42.83 -25.98 -3.67
C TYR G 169 -43.57 -27.11 -4.38
N LYS G 170 -44.88 -26.96 -4.53
CA LYS G 170 -45.77 -27.90 -5.21
C LYS G 170 -45.42 -29.36 -4.93
N GLY G 171 -45.36 -29.71 -3.65
CA GLY G 171 -45.16 -31.09 -3.25
C GLY G 171 -43.72 -31.46 -2.95
N ALA G 172 -42.83 -30.47 -2.84
CA ALA G 172 -41.44 -30.73 -2.52
C ALA G 172 -40.96 -29.78 -1.43
N PHE G 173 -40.53 -30.35 -0.31
CA PHE G 173 -40.04 -29.57 0.82
C PHE G 173 -38.58 -29.17 0.57
N ILE G 174 -38.40 -27.94 0.11
CA ILE G 174 -37.11 -27.43 -0.32
C ILE G 174 -36.51 -26.61 0.81
N LEU G 175 -35.24 -26.87 1.12
CA LEU G 175 -34.49 -26.05 2.05
C LEU G 175 -33.57 -25.12 1.28
N ILE G 176 -33.45 -23.89 1.79
CA ILE G 176 -32.64 -22.85 1.16
C ILE G 176 -31.75 -22.23 2.22
N LYS G 177 -30.56 -21.80 1.79
CA LYS G 177 -29.56 -21.26 2.70
C LYS G 177 -28.88 -20.08 2.02
N ARG G 178 -29.09 -18.89 2.56
CA ARG G 178 -28.39 -17.68 2.14
C ARG G 178 -27.30 -17.37 3.16
N GLU G 179 -26.08 -17.14 2.66
CA GLU G 179 -24.94 -16.81 3.50
C GLU G 179 -24.04 -15.86 2.73
N ARG G 180 -23.41 -14.92 3.43
CA ARG G 180 -22.44 -14.02 2.85
C ARG G 180 -21.03 -14.57 3.06
N SER G 181 -20.06 -13.92 2.43
CA SER G 181 -18.66 -14.22 2.67
C SER G 181 -18.26 -13.74 4.06
N ALA G 182 -16.98 -13.87 4.39
CA ALA G 182 -16.49 -13.42 5.69
C ALA G 182 -16.84 -11.96 5.95
N LYS G 183 -16.79 -11.14 4.91
CA LYS G 183 -17.16 -9.72 4.99
C LYS G 183 -17.98 -9.34 3.78
N MET G 184 -18.65 -8.18 3.87
CA MET G 184 -19.25 -7.48 2.72
C MET G 184 -18.64 -6.11 2.54
N SER G 191 -20.31 -0.54 0.50
CA SER G 191 -20.56 -1.95 0.27
C SER G 191 -19.83 -2.42 -0.99
N PRO G 192 -18.51 -2.60 -0.91
CA PRO G 192 -17.76 -3.11 -2.06
C PRO G 192 -18.22 -4.53 -2.40
N PHE G 193 -18.06 -4.89 -3.67
CA PHE G 193 -18.49 -6.19 -4.14
C PHE G 193 -17.81 -7.31 -3.36
N GLU G 194 -18.59 -8.28 -2.94
CA GLU G 194 -18.07 -9.47 -2.29
C GLU G 194 -19.11 -10.58 -2.41
N THR G 195 -18.64 -11.81 -2.57
CA THR G 195 -19.51 -12.90 -2.99
C THR G 195 -20.56 -13.23 -1.94
N VAL G 196 -21.79 -13.48 -2.41
CA VAL G 196 -22.86 -14.03 -1.60
C VAL G 196 -23.43 -15.20 -2.38
N THR G 197 -23.63 -16.34 -1.70
CA THR G 197 -24.02 -17.57 -2.35
C THR G 197 -25.34 -18.08 -1.80
N LEU G 198 -26.06 -18.82 -2.64
CA LEU G 198 -27.34 -19.41 -2.30
C LEU G 198 -27.29 -20.89 -2.65
N THR G 199 -27.90 -21.72 -1.81
CA THR G 199 -27.96 -23.15 -2.02
C THR G 199 -29.39 -23.64 -1.87
N THR G 200 -29.64 -24.83 -2.40
CA THR G 200 -30.97 -25.40 -2.47
C THR G 200 -30.87 -26.91 -2.52
N LEU G 201 -31.71 -27.57 -1.71
CA LEU G 201 -31.51 -28.95 -1.32
C LEU G 201 -32.78 -29.76 -1.54
N TYR G 202 -32.64 -30.86 -2.30
CA TYR G 202 -33.70 -31.85 -2.46
C TYR G 202 -33.17 -33.05 -3.23
N ARG G 203 -33.88 -34.17 -3.13
CA ARG G 203 -33.50 -35.39 -3.83
C ARG G 203 -33.72 -35.24 -5.34
N ASP G 204 -34.96 -35.00 -5.75
CA ASP G 204 -35.33 -34.86 -7.16
C ASP G 204 -35.09 -33.43 -7.64
N LYS G 205 -34.55 -33.32 -8.86
CA LYS G 205 -34.23 -32.04 -9.48
C LYS G 205 -35.24 -31.62 -10.54
N HIS G 206 -36.32 -32.38 -10.74
CA HIS G 206 -37.25 -32.06 -11.81
C HIS G 206 -38.14 -30.86 -11.49
N LEU G 207 -38.08 -30.35 -10.26
CA LEU G 207 -38.68 -29.07 -9.92
C LEU G 207 -37.65 -27.94 -9.90
N PHE G 208 -36.36 -28.28 -9.93
CA PHE G 208 -35.29 -27.31 -9.79
C PHE G 208 -35.31 -26.32 -10.95
N ASP G 209 -35.20 -26.83 -12.18
CA ASP G 209 -35.27 -26.00 -13.36
C ASP G 209 -36.60 -25.26 -13.43
N ASP G 210 -37.66 -25.87 -12.91
CA ASP G 210 -38.96 -25.19 -12.89
C ASP G 210 -38.91 -23.93 -12.06
N ILE G 211 -38.33 -24.01 -10.86
CA ILE G 211 -38.19 -22.82 -10.02
C ILE G 211 -37.35 -21.78 -10.74
N LEU G 212 -36.26 -22.23 -11.38
CA LEU G 212 -35.39 -21.28 -12.07
C LEU G 212 -36.13 -20.58 -13.21
N ASN G 213 -36.95 -21.32 -13.95
CA ASN G 213 -37.74 -20.73 -15.02
C ASN G 213 -38.76 -19.74 -14.48
N GLU G 214 -39.39 -20.05 -13.35
CA GLU G 214 -40.34 -19.11 -12.77
C GLU G 214 -39.64 -17.83 -12.34
N ALA G 215 -38.44 -17.94 -11.79
CA ALA G 215 -37.66 -16.76 -11.46
C ALA G 215 -37.34 -15.96 -12.72
N LYS G 216 -37.00 -16.65 -13.81
CA LYS G 216 -36.80 -15.97 -15.09
C LYS G 216 -38.04 -15.20 -15.50
N ASP G 217 -39.22 -15.82 -15.35
CA ASP G 217 -40.46 -15.15 -15.73
C ASP G 217 -40.69 -13.90 -14.89
N ILE G 218 -40.44 -14.00 -13.58
CA ILE G 218 -40.56 -12.83 -12.73
C ILE G 218 -39.63 -11.73 -13.21
N ALA G 219 -38.40 -12.09 -13.57
CA ALA G 219 -37.46 -11.10 -14.07
C ALA G 219 -37.96 -10.45 -15.36
N LEU G 220 -38.51 -11.26 -16.27
CA LEU G 220 -39.00 -10.73 -17.54
C LEU G 220 -40.17 -9.78 -17.32
N LYS G 221 -41.01 -10.06 -16.32
CA LYS G 221 -42.17 -9.21 -16.08
C LYS G 221 -41.74 -7.78 -15.77
N THR G 222 -40.73 -7.62 -14.90
CA THR G 222 -40.28 -6.28 -14.55
C THR G 222 -39.71 -5.55 -15.76
N THR G 223 -38.91 -6.24 -16.56
CA THR G 223 -38.25 -5.62 -17.72
C THR G 223 -39.09 -5.86 -18.98
N GLU G 224 -40.35 -5.43 -18.90
CA GLU G 224 -41.29 -5.62 -20.00
C GLU G 224 -41.28 -4.42 -20.95
N GLY G 225 -41.64 -3.25 -20.44
CA GLY G 225 -41.71 -2.03 -21.23
C GLY G 225 -40.59 -1.07 -20.93
N LYS G 226 -39.46 -1.59 -20.45
CA LYS G 226 -38.33 -0.80 -20.04
C LYS G 226 -37.12 -1.13 -20.90
N THR G 227 -36.05 -0.35 -20.70
CA THR G 227 -34.77 -0.57 -21.35
C THR G 227 -33.70 -0.62 -20.27
N VAL G 228 -33.03 -1.76 -20.15
CA VAL G 228 -32.04 -1.93 -19.10
C VAL G 228 -30.75 -1.20 -19.48
N ILE G 229 -30.08 -0.66 -18.47
CA ILE G 229 -28.82 0.06 -18.64
C ILE G 229 -27.77 -0.68 -17.86
N TYR G 230 -26.63 -0.95 -18.49
CA TYR G 230 -25.50 -1.62 -17.87
C TYR G 230 -24.31 -0.68 -17.81
N THR G 231 -23.51 -0.83 -16.76
CA THR G 231 -22.36 0.03 -16.53
C THR G 231 -21.12 -0.83 -16.29
N SER G 232 -19.96 -0.23 -16.52
CA SER G 232 -18.69 -0.94 -16.41
C SER G 232 -18.19 -0.86 -14.98
N PHE G 233 -18.03 -2.02 -14.35
CA PHE G 233 -17.46 -2.15 -13.02
C PHE G 233 -16.41 -3.25 -13.10
N GLY G 234 -15.16 -2.85 -13.31
CA GLY G 234 -14.11 -3.81 -13.51
C GLY G 234 -14.25 -4.48 -14.86
N PRO G 235 -13.86 -5.76 -14.98
CA PRO G 235 -13.92 -6.43 -16.27
C PRO G 235 -15.29 -6.98 -16.66
N GLU G 236 -16.35 -6.59 -15.96
CA GLU G 236 -17.69 -7.10 -16.26
C GLU G 236 -18.72 -6.02 -15.99
N TRP G 237 -19.90 -6.23 -16.55
CA TRP G 237 -21.01 -5.28 -16.48
C TRP G 237 -21.94 -5.62 -15.32
N ARG G 238 -22.84 -4.67 -15.04
CA ARG G 238 -23.94 -4.91 -14.11
C ARG G 238 -25.05 -3.91 -14.41
N LYS G 239 -26.27 -4.26 -14.02
CA LYS G 239 -27.38 -3.33 -14.14
C LYS G 239 -27.13 -2.11 -13.26
N PHE G 240 -27.47 -0.93 -13.79
CA PHE G 240 -27.39 0.32 -13.06
C PHE G 240 -28.80 0.82 -12.80
N GLY G 241 -29.18 0.82 -11.52
CA GLY G 241 -30.48 1.35 -11.14
C GLY G 241 -31.64 0.57 -11.71
N GLN G 242 -32.85 0.94 -11.31
CA GLN G 242 -34.03 0.29 -11.86
C GLN G 242 -34.18 0.64 -13.34
N PRO G 243 -34.82 -0.22 -14.13
CA PRO G 243 -35.02 0.10 -15.55
C PRO G 243 -35.90 1.33 -15.74
N LYS G 244 -35.69 2.01 -16.87
CA LYS G 244 -36.44 3.18 -17.24
C LYS G 244 -37.35 2.88 -18.43
N ALA G 245 -38.44 3.64 -18.52
CA ALA G 245 -39.39 3.43 -19.60
C ALA G 245 -38.79 3.80 -20.94
N LYS G 246 -39.30 3.16 -22.00
CA LYS G 246 -38.78 3.40 -23.33
C LYS G 246 -39.14 4.81 -23.81
N ARG G 247 -38.19 5.44 -24.49
CA ARG G 247 -38.38 6.73 -25.12
C ARG G 247 -38.80 6.48 -26.57
N MET G 248 -40.10 6.56 -26.83
CA MET G 248 -40.59 6.14 -28.14
C MET G 248 -40.06 7.06 -29.23
N LEU G 249 -39.70 6.47 -30.36
CA LEU G 249 -39.03 7.21 -31.42
C LEU G 249 -39.79 8.44 -31.91
N PRO G 250 -41.10 8.41 -32.11
CA PRO G 250 -41.80 9.63 -32.57
C PRO G 250 -41.59 10.82 -31.65
N SER G 251 -41.32 10.59 -30.37
CA SER G 251 -40.98 11.69 -29.48
C SER G 251 -39.69 12.37 -29.91
N VAL G 252 -38.76 11.62 -30.50
CA VAL G 252 -37.47 12.18 -30.92
C VAL G 252 -37.65 12.79 -32.30
N ILE G 253 -37.62 14.13 -32.36
CA ILE G 253 -37.77 14.86 -33.61
C ILE G 253 -36.37 15.14 -34.15
N LEU G 254 -36.09 14.64 -35.33
CA LEU G 254 -34.83 14.88 -36.03
C LEU G 254 -35.12 15.39 -37.42
N ASP G 255 -34.05 15.75 -38.13
CA ASP G 255 -34.19 16.26 -39.49
C ASP G 255 -34.75 15.19 -40.40
N SER G 256 -35.23 15.60 -41.57
CA SER G 256 -35.93 14.68 -42.45
C SER G 256 -35.01 13.58 -42.96
N GLY G 257 -35.45 12.33 -42.81
CA GLY G 257 -34.75 11.20 -43.37
C GLY G 257 -33.65 10.63 -42.50
N ILE G 258 -33.23 11.38 -41.48
CA ILE G 258 -32.13 10.92 -40.64
C ILE G 258 -32.55 9.68 -39.85
N LYS G 259 -33.69 9.79 -39.16
CA LYS G 259 -34.19 8.66 -38.38
C LYS G 259 -34.48 7.47 -39.25
N GLU G 260 -35.12 7.70 -40.40
CA GLU G 260 -35.47 6.61 -41.30
C GLU G 260 -34.22 5.95 -41.86
N GLY G 261 -33.23 6.76 -42.27
CA GLY G 261 -32.01 6.19 -42.81
C GLY G 261 -31.26 5.36 -41.79
N ILE G 262 -31.17 5.87 -40.56
CA ILE G 262 -30.46 5.13 -39.51
C ILE G 262 -31.19 3.83 -39.21
N LEU G 263 -32.52 3.88 -39.13
CA LEU G 263 -33.28 2.68 -38.85
C LEU G 263 -33.11 1.64 -39.96
N ASP G 264 -33.15 2.09 -41.22
CA ASP G 264 -32.95 1.18 -42.33
C ASP G 264 -31.57 0.54 -42.28
N ASP G 265 -30.55 1.35 -42.00
CA ASP G 265 -29.19 0.81 -41.91
C ASP G 265 -29.09 -0.23 -40.80
N VAL G 266 -29.67 0.07 -39.64
CA VAL G 266 -29.57 -0.85 -38.51
C VAL G 266 -30.30 -2.15 -38.82
N TYR G 267 -31.51 -2.06 -39.39
CA TYR G 267 -32.25 -3.27 -39.70
C TYR G 267 -31.54 -4.09 -40.75
N ASP G 268 -30.95 -3.43 -41.75
CA ASP G 268 -30.19 -4.14 -42.77
C ASP G 268 -29.02 -4.88 -42.14
N PHE G 269 -28.33 -4.24 -41.20
CA PHE G 269 -27.20 -4.88 -40.55
C PHE G 269 -27.65 -6.08 -39.72
N MET G 270 -28.69 -5.90 -38.90
CA MET G 270 -29.12 -6.97 -38.02
C MET G 270 -29.63 -8.17 -38.82
N LYS G 271 -30.38 -7.90 -39.90
CA LYS G 271 -30.96 -8.99 -40.66
C LYS G 271 -29.90 -9.74 -41.44
N ASN G 272 -28.96 -9.03 -42.06
CA ASN G 272 -27.94 -9.66 -42.90
C ASN G 272 -26.77 -10.15 -42.03
N GLY G 273 -27.05 -11.22 -41.29
CA GLY G 273 -26.05 -11.83 -40.44
C GLY G 273 -25.09 -12.73 -41.20
N LYS G 274 -25.64 -13.73 -41.88
CA LYS G 274 -24.80 -14.68 -42.58
C LYS G 274 -24.06 -14.03 -43.74
N TRP G 275 -24.62 -12.97 -44.31
CA TRP G 275 -24.00 -12.34 -45.48
C TRP G 275 -22.61 -11.83 -45.15
N TYR G 276 -22.43 -11.30 -43.94
CA TYR G 276 -21.11 -10.86 -43.52
C TYR G 276 -20.14 -12.04 -43.47
N SER G 277 -20.58 -13.16 -42.90
CA SER G 277 -19.70 -14.30 -42.72
C SER G 277 -19.31 -14.92 -44.06
N ASP G 278 -20.27 -15.02 -44.98
CA ASP G 278 -20.00 -15.66 -46.27
C ASP G 278 -18.92 -14.92 -47.03
N ARG G 279 -18.83 -13.61 -46.85
CA ARG G 279 -17.85 -12.77 -47.51
C ARG G 279 -16.72 -12.34 -46.58
N GLY G 280 -16.62 -12.96 -45.41
CA GLY G 280 -15.46 -12.78 -44.55
C GLY G 280 -15.28 -11.37 -44.01
N ILE G 281 -16.35 -10.77 -43.50
CA ILE G 281 -16.28 -9.46 -42.85
C ILE G 281 -16.69 -9.65 -41.39
N PRO G 282 -16.13 -8.89 -40.45
CA PRO G 282 -16.62 -8.98 -39.07
C PRO G 282 -18.04 -8.46 -38.97
N TYR G 283 -18.92 -9.26 -38.36
CA TYR G 283 -20.31 -8.87 -38.18
C TYR G 283 -20.40 -7.90 -37.02
N ARG G 284 -19.96 -6.68 -37.28
CA ARG G 284 -19.94 -5.63 -36.27
C ARG G 284 -20.04 -4.30 -36.98
N ARG G 285 -20.86 -3.40 -36.44
CA ARG G 285 -21.10 -2.10 -37.05
C ARG G 285 -21.05 -1.02 -36.00
N GLY G 286 -20.62 0.17 -36.42
CA GLY G 286 -20.50 1.31 -35.52
C GLY G 286 -21.06 2.56 -36.13
N TYR G 287 -21.83 3.30 -35.33
CA TYR G 287 -22.50 4.51 -35.75
C TYR G 287 -21.95 5.70 -34.95
N LEU G 288 -21.91 6.86 -35.59
CA LEU G 288 -21.46 8.09 -34.97
C LEU G 288 -22.52 9.17 -35.15
N LEU G 289 -22.85 9.86 -34.06
CA LEU G 289 -23.79 10.97 -34.07
C LEU G 289 -23.08 12.19 -33.51
N TYR G 290 -22.60 13.06 -34.41
CA TYR G 290 -21.85 14.24 -34.04
C TYR G 290 -22.71 15.48 -34.30
N GLY G 291 -22.73 16.39 -33.34
CA GLY G 291 -23.47 17.62 -33.49
C GLY G 291 -23.41 18.49 -32.26
N PRO G 292 -24.05 19.65 -32.31
CA PRO G 292 -24.02 20.56 -31.17
C PRO G 292 -24.74 19.98 -29.98
N PRO G 293 -24.54 20.53 -28.78
CA PRO G 293 -25.24 20.00 -27.61
C PRO G 293 -26.74 20.24 -27.70
N GLY G 294 -27.49 19.39 -27.01
CA GLY G 294 -28.93 19.49 -27.01
C GLY G 294 -29.56 19.34 -28.38
N SER G 295 -29.03 18.45 -29.20
CA SER G 295 -29.55 18.19 -30.53
C SER G 295 -30.32 16.88 -30.61
N GLY G 296 -30.45 16.15 -29.51
CA GLY G 296 -31.22 14.92 -29.49
C GLY G 296 -30.43 13.67 -29.75
N LYS G 297 -29.10 13.72 -29.66
CA LYS G 297 -28.27 12.56 -29.94
C LYS G 297 -28.57 11.42 -28.98
N THR G 298 -28.25 11.62 -27.70
CA THR G 298 -28.43 10.56 -26.72
C THR G 298 -29.89 10.18 -26.57
N SER G 299 -30.80 11.13 -26.77
CA SER G 299 -32.22 10.80 -26.77
C SER G 299 -32.54 9.82 -27.89
N PHE G 300 -31.97 10.06 -29.08
CA PHE G 300 -32.19 9.13 -30.18
C PHE G 300 -31.56 7.78 -29.89
N ILE G 301 -30.41 7.75 -29.22
CA ILE G 301 -29.80 6.49 -28.83
C ILE G 301 -30.76 5.71 -27.94
N GLN G 302 -31.30 6.39 -26.93
CA GLN G 302 -32.27 5.76 -26.03
C GLN G 302 -33.46 5.23 -26.80
N ALA G 303 -33.99 6.03 -27.73
CA ALA G 303 -35.19 5.64 -28.45
C ALA G 303 -34.93 4.45 -29.35
N LEU G 304 -33.79 4.43 -30.04
CA LEU G 304 -33.48 3.31 -30.89
C LEU G 304 -33.28 2.04 -30.08
N ALA G 305 -32.61 2.15 -28.94
CA ALA G 305 -32.43 0.99 -28.08
C ALA G 305 -33.77 0.46 -27.62
N GLY G 306 -34.69 1.35 -27.25
CA GLY G 306 -36.02 0.91 -26.85
C GLY G 306 -36.78 0.27 -28.00
N GLU G 307 -36.65 0.83 -29.20
CA GLU G 307 -37.34 0.29 -30.36
C GLU G 307 -36.87 -1.12 -30.68
N LEU G 308 -35.56 -1.33 -30.64
CA LEU G 308 -35.02 -2.67 -30.86
C LEU G 308 -35.14 -3.57 -29.64
N ASP G 309 -35.57 -3.04 -28.50
CA ASP G 309 -35.67 -3.77 -27.25
C ASP G 309 -34.30 -4.18 -26.71
N TYR G 310 -33.25 -3.51 -27.16
CA TYR G 310 -31.90 -3.80 -26.68
C TYR G 310 -31.62 -3.03 -25.39
N ASN G 311 -30.54 -3.42 -24.72
CA ASN G 311 -30.10 -2.80 -23.48
C ASN G 311 -28.81 -2.04 -23.72
N ILE G 312 -28.79 -0.78 -23.32
CA ILE G 312 -27.61 0.07 -23.50
C ILE G 312 -26.56 -0.33 -22.48
N CYS G 313 -25.32 -0.44 -22.94
CA CYS G 313 -24.16 -0.71 -22.08
C CYS G 313 -23.26 0.52 -22.17
N ILE G 314 -23.53 1.51 -21.34
CA ILE G 314 -22.75 2.75 -21.37
C ILE G 314 -21.34 2.47 -20.85
N LEU G 315 -20.36 3.14 -21.46
CA LEU G 315 -18.96 2.96 -21.11
C LEU G 315 -18.27 4.32 -21.12
N ASN G 316 -17.52 4.61 -20.07
CA ASN G 316 -16.77 5.86 -19.93
C ASN G 316 -15.30 5.53 -20.03
N LEU G 317 -14.67 5.96 -21.13
CA LEU G 317 -13.25 5.68 -21.34
C LEU G 317 -12.36 6.60 -20.52
N SER G 318 -12.85 7.79 -20.17
CA SER G 318 -12.06 8.70 -19.34
C SER G 318 -11.85 8.15 -17.93
N GLU G 319 -12.60 7.11 -17.55
CA GLU G 319 -12.36 6.41 -16.29
C GLU G 319 -10.91 5.99 -16.18
N ASN G 320 -10.25 6.45 -15.12
CA ASN G 320 -8.80 6.24 -15.00
C ASN G 320 -8.47 4.78 -14.72
N ASN G 321 -9.27 4.11 -13.86
CA ASN G 321 -9.00 2.72 -13.53
C ASN G 321 -9.15 1.80 -14.74
N LEU G 322 -9.81 2.25 -15.80
CA LEU G 322 -9.98 1.43 -16.99
C LEU G 322 -8.64 1.12 -17.62
N THR G 323 -8.52 -0.10 -18.15
CA THR G 323 -7.31 -0.56 -18.82
C THR G 323 -7.69 -1.23 -20.13
N ASP G 324 -6.69 -1.41 -21.00
CA ASP G 324 -6.92 -2.00 -22.30
C ASP G 324 -7.47 -3.41 -22.19
N ASP G 325 -6.89 -4.23 -21.31
CA ASP G 325 -7.38 -5.59 -21.12
C ASP G 325 -8.80 -5.57 -20.56
N ARG G 326 -9.05 -4.69 -19.58
CA ARG G 326 -10.39 -4.55 -19.04
C ARG G 326 -11.37 -4.10 -20.13
N LEU G 327 -10.94 -3.17 -20.97
CA LEU G 327 -11.77 -2.71 -22.07
C LEU G 327 -12.13 -3.85 -23.00
N ASN G 328 -11.13 -4.64 -23.39
CA ASN G 328 -11.37 -5.73 -24.32
C ASN G 328 -12.32 -6.76 -23.71
N HIS G 329 -12.11 -7.09 -22.44
CA HIS G 329 -13.00 -8.04 -21.78
C HIS G 329 -14.42 -7.51 -21.71
N LEU G 330 -14.57 -6.22 -21.40
CA LEU G 330 -15.91 -5.65 -21.28
C LEU G 330 -16.63 -5.67 -22.63
N MET G 331 -15.93 -5.25 -23.69
CA MET G 331 -16.57 -5.27 -25.01
C MET G 331 -16.74 -6.67 -25.56
N ASN G 332 -16.07 -7.67 -24.98
CA ASN G 332 -16.26 -9.05 -25.40
C ASN G 332 -17.25 -9.82 -24.56
N ASN G 333 -17.51 -9.37 -23.32
CA ASN G 333 -18.44 -10.04 -22.41
C ASN G 333 -19.70 -9.22 -22.19
N MET G 334 -20.13 -8.48 -23.21
CA MET G 334 -21.35 -7.70 -23.07
C MET G 334 -22.56 -8.64 -22.99
N PRO G 335 -23.60 -8.28 -22.25
CA PRO G 335 -24.82 -9.07 -22.29
C PRO G 335 -25.44 -9.04 -23.68
N GLU G 336 -26.12 -10.12 -24.03
CA GLU G 336 -26.69 -10.24 -25.36
C GLU G 336 -27.87 -9.28 -25.52
N ARG G 337 -28.18 -8.98 -26.78
CA ARG G 337 -29.25 -8.04 -27.12
C ARG G 337 -29.00 -6.69 -26.48
N SER G 338 -27.81 -6.15 -26.73
CA SER G 338 -27.36 -4.92 -26.11
C SER G 338 -26.67 -4.04 -27.14
N ILE G 339 -26.63 -2.74 -26.84
CA ILE G 339 -26.00 -1.74 -27.67
C ILE G 339 -24.92 -1.07 -26.85
N LEU G 340 -23.72 -0.99 -27.40
CA LEU G 340 -22.63 -0.27 -26.76
C LEU G 340 -22.76 1.22 -27.04
N LEU G 341 -22.50 2.04 -26.04
CA LEU G 341 -22.60 3.48 -26.15
C LEU G 341 -21.34 4.12 -25.59
N LEU G 342 -20.73 4.99 -26.38
CA LEU G 342 -19.52 5.72 -26.01
C LEU G 342 -19.82 7.21 -26.14
N GLU G 343 -20.33 7.80 -25.06
CA GLU G 343 -20.66 9.22 -25.07
C GLU G 343 -19.37 10.04 -25.01
N ASP G 344 -19.28 11.01 -25.92
CA ASP G 344 -18.13 11.90 -26.00
C ASP G 344 -16.83 11.11 -26.15
N ILE G 345 -16.74 10.40 -27.27
CA ILE G 345 -15.54 9.64 -27.60
C ILE G 345 -14.34 10.55 -27.83
N ASP G 346 -14.56 11.86 -28.01
CA ASP G 346 -13.46 12.79 -28.20
C ASP G 346 -12.72 13.12 -26.91
N ALA G 347 -13.15 12.57 -25.77
CA ALA G 347 -12.52 12.90 -24.49
C ALA G 347 -11.05 12.51 -24.49
N ALA G 348 -10.73 11.35 -25.05
CA ALA G 348 -9.34 10.89 -25.12
C ALA G 348 -8.50 11.86 -25.93
N SER G 363 -6.46 5.35 -18.27
CA SER G 363 -5.26 4.57 -18.54
C SER G 363 -5.31 3.87 -19.90
N VAL G 364 -6.46 3.96 -20.58
CA VAL G 364 -6.60 3.32 -21.87
C VAL G 364 -5.65 3.95 -22.88
N THR G 365 -5.21 3.14 -23.84
CA THR G 365 -4.30 3.58 -24.88
C THR G 365 -5.04 3.74 -26.20
N PHE G 366 -4.56 4.68 -27.02
CA PHE G 366 -5.17 4.94 -28.31
C PHE G 366 -5.12 3.70 -29.20
N SER G 367 -3.96 3.06 -29.27
CA SER G 367 -3.82 1.85 -30.07
C SER G 367 -4.69 0.73 -29.53
N GLY G 368 -4.74 0.59 -28.21
CA GLY G 368 -5.60 -0.44 -27.62
C GLY G 368 -7.06 -0.23 -27.97
N LEU G 369 -7.53 1.02 -27.90
CA LEU G 369 -8.89 1.32 -28.28
C LEU G 369 -9.13 1.01 -29.75
N LEU G 370 -8.20 1.41 -30.61
CA LEU G 370 -8.38 1.17 -32.04
C LEU G 370 -8.47 -0.32 -32.35
N ASN G 371 -7.59 -1.11 -31.72
CA ASN G 371 -7.64 -2.55 -31.93
C ASN G 371 -8.91 -3.16 -31.36
N ALA G 372 -9.37 -2.65 -30.22
CA ALA G 372 -10.59 -3.19 -29.62
C ALA G 372 -11.79 -2.95 -30.52
N LEU G 373 -11.92 -1.73 -31.07
CA LEU G 373 -13.06 -1.44 -31.93
C LEU G 373 -13.00 -2.26 -33.21
N ASP G 374 -11.86 -2.24 -33.89
CA ASP G 374 -11.66 -3.01 -35.12
C ASP G 374 -10.29 -3.66 -35.04
N GLY G 375 -10.27 -4.95 -34.76
CA GLY G 375 -9.01 -5.65 -34.63
C GLY G 375 -9.24 -7.11 -34.34
N VAL G 376 -8.14 -7.80 -34.06
CA VAL G 376 -8.22 -9.24 -33.81
C VAL G 376 -9.04 -9.52 -32.55
N THR G 377 -8.80 -8.75 -31.49
CA THR G 377 -9.50 -8.94 -30.23
C THR G 377 -10.92 -8.41 -30.24
N SER G 378 -11.32 -7.70 -31.29
CA SER G 378 -12.66 -7.14 -31.35
C SER G 378 -13.71 -8.24 -31.34
N SER G 379 -14.84 -7.96 -30.71
CA SER G 379 -15.90 -8.95 -30.56
C SER G 379 -16.71 -9.04 -31.86
N GLU G 380 -17.81 -9.77 -31.80
CA GLU G 380 -18.66 -10.02 -32.96
C GLU G 380 -20.12 -9.85 -32.58
N GLU G 381 -20.92 -9.48 -33.57
CA GLU G 381 -22.37 -9.33 -33.39
C GLU G 381 -22.68 -8.25 -32.36
N THR G 382 -22.04 -7.10 -32.53
CA THR G 382 -22.19 -5.96 -31.61
C THR G 382 -22.44 -4.70 -32.41
N ILE G 383 -23.25 -3.81 -31.82
CA ILE G 383 -23.54 -2.50 -32.38
C ILE G 383 -23.09 -1.46 -31.38
N THR G 384 -22.31 -0.49 -31.84
CA THR G 384 -21.74 0.55 -31.00
C THR G 384 -22.15 1.91 -31.52
N PHE G 385 -22.47 2.83 -30.60
CA PHE G 385 -22.87 4.19 -30.92
C PHE G 385 -21.95 5.17 -30.23
N MET G 386 -21.44 6.13 -30.99
CA MET G 386 -20.55 7.16 -30.48
C MET G 386 -21.16 8.53 -30.72
N THR G 387 -20.87 9.45 -29.81
CA THR G 387 -21.37 10.82 -29.88
C THR G 387 -20.25 11.81 -29.59
N THR G 388 -20.31 12.95 -30.26
CA THR G 388 -19.37 14.03 -30.02
C THR G 388 -20.03 15.36 -30.28
N ASN G 389 -19.46 16.40 -29.68
CA ASN G 389 -19.68 17.77 -30.10
C ASN G 389 -18.47 18.37 -30.79
N HIS G 390 -17.35 17.66 -30.81
CA HIS G 390 -16.10 18.12 -31.42
C HIS G 390 -15.53 17.00 -32.27
N PRO G 391 -16.19 16.66 -33.38
CA PRO G 391 -15.67 15.58 -34.23
C PRO G 391 -14.31 15.86 -34.81
N GLU G 392 -13.93 17.13 -34.93
CA GLU G 392 -12.63 17.48 -35.49
C GLU G 392 -11.48 16.90 -34.68
N LYS G 393 -11.69 16.71 -33.38
CA LYS G 393 -10.62 16.15 -32.54
C LYS G 393 -10.27 14.74 -32.96
N LEU G 394 -11.26 13.97 -33.41
CA LEU G 394 -11.02 12.58 -33.76
C LEU G 394 -10.09 12.48 -34.96
N ASP G 395 -9.19 11.52 -34.91
CA ASP G 395 -8.21 11.32 -35.97
C ASP G 395 -8.83 10.54 -37.12
N ALA G 396 -8.01 10.20 -38.11
CA ALA G 396 -8.51 9.47 -39.27
C ALA G 396 -8.71 8.00 -38.97
N ALA G 397 -7.81 7.40 -38.17
CA ALA G 397 -7.88 5.98 -37.91
C ALA G 397 -9.16 5.59 -37.19
N ILE G 398 -9.55 6.38 -36.18
CA ILE G 398 -10.78 6.09 -35.45
C ILE G 398 -11.99 6.26 -36.36
N MET G 399 -11.94 7.25 -37.26
CA MET G 399 -13.00 7.48 -38.23
C MET G 399 -12.91 6.57 -39.45
N ARG G 400 -12.12 5.51 -39.36
CA ARG G 400 -12.06 4.54 -40.44
C ARG G 400 -13.45 3.92 -40.63
N PRO G 401 -13.86 3.61 -41.87
CA PRO G 401 -15.17 2.97 -42.05
C PRO G 401 -15.34 1.68 -41.29
N GLY G 402 -14.27 0.90 -41.13
CA GLY G 402 -14.38 -0.35 -40.39
C GLY G 402 -14.78 -0.16 -38.95
N ARG G 403 -14.41 0.97 -38.35
CA ARG G 403 -14.75 1.29 -36.97
C ARG G 403 -16.01 2.15 -36.87
N ILE G 404 -16.06 3.23 -37.65
CA ILE G 404 -17.24 4.08 -37.74
C ILE G 404 -17.79 3.92 -39.15
N ASP G 405 -18.74 3.00 -39.31
CA ASP G 405 -19.31 2.74 -40.62
C ASP G 405 -20.25 3.84 -41.06
N TYR G 406 -21.02 4.39 -40.13
CA TYR G 406 -22.04 5.39 -40.41
C TYR G 406 -21.81 6.60 -39.53
N LYS G 407 -21.84 7.78 -40.14
CA LYS G 407 -21.64 9.05 -39.44
C LYS G 407 -22.78 9.99 -39.82
N VAL G 408 -23.40 10.59 -38.81
CA VAL G 408 -24.58 11.42 -38.97
C VAL G 408 -24.37 12.74 -38.26
N PHE G 409 -24.83 13.82 -38.86
CA PHE G 409 -24.74 15.16 -38.30
C PHE G 409 -26.08 15.50 -37.65
N VAL G 410 -26.14 15.39 -36.33
CA VAL G 410 -27.35 15.75 -35.58
C VAL G 410 -27.20 17.23 -35.25
N GLY G 411 -27.56 18.07 -36.21
CA GLY G 411 -27.32 19.49 -36.13
C GLY G 411 -28.39 20.21 -35.34
N ASN G 412 -28.28 21.54 -35.37
CA ASN G 412 -29.23 22.39 -34.68
C ASN G 412 -30.61 22.28 -35.32
N ALA G 413 -31.58 22.92 -34.68
CA ALA G 413 -32.96 22.82 -35.14
C ALA G 413 -33.14 23.43 -36.51
N THR G 414 -34.00 22.83 -37.31
CA THR G 414 -34.40 23.29 -38.62
C THR G 414 -35.91 23.47 -38.65
N PRO G 415 -36.44 24.23 -39.63
CA PRO G 415 -37.88 24.54 -39.62
C PRO G 415 -38.77 23.31 -39.55
N TYR G 416 -38.38 22.24 -40.23
CA TYR G 416 -39.09 20.98 -40.12
C TYR G 416 -39.10 20.48 -38.68
N GLN G 417 -37.93 20.50 -38.04
CA GLN G 417 -37.84 20.04 -36.66
C GLN G 417 -38.65 20.93 -35.74
N VAL G 418 -38.61 22.24 -35.96
CA VAL G 418 -39.37 23.17 -35.12
C VAL G 418 -40.85 22.87 -35.24
N GLU G 419 -41.34 22.71 -36.47
CA GLU G 419 -42.75 22.45 -36.70
C GLU G 419 -43.18 21.14 -36.02
N LYS G 420 -42.41 20.07 -36.24
CA LYS G 420 -42.81 18.78 -35.69
C LYS G 420 -42.74 18.78 -34.17
N MET G 421 -41.75 19.47 -33.59
CA MET G 421 -41.72 19.62 -32.14
C MET G 421 -42.95 20.34 -31.63
N PHE G 422 -43.36 21.40 -32.32
CA PHE G 422 -44.54 22.14 -31.90
C PHE G 422 -45.78 21.24 -31.94
N MET G 423 -45.94 20.45 -33.00
CA MET G 423 -47.06 19.51 -33.03
C MET G 423 -46.97 18.50 -31.91
N LYS G 424 -45.75 18.04 -31.60
CA LYS G 424 -45.60 17.07 -30.53
C LYS G 424 -46.05 17.66 -29.20
N PHE G 425 -45.67 18.91 -28.91
CA PHE G 425 -46.00 19.52 -27.64
C PHE G 425 -47.37 20.17 -27.66
N TYR G 426 -47.78 20.70 -28.82
CA TYR G 426 -49.08 21.34 -28.98
C TYR G 426 -49.81 20.71 -30.17
N PRO G 427 -50.27 19.47 -30.02
CA PRO G 427 -50.96 18.82 -31.13
C PRO G 427 -52.24 19.54 -31.52
N GLY G 428 -52.53 19.53 -32.82
CA GLY G 428 -53.73 20.13 -33.34
C GLY G 428 -53.58 21.60 -33.69
N GLU G 429 -52.61 22.28 -33.07
CA GLU G 429 -52.42 23.71 -33.30
C GLU G 429 -51.58 23.93 -34.55
N THR G 430 -52.25 24.03 -35.69
CA THR G 430 -51.57 24.13 -36.97
C THR G 430 -51.23 25.56 -37.34
N ASP G 431 -52.23 26.45 -37.34
CA ASP G 431 -51.98 27.85 -37.66
C ASP G 431 -51.02 28.48 -36.67
N ILE G 432 -51.18 28.13 -35.39
CA ILE G 432 -50.28 28.64 -34.36
C ILE G 432 -48.87 28.12 -34.63
N CYS G 433 -48.76 26.86 -35.05
CA CYS G 433 -47.46 26.35 -35.50
C CYS G 433 -46.89 27.17 -36.65
N LYS G 434 -47.72 27.49 -37.64
CA LYS G 434 -47.23 28.23 -38.79
C LYS G 434 -46.68 29.59 -38.37
N LYS G 435 -47.42 30.29 -37.52
CA LYS G 435 -46.96 31.58 -37.04
C LYS G 435 -45.70 31.42 -36.18
N PHE G 436 -45.63 30.36 -35.39
CA PHE G 436 -44.46 30.14 -34.54
C PHE G 436 -43.21 29.89 -35.37
N VAL G 437 -43.32 29.06 -36.39
CA VAL G 437 -42.15 28.77 -37.23
C VAL G 437 -41.76 30.01 -38.02
N ASN G 438 -42.74 30.79 -38.47
CA ASN G 438 -42.42 32.03 -39.17
C ASN G 438 -41.67 32.98 -38.24
N SER G 439 -42.12 33.11 -36.99
CA SER G 439 -41.44 33.98 -36.04
C SER G 439 -40.03 33.48 -35.75
N VAL G 440 -39.87 32.15 -35.62
CA VAL G 440 -38.55 31.60 -35.35
C VAL G 440 -37.62 31.89 -36.51
N LYS G 441 -38.11 31.74 -37.74
CA LYS G 441 -37.30 32.07 -38.92
C LYS G 441 -36.93 33.55 -38.90
N GLU G 442 -37.90 34.41 -38.59
CA GLU G 442 -37.64 35.85 -38.57
C GLU G 442 -36.64 36.24 -37.50
N LEU G 443 -36.56 35.45 -36.42
CA LEU G 443 -35.61 35.77 -35.36
C LEU G 443 -34.17 35.57 -35.81
N ASP G 444 -33.94 34.66 -36.76
CA ASP G 444 -32.61 34.41 -37.31
C ASP G 444 -31.63 34.02 -36.20
N ILE G 445 -31.91 32.88 -35.57
CA ILE G 445 -31.10 32.38 -34.46
C ILE G 445 -30.80 30.91 -34.69
N THR G 446 -29.66 30.46 -34.17
CA THR G 446 -29.27 29.05 -34.24
C THR G 446 -29.83 28.31 -33.03
N VAL G 447 -31.16 28.32 -32.93
CA VAL G 447 -31.84 27.70 -31.81
C VAL G 447 -31.61 26.20 -31.83
N SER G 448 -31.34 25.64 -30.65
CA SER G 448 -31.23 24.20 -30.50
C SER G 448 -32.59 23.58 -30.19
N THR G 449 -32.67 22.27 -30.38
CA THR G 449 -33.89 21.55 -30.08
C THR G 449 -34.23 21.60 -28.60
N ALA G 450 -33.22 21.45 -27.74
CA ALA G 450 -33.47 21.49 -26.30
C ALA G 450 -33.99 22.85 -25.87
N GLN G 451 -33.55 23.91 -26.53
CA GLN G 451 -34.10 25.24 -26.25
C GLN G 451 -35.58 25.28 -26.54
N LEU G 452 -36.01 24.69 -27.66
CA LEU G 452 -37.42 24.63 -27.99
C LEU G 452 -38.18 23.82 -26.95
N GLN G 453 -37.61 22.69 -26.52
CA GLN G 453 -38.27 21.89 -25.49
C GLN G 453 -38.45 22.70 -24.21
N GLY G 454 -37.41 23.41 -23.80
CA GLY G 454 -37.51 24.22 -22.60
C GLY G 454 -38.56 25.30 -22.73
N LEU G 455 -38.60 25.97 -23.88
CA LEU G 455 -39.59 27.02 -24.09
C LEU G 455 -41.00 26.44 -24.01
N PHE G 456 -41.23 25.29 -24.64
CA PHE G 456 -42.56 24.70 -24.60
C PHE G 456 -42.91 24.23 -23.20
N VAL G 457 -41.91 23.79 -22.43
CA VAL G 457 -42.16 23.36 -21.06
C VAL G 457 -42.55 24.54 -20.19
N MET G 458 -41.90 25.70 -20.41
CA MET G 458 -42.31 26.90 -19.70
C MET G 458 -43.76 27.21 -19.96
N ASN G 459 -44.16 27.22 -21.23
CA ASN G 459 -45.53 27.53 -21.64
C ASN G 459 -46.31 26.24 -21.85
N LYS G 460 -46.40 25.46 -20.78
CA LYS G 460 -47.09 24.17 -20.83
C LYS G 460 -48.54 24.37 -21.22
N ASP G 461 -48.99 23.54 -22.18
CA ASP G 461 -50.33 23.61 -22.77
C ASP G 461 -50.80 25.05 -22.96
N ALA G 462 -49.90 25.85 -23.54
CA ALA G 462 -50.16 27.27 -23.78
C ALA G 462 -49.44 27.69 -25.06
N PRO G 463 -49.97 27.26 -26.22
CA PRO G 463 -49.30 27.62 -27.48
C PRO G 463 -49.16 29.11 -27.69
N HIS G 464 -50.17 29.89 -27.29
CA HIS G 464 -50.08 31.34 -27.43
C HIS G 464 -48.95 31.90 -26.58
N ASP G 465 -48.82 31.41 -25.35
CA ASP G 465 -47.74 31.88 -24.48
C ASP G 465 -46.38 31.51 -25.06
N ALA G 466 -46.27 30.32 -25.66
CA ALA G 466 -45.03 29.94 -26.32
C ALA G 466 -44.73 30.88 -27.48
N LEU G 467 -45.75 31.24 -28.25
CA LEU G 467 -45.56 32.19 -29.34
C LEU G 467 -45.07 33.53 -28.80
N LYS G 468 -45.62 33.96 -27.67
CA LYS G 468 -45.19 35.23 -27.10
C LYS G 468 -43.73 35.16 -26.63
N MET G 469 -43.36 34.05 -25.98
CA MET G 469 -42.02 33.91 -25.41
C MET G 469 -40.99 33.44 -26.43
N VAL G 470 -41.39 33.21 -27.68
CA VAL G 470 -40.48 32.81 -28.75
C VAL G 470 -39.23 33.68 -28.79
N SER G 471 -39.37 34.97 -28.46
CA SER G 471 -38.22 35.86 -28.46
C SER G 471 -37.19 35.47 -27.41
N SER G 472 -37.62 34.73 -26.38
CA SER G 472 -36.69 34.35 -25.31
C SER G 472 -35.57 33.45 -25.83
N LEU G 473 -35.82 32.71 -26.91
CA LEU G 473 -34.82 31.80 -27.44
C LEU G 473 -33.56 32.54 -27.88
N ARG G 474 -33.70 33.80 -28.29
CA ARG G 474 -32.56 34.56 -28.79
C ARG G 474 -31.50 34.71 -27.72
N ASN G 475 -31.91 35.01 -26.48
CA ASN G 475 -30.97 35.18 -25.40
C ASN G 475 -30.40 33.83 -24.97
N ALA G 476 -29.14 33.86 -24.51
CA ALA G 476 -28.47 32.67 -23.99
C ALA G 476 -27.77 32.93 -22.66
N ASN G 477 -27.67 34.18 -22.21
CA ASN G 477 -27.05 34.49 -20.93
C ASN G 477 -27.38 35.92 -20.51
PG AGS H . -4.95 -1.95 -38.72
S1G AGS H . -4.57 -0.05 -38.49
O2G AGS H . -3.96 -2.80 -37.88
O3G AGS H . -6.42 -2.23 -38.24
PB AGS H . -6.04 -1.99 -41.20
O1B AGS H . -5.84 -2.59 -42.52
O2B AGS H . -6.13 -0.46 -41.22
O3B AGS H . -4.84 -2.32 -40.23
PA AGS H . -8.22 -3.66 -41.23
O1A AGS H . -7.33 -4.65 -41.89
O2A AGS H . -9.10 -4.26 -40.14
O3A AGS H . -7.38 -2.50 -40.53
O5' AGS H . -9.08 -2.94 -42.34
C5' AGS H . -10.37 -2.40 -42.00
C4' AGS H . -11.48 -3.33 -42.46
O4' AGS H . -11.83 -3.01 -43.82
C3' AGS H . -11.17 -4.83 -42.44
O3' AGS H . -11.56 -5.41 -41.21
C2' AGS H . -11.99 -5.34 -43.61
O2' AGS H . -13.35 -5.54 -43.26
C1' AGS H . -11.85 -4.18 -44.60
N9 AGS H . -10.65 -4.21 -45.41
C8 AGS H . -9.71 -3.23 -45.53
N7 AGS H . -8.71 -3.52 -46.32
C5 AGS H . -9.02 -4.79 -46.76
C6 AGS H . -8.35 -5.67 -47.65
N6 AGS H . -7.20 -5.39 -48.26
N1 AGS H . -8.93 -6.88 -47.87
C2 AGS H . -10.07 -7.17 -47.26
N3 AGS H . -10.79 -6.42 -46.42
C4 AGS H . -10.20 -5.24 -46.21
PG AGS I . 23.21 -5.61 -30.90
S1G AGS I . 22.60 -3.79 -31.22
O2G AGS I . 23.61 -5.79 -29.40
O3G AGS I . 22.06 -6.60 -31.25
PB AGS I . 24.16 -6.29 -33.33
O1B AGS I . 25.41 -6.74 -33.98
O2B AGS I . 23.56 -5.04 -33.97
O3B AGS I . 24.43 -5.91 -31.83
PA AGS I . 23.41 -8.85 -33.95
O1A AGS I . 24.78 -9.26 -33.59
O2A AGS I . 22.34 -9.80 -33.40
O3A AGS I . 23.05 -7.41 -33.39
O5' AGS I . 23.31 -8.73 -35.52
C5' AGS I . 22.05 -8.94 -36.18
C4' AGS I . 21.98 -10.32 -36.80
O4' AGS I . 22.55 -10.27 -38.13
C3' AGS I . 22.73 -11.43 -36.06
O3' AGS I . 21.87 -12.10 -35.15
C2' AGS I . 23.17 -12.35 -37.20
O2' AGS I . 22.13 -13.22 -37.61
C1' AGS I . 23.48 -11.31 -38.29
N9 AGS I . 24.82 -10.74 -38.21
C8 AGS I . 25.13 -9.41 -38.14
N7 AGS I . 26.42 -9.16 -38.08
C5 AGS I . 27.00 -10.42 -38.11
C6 AGS I . 28.33 -10.85 -38.06
N6 AGS I . 29.38 -10.02 -38.00
N1 AGS I . 28.56 -12.18 -38.11
C2 AGS I . 27.52 -13.01 -38.19
N3 AGS I . 26.21 -12.72 -38.23
C4 AGS I . 26.02 -11.40 -38.19
PG AGS J . 37.67 6.27 -8.13
S1G AGS J . 36.81 7.49 -9.38
O2G AGS J . 37.00 6.38 -6.74
O3G AGS J . 37.51 4.82 -8.66
PB AGS J . 40.15 6.10 -9.17
O1B AGS J . 41.58 6.35 -8.81
O2B AGS J . 39.72 6.83 -10.44
O3B AGS J . 39.18 6.63 -8.04
PA AGS J . 41.02 3.52 -9.10
O1A AGS J . 41.83 3.89 -7.93
O2A AGS J . 40.32 2.16 -8.94
O3A AGS J . 39.89 4.57 -9.42
O5' AGS J . 41.96 3.51 -10.37
C5' AGS J . 41.66 2.64 -11.49
C4' AGS J . 42.53 1.42 -11.48
O4' AGS J . 43.77 1.70 -12.17
C3' AGS J . 42.94 0.88 -10.10
O3' AGS J . 42.03 -0.10 -9.64
C2' AGS J . 44.33 0.30 -10.37
O2' AGS J . 44.25 -1.01 -10.92
C1' AGS J . 44.88 1.30 -11.39
N9 AGS J . 45.47 2.49 -10.81
C8 AGS J . 45.14 3.79 -11.08
N7 AGS J . 45.83 4.67 -10.41
C5 AGS J . 46.69 3.90 -9.64
C6 AGS J . 47.70 4.24 -8.71
N6 AGS J . 48.01 5.49 -8.39
N1 AGS J . 48.37 3.22 -8.13
C2 AGS J . 48.05 1.96 -8.45
N3 AGS J . 47.13 1.53 -9.31
C4 AGS J . 46.48 2.55 -9.87
PG AGS K . 27.53 24.77 12.41
S1G AGS K . 27.34 25.32 10.55
O2G AGS K . 26.12 24.57 13.04
O3G AGS K . 28.31 23.43 12.47
PB AGS K . 29.89 25.89 13.08
O1B AGS K . 30.47 26.84 14.04
O2B AGS K . 30.18 26.23 11.62
O3B AGS K . 28.32 25.87 13.19
PA AGS K . 31.36 24.13 14.56
O1A AGS K . 30.96 24.92 15.74
O2A AGS K . 31.30 22.62 14.79
O3A AGS K . 30.45 24.43 13.31
O5' AGS K . 32.83 24.58 14.13
C5' AGS K . 33.69 23.65 13.46
C4' AGS K . 34.70 23.06 14.40
O4' AGS K . 35.86 23.91 14.45
C3' AGS K . 34.25 22.86 15.85
O3' AGS K . 33.71 21.56 16.05
C2' AGS K . 35.54 23.08 16.63
O2' AGS K . 36.35 21.90 16.65
C1' AGS K . 36.20 24.17 15.80
N9 AGS K . 35.76 25.53 16.13
C8 AGS K . 35.24 26.45 15.26
N7 AGS K . 34.92 27.59 15.82
C5 AGS K . 35.26 27.41 17.15
C6 AGS K . 35.17 28.24 18.28
N6 AGS K . 34.70 29.49 18.24
N1 AGS K . 35.59 27.75 19.46
C2 AGS K . 36.07 26.50 19.51
N3 AGS K . 36.21 25.62 18.52
C4 AGS K . 35.78 26.14 17.35
PG AGS L . 0.38 35.91 15.33
S1G AGS L . 1.31 36.21 13.64
O2G AGS L . -0.88 35.02 15.11
O3G AGS L . 1.35 35.18 16.31
PB AGS L . 1.06 38.12 16.72
O1B AGS L . 0.45 39.27 17.41
O2B AGS L . 2.09 38.52 15.67
O3B AGS L . -0.03 37.28 15.95
PA AGS L . 1.68 37.45 19.30
O1A AGS L . 0.34 37.95 19.67
O2A AGS L . 2.05 36.13 19.99
O3A AGS L . 1.80 37.19 17.75
O5' AGS L . 2.75 38.57 19.63
C5' AGS L . 4.11 38.20 19.94
C4' AGS L . 4.35 38.27 21.43
O4' AGS L . 4.74 39.61 21.79
C3' AGS L . 3.16 37.92 22.33
O3' AGS L . 3.17 36.53 22.66
C2' AGS L . 3.40 38.80 23.55
O2' AGS L . 4.34 38.23 24.45
C1' AGS L . 3.97 40.05 22.89
N9 AGS L . 2.98 40.99 22.38
C8 AGS L . 2.87 41.47 21.11
N7 AGS L . 1.87 42.29 20.93
C5 AGS L . 1.28 42.37 22.18
C6 AGS L . 0.15 43.07 22.66
N6 AGS L . -0.59 43.89 21.90
N1 AGS L . -0.18 42.91 23.95
C2 AGS L . 0.56 42.10 24.71
N3 AGS L . 1.64 41.39 24.38
C4 AGS L . 1.94 41.56 23.08
PG AGS M . -23.25 31.35 -1.62
S1G AGS M . -21.65 32.02 -2.49
O2G AGS M . -23.59 29.93 -2.16
O3G AGS M . -23.00 31.27 -0.08
PB AGS M . -24.56 33.62 -1.03
O1B AGS M . -25.85 34.31 -1.28
O2B AGS M . -23.34 34.47 -1.40
O3B AGS M . -24.44 32.32 -1.90
PA AGS M . -25.63 33.48 1.49
O1A AGS M . -26.93 33.21 0.84
O2A AGS M . -25.37 32.57 2.69
O3A AGS M . -24.41 33.26 0.50
O5' AGS M . -25.57 35.00 1.90
C5' AGS M . -24.77 35.41 3.02
C4' AGS M . -25.61 35.64 4.24
O4' AGS M . -26.10 37.01 4.24
C3' AGS M . -26.84 34.76 4.39
O3' AGS M . -26.56 33.59 5.16
C2' AGS M . -27.84 35.68 5.11
O2' AGS M . -27.60 35.72 6.51
C1' AGS M . -27.50 37.02 4.47
N9 AGS M . -28.16 37.26 3.19
C8 AGS M . -27.55 37.58 2.00
N7 AGS M . -28.39 37.76 1.01
C5 AGS M . -29.63 37.54 1.59
C6 AGS M . -30.94 37.57 1.07
N6 AGS M . -31.22 37.86 -0.21
N1 AGS M . -31.96 37.31 1.91
C2 AGS M . -31.68 37.03 3.18
N3 AGS M . -30.50 36.98 3.79
C4 AGS M . -29.50 37.24 2.93
PG AGS N . -25.63 14.47 -25.66
S1G AGS N . -24.26 15.86 -25.67
O2G AGS N . -24.98 13.07 -25.71
O3G AGS N . -26.46 14.59 -24.34
PB AGS N . -27.72 15.75 -26.78
O1B AGS N . -28.64 15.65 -27.94
O2B AGS N . -26.99 17.10 -26.69
O3B AGS N . -26.58 14.68 -26.87
PA AGS N . -30.02 15.16 -25.43
O1A AGS N . -30.34 14.23 -26.54
O2A AGS N . -30.32 14.57 -24.05
O3A AGS N . -28.49 15.57 -25.42
O5' AGS N . -30.82 16.50 -25.66
C5' AGS N . -31.20 17.31 -24.53
C4' AGS N . -32.65 17.11 -24.17
O4' AGS N . -33.47 18.02 -24.94
C3' AGS N . -33.22 15.71 -24.41
O3' AGS N . -33.11 14.91 -23.25
C2' AGS N . -34.68 16.01 -24.76
O2' AGS N . -35.47 16.21 -23.60
C1' AGS N . -34.53 17.31 -25.55
N9 AGS N . -34.21 17.13 -26.96
C8 AGS N . -33.14 17.68 -27.63
N7 AGS N . -33.09 17.35 -28.90
C5 AGS N . -34.20 16.54 -29.07
C6 AGS N . -34.71 15.87 -30.20
N6 AGS N . -34.15 15.91 -31.40
N1 AGS N . -35.84 15.14 -30.03
C2 AGS N . -36.40 15.09 -28.82
N3 AGS N . -36.01 15.68 -27.70
C4 AGS N . -34.90 16.40 -27.88
#